data_2K7V
#
_entry.id   2K7V
#
_entity_poly.entity_id   1
_entity_poly.type   'polypeptide(L)'
_entity_poly.pdbx_seq_one_letter_code
;MVKEVNVPDIVEVTEVMVKVGDKVAAEQSLITVEGDKASMEVPAPFAGVVKELKVNVGDKVKTGSLIMIFEVEGAAPAAA
PAKQE
;
_entity_poly.pdbx_strand_id   A,B
#
# COMPACT_ATOMS: atom_id res chain seq x y z
N MET A 1 -40.32 -22.02 55.44
CA MET A 1 -39.73 -22.31 56.77
C MET A 1 -40.82 -22.51 57.82
N VAL A 2 -41.80 -21.62 57.81
CA VAL A 2 -42.91 -21.69 58.76
C VAL A 2 -44.25 -21.77 58.03
N LYS A 3 -45.15 -22.60 58.55
CA LYS A 3 -46.47 -22.79 57.95
C LYS A 3 -46.37 -23.39 56.56
N GLU A 4 -46.94 -24.60 56.41
CA GLU A 4 -46.92 -25.29 55.12
C GLU A 4 -47.51 -24.42 54.02
N VAL A 5 -46.98 -24.56 52.81
CA VAL A 5 -47.45 -23.80 51.67
C VAL A 5 -47.19 -24.53 50.36
N ASN A 6 -48.02 -24.26 49.36
CA ASN A 6 -47.88 -24.91 48.05
C ASN A 6 -46.53 -24.56 47.42
N VAL A 7 -46.10 -25.40 46.48
CA VAL A 7 -44.83 -25.18 45.79
C VAL A 7 -44.95 -24.07 44.75
N PRO A 8 -43.83 -23.38 44.44
CA PRO A 8 -43.81 -22.29 43.47
C PRO A 8 -44.24 -22.75 42.08
N ASP A 9 -44.87 -21.84 41.32
CA ASP A 9 -45.32 -22.16 39.98
C ASP A 9 -44.14 -22.50 39.07
N ILE A 10 -43.03 -21.82 39.29
CA ILE A 10 -41.83 -22.05 38.49
C ILE A 10 -40.61 -22.26 39.40
N VAL A 11 -39.68 -23.09 38.94
CA VAL A 11 -38.47 -23.38 39.71
C VAL A 11 -37.31 -23.71 38.78
N GLU A 12 -37.63 -24.06 37.53
CA GLU A 12 -36.61 -24.41 36.55
C GLU A 12 -35.65 -23.24 36.32
N VAL A 13 -34.46 -23.57 35.84
CA VAL A 13 -33.44 -22.56 35.57
C VAL A 13 -32.93 -22.64 34.14
N THR A 14 -32.25 -21.60 33.69
CA THR A 14 -31.71 -21.56 32.34
C THR A 14 -30.31 -20.93 32.31
N GLU A 15 -29.56 -21.25 31.27
CA GLU A 15 -28.20 -20.72 31.12
C GLU A 15 -28.01 -20.12 29.73
N VAL A 16 -29.09 -20.06 28.96
CA VAL A 16 -29.04 -19.51 27.61
C VAL A 16 -28.82 -18.00 27.63
N MET A 17 -29.72 -17.28 28.29
CA MET A 17 -29.62 -15.83 28.38
C MET A 17 -29.60 -15.18 27.00
N VAL A 18 -29.33 -13.88 26.96
CA VAL A 18 -29.27 -13.15 25.70
C VAL A 18 -27.91 -13.31 25.03
N LYS A 19 -27.83 -12.96 23.75
CA LYS A 19 -26.59 -13.08 23.00
C LYS A 19 -26.19 -11.73 22.40
N VAL A 20 -26.93 -10.69 22.78
CA VAL A 20 -26.66 -9.35 22.28
C VAL A 20 -25.63 -8.63 23.16
N GLY A 21 -25.64 -8.94 24.45
CA GLY A 21 -24.72 -8.32 25.38
C GLY A 21 -23.44 -9.12 25.56
N ASP A 22 -23.27 -10.15 24.72
CA ASP A 22 -22.08 -10.99 24.79
C ASP A 22 -20.84 -10.24 24.33
N LYS A 23 -19.70 -10.58 24.92
CA LYS A 23 -18.43 -9.94 24.56
C LYS A 23 -17.31 -10.96 24.51
N VAL A 24 -16.57 -10.96 23.40
CA VAL A 24 -15.45 -11.89 23.22
C VAL A 24 -14.22 -11.19 22.68
N ALA A 25 -14.44 -10.02 22.08
CA ALA A 25 -13.34 -9.24 21.52
C ALA A 25 -12.46 -8.65 22.61
N ALA A 26 -11.30 -9.27 22.83
CA ALA A 26 -10.36 -8.82 23.85
C ALA A 26 -9.02 -9.55 23.72
N GLU A 27 -7.95 -8.87 24.11
CA GLU A 27 -6.61 -9.44 24.05
C GLU A 27 -6.27 -9.88 22.63
N GLN A 28 -5.27 -10.76 22.51
CA GLN A 28 -4.84 -11.26 21.20
C GLN A 28 -4.30 -10.14 20.33
N SER A 29 -3.94 -9.03 20.95
CA SER A 29 -3.41 -7.88 20.22
C SER A 29 -2.56 -7.00 21.12
N LEU A 30 -3.21 -6.24 22.00
CA LEU A 30 -2.52 -5.34 22.92
C LEU A 30 -1.71 -4.29 22.16
N ILE A 31 -1.33 -3.23 22.87
CA ILE A 31 -0.55 -2.15 22.28
C ILE A 31 -1.28 -1.51 21.10
N THR A 32 -1.88 -0.35 21.34
CA THR A 32 -2.61 0.36 20.31
C THR A 32 -2.04 1.76 20.10
N VAL A 33 -2.59 2.50 19.13
CA VAL A 33 -2.13 3.85 18.84
C VAL A 33 -3.14 4.89 19.30
N GLU A 34 -4.18 5.09 18.51
CA GLU A 34 -5.23 6.06 18.84
C GLU A 34 -6.61 5.52 18.51
N GLY A 35 -6.92 5.42 17.22
CA GLY A 35 -8.21 4.91 16.79
C GLY A 35 -8.59 5.39 15.41
N ASP A 36 -9.65 4.81 14.86
CA ASP A 36 -10.13 5.17 13.52
C ASP A 36 -11.57 4.70 13.32
N LYS A 37 -12.30 5.40 12.46
CA LYS A 37 -13.69 5.06 12.17
C LYS A 37 -13.81 3.61 11.71
N ALA A 38 -13.60 3.36 10.42
CA ALA A 38 -13.68 2.02 9.87
C ALA A 38 -13.03 1.96 8.49
N SER A 39 -13.85 2.02 7.45
CA SER A 39 -13.36 1.98 6.07
C SER A 39 -12.38 3.12 5.81
N MET A 40 -11.24 2.81 5.21
CA MET A 40 -10.22 3.82 4.92
C MET A 40 -9.40 3.42 3.70
N GLU A 41 -9.42 4.27 2.68
CA GLU A 41 -8.67 4.03 1.46
C GLU A 41 -7.16 4.14 1.70
N VAL A 42 -6.38 3.42 0.92
CA VAL A 42 -4.92 3.45 1.06
C VAL A 42 -4.24 3.73 -0.29
N PRO A 43 -3.13 4.49 -0.27
CA PRO A 43 -2.39 4.83 -1.48
C PRO A 43 -1.13 3.98 -1.64
N ALA A 44 -0.55 4.01 -2.84
CA ALA A 44 0.66 3.25 -3.12
C ALA A 44 1.90 3.97 -2.57
N PRO A 45 2.88 3.21 -2.06
CA PRO A 45 4.12 3.78 -1.51
C PRO A 45 5.01 4.40 -2.58
N PHE A 46 5.16 3.70 -3.70
CA PHE A 46 5.99 4.18 -4.79
C PHE A 46 5.46 3.69 -6.13
N ALA A 47 5.83 4.39 -7.21
CA ALA A 47 5.40 4.02 -8.54
C ALA A 47 6.01 2.70 -8.95
N GLY A 48 5.23 1.86 -9.63
CA GLY A 48 5.73 0.56 -10.04
C GLY A 48 4.86 -0.10 -11.08
N VAL A 49 5.08 -1.39 -11.30
CA VAL A 49 4.31 -2.17 -12.26
C VAL A 49 3.89 -3.49 -11.67
N VAL A 50 2.61 -3.83 -11.82
CA VAL A 50 2.08 -5.08 -11.28
C VAL A 50 2.58 -6.26 -12.09
N LYS A 51 3.59 -6.95 -11.56
CA LYS A 51 4.17 -8.10 -12.24
C LYS A 51 3.52 -9.40 -11.77
N GLU A 52 3.26 -9.50 -10.46
CA GLU A 52 2.63 -10.68 -9.90
C GLU A 52 1.79 -10.34 -8.68
N LEU A 53 0.52 -10.77 -8.70
CA LEU A 53 -0.39 -10.52 -7.59
C LEU A 53 -0.21 -11.57 -6.50
N LYS A 54 -0.47 -11.18 -5.25
CA LYS A 54 -0.32 -12.09 -4.12
C LYS A 54 -1.67 -12.39 -3.47
N VAL A 55 -2.54 -11.40 -3.41
CA VAL A 55 -3.86 -11.57 -2.81
C VAL A 55 -4.97 -11.33 -3.83
N ASN A 56 -6.01 -12.16 -3.76
CA ASN A 56 -7.14 -12.04 -4.67
C ASN A 56 -8.32 -11.34 -4.01
N VAL A 57 -9.14 -10.66 -4.81
CA VAL A 57 -10.30 -9.96 -4.30
C VAL A 57 -11.18 -10.87 -3.45
N GLY A 58 -11.61 -10.36 -2.30
CA GLY A 58 -12.44 -11.14 -1.42
C GLY A 58 -11.65 -11.74 -0.26
N ASP A 59 -10.33 -11.68 -0.37
CA ASP A 59 -9.46 -12.22 0.67
C ASP A 59 -9.02 -11.13 1.64
N LYS A 60 -9.58 -11.15 2.84
CA LYS A 60 -9.26 -10.17 3.87
C LYS A 60 -7.74 -10.07 4.07
N VAL A 61 -7.30 -8.90 4.49
CA VAL A 61 -5.87 -8.65 4.73
C VAL A 61 -5.58 -8.52 6.22
N LYS A 62 -4.31 -8.65 6.58
CA LYS A 62 -3.90 -8.54 7.97
C LYS A 62 -2.61 -7.74 8.10
N THR A 63 -2.47 -7.02 9.20
CA THR A 63 -1.29 -6.20 9.45
C THR A 63 -0.05 -7.07 9.63
N GLY A 64 0.96 -6.83 8.80
CA GLY A 64 2.19 -7.60 8.90
C GLY A 64 2.43 -8.47 7.67
N SER A 65 1.37 -8.68 6.89
CA SER A 65 1.47 -9.50 5.69
C SER A 65 1.72 -8.63 4.45
N LEU A 66 1.91 -9.29 3.31
CA LEU A 66 2.16 -8.58 2.06
C LEU A 66 0.88 -8.52 1.22
N ILE A 67 0.91 -7.71 0.16
CA ILE A 67 -0.24 -7.56 -0.71
C ILE A 67 0.15 -7.64 -2.18
N MET A 68 1.15 -6.86 -2.58
CA MET A 68 1.63 -6.85 -3.96
C MET A 68 3.12 -6.57 -4.02
N ILE A 69 3.70 -6.76 -5.21
CA ILE A 69 5.13 -6.52 -5.41
C ILE A 69 5.37 -5.77 -6.71
N PHE A 70 6.14 -4.68 -6.63
CA PHE A 70 6.45 -3.87 -7.80
C PHE A 70 7.90 -4.02 -8.22
N GLU A 71 8.19 -3.65 -9.47
CA GLU A 71 9.55 -3.73 -9.99
C GLU A 71 9.90 -2.44 -10.72
N VAL A 72 10.51 -1.50 -10.00
CA VAL A 72 10.88 -0.22 -10.57
C VAL A 72 12.30 -0.28 -11.14
N GLU A 73 12.41 -0.01 -12.43
CA GLU A 73 13.71 -0.01 -13.11
C GLU A 73 13.94 1.30 -13.85
N GLY A 74 14.69 2.21 -13.21
CA GLY A 74 14.98 3.49 -13.82
C GLY A 74 13.73 4.25 -14.21
N ALA A 75 13.69 4.71 -15.46
CA ALA A 75 12.54 5.45 -15.96
C ALA A 75 11.42 4.50 -16.40
N ALA A 76 10.18 4.95 -16.22
CA ALA A 76 9.03 4.14 -16.59
C ALA A 76 8.94 3.98 -18.11
N PRO A 77 8.44 2.83 -18.58
CA PRO A 77 8.31 2.57 -20.03
C PRO A 77 7.23 3.42 -20.67
N ALA A 78 7.65 4.36 -21.52
CA ALA A 78 6.72 5.24 -22.21
C ALA A 78 7.34 5.81 -23.47
N ALA A 79 6.82 5.40 -24.62
CA ALA A 79 7.32 5.87 -25.90
C ALA A 79 6.18 6.11 -26.89
N ALA A 80 5.36 5.09 -27.12
CA ALA A 80 4.23 5.20 -28.03
C ALA A 80 3.28 4.02 -27.90
N PRO A 81 3.79 2.76 -27.92
CA PRO A 81 2.93 1.57 -27.79
C PRO A 81 2.03 1.62 -26.56
N ALA A 82 0.77 1.28 -26.74
CA ALA A 82 -0.19 1.29 -25.63
C ALA A 82 -1.25 0.21 -25.80
N LYS A 83 -1.72 0.03 -27.04
CA LYS A 83 -2.74 -0.97 -27.33
C LYS A 83 -2.42 -1.71 -28.63
N GLN A 84 -2.10 -3.00 -28.49
CA GLN A 84 -1.77 -3.83 -29.66
C GLN A 84 -1.92 -5.32 -29.32
N GLU A 85 -1.86 -6.15 -30.35
CA GLU A 85 -2.00 -7.59 -30.17
C GLU A 85 -0.63 -8.26 -30.03
N MET B 1 61.47 -8.21 32.55
CA MET B 1 60.33 -7.52 31.91
C MET B 1 60.42 -6.02 32.15
N VAL B 2 61.28 -5.62 33.07
CA VAL B 2 61.45 -4.21 33.40
C VAL B 2 62.68 -3.62 32.69
N LYS B 3 63.30 -4.44 31.85
CA LYS B 3 64.49 -4.00 31.11
C LYS B 3 64.10 -3.07 29.96
N GLU B 4 65.07 -2.29 29.49
CA GLU B 4 64.84 -1.36 28.40
C GLU B 4 64.65 -2.10 27.08
N VAL B 5 64.97 -3.39 27.09
CA VAL B 5 64.84 -4.23 25.89
C VAL B 5 63.66 -5.19 26.02
N ASN B 6 62.66 -5.01 25.16
CA ASN B 6 61.48 -5.86 25.18
C ASN B 6 60.92 -6.02 23.77
N VAL B 7 60.40 -7.22 23.47
CA VAL B 7 59.83 -7.50 22.17
C VAL B 7 58.31 -7.42 22.20
N PRO B 8 57.68 -6.94 21.11
CA PRO B 8 56.23 -6.81 21.02
C PRO B 8 55.52 -8.16 20.97
N ASP B 9 54.22 -8.16 21.23
CA ASP B 9 53.43 -9.38 21.20
C ASP B 9 52.25 -9.23 20.23
N ILE B 10 51.70 -8.03 20.17
CA ILE B 10 50.58 -7.74 19.29
C ILE B 10 50.36 -6.23 19.17
N VAL B 11 50.83 -5.49 20.18
CA VAL B 11 50.70 -4.05 20.20
C VAL B 11 51.71 -3.42 21.16
N GLU B 12 52.49 -2.47 20.66
CA GLU B 12 53.50 -1.79 21.47
C GLU B 12 52.91 -0.57 22.15
N VAL B 13 51.63 -0.30 21.88
CA VAL B 13 50.95 0.85 22.46
C VAL B 13 51.62 2.17 22.06
N THR B 14 51.09 2.78 21.01
CA THR B 14 51.63 4.05 20.52
C THR B 14 50.56 4.80 19.72
N GLU B 15 49.96 5.81 20.35
CA GLU B 15 48.91 6.61 19.72
C GLU B 15 47.74 5.74 19.31
N VAL B 16 47.69 4.53 19.85
CA VAL B 16 46.62 3.58 19.54
C VAL B 16 45.40 3.83 20.42
N MET B 17 44.21 3.74 19.82
CA MET B 17 42.97 3.96 20.56
C MET B 17 41.78 3.45 19.75
N VAL B 18 41.81 3.71 18.44
CA VAL B 18 40.74 3.28 17.56
C VAL B 18 41.22 2.18 16.60
N LYS B 19 42.50 2.21 16.28
CA LYS B 19 43.10 1.23 15.36
C LYS B 19 42.37 1.23 14.02
N VAL B 20 42.90 2.00 13.07
CA VAL B 20 42.29 2.10 11.74
C VAL B 20 42.96 1.14 10.77
N GLY B 21 44.14 1.54 10.27
CA GLY B 21 44.86 0.71 9.33
C GLY B 21 44.07 0.47 8.04
N ASP B 22 44.14 -0.76 7.54
CA ASP B 22 43.42 -1.11 6.32
C ASP B 22 42.29 -2.10 6.61
N LYS B 23 41.06 -1.69 6.28
CA LYS B 23 39.91 -2.54 6.51
C LYS B 23 38.79 -2.23 5.50
N VAL B 24 38.61 -3.11 4.53
CA VAL B 24 37.58 -2.93 3.52
C VAL B 24 36.22 -3.38 4.03
N ALA B 25 36.05 -4.70 4.15
CA ALA B 25 34.79 -5.28 4.63
C ALA B 25 33.63 -4.91 3.70
N ALA B 26 32.47 -5.50 3.98
CA ALA B 26 31.27 -5.24 3.19
C ALA B 26 30.84 -3.79 3.31
N GLU B 27 30.44 -3.19 2.18
CA GLU B 27 30.00 -1.80 2.16
C GLU B 27 28.62 -1.65 2.80
N GLN B 28 28.47 -0.61 3.62
CA GLN B 28 27.21 -0.37 4.30
C GLN B 28 26.64 1.00 3.92
N SER B 29 27.41 1.76 3.16
CA SER B 29 26.98 3.09 2.72
C SER B 29 26.40 3.04 1.32
N LEU B 30 25.55 4.03 1.00
CA LEU B 30 24.92 4.10 -0.32
C LEU B 30 25.91 4.63 -1.36
N ILE B 31 26.93 5.34 -0.89
CA ILE B 31 27.96 5.90 -1.76
C ILE B 31 27.36 6.88 -2.76
N THR B 32 27.36 8.17 -2.39
CA THR B 32 26.83 9.23 -3.24
C THR B 32 25.41 8.92 -3.71
N VAL B 33 25.29 8.27 -4.87
CA VAL B 33 23.98 7.93 -5.41
C VAL B 33 23.54 6.54 -4.98
N GLU B 34 22.40 6.09 -5.49
CA GLU B 34 21.87 4.78 -5.16
C GLU B 34 22.68 3.68 -5.82
N GLY B 35 22.66 2.49 -5.22
CA GLY B 35 23.39 1.37 -5.76
C GLY B 35 22.49 0.38 -6.47
N ASP B 36 21.67 -0.33 -5.69
CA ASP B 36 20.76 -1.32 -6.25
C ASP B 36 19.45 -1.35 -5.46
N LYS B 37 18.34 -1.06 -6.14
CA LYS B 37 17.02 -1.04 -5.52
C LYS B 37 15.92 -0.93 -6.56
N ALA B 38 15.45 -2.07 -7.04
CA ALA B 38 14.39 -2.10 -8.04
C ALA B 38 13.12 -2.71 -7.48
N SER B 39 12.96 -4.02 -7.64
CA SER B 39 11.77 -4.71 -7.15
C SER B 39 11.76 -4.74 -5.63
N MET B 40 10.65 -4.29 -5.03
CA MET B 40 10.52 -4.27 -3.58
C MET B 40 9.10 -4.61 -3.15
N GLU B 41 8.97 -5.63 -2.29
CA GLU B 41 7.67 -6.05 -1.81
C GLU B 41 7.10 -5.04 -0.83
N VAL B 42 5.78 -4.97 -0.74
CA VAL B 42 5.12 -4.03 0.15
C VAL B 42 4.09 -4.74 1.04
N PRO B 43 3.97 -4.31 2.32
CA PRO B 43 3.02 -4.89 3.26
C PRO B 43 1.78 -4.03 3.44
N ALA B 44 0.77 -4.59 4.09
CA ALA B 44 -0.47 -3.88 4.33
C ALA B 44 -0.34 -2.95 5.54
N PRO B 45 -0.97 -1.76 5.49
CA PRO B 45 -0.91 -0.79 6.59
C PRO B 45 -1.69 -1.26 7.83
N PHE B 46 -2.88 -1.80 7.60
CA PHE B 46 -3.72 -2.29 8.69
C PHE B 46 -4.58 -3.46 8.24
N ALA B 47 -5.07 -4.23 9.20
CA ALA B 47 -5.92 -5.38 8.91
C ALA B 47 -7.30 -4.95 8.45
N GLY B 48 -7.82 -5.61 7.42
CA GLY B 48 -9.14 -5.27 6.91
C GLY B 48 -9.70 -6.35 6.00
N VAL B 49 -10.69 -5.97 5.20
CA VAL B 49 -11.33 -6.92 4.29
C VAL B 49 -11.49 -6.30 2.90
N VAL B 50 -11.13 -7.06 1.88
CA VAL B 50 -11.25 -6.60 0.50
C VAL B 50 -12.71 -6.55 0.06
N LYS B 51 -13.28 -5.34 0.06
CA LYS B 51 -14.67 -5.16 -0.33
C LYS B 51 -14.80 -4.80 -1.80
N GLU B 52 -13.88 -3.97 -2.28
CA GLU B 52 -13.90 -3.53 -3.68
C GLU B 52 -12.50 -3.21 -4.18
N LEU B 53 -12.11 -3.83 -5.29
CA LEU B 53 -10.79 -3.60 -5.88
C LEU B 53 -10.81 -2.34 -6.75
N LYS B 54 -9.66 -1.69 -6.86
CA LYS B 54 -9.54 -0.47 -7.65
C LYS B 54 -8.62 -0.66 -8.85
N VAL B 55 -7.56 -1.44 -8.67
CA VAL B 55 -6.61 -1.70 -9.74
C VAL B 55 -6.54 -3.18 -10.07
N ASN B 56 -6.46 -3.48 -11.36
CA ASN B 56 -6.40 -4.86 -11.84
C ASN B 56 -4.97 -5.26 -12.18
N VAL B 57 -4.67 -6.55 -12.04
CA VAL B 57 -3.34 -7.06 -12.33
C VAL B 57 -2.89 -6.65 -13.73
N GLY B 58 -1.63 -6.23 -13.85
CA GLY B 58 -1.10 -5.80 -15.12
C GLY B 58 -1.12 -4.29 -15.28
N ASP B 59 -1.84 -3.61 -14.39
CA ASP B 59 -1.94 -2.16 -14.43
C ASP B 59 -0.91 -1.53 -13.50
N LYS B 60 0.09 -0.88 -14.10
CA LYS B 60 1.15 -0.23 -13.32
C LYS B 60 0.57 0.75 -12.31
N VAL B 61 1.31 0.97 -11.22
CA VAL B 61 0.87 1.88 -10.17
C VAL B 61 1.72 3.15 -10.18
N LYS B 62 1.26 4.18 -9.47
CA LYS B 62 1.99 5.44 -9.40
C LYS B 62 1.87 6.05 -8.01
N THR B 63 2.92 6.76 -7.59
CA THR B 63 2.93 7.40 -6.28
C THR B 63 1.92 8.53 -6.20
N GLY B 64 1.01 8.42 -5.23
CA GLY B 64 -0.01 9.43 -5.05
C GLY B 64 -1.40 8.91 -5.34
N SER B 65 -1.48 7.77 -6.04
CA SER B 65 -2.76 7.17 -6.38
C SER B 65 -3.16 6.12 -5.34
N LEU B 66 -4.36 5.57 -5.49
CA LEU B 66 -4.86 4.57 -4.57
C LEU B 66 -4.72 3.17 -5.18
N ILE B 67 -4.93 2.14 -4.37
CA ILE B 67 -4.82 0.77 -4.83
C ILE B 67 -6.00 -0.09 -4.37
N MET B 68 -6.29 -0.04 -3.07
CA MET B 68 -7.40 -0.80 -2.51
C MET B 68 -8.03 -0.08 -1.32
N ILE B 69 -9.19 -0.57 -0.89
CA ILE B 69 -9.90 0.02 0.24
C ILE B 69 -10.37 -1.07 1.20
N PHE B 70 -10.17 -0.86 2.49
CA PHE B 70 -10.58 -1.84 3.49
C PHE B 70 -11.65 -1.26 4.40
N GLU B 71 -12.41 -2.14 5.04
CA GLU B 71 -13.47 -1.73 5.96
C GLU B 71 -13.33 -2.47 7.29
N VAL B 72 -12.65 -1.84 8.24
CA VAL B 72 -12.45 -2.43 9.55
C VAL B 72 -13.56 -2.04 10.52
N GLU B 73 -14.28 -3.04 11.00
CA GLU B 73 -15.37 -2.81 11.95
C GLU B 73 -15.17 -3.63 13.22
N GLY B 74 -14.76 -2.96 14.29
CA GLY B 74 -14.53 -3.64 15.55
C GLY B 74 -15.66 -3.42 16.55
N ALA B 75 -16.51 -2.45 16.27
CA ALA B 75 -17.63 -2.13 17.15
C ALA B 75 -18.82 -3.05 16.88
N ALA B 76 -19.46 -3.51 17.94
CA ALA B 76 -20.61 -4.40 17.82
C ALA B 76 -21.85 -3.61 17.41
N PRO B 77 -22.81 -4.27 16.71
CA PRO B 77 -24.04 -3.62 16.26
C PRO B 77 -24.99 -3.33 17.40
N ALA B 78 -25.45 -2.08 17.49
CA ALA B 78 -26.37 -1.67 18.54
C ALA B 78 -27.54 -0.88 17.96
N ALA B 79 -28.72 -1.47 17.99
CA ALA B 79 -29.93 -0.84 17.46
C ALA B 79 -29.81 -0.56 15.97
N ALA B 80 -29.17 0.56 15.62
CA ALA B 80 -28.99 0.95 14.23
C ALA B 80 -30.34 1.02 13.49
N PRO B 81 -31.02 2.18 13.57
CA PRO B 81 -32.31 2.37 12.91
C PRO B 81 -32.24 2.13 11.40
N ALA B 82 -33.37 1.75 10.81
CA ALA B 82 -33.44 1.50 9.39
C ALA B 82 -33.93 2.73 8.63
N LYS B 83 -33.83 2.68 7.30
CA LYS B 83 -34.26 3.79 6.46
C LYS B 83 -35.37 3.35 5.51
N GLN B 84 -36.47 4.10 5.49
CA GLN B 84 -37.60 3.79 4.63
C GLN B 84 -38.28 5.07 4.15
N GLU B 85 -38.27 6.10 5.00
CA GLU B 85 -38.88 7.38 4.65
C GLU B 85 -37.91 8.24 3.84
N MET A 1 -61.44 -11.72 -7.40
CA MET A 1 -61.47 -10.41 -6.71
C MET A 1 -60.07 -9.82 -6.59
N VAL A 2 -59.86 -8.69 -7.26
CA VAL A 2 -58.56 -8.02 -7.23
C VAL A 2 -58.68 -6.58 -7.75
N LYS A 3 -59.67 -6.36 -8.61
CA LYS A 3 -59.89 -5.04 -9.19
C LYS A 3 -60.33 -4.04 -8.11
N GLU A 4 -59.55 -2.98 -7.93
CA GLU A 4 -59.86 -1.96 -6.95
C GLU A 4 -59.88 -0.57 -7.58
N VAL A 5 -58.78 -0.21 -8.23
CA VAL A 5 -58.67 1.08 -8.88
C VAL A 5 -58.79 0.95 -10.40
N ASN A 6 -59.22 2.02 -11.05
CA ASN A 6 -59.38 2.03 -12.50
C ASN A 6 -58.21 2.75 -13.17
N VAL A 7 -57.28 3.24 -12.35
CA VAL A 7 -56.11 3.95 -12.86
C VAL A 7 -54.90 3.03 -12.91
N PRO A 8 -54.20 2.97 -14.06
CA PRO A 8 -53.00 2.12 -14.22
C PRO A 8 -51.81 2.64 -13.44
N ASP A 9 -50.90 1.74 -13.09
CA ASP A 9 -49.70 2.11 -12.34
C ASP A 9 -48.58 1.09 -12.56
N ILE A 10 -47.35 1.52 -12.37
CA ILE A 10 -46.19 0.65 -12.56
C ILE A 10 -45.71 0.08 -11.22
N VAL A 11 -45.57 0.95 -10.23
CA VAL A 11 -45.12 0.53 -8.91
C VAL A 11 -45.91 1.22 -7.80
N GLU A 12 -46.06 0.54 -6.67
CA GLU A 12 -46.79 1.09 -5.55
C GLU A 12 -45.87 1.30 -4.34
N VAL A 13 -45.53 2.56 -4.09
CA VAL A 13 -44.65 2.89 -2.97
C VAL A 13 -45.44 3.11 -1.69
N THR A 14 -44.73 3.32 -0.58
CA THR A 14 -45.37 3.54 0.71
C THR A 14 -44.72 4.72 1.44
N GLU A 15 -43.69 5.29 0.84
CA GLU A 15 -42.99 6.43 1.43
C GLU A 15 -42.39 6.06 2.79
N VAL A 16 -42.25 4.77 3.04
CA VAL A 16 -41.69 4.29 4.30
C VAL A 16 -40.20 4.61 4.41
N MET A 17 -39.59 4.21 5.51
CA MET A 17 -38.18 4.46 5.74
C MET A 17 -37.32 3.36 5.12
N VAL A 18 -37.98 2.35 4.58
CA VAL A 18 -37.28 1.23 3.94
C VAL A 18 -36.39 0.50 4.95
N LYS A 19 -36.87 -0.62 5.46
CA LYS A 19 -36.11 -1.42 6.43
C LYS A 19 -34.85 -1.98 5.80
N VAL A 20 -33.96 -2.50 6.64
CA VAL A 20 -32.71 -3.08 6.18
C VAL A 20 -32.93 -4.44 5.52
N GLY A 21 -33.92 -5.17 6.01
CA GLY A 21 -34.22 -6.48 5.45
C GLY A 21 -33.19 -7.52 5.82
N ASP A 22 -32.77 -7.51 7.09
CA ASP A 22 -31.78 -8.46 7.57
C ASP A 22 -32.46 -9.71 8.13
N LYS A 23 -32.29 -10.83 7.44
CA LYS A 23 -32.88 -12.09 7.87
C LYS A 23 -31.93 -13.26 7.62
N VAL A 24 -31.05 -13.10 6.63
CA VAL A 24 -30.09 -14.15 6.30
C VAL A 24 -28.91 -14.14 7.26
N ALA A 25 -28.98 -14.98 8.28
CA ALA A 25 -27.92 -15.07 9.28
C ALA A 25 -28.09 -16.30 10.16
N ALA A 26 -27.06 -16.63 10.93
CA ALA A 26 -27.10 -17.77 11.83
C ALA A 26 -27.32 -17.34 13.27
N GLU A 27 -26.35 -16.60 13.81
CA GLU A 27 -26.43 -16.11 15.18
C GLU A 27 -26.71 -14.61 15.20
N GLN A 28 -27.12 -14.10 16.36
CA GLN A 28 -27.43 -12.68 16.50
C GLN A 28 -26.16 -11.87 16.67
N SER A 29 -25.59 -11.91 17.87
CA SER A 29 -24.36 -11.18 18.18
C SER A 29 -24.54 -9.68 17.91
N LEU A 30 -24.87 -8.94 18.95
CA LEU A 30 -25.06 -7.49 18.84
C LEU A 30 -23.76 -6.74 19.09
N ILE A 31 -22.66 -7.49 19.19
CA ILE A 31 -21.35 -6.90 19.44
C ILE A 31 -20.53 -6.80 18.16
N THR A 32 -20.78 -7.74 17.25
CA THR A 32 -20.06 -7.77 15.98
C THR A 32 -20.71 -6.84 14.97
N VAL A 33 -22.04 -6.78 14.99
CA VAL A 33 -22.79 -5.92 14.07
C VAL A 33 -23.53 -4.83 14.83
N GLU A 34 -22.95 -3.63 14.86
CA GLU A 34 -23.57 -2.51 15.55
C GLU A 34 -24.56 -1.78 14.65
N GLY A 35 -24.18 -1.64 13.37
CA GLY A 35 -25.05 -0.97 12.42
C GLY A 35 -24.30 -0.50 11.19
N ASP A 36 -23.82 0.74 11.25
CA ASP A 36 -23.08 1.32 10.13
C ASP A 36 -21.65 0.78 10.07
N LYS A 37 -21.10 0.70 8.87
CA LYS A 37 -19.75 0.20 8.67
C LYS A 37 -18.79 1.35 8.36
N ALA A 38 -17.55 1.01 8.01
CA ALA A 38 -16.55 2.01 7.69
C ALA A 38 -15.43 1.41 6.85
N SER A 39 -14.85 2.23 5.97
CA SER A 39 -13.77 1.80 5.10
C SER A 39 -12.69 2.87 5.00
N MET A 40 -11.44 2.44 4.86
CA MET A 40 -10.33 3.38 4.76
C MET A 40 -9.49 3.13 3.51
N GLU A 41 -9.42 4.14 2.65
CA GLU A 41 -8.65 4.04 1.41
C GLU A 41 -7.16 4.21 1.68
N VAL A 42 -6.33 3.52 0.91
CA VAL A 42 -4.89 3.59 1.08
C VAL A 42 -4.19 3.86 -0.24
N PRO A 43 -3.11 4.68 -0.24
CA PRO A 43 -2.36 5.01 -1.44
C PRO A 43 -1.05 4.22 -1.55
N ALA A 44 -0.60 3.99 -2.77
CA ALA A 44 0.64 3.25 -3.00
C ALA A 44 1.83 3.99 -2.41
N PRO A 45 2.83 3.25 -1.90
CA PRO A 45 4.03 3.84 -1.30
C PRO A 45 4.96 4.48 -2.33
N PHE A 46 5.18 3.77 -3.44
CA PHE A 46 6.06 4.26 -4.50
C PHE A 46 5.59 3.75 -5.86
N ALA A 47 6.05 4.41 -6.92
CA ALA A 47 5.70 4.03 -8.28
C ALA A 47 6.23 2.64 -8.60
N GLY A 48 5.52 1.91 -9.45
CA GLY A 48 5.95 0.58 -9.81
C GLY A 48 5.08 -0.05 -10.88
N VAL A 49 5.48 -1.22 -11.35
CA VAL A 49 4.73 -1.94 -12.38
C VAL A 49 4.22 -3.26 -11.82
N VAL A 50 2.92 -3.49 -11.96
CA VAL A 50 2.30 -4.72 -11.47
C VAL A 50 2.70 -5.92 -12.32
N LYS A 51 3.58 -6.74 -11.78
CA LYS A 51 4.05 -7.94 -12.49
C LYS A 51 3.38 -9.19 -11.94
N GLU A 52 3.10 -9.18 -10.64
CA GLU A 52 2.46 -10.32 -9.99
C GLU A 52 1.73 -9.90 -8.71
N LEU A 53 0.44 -10.20 -8.64
CA LEU A 53 -0.36 -9.85 -7.47
C LEU A 53 -0.18 -10.90 -6.37
N LYS A 54 -0.30 -10.47 -5.12
CA LYS A 54 -0.15 -11.37 -3.98
C LYS A 54 -1.51 -11.84 -3.46
N VAL A 55 -2.43 -10.90 -3.28
CA VAL A 55 -3.76 -11.24 -2.78
C VAL A 55 -4.84 -10.88 -3.80
N ASN A 56 -5.84 -11.76 -3.92
CA ASN A 56 -6.93 -11.55 -4.85
C ASN A 56 -8.21 -11.17 -4.10
N VAL A 57 -9.08 -10.41 -4.77
CA VAL A 57 -10.34 -9.97 -4.17
C VAL A 57 -11.04 -11.12 -3.46
N GLY A 58 -11.40 -10.90 -2.20
CA GLY A 58 -12.08 -11.91 -1.42
C GLY A 58 -11.17 -12.55 -0.39
N ASP A 59 -10.02 -11.93 -0.14
CA ASP A 59 -9.06 -12.44 0.83
C ASP A 59 -8.75 -11.40 1.90
N LYS A 60 -9.29 -11.61 3.10
CA LYS A 60 -9.07 -10.72 4.22
C LYS A 60 -7.58 -10.43 4.41
N VAL A 61 -7.26 -9.19 4.77
CA VAL A 61 -5.88 -8.78 4.98
C VAL A 61 -5.59 -8.53 6.45
N LYS A 62 -4.33 -8.72 6.84
CA LYS A 62 -3.91 -8.51 8.22
C LYS A 62 -2.57 -7.79 8.26
N THR A 63 -2.42 -6.87 9.21
CA THR A 63 -1.19 -6.10 9.36
C THR A 63 0.03 -7.03 9.44
N GLY A 64 0.96 -6.86 8.51
CA GLY A 64 2.15 -7.68 8.49
C GLY A 64 2.24 -8.58 7.28
N SER A 65 1.13 -8.71 6.57
CA SER A 65 1.07 -9.56 5.37
C SER A 65 1.35 -8.74 4.12
N LEU A 66 1.65 -9.42 3.02
CA LEU A 66 1.93 -8.75 1.75
C LEU A 66 0.65 -8.50 0.98
N ILE A 67 0.73 -7.63 -0.04
CA ILE A 67 -0.43 -7.30 -0.85
C ILE A 67 -0.10 -7.36 -2.34
N MET A 68 1.04 -6.81 -2.72
CA MET A 68 1.47 -6.81 -4.11
C MET A 68 2.93 -6.39 -4.24
N ILE A 69 3.55 -6.73 -5.37
CA ILE A 69 4.95 -6.39 -5.60
C ILE A 69 5.14 -5.73 -6.97
N PHE A 70 5.92 -4.67 -7.00
CA PHE A 70 6.20 -3.96 -8.25
C PHE A 70 7.65 -4.13 -8.67
N GLU A 71 7.92 -3.88 -9.95
CA GLU A 71 9.26 -3.99 -10.48
C GLU A 71 9.94 -2.62 -10.45
N VAL A 72 10.66 -2.34 -9.37
CA VAL A 72 11.33 -1.05 -9.23
C VAL A 72 12.83 -1.19 -9.45
N GLU A 73 13.33 -0.52 -10.49
CA GLU A 73 14.75 -0.57 -10.80
C GLU A 73 15.57 0.15 -9.75
N GLY A 74 16.29 -0.62 -8.93
CA GLY A 74 17.12 -0.02 -7.89
C GLY A 74 18.32 -0.88 -7.55
N ALA A 75 18.32 -1.43 -6.33
CA ALA A 75 19.42 -2.28 -5.88
C ALA A 75 19.08 -3.76 -6.04
N ALA A 76 19.99 -4.51 -6.64
CA ALA A 76 19.79 -5.93 -6.85
C ALA A 76 20.34 -6.74 -5.67
N PRO A 77 19.70 -7.90 -5.36
CA PRO A 77 20.13 -8.75 -4.25
C PRO A 77 21.44 -9.47 -4.54
N ALA A 78 21.82 -10.38 -3.65
CA ALA A 78 23.06 -11.14 -3.82
C ALA A 78 22.77 -12.58 -4.23
N ALA A 79 23.03 -12.90 -5.49
CA ALA A 79 22.79 -14.24 -6.01
C ALA A 79 23.65 -14.51 -7.24
N ALA A 80 23.86 -15.79 -7.53
CA ALA A 80 24.65 -16.19 -8.69
C ALA A 80 23.77 -16.61 -9.85
N PRO A 81 24.25 -16.44 -11.11
CA PRO A 81 23.48 -16.80 -12.30
C PRO A 81 23.13 -18.28 -12.34
N ALA A 82 22.14 -18.63 -13.17
CA ALA A 82 21.70 -20.02 -13.29
C ALA A 82 21.22 -20.57 -11.96
N LYS A 83 20.95 -21.87 -11.92
CA LYS A 83 20.48 -22.53 -10.71
C LYS A 83 19.18 -21.90 -10.22
N GLN A 84 18.75 -22.30 -9.02
CA GLN A 84 17.52 -21.77 -8.43
C GLN A 84 17.83 -20.91 -7.22
N GLU A 85 18.57 -21.47 -6.27
CA GLU A 85 18.94 -20.75 -5.06
C GLU A 85 20.39 -21.04 -4.66
N MET B 1 46.25 -36.72 -54.38
CA MET B 1 46.25 -37.42 -53.08
C MET B 1 44.83 -37.54 -52.53
N VAL B 2 44.26 -38.74 -52.63
CA VAL B 2 42.90 -38.98 -52.13
C VAL B 2 42.80 -40.35 -51.46
N LYS B 3 43.63 -41.29 -51.92
CA LYS B 3 43.62 -42.64 -51.36
C LYS B 3 44.34 -42.68 -50.01
N GLU B 4 45.68 -42.58 -50.06
CA GLU B 4 46.48 -42.61 -48.85
C GLU B 4 46.44 -41.27 -48.13
N VAL B 5 46.67 -41.29 -46.83
CA VAL B 5 46.66 -40.06 -46.03
C VAL B 5 47.66 -40.17 -44.87
N ASN B 6 48.38 -39.08 -44.62
CA ASN B 6 49.36 -39.05 -43.55
C ASN B 6 48.74 -38.50 -42.27
N VAL B 7 47.64 -37.76 -42.41
CA VAL B 7 46.95 -37.18 -41.27
C VAL B 7 46.40 -38.27 -40.35
N PRO B 8 46.68 -38.19 -39.03
CA PRO B 8 46.20 -39.17 -38.07
C PRO B 8 44.68 -39.28 -38.05
N ASP B 9 44.18 -40.47 -37.74
CA ASP B 9 42.74 -40.71 -37.69
C ASP B 9 42.24 -40.70 -36.26
N ILE B 10 41.34 -39.76 -35.96
CA ILE B 10 40.77 -39.62 -34.62
C ILE B 10 41.84 -39.29 -33.59
N VAL B 11 41.77 -38.07 -33.06
CA VAL B 11 42.74 -37.60 -32.06
C VAL B 11 44.14 -37.48 -32.65
N GLU B 12 44.80 -36.36 -32.39
CA GLU B 12 46.14 -36.12 -32.91
C GLU B 12 46.85 -35.03 -32.11
N VAL B 13 46.15 -34.48 -31.12
CA VAL B 13 46.72 -33.42 -30.30
C VAL B 13 47.40 -33.99 -29.05
N THR B 14 46.73 -34.93 -28.39
CA THR B 14 47.27 -35.56 -27.19
C THR B 14 46.40 -36.72 -26.75
N GLU B 15 45.09 -36.50 -26.66
CA GLU B 15 44.16 -37.53 -26.23
C GLU B 15 42.71 -37.05 -26.38
N VAL B 16 42.36 -36.01 -25.65
CA VAL B 16 41.02 -35.44 -25.69
C VAL B 16 41.01 -34.01 -25.17
N MET B 17 40.18 -33.17 -25.78
CA MET B 17 40.08 -31.78 -25.38
C MET B 17 38.62 -31.31 -25.41
N VAL B 18 38.07 -31.06 -24.23
CA VAL B 18 36.68 -30.61 -24.12
C VAL B 18 36.55 -29.50 -23.07
N LYS B 19 35.78 -28.47 -23.39
CA LYS B 19 35.58 -27.35 -22.48
C LYS B 19 34.43 -26.47 -22.96
N VAL B 20 34.18 -26.49 -24.26
CA VAL B 20 33.10 -25.69 -24.85
C VAL B 20 32.21 -26.53 -25.75
N GLY B 21 30.93 -26.21 -25.77
CA GLY B 21 29.99 -26.96 -26.59
C GLY B 21 28.79 -27.44 -25.81
N ASP B 22 27.94 -26.52 -25.36
CA ASP B 22 26.75 -26.86 -24.60
C ASP B 22 25.51 -26.82 -25.48
N LYS B 23 24.46 -27.50 -25.03
CA LYS B 23 23.20 -27.54 -25.77
C LYS B 23 22.55 -26.17 -25.81
N VAL B 24 22.41 -25.55 -24.65
CA VAL B 24 21.81 -24.22 -24.56
C VAL B 24 22.82 -23.13 -24.89
N ALA B 25 22.64 -22.50 -26.05
CA ALA B 25 23.53 -21.44 -26.50
C ALA B 25 23.28 -20.16 -25.71
N ALA B 26 22.02 -19.92 -25.35
CA ALA B 26 21.64 -18.74 -24.60
C ALA B 26 22.00 -17.46 -25.34
N GLU B 27 21.02 -16.92 -26.08
CA GLU B 27 21.24 -15.69 -26.85
C GLU B 27 20.32 -14.58 -26.34
N GLN B 28 20.51 -13.38 -26.89
CA GLN B 28 19.70 -12.23 -26.51
C GLN B 28 18.63 -11.95 -27.56
N SER B 29 17.37 -12.20 -27.21
CA SER B 29 16.26 -11.97 -28.12
C SER B 29 15.58 -10.63 -27.83
N LEU B 30 16.20 -9.84 -26.97
CA LEU B 30 15.65 -8.53 -26.61
C LEU B 30 16.06 -7.47 -27.62
N ILE B 31 15.08 -6.88 -28.30
CA ILE B 31 15.34 -5.85 -29.31
C ILE B 31 15.37 -4.47 -28.68
N THR B 32 15.17 -4.40 -27.36
CA THR B 32 15.17 -3.13 -26.66
C THR B 32 16.20 -3.13 -25.52
N VAL B 33 16.62 -1.94 -25.11
CA VAL B 33 17.59 -1.80 -24.03
C VAL B 33 16.94 -1.19 -22.79
N GLU B 34 17.62 -1.32 -21.66
CA GLU B 34 17.11 -0.79 -20.39
C GLU B 34 15.78 -1.41 -20.02
N GLY B 35 15.81 -2.39 -19.12
CA GLY B 35 14.59 -3.06 -18.70
C GLY B 35 14.45 -3.11 -17.20
N ASP B 36 13.69 -4.08 -16.71
CA ASP B 36 13.47 -4.25 -15.28
C ASP B 36 14.26 -5.44 -14.74
N LYS B 37 14.79 -5.29 -13.52
CA LYS B 37 15.56 -6.35 -12.89
C LYS B 37 15.60 -6.16 -11.38
N ALA B 38 14.52 -5.62 -10.82
CA ALA B 38 14.42 -5.38 -9.39
C ALA B 38 12.99 -5.13 -8.97
N SER B 39 12.55 -5.81 -7.92
CA SER B 39 11.20 -5.66 -7.41
C SER B 39 11.20 -5.46 -5.89
N MET B 40 10.31 -4.62 -5.40
CA MET B 40 10.22 -4.34 -3.96
C MET B 40 8.85 -4.75 -3.41
N GLU B 41 8.85 -5.63 -2.42
CA GLU B 41 7.62 -6.09 -1.81
C GLU B 41 7.10 -5.07 -0.79
N VAL B 42 5.79 -4.98 -0.65
CA VAL B 42 5.19 -4.04 0.28
C VAL B 42 4.14 -4.71 1.17
N PRO B 43 4.07 -4.34 2.46
CA PRO B 43 3.13 -4.90 3.41
C PRO B 43 1.94 -3.99 3.66
N ALA B 44 0.80 -4.57 4.04
CA ALA B 44 -0.40 -3.80 4.30
C ALA B 44 -0.20 -2.87 5.50
N PRO B 45 -0.84 -1.69 5.48
CA PRO B 45 -0.71 -0.70 6.56
C PRO B 45 -1.47 -1.12 7.82
N PHE B 46 -2.69 -1.63 7.63
CA PHE B 46 -3.52 -2.06 8.75
C PHE B 46 -4.44 -3.21 8.33
N ALA B 47 -5.01 -3.89 9.32
CA ALA B 47 -5.90 -5.00 9.05
C ALA B 47 -7.24 -4.53 8.51
N GLY B 48 -7.88 -5.38 7.71
CA GLY B 48 -9.17 -5.04 7.13
C GLY B 48 -9.70 -6.12 6.21
N VAL B 49 -10.87 -5.88 5.63
CA VAL B 49 -11.48 -6.86 4.73
C VAL B 49 -11.61 -6.31 3.32
N VAL B 50 -11.23 -7.13 2.34
CA VAL B 50 -11.29 -6.75 0.94
C VAL B 50 -12.73 -6.78 0.43
N LYS B 51 -13.31 -5.60 0.24
CA LYS B 51 -14.68 -5.49 -0.24
C LYS B 51 -14.71 -5.08 -1.71
N GLU B 52 -13.74 -4.26 -2.12
CA GLU B 52 -13.66 -3.81 -3.50
C GLU B 52 -12.24 -3.40 -3.87
N LEU B 53 -11.72 -3.99 -4.94
CA LEU B 53 -10.37 -3.69 -5.40
C LEU B 53 -10.36 -2.44 -6.28
N LYS B 54 -9.26 -1.71 -6.26
CA LYS B 54 -9.14 -0.48 -7.04
C LYS B 54 -8.38 -0.73 -8.34
N VAL B 55 -7.25 -1.43 -8.25
CA VAL B 55 -6.44 -1.73 -9.43
C VAL B 55 -6.33 -3.23 -9.67
N ASN B 56 -6.41 -3.63 -10.93
CA ASN B 56 -6.31 -5.04 -11.32
C ASN B 56 -4.97 -5.33 -11.97
N VAL B 57 -4.50 -6.58 -11.83
CA VAL B 57 -3.23 -6.99 -12.40
C VAL B 57 -3.11 -6.53 -13.85
N GLY B 58 -2.00 -5.83 -14.14
CA GLY B 58 -1.77 -5.34 -15.48
C GLY B 58 -1.93 -3.84 -15.58
N ASP B 59 -2.01 -3.19 -14.43
CA ASP B 59 -2.18 -1.73 -14.38
C ASP B 59 -1.03 -1.09 -13.59
N LYS B 60 -0.18 -0.36 -14.30
CA LYS B 60 0.96 0.31 -13.68
C LYS B 60 0.49 1.22 -12.55
N VAL B 61 1.29 1.29 -11.48
CA VAL B 61 0.95 2.12 -10.34
C VAL B 61 1.88 3.33 -10.23
N LYS B 62 1.38 4.40 -9.62
CA LYS B 62 2.16 5.62 -9.45
C LYS B 62 1.91 6.22 -8.07
N THR B 63 2.97 6.78 -7.48
CA THR B 63 2.88 7.39 -6.15
C THR B 63 1.77 8.43 -6.10
N GLY B 64 0.79 8.21 -5.21
CA GLY B 64 -0.31 9.14 -5.08
C GLY B 64 -1.63 8.54 -5.50
N SER B 65 -1.59 7.39 -6.15
CA SER B 65 -2.80 6.71 -6.60
C SER B 65 -3.24 5.66 -5.59
N LEU B 66 -4.50 5.22 -5.71
CA LEU B 66 -5.05 4.23 -4.81
C LEU B 66 -4.73 2.82 -5.29
N ILE B 67 -4.90 1.84 -4.40
CA ILE B 67 -4.64 0.44 -4.75
C ILE B 67 -5.78 -0.46 -4.32
N MET B 68 -6.30 -0.24 -3.10
CA MET B 68 -7.39 -1.04 -2.57
C MET B 68 -7.97 -0.39 -1.31
N ILE B 69 -9.18 -0.80 -0.94
CA ILE B 69 -9.84 -0.26 0.25
C ILE B 69 -10.39 -1.39 1.12
N PHE B 70 -10.23 -1.26 2.43
CA PHE B 70 -10.72 -2.28 3.36
C PHE B 70 -11.83 -1.73 4.23
N GLU B 71 -12.66 -2.61 4.77
CA GLU B 71 -13.74 -2.20 5.64
C GLU B 71 -13.28 -2.22 7.09
N VAL B 72 -12.78 -1.09 7.56
CA VAL B 72 -12.29 -0.96 8.93
C VAL B 72 -13.31 -0.24 9.81
N GLU B 73 -13.79 -0.93 10.84
CA GLU B 73 -14.77 -0.34 11.75
C GLU B 73 -14.12 0.70 12.66
N GLY B 74 -14.71 1.90 12.68
CA GLY B 74 -14.18 2.96 13.52
C GLY B 74 -15.22 4.00 13.87
N ALA B 75 -14.82 5.03 14.60
CA ALA B 75 -15.74 6.09 15.00
C ALA B 75 -15.20 7.47 14.64
N ALA B 76 -16.08 8.34 14.18
CA ALA B 76 -15.70 9.70 13.80
C ALA B 76 -15.33 10.53 15.03
N PRO B 77 -14.29 11.39 14.92
CA PRO B 77 -13.85 12.23 16.03
C PRO B 77 -14.79 13.42 16.26
N ALA B 78 -15.44 13.42 17.42
CA ALA B 78 -16.36 14.51 17.78
C ALA B 78 -16.62 14.54 19.28
N ALA B 79 -17.31 13.52 19.78
CA ALA B 79 -17.62 13.42 21.20
C ALA B 79 -18.42 14.62 21.69
N ALA B 80 -18.97 15.37 20.74
CA ALA B 80 -19.77 16.55 21.07
C ALA B 80 -20.60 17.01 19.88
N PRO B 81 -21.77 17.63 20.13
CA PRO B 81 -22.66 18.11 19.07
C PRO B 81 -22.21 19.46 18.51
N ALA B 82 -22.93 19.93 17.50
CA ALA B 82 -22.61 21.21 16.86
C ALA B 82 -23.81 21.76 16.11
N LYS B 83 -24.28 21.00 15.12
CA LYS B 83 -25.43 21.42 14.32
C LYS B 83 -25.17 22.75 13.61
N GLN B 84 -24.78 22.68 12.34
CA GLN B 84 -24.51 23.88 11.56
C GLN B 84 -25.36 23.91 10.31
N GLU B 85 -25.71 22.73 9.80
CA GLU B 85 -26.54 22.62 8.61
C GLU B 85 -28.01 22.54 8.97
N MET A 1 -61.85 10.33 60.87
CA MET A 1 -63.11 9.77 60.32
C MET A 1 -64.19 10.85 60.26
N VAL A 2 -65.00 10.80 59.21
CA VAL A 2 -66.08 11.76 59.03
C VAL A 2 -67.35 11.08 58.52
N LYS A 3 -68.50 11.71 58.75
CA LYS A 3 -69.78 11.17 58.31
C LYS A 3 -69.93 11.32 56.80
N GLU A 4 -70.74 10.45 56.20
CA GLU A 4 -70.97 10.47 54.76
C GLU A 4 -69.67 10.27 54.00
N VAL A 5 -69.43 9.03 53.56
CA VAL A 5 -68.21 8.71 52.82
C VAL A 5 -68.36 7.37 52.10
N ASN A 6 -69.42 6.64 52.42
CA ASN A 6 -69.68 5.34 51.80
C ASN A 6 -69.93 5.49 50.31
N VAL A 7 -70.13 6.72 49.86
CA VAL A 7 -70.37 7.00 48.45
C VAL A 7 -69.16 6.60 47.60
N PRO A 8 -69.39 5.86 46.49
CA PRO A 8 -68.30 5.42 45.60
C PRO A 8 -67.54 6.60 44.99
N ASP A 9 -66.33 6.32 44.51
CA ASP A 9 -65.49 7.35 43.91
C ASP A 9 -65.48 7.22 42.39
N ILE A 10 -65.91 8.28 41.70
CA ILE A 10 -65.95 8.28 40.25
C ILE A 10 -65.59 9.66 39.68
N VAL A 11 -65.23 10.58 40.56
CA VAL A 11 -64.87 11.92 40.15
C VAL A 11 -63.63 11.92 39.27
N GLU A 12 -63.33 13.07 38.68
CA GLU A 12 -62.18 13.21 37.80
C GLU A 12 -60.88 13.05 38.58
N VAL A 13 -60.08 12.05 38.20
CA VAL A 13 -58.81 11.78 38.86
C VAL A 13 -57.68 12.60 38.22
N THR A 14 -56.70 12.97 39.03
CA THR A 14 -55.56 13.75 38.56
C THR A 14 -54.30 12.90 38.47
N GLU A 15 -53.62 12.97 37.32
CA GLU A 15 -52.39 12.22 37.10
C GLU A 15 -51.59 12.80 35.95
N VAL A 16 -50.33 13.13 36.22
CA VAL A 16 -49.46 13.71 35.20
C VAL A 16 -48.00 13.71 35.66
N MET A 17 -47.09 13.71 34.70
CA MET A 17 -45.65 13.72 34.99
C MET A 17 -45.24 12.48 35.78
N VAL A 18 -46.10 11.47 35.77
CA VAL A 18 -45.82 10.23 36.49
C VAL A 18 -46.12 9.01 35.61
N LYS A 19 -45.08 8.23 35.32
CA LYS A 19 -45.21 7.04 34.49
C LYS A 19 -45.75 7.38 33.11
N VAL A 20 -44.83 7.57 32.16
CA VAL A 20 -45.21 7.91 30.79
C VAL A 20 -44.58 6.95 29.79
N GLY A 21 -43.60 6.18 30.26
CA GLY A 21 -42.94 5.22 29.40
C GLY A 21 -41.84 4.46 30.11
N ASP A 22 -41.65 4.75 31.39
CA ASP A 22 -40.62 4.08 32.19
C ASP A 22 -41.08 2.68 32.59
N LYS A 23 -40.47 1.67 31.99
CA LYS A 23 -40.80 0.28 32.27
C LYS A 23 -39.74 -0.36 33.16
N VAL A 24 -38.87 0.46 33.73
CA VAL A 24 -37.80 -0.02 34.61
C VAL A 24 -36.82 -0.90 33.84
N ALA A 25 -37.17 -2.17 33.68
CA ALA A 25 -36.31 -3.11 32.96
C ALA A 25 -37.00 -3.67 31.73
N ALA A 26 -36.48 -3.31 30.55
CA ALA A 26 -37.05 -3.77 29.29
C ALA A 26 -36.00 -3.76 28.19
N GLU A 27 -36.22 -4.56 27.16
CA GLU A 27 -35.28 -4.65 26.04
C GLU A 27 -36.00 -5.01 24.75
N GLN A 28 -36.12 -4.03 23.85
CA GLN A 28 -36.78 -4.24 22.57
C GLN A 28 -35.94 -3.68 21.43
N SER A 29 -35.70 -2.37 21.45
CA SER A 29 -34.91 -1.71 20.42
C SER A 29 -33.43 -1.80 20.75
N LEU A 30 -32.60 -1.43 19.78
CA LEU A 30 -31.15 -1.46 19.95
C LEU A 30 -30.55 -0.06 19.88
N ILE A 31 -29.52 0.18 20.67
CA ILE A 31 -28.86 1.48 20.70
C ILE A 31 -27.78 1.57 19.61
N THR A 32 -27.89 2.57 18.75
CA THR A 32 -26.93 2.75 17.67
C THR A 32 -25.55 3.08 18.23
N VAL A 33 -24.54 2.35 17.76
CA VAL A 33 -23.17 2.56 18.21
C VAL A 33 -22.59 3.83 17.60
N GLU A 34 -21.46 4.27 18.13
CA GLU A 34 -20.80 5.48 17.63
C GLU A 34 -19.85 5.16 16.48
N GLY A 35 -20.11 4.04 15.80
CA GLY A 35 -19.28 3.65 14.68
C GLY A 35 -19.26 4.70 13.58
N ASP A 36 -18.06 5.07 13.15
CA ASP A 36 -17.91 6.07 12.10
C ASP A 36 -16.91 5.60 11.04
N LYS A 37 -17.09 6.10 9.82
CA LYS A 37 -16.23 5.76 8.70
C LYS A 37 -16.32 4.28 8.35
N ALA A 38 -15.63 3.44 9.13
CA ALA A 38 -15.62 2.00 8.92
C ALA A 38 -14.89 1.65 7.64
N SER A 39 -14.32 2.66 6.99
CA SER A 39 -13.59 2.46 5.75
C SER A 39 -12.39 3.40 5.68
N MET A 40 -11.23 2.86 5.28
CA MET A 40 -10.03 3.67 5.16
C MET A 40 -9.29 3.34 3.87
N GLU A 41 -9.14 4.35 3.02
CA GLU A 41 -8.44 4.21 1.75
C GLU A 41 -6.93 4.29 1.96
N VAL A 42 -6.19 3.59 1.10
CA VAL A 42 -4.73 3.58 1.17
C VAL A 42 -4.11 3.82 -0.20
N PRO A 43 -3.07 4.68 -0.27
CA PRO A 43 -2.38 4.99 -1.52
C PRO A 43 -1.05 4.24 -1.65
N ALA A 44 -0.68 3.92 -2.89
CA ALA A 44 0.56 3.21 -3.15
C ALA A 44 1.76 4.00 -2.63
N PRO A 45 2.75 3.32 -2.03
CA PRO A 45 3.94 3.98 -1.48
C PRO A 45 4.85 4.55 -2.58
N PHE A 46 5.02 3.79 -3.66
CA PHE A 46 5.86 4.22 -4.76
C PHE A 46 5.37 3.65 -6.08
N ALA A 47 5.68 4.34 -7.19
CA ALA A 47 5.28 3.90 -8.50
C ALA A 47 6.00 2.60 -8.87
N GLY A 48 5.41 1.83 -9.79
CA GLY A 48 6.03 0.57 -10.18
C GLY A 48 5.15 -0.28 -11.06
N VAL A 49 5.73 -1.32 -11.65
CA VAL A 49 5.00 -2.22 -12.53
C VAL A 49 4.55 -3.47 -11.77
N VAL A 50 3.33 -3.92 -12.03
CA VAL A 50 2.80 -5.11 -11.37
C VAL A 50 3.47 -6.37 -11.90
N LYS A 51 4.21 -7.04 -11.03
CA LYS A 51 4.91 -8.28 -11.40
C LYS A 51 3.97 -9.46 -11.33
N GLU A 52 3.30 -9.62 -10.18
CA GLU A 52 2.37 -10.72 -9.99
C GLU A 52 1.50 -10.49 -8.75
N LEU A 53 0.23 -10.90 -8.85
CA LEU A 53 -0.71 -10.75 -7.75
C LEU A 53 -0.43 -11.78 -6.65
N LYS A 54 -0.69 -11.38 -5.40
CA LYS A 54 -0.46 -12.26 -4.26
C LYS A 54 -1.79 -12.57 -3.55
N VAL A 55 -2.68 -11.59 -3.52
CA VAL A 55 -3.98 -11.76 -2.87
C VAL A 55 -5.12 -11.60 -3.86
N ASN A 56 -6.14 -12.45 -3.71
CA ASN A 56 -7.31 -12.40 -4.59
C ASN A 56 -8.39 -11.50 -4.00
N VAL A 57 -9.18 -10.91 -4.89
CA VAL A 57 -10.26 -10.02 -4.47
C VAL A 57 -11.27 -10.75 -3.59
N GLY A 58 -11.57 -10.18 -2.43
CA GLY A 58 -12.53 -10.80 -1.53
C GLY A 58 -11.85 -11.48 -0.35
N ASP A 59 -10.52 -11.41 -0.31
CA ASP A 59 -9.76 -12.02 0.76
C ASP A 59 -9.22 -10.97 1.73
N LYS A 60 -9.67 -11.04 2.98
CA LYS A 60 -9.24 -10.10 4.01
C LYS A 60 -7.72 -9.99 4.07
N VAL A 61 -7.24 -8.99 4.79
CA VAL A 61 -5.80 -8.76 4.93
C VAL A 61 -5.41 -8.63 6.40
N LYS A 62 -4.12 -8.84 6.68
CA LYS A 62 -3.62 -8.74 8.05
C LYS A 62 -2.25 -8.09 8.08
N THR A 63 -1.94 -7.41 9.17
CA THR A 63 -0.65 -6.73 9.32
C THR A 63 0.50 -7.73 9.20
N GLY A 64 1.38 -7.48 8.25
CA GLY A 64 2.52 -8.36 8.05
C GLY A 64 2.42 -9.16 6.77
N SER A 65 1.26 -9.12 6.13
CA SER A 65 1.05 -9.84 4.88
C SER A 65 1.23 -8.94 3.67
N LEU A 66 1.99 -9.42 2.68
CA LEU A 66 2.25 -8.64 1.48
C LEU A 66 1.01 -8.57 0.59
N ILE A 67 1.00 -7.64 -0.36
CA ILE A 67 -0.13 -7.47 -1.26
C ILE A 67 0.31 -7.53 -2.72
N MET A 68 1.24 -6.66 -3.09
CA MET A 68 1.75 -6.62 -4.46
C MET A 68 3.20 -6.18 -4.49
N ILE A 69 3.97 -6.71 -5.44
CA ILE A 69 5.37 -6.37 -5.58
C ILE A 69 5.61 -5.58 -6.86
N PHE A 70 6.33 -4.46 -6.73
CA PHE A 70 6.61 -3.61 -7.89
C PHE A 70 8.06 -3.72 -8.33
N GLU A 71 8.30 -3.37 -9.59
CA GLU A 71 9.65 -3.40 -10.15
C GLU A 71 10.16 -1.97 -10.30
N VAL A 72 11.11 -1.59 -9.46
CA VAL A 72 11.66 -0.24 -9.49
C VAL A 72 13.17 -0.26 -9.76
N GLU A 73 13.57 0.36 -10.86
CA GLU A 73 14.98 0.42 -11.23
C GLU A 73 15.58 1.78 -10.86
N GLY A 74 16.61 1.75 -10.03
CA GLY A 74 17.26 2.99 -9.61
C GLY A 74 17.44 3.08 -8.12
N ALA A 75 17.97 2.02 -7.51
CA ALA A 75 18.20 1.98 -6.07
C ALA A 75 19.67 1.75 -5.76
N ALA A 76 20.10 2.22 -4.59
CA ALA A 76 21.48 2.06 -4.16
C ALA A 76 21.68 0.75 -3.39
N PRO A 77 22.81 0.07 -3.59
CA PRO A 77 23.11 -1.20 -2.90
C PRO A 77 23.16 -1.02 -1.39
N ALA A 78 22.71 -2.06 -0.67
CA ALA A 78 22.71 -2.02 0.79
C ALA A 78 22.92 -3.42 1.37
N ALA A 79 22.11 -4.37 0.91
CA ALA A 79 22.22 -5.75 1.38
C ALA A 79 22.89 -6.64 0.33
N ALA A 80 23.59 -7.67 0.80
CA ALA A 80 24.28 -8.60 -0.09
C ALA A 80 23.29 -9.55 -0.74
N PRO A 81 23.62 -10.06 -1.95
CA PRO A 81 22.75 -10.99 -2.68
C PRO A 81 22.71 -12.37 -2.03
N ALA A 82 21.86 -13.25 -2.56
CA ALA A 82 21.75 -14.60 -2.05
C ALA A 82 22.94 -15.45 -2.44
N LYS A 83 22.87 -16.75 -2.16
CA LYS A 83 23.96 -17.66 -2.48
C LYS A 83 23.89 -18.07 -3.95
N GLN A 84 25.04 -18.48 -4.49
CA GLN A 84 25.11 -18.91 -5.88
C GLN A 84 24.26 -20.14 -6.13
N GLU A 85 23.78 -20.30 -7.36
CA GLU A 85 22.95 -21.45 -7.71
C GLU A 85 23.11 -21.80 -9.19
N MET B 1 66.85 -40.35 -37.56
CA MET B 1 67.89 -39.75 -38.44
C MET B 1 67.92 -38.23 -38.25
N VAL B 2 69.03 -37.74 -37.70
CA VAL B 2 69.19 -36.30 -37.48
C VAL B 2 69.72 -35.60 -38.72
N LYS B 3 69.57 -34.27 -38.75
CA LYS B 3 70.02 -33.49 -39.89
C LYS B 3 71.54 -33.34 -39.89
N GLU B 4 72.10 -32.93 -41.02
CA GLU B 4 73.54 -32.76 -41.15
C GLU B 4 73.88 -31.28 -41.32
N VAL B 5 73.20 -30.62 -42.25
CA VAL B 5 73.42 -29.21 -42.52
C VAL B 5 72.57 -28.33 -41.62
N ASN B 6 72.91 -27.04 -41.56
CA ASN B 6 72.17 -26.09 -40.73
C ASN B 6 71.01 -25.47 -41.51
N VAL B 7 70.00 -25.02 -40.79
CA VAL B 7 68.82 -24.41 -41.40
C VAL B 7 68.39 -23.17 -40.63
N PRO B 8 67.70 -22.21 -41.28
CA PRO B 8 67.23 -20.98 -40.63
C PRO B 8 66.19 -21.26 -39.55
N ASP B 9 65.99 -20.28 -38.68
CA ASP B 9 65.02 -20.43 -37.59
C ASP B 9 64.61 -19.06 -37.04
N ILE B 10 65.19 -18.01 -37.61
CA ILE B 10 64.89 -16.65 -37.18
C ILE B 10 63.71 -16.07 -37.96
N VAL B 11 62.88 -15.29 -37.28
CA VAL B 11 61.71 -14.67 -37.89
C VAL B 11 62.14 -13.69 -39.00
N GLU B 12 61.53 -13.85 -40.17
CA GLU B 12 61.84 -12.98 -41.30
C GLU B 12 60.67 -12.05 -41.62
N VAL B 13 59.46 -12.61 -41.61
CA VAL B 13 58.27 -11.83 -41.89
C VAL B 13 57.17 -12.08 -40.86
N THR B 14 56.45 -11.02 -40.50
CA THR B 14 55.38 -11.14 -39.52
C THR B 14 54.03 -10.80 -40.14
N GLU B 15 52.97 -10.86 -39.33
CA GLU B 15 51.63 -10.56 -39.80
C GLU B 15 51.35 -9.06 -39.70
N VAL B 16 50.82 -8.50 -40.78
CA VAL B 16 50.49 -7.08 -40.82
C VAL B 16 49.13 -6.84 -41.45
N MET B 17 48.76 -7.70 -42.39
CA MET B 17 47.47 -7.57 -43.08
C MET B 17 46.37 -8.31 -42.33
N VAL B 18 45.18 -7.73 -42.29
CA VAL B 18 44.04 -8.32 -41.61
C VAL B 18 44.27 -8.44 -40.10
N LYS B 19 43.48 -7.69 -39.33
CA LYS B 19 43.60 -7.72 -37.88
C LYS B 19 42.24 -7.99 -37.24
N VAL B 20 42.26 -8.69 -36.11
CA VAL B 20 41.04 -9.03 -35.39
C VAL B 20 40.72 -7.98 -34.33
N GLY B 21 41.59 -7.88 -33.32
CA GLY B 21 41.40 -6.92 -32.25
C GLY B 21 42.00 -7.39 -30.95
N ASP B 22 42.05 -6.48 -29.97
CA ASP B 22 42.61 -6.80 -28.67
C ASP B 22 41.74 -6.26 -27.54
N LYS B 23 41.39 -7.13 -26.59
CA LYS B 23 40.56 -6.72 -25.46
C LYS B 23 41.40 -6.54 -24.20
N VAL B 24 40.84 -5.82 -23.24
CA VAL B 24 41.53 -5.55 -21.97
C VAL B 24 40.74 -6.12 -20.79
N ALA B 25 39.61 -5.48 -20.50
CA ALA B 25 38.75 -5.90 -19.40
C ALA B 25 39.54 -6.00 -18.10
N ALA B 26 39.58 -4.90 -17.35
CA ALA B 26 40.29 -4.86 -16.08
C ALA B 26 39.79 -3.73 -15.21
N GLU B 27 40.02 -2.49 -15.64
CA GLU B 27 39.59 -1.32 -14.89
C GLU B 27 38.08 -1.26 -14.79
N GLN B 28 37.41 -1.06 -15.93
CA GLN B 28 35.96 -0.99 -15.97
C GLN B 28 35.36 -2.24 -16.62
N SER B 29 34.44 -2.88 -15.92
CA SER B 29 33.80 -4.10 -16.43
C SER B 29 32.35 -4.17 -15.96
N LEU B 30 32.14 -3.99 -14.67
CA LEU B 30 30.80 -4.03 -14.09
C LEU B 30 30.79 -3.41 -12.69
N ILE B 31 29.73 -2.66 -12.41
CA ILE B 31 29.59 -2.00 -11.11
C ILE B 31 28.25 -2.35 -10.46
N THR B 32 27.44 -3.11 -11.17
CA THR B 32 26.12 -3.51 -10.67
C THR B 32 26.05 -5.01 -10.46
N VAL B 33 25.69 -5.43 -9.25
CA VAL B 33 25.59 -6.84 -8.91
C VAL B 33 24.13 -7.25 -8.74
N GLU B 34 23.90 -8.55 -8.62
CA GLU B 34 22.55 -9.09 -8.44
C GLU B 34 22.08 -8.89 -7.00
N GLY B 35 20.86 -9.35 -6.72
CA GLY B 35 20.32 -9.20 -5.38
C GLY B 35 18.94 -8.58 -5.38
N ASP B 36 18.73 -7.61 -4.50
CA ASP B 36 17.44 -6.93 -4.40
C ASP B 36 17.60 -5.42 -4.57
N LYS B 37 17.04 -4.90 -5.65
CA LYS B 37 17.12 -3.48 -5.94
C LYS B 37 16.09 -3.07 -7.00
N ALA B 38 15.75 -4.02 -7.87
CA ALA B 38 14.79 -3.76 -8.94
C ALA B 38 13.38 -4.16 -8.52
N SER B 39 13.27 -4.79 -7.37
CA SER B 39 11.97 -5.22 -6.85
C SER B 39 11.83 -4.91 -5.37
N MET B 40 10.74 -4.26 -5.01
CA MET B 40 10.49 -3.89 -3.62
C MET B 40 9.11 -4.38 -3.16
N GLU B 41 9.09 -5.21 -2.13
CA GLU B 41 7.85 -5.74 -1.58
C GLU B 41 7.20 -4.76 -0.61
N VAL B 42 5.88 -4.74 -0.57
CA VAL B 42 5.15 -3.84 0.32
C VAL B 42 4.12 -4.60 1.17
N PRO B 43 4.05 -4.30 2.48
CA PRO B 43 3.11 -4.95 3.38
C PRO B 43 1.89 -4.07 3.68
N ALA B 44 0.75 -4.70 3.96
CA ALA B 44 -0.46 -3.96 4.27
C ALA B 44 -0.28 -3.10 5.52
N PRO B 45 -0.81 -1.86 5.50
CA PRO B 45 -0.69 -0.95 6.64
C PRO B 45 -1.50 -1.41 7.85
N PHE B 46 -2.71 -1.90 7.59
CA PHE B 46 -3.59 -2.37 8.66
C PHE B 46 -4.51 -3.48 8.17
N ALA B 47 -5.02 -4.28 9.10
CA ALA B 47 -5.92 -5.37 8.76
C ALA B 47 -7.30 -4.84 8.39
N GLY B 48 -8.03 -5.61 7.58
CA GLY B 48 -9.36 -5.20 7.17
C GLY B 48 -9.94 -6.10 6.10
N VAL B 49 -11.20 -5.88 5.75
CA VAL B 49 -11.87 -6.69 4.74
C VAL B 49 -11.87 -5.99 3.38
N VAL B 50 -11.72 -6.78 2.32
CA VAL B 50 -11.71 -6.25 0.96
C VAL B 50 -13.11 -5.87 0.51
N LYS B 51 -13.32 -4.58 0.29
CA LYS B 51 -14.63 -4.08 -0.14
C LYS B 51 -14.79 -4.21 -1.65
N GLU B 52 -13.81 -3.69 -2.39
CA GLU B 52 -13.84 -3.75 -3.85
C GLU B 52 -12.48 -3.42 -4.45
N LEU B 53 -12.17 -4.05 -5.58
CA LEU B 53 -10.90 -3.82 -6.26
C LEU B 53 -10.92 -2.52 -7.06
N LYS B 54 -9.77 -1.86 -7.12
CA LYS B 54 -9.66 -0.59 -7.85
C LYS B 54 -8.71 -0.72 -9.04
N VAL B 55 -7.67 -1.54 -8.88
CA VAL B 55 -6.69 -1.75 -9.94
C VAL B 55 -6.64 -3.21 -10.37
N ASN B 56 -6.52 -3.43 -11.69
CA ASN B 56 -6.46 -4.77 -12.24
C ASN B 56 -5.01 -5.26 -12.35
N VAL B 57 -4.83 -6.56 -12.25
CA VAL B 57 -3.49 -7.15 -12.34
C VAL B 57 -2.86 -6.87 -13.70
N GLY B 58 -1.63 -6.35 -13.68
CA GLY B 58 -0.94 -6.04 -14.92
C GLY B 58 -0.91 -4.55 -15.20
N ASP B 59 -1.55 -3.77 -14.33
CA ASP B 59 -1.58 -2.32 -14.50
C ASP B 59 -0.62 -1.64 -13.53
N LYS B 60 0.30 -0.85 -14.09
CA LYS B 60 1.29 -0.15 -13.28
C LYS B 60 0.63 0.74 -12.23
N VAL B 61 1.44 1.26 -11.31
CA VAL B 61 0.95 2.13 -10.25
C VAL B 61 1.73 3.43 -10.19
N LYS B 62 1.16 4.44 -9.54
CA LYS B 62 1.80 5.73 -9.40
C LYS B 62 1.48 6.37 -8.04
N THR B 63 2.41 7.17 -7.54
CA THR B 63 2.23 7.84 -6.26
C THR B 63 0.99 8.73 -6.26
N GLY B 64 0.06 8.44 -5.35
CA GLY B 64 -1.16 9.21 -5.26
C GLY B 64 -2.38 8.44 -5.70
N SER B 65 -2.15 7.26 -6.27
CA SER B 65 -3.24 6.41 -6.74
C SER B 65 -3.58 5.33 -5.72
N LEU B 66 -4.86 5.18 -5.42
CA LEU B 66 -5.31 4.18 -4.46
C LEU B 66 -5.20 2.77 -5.03
N ILE B 67 -5.27 1.77 -4.17
CA ILE B 67 -5.17 0.39 -4.59
C ILE B 67 -6.35 -0.45 -4.08
N MET B 68 -6.55 -0.43 -2.76
CA MET B 68 -7.65 -1.18 -2.14
C MET B 68 -8.14 -0.50 -0.88
N ILE B 69 -9.44 -0.58 -0.63
CA ILE B 69 -10.03 0.02 0.57
C ILE B 69 -10.48 -1.07 1.53
N PHE B 70 -10.20 -0.88 2.81
CA PHE B 70 -10.57 -1.87 3.83
C PHE B 70 -11.64 -1.32 4.77
N GLU B 71 -12.40 -2.23 5.37
CA GLU B 71 -13.45 -1.86 6.31
C GLU B 71 -13.00 -2.11 7.74
N VAL B 72 -12.57 -1.06 8.42
CA VAL B 72 -12.10 -1.17 9.80
C VAL B 72 -13.07 -0.49 10.77
N GLU B 73 -13.63 -1.27 11.68
CA GLU B 73 -14.56 -0.75 12.67
C GLU B 73 -13.87 -0.51 14.01
N GLY B 74 -13.97 0.72 14.50
CA GLY B 74 -13.35 1.06 15.76
C GLY B 74 -11.85 1.30 15.63
N ALA B 75 -11.39 2.44 16.14
CA ALA B 75 -9.97 2.79 16.08
C ALA B 75 -9.54 3.56 17.31
N ALA B 76 -8.28 3.38 17.71
CA ALA B 76 -7.75 4.06 18.88
C ALA B 76 -7.16 5.42 18.50
N PRO B 77 -7.27 6.41 19.40
CA PRO B 77 -6.74 7.77 19.14
C PRO B 77 -5.22 7.82 19.21
N ALA B 78 -4.59 8.21 18.10
CA ALA B 78 -3.14 8.31 18.03
C ALA B 78 -2.48 6.98 18.38
N ALA B 79 -1.14 7.01 18.52
CA ALA B 79 -0.38 5.81 18.84
C ALA B 79 -0.22 5.65 20.35
N ALA B 80 0.19 6.74 21.02
CA ALA B 80 0.38 6.72 22.45
C ALA B 80 -0.87 7.21 23.19
N PRO B 81 -1.11 6.70 24.41
CA PRO B 81 -2.28 7.10 25.21
C PRO B 81 -2.15 8.52 25.76
N ALA B 82 -3.06 9.39 25.35
CA ALA B 82 -3.07 10.78 25.81
C ALA B 82 -1.79 11.50 25.40
N LYS B 83 -0.98 10.86 24.56
CA LYS B 83 0.28 11.43 24.07
C LYS B 83 0.98 12.26 25.15
N GLN B 84 1.75 11.60 26.01
CA GLN B 84 2.47 12.28 27.07
C GLN B 84 3.60 13.13 26.50
N GLU B 85 3.41 14.45 26.56
CA GLU B 85 4.42 15.38 26.06
C GLU B 85 5.34 15.85 27.19
N MET A 1 -59.40 -8.73 74.21
CA MET A 1 -60.82 -8.67 73.77
C MET A 1 -60.94 -8.02 72.40
N VAL A 2 -61.74 -8.63 71.53
CA VAL A 2 -61.94 -8.11 70.18
C VAL A 2 -62.78 -6.83 70.20
N LYS A 3 -63.73 -6.77 71.13
CA LYS A 3 -64.61 -5.61 71.26
C LYS A 3 -65.39 -5.37 69.98
N GLU A 4 -66.07 -4.23 69.91
CA GLU A 4 -66.86 -3.88 68.73
C GLU A 4 -66.14 -2.85 67.87
N VAL A 5 -64.90 -2.53 68.25
CA VAL A 5 -64.10 -1.57 67.51
C VAL A 5 -63.65 -2.15 66.17
N ASN A 6 -63.60 -3.48 66.09
CA ASN A 6 -63.18 -4.16 64.88
C ASN A 6 -61.76 -3.77 64.47
N VAL A 7 -61.31 -4.30 63.35
CA VAL A 7 -59.97 -4.01 62.86
C VAL A 7 -59.85 -2.54 62.42
N PRO A 8 -58.90 -1.78 62.99
CA PRO A 8 -58.69 -0.37 62.64
C PRO A 8 -58.39 -0.19 61.16
N ASP A 9 -59.14 0.70 60.51
CA ASP A 9 -58.95 0.97 59.09
C ASP A 9 -58.49 2.41 58.86
N ILE A 10 -58.92 3.30 59.74
CA ILE A 10 -58.57 4.71 59.65
C ILE A 10 -59.09 5.33 58.34
N VAL A 11 -58.31 5.20 57.27
CA VAL A 11 -58.69 5.73 55.97
C VAL A 11 -58.95 7.23 56.05
N GLU A 12 -57.94 8.02 55.69
CA GLU A 12 -58.05 9.47 55.72
C GLU A 12 -57.10 10.12 54.72
N VAL A 13 -55.80 10.05 55.01
CA VAL A 13 -54.79 10.63 54.13
C VAL A 13 -54.14 9.56 53.24
N THR A 14 -53.93 9.92 51.97
CA THR A 14 -53.32 9.01 51.01
C THR A 14 -51.82 9.28 50.88
N GLU A 15 -51.07 8.25 50.51
CA GLU A 15 -49.63 8.37 50.35
C GLU A 15 -49.26 8.61 48.89
N VAL A 16 -47.98 8.90 48.65
CA VAL A 16 -47.49 9.15 47.31
C VAL A 16 -46.50 8.07 46.87
N MET A 17 -46.87 7.31 45.85
CA MET A 17 -46.02 6.24 45.34
C MET A 17 -45.00 6.78 44.36
N VAL A 18 -43.75 6.35 44.50
CA VAL A 18 -42.67 6.78 43.61
C VAL A 18 -42.85 6.22 42.21
N LYS A 19 -42.00 6.66 41.29
CA LYS A 19 -42.08 6.18 39.91
C LYS A 19 -40.78 5.50 39.50
N VAL A 20 -40.88 4.55 38.57
CA VAL A 20 -39.72 3.80 38.10
C VAL A 20 -39.18 4.40 36.81
N GLY A 21 -37.93 4.05 36.47
CA GLY A 21 -37.32 4.56 35.26
C GLY A 21 -37.25 3.51 34.16
N ASP A 22 -36.08 2.92 33.99
CA ASP A 22 -35.88 1.90 32.96
C ASP A 22 -35.88 0.51 33.60
N LYS A 23 -36.79 -0.34 33.14
CA LYS A 23 -36.90 -1.70 33.65
C LYS A 23 -35.93 -2.64 32.92
N VAL A 24 -36.29 -3.00 31.69
CA VAL A 24 -35.47 -3.89 30.88
C VAL A 24 -35.54 -3.51 29.41
N ALA A 25 -36.72 -3.10 28.96
CA ALA A 25 -36.93 -2.71 27.57
C ALA A 25 -38.28 -2.02 27.40
N ALA A 26 -38.26 -0.77 26.95
CA ALA A 26 -39.49 -0.02 26.74
C ALA A 26 -39.34 0.99 25.60
N GLU A 27 -38.31 1.84 25.71
CA GLU A 27 -38.06 2.85 24.69
C GLU A 27 -36.95 2.40 23.74
N GLN A 28 -37.17 2.62 22.44
CA GLN A 28 -36.19 2.24 21.43
C GLN A 28 -36.32 3.12 20.20
N SER A 29 -35.19 3.54 19.65
CA SER A 29 -35.17 4.39 18.46
C SER A 29 -33.92 4.13 17.62
N LEU A 30 -33.86 4.78 16.45
CA LEU A 30 -32.73 4.63 15.55
C LEU A 30 -31.58 5.57 15.96
N ILE A 31 -30.37 5.02 16.03
CA ILE A 31 -29.20 5.80 16.41
C ILE A 31 -28.74 6.68 15.25
N THR A 32 -28.24 7.87 15.59
CA THR A 32 -27.77 8.81 14.58
C THR A 32 -26.33 9.25 14.87
N VAL A 33 -25.41 8.88 13.98
CA VAL A 33 -24.00 9.23 14.14
C VAL A 33 -23.42 9.78 12.83
N GLU A 34 -22.16 10.19 12.88
CA GLU A 34 -21.49 10.72 11.70
C GLU A 34 -19.99 10.42 11.74
N GLY A 35 -19.30 10.78 10.67
CA GLY A 35 -17.86 10.54 10.60
C GLY A 35 -17.52 9.10 10.34
N ASP A 36 -16.58 8.87 9.43
CA ASP A 36 -16.14 7.52 9.08
C ASP A 36 -14.85 7.15 9.81
N LYS A 37 -14.84 5.96 10.39
CA LYS A 37 -13.67 5.49 11.13
C LYS A 37 -13.34 4.04 10.74
N ALA A 38 -14.25 3.42 10.01
CA ALA A 38 -14.06 2.04 9.56
C ALA A 38 -13.38 1.99 8.20
N SER A 39 -14.18 2.06 7.14
CA SER A 39 -13.66 2.02 5.78
C SER A 39 -12.68 3.16 5.55
N MET A 40 -11.47 2.82 5.11
CA MET A 40 -10.44 3.81 4.85
C MET A 40 -9.55 3.39 3.69
N GLU A 41 -9.53 4.21 2.64
CA GLU A 41 -8.73 3.92 1.46
C GLU A 41 -7.25 4.14 1.74
N VAL A 42 -6.39 3.49 0.97
CA VAL A 42 -4.95 3.61 1.13
C VAL A 42 -4.26 3.86 -0.21
N PRO A 43 -3.11 4.58 -0.19
CA PRO A 43 -2.35 4.90 -1.39
C PRO A 43 -1.13 3.99 -1.55
N ALA A 44 -0.55 4.00 -2.75
CA ALA A 44 0.63 3.18 -3.03
C ALA A 44 1.89 3.86 -2.50
N PRO A 45 2.88 3.07 -2.02
CA PRO A 45 4.13 3.61 -1.48
C PRO A 45 5.00 4.24 -2.57
N PHE A 46 5.25 3.49 -3.64
CA PHE A 46 6.08 3.99 -4.74
C PHE A 46 5.58 3.46 -6.08
N ALA A 47 5.82 4.23 -7.14
CA ALA A 47 5.41 3.84 -8.48
C ALA A 47 6.00 2.49 -8.85
N GLY A 48 5.22 1.68 -9.57
CA GLY A 48 5.70 0.37 -9.96
C GLY A 48 4.82 -0.30 -11.00
N VAL A 49 5.06 -1.59 -11.21
CA VAL A 49 4.29 -2.37 -12.17
C VAL A 49 3.89 -3.71 -11.58
N VAL A 50 2.59 -4.03 -11.65
CA VAL A 50 2.09 -5.29 -11.12
C VAL A 50 2.51 -6.46 -11.97
N LYS A 51 3.52 -7.19 -11.51
CA LYS A 51 4.03 -8.35 -12.23
C LYS A 51 3.99 -9.61 -11.36
N GLU A 52 4.18 -9.42 -10.06
CA GLU A 52 4.16 -10.54 -9.12
C GLU A 52 3.01 -10.40 -8.11
N LEU A 53 1.88 -11.00 -8.44
CA LEU A 53 0.71 -10.95 -7.57
C LEU A 53 0.95 -11.77 -6.29
N LYS A 54 0.46 -11.27 -5.18
CA LYS A 54 0.62 -11.95 -3.89
C LYS A 54 -0.74 -12.41 -3.37
N VAL A 55 -1.73 -11.52 -3.41
CA VAL A 55 -3.07 -11.84 -2.93
C VAL A 55 -4.09 -11.74 -4.06
N ASN A 56 -5.27 -12.30 -3.83
CA ASN A 56 -6.34 -12.28 -4.82
C ASN A 56 -7.47 -11.36 -4.39
N VAL A 57 -8.17 -10.79 -5.36
CA VAL A 57 -9.28 -9.87 -5.06
C VAL A 57 -10.41 -10.60 -4.32
N GLY A 58 -10.81 -10.03 -3.19
CA GLY A 58 -11.88 -10.62 -2.41
C GLY A 58 -11.35 -11.38 -1.20
N ASP A 59 -10.05 -11.32 -0.99
CA ASP A 59 -9.42 -11.99 0.13
C ASP A 59 -9.03 -11.00 1.22
N LYS A 60 -9.54 -11.24 2.43
CA LYS A 60 -9.25 -10.37 3.58
C LYS A 60 -7.74 -10.16 3.74
N VAL A 61 -7.38 -9.01 4.30
CA VAL A 61 -5.98 -8.67 4.52
C VAL A 61 -5.66 -8.59 6.00
N LYS A 62 -4.39 -8.75 6.35
CA LYS A 62 -3.96 -8.69 7.75
C LYS A 62 -2.62 -7.95 7.86
N THR A 63 -2.55 -7.04 8.82
CA THR A 63 -1.33 -6.25 9.04
C THR A 63 -0.11 -7.15 9.18
N GLY A 64 0.97 -6.79 8.49
CA GLY A 64 2.19 -7.57 8.55
C GLY A 64 2.38 -8.44 7.32
N SER A 65 1.30 -8.66 6.57
CA SER A 65 1.36 -9.47 5.36
C SER A 65 1.54 -8.60 4.13
N LEU A 66 2.12 -9.17 3.08
CA LEU A 66 2.36 -8.45 1.84
C LEU A 66 1.09 -8.39 1.00
N ILE A 67 1.02 -7.42 0.09
CA ILE A 67 -0.14 -7.27 -0.78
C ILE A 67 0.24 -7.45 -2.24
N MET A 68 1.25 -6.71 -2.69
CA MET A 68 1.71 -6.79 -4.07
C MET A 68 3.20 -6.48 -4.17
N ILE A 69 3.80 -6.79 -5.31
CA ILE A 69 5.22 -6.54 -5.53
C ILE A 69 5.43 -5.76 -6.83
N PHE A 70 6.22 -4.70 -6.74
CA PHE A 70 6.50 -3.88 -7.92
C PHE A 70 7.97 -3.98 -8.31
N GLU A 71 8.25 -3.80 -9.59
CA GLU A 71 9.61 -3.85 -10.09
C GLU A 71 9.97 -2.52 -10.74
N VAL A 72 10.55 -1.62 -9.94
CA VAL A 72 10.94 -0.31 -10.43
C VAL A 72 12.32 -0.34 -11.09
N GLU A 73 12.34 -0.03 -12.39
CA GLU A 73 13.59 -0.03 -13.14
C GLU A 73 14.26 1.33 -13.06
N GLY A 74 15.56 1.34 -12.77
CA GLY A 74 16.29 2.59 -12.66
C GLY A 74 16.61 3.20 -14.01
N ALA A 75 16.38 2.42 -15.07
CA ALA A 75 16.66 2.89 -16.42
C ALA A 75 15.82 4.12 -16.75
N ALA A 76 16.41 5.04 -17.51
CA ALA A 76 15.72 6.27 -17.89
C ALA A 76 14.67 6.01 -18.96
N PRO A 77 13.47 6.62 -18.84
CA PRO A 77 12.38 6.44 -19.81
C PRO A 77 12.74 6.96 -21.19
N ALA A 78 12.96 8.27 -21.28
CA ALA A 78 13.31 8.92 -22.54
C ALA A 78 12.19 8.80 -23.56
N ALA A 79 12.12 7.65 -24.23
CA ALA A 79 11.09 7.42 -25.23
C ALA A 79 9.80 6.91 -24.61
N ALA A 80 9.87 6.54 -23.33
CA ALA A 80 8.70 6.03 -22.61
C ALA A 80 8.07 4.85 -23.35
N PRO A 81 8.59 3.62 -23.11
CA PRO A 81 8.07 2.42 -23.76
C PRO A 81 6.73 1.98 -23.18
N ALA A 82 5.95 1.26 -23.98
CA ALA A 82 4.64 0.79 -23.55
C ALA A 82 4.34 -0.58 -24.16
N LYS A 83 4.49 -0.67 -25.48
CA LYS A 83 4.24 -1.91 -26.20
C LYS A 83 5.54 -2.63 -26.53
N GLN A 84 5.86 -3.67 -25.77
CA GLN A 84 7.08 -4.43 -25.99
C GLN A 84 6.83 -5.93 -25.82
N GLU A 85 5.57 -6.29 -25.61
CA GLU A 85 5.19 -7.69 -25.44
C GLU A 85 4.44 -8.21 -26.66
N MET B 1 71.15 -9.61 -32.60
CA MET B 1 72.12 -10.12 -33.61
C MET B 1 71.43 -10.99 -34.64
N VAL B 2 70.15 -11.29 -34.40
CA VAL B 2 69.36 -12.11 -35.31
C VAL B 2 67.91 -11.66 -35.34
N LYS B 3 67.36 -11.48 -36.53
CA LYS B 3 65.98 -11.05 -36.69
C LYS B 3 65.34 -11.74 -37.88
N GLU B 4 66.04 -11.76 -39.01
CA GLU B 4 65.54 -12.41 -40.22
C GLU B 4 65.60 -13.93 -40.10
N VAL B 5 64.44 -14.57 -40.13
CA VAL B 5 64.36 -16.02 -40.02
C VAL B 5 64.10 -16.67 -41.37
N ASN B 6 64.67 -17.85 -41.58
CA ASN B 6 64.50 -18.59 -42.82
C ASN B 6 64.40 -20.09 -42.56
N VAL B 7 63.19 -20.62 -42.70
CA VAL B 7 62.96 -22.04 -42.47
C VAL B 7 62.23 -22.68 -43.66
N PRO B 8 62.74 -23.82 -44.17
CA PRO B 8 62.12 -24.52 -45.31
C PRO B 8 60.67 -24.91 -45.02
N ASP B 9 59.78 -24.56 -45.95
CA ASP B 9 58.36 -24.87 -45.78
C ASP B 9 57.65 -24.89 -47.13
N ILE B 10 57.77 -23.79 -47.87
CA ILE B 10 57.14 -23.67 -49.18
C ILE B 10 58.13 -23.97 -50.31
N VAL B 11 57.71 -24.80 -51.25
CA VAL B 11 58.55 -25.17 -52.38
C VAL B 11 58.46 -24.12 -53.48
N GLU B 12 57.32 -23.46 -53.56
CA GLU B 12 57.10 -22.42 -54.56
C GLU B 12 57.99 -21.21 -54.30
N VAL B 13 58.19 -20.40 -55.33
CA VAL B 13 59.02 -19.20 -55.20
C VAL B 13 58.24 -18.06 -54.57
N THR B 14 58.07 -18.11 -53.25
CA THR B 14 57.34 -17.08 -52.53
C THR B 14 58.16 -16.56 -51.34
N GLU B 15 57.86 -15.35 -50.91
CA GLU B 15 58.55 -14.73 -49.79
C GLU B 15 57.67 -14.71 -48.54
N VAL B 16 56.50 -14.11 -48.68
CA VAL B 16 55.54 -14.01 -47.58
C VAL B 16 56.10 -13.17 -46.43
N MET B 17 55.45 -12.04 -46.16
CA MET B 17 55.88 -11.15 -45.09
C MET B 17 54.68 -10.62 -44.31
N VAL B 18 54.57 -11.03 -43.06
CA VAL B 18 53.47 -10.60 -42.20
C VAL B 18 53.96 -9.65 -41.11
N LYS B 19 53.23 -8.56 -40.90
CA LYS B 19 53.58 -7.57 -39.90
C LYS B 19 52.37 -6.74 -39.51
N VAL B 20 51.40 -6.64 -40.41
CA VAL B 20 50.19 -5.87 -40.17
C VAL B 20 49.19 -6.67 -39.35
N GLY B 21 48.55 -5.99 -38.39
CA GLY B 21 47.58 -6.66 -37.54
C GLY B 21 46.31 -5.85 -37.38
N ASP B 22 45.87 -5.69 -36.14
CA ASP B 22 44.65 -4.93 -35.86
C ASP B 22 44.96 -3.70 -35.02
N LYS B 23 43.93 -2.91 -34.74
CA LYS B 23 44.08 -1.70 -33.95
C LYS B 23 43.69 -1.95 -32.50
N VAL B 24 43.83 -0.91 -31.67
CA VAL B 24 43.48 -1.02 -30.25
C VAL B 24 41.98 -1.22 -30.08
N ALA B 25 41.57 -1.66 -28.89
CA ALA B 25 40.17 -1.90 -28.61
C ALA B 25 39.79 -1.45 -27.20
N ALA B 26 40.68 -0.68 -26.57
CA ALA B 26 40.46 -0.18 -25.22
C ALA B 26 40.36 -1.34 -24.22
N GLU B 27 41.35 -1.42 -23.33
CA GLU B 27 41.38 -2.48 -22.32
C GLU B 27 40.11 -2.47 -21.47
N GLN B 28 40.01 -1.49 -20.58
CA GLN B 28 38.85 -1.37 -19.71
C GLN B 28 37.59 -1.07 -20.51
N SER B 29 36.57 -1.91 -20.34
CA SER B 29 35.30 -1.73 -21.05
C SER B 29 34.23 -2.65 -20.49
N LEU B 30 33.34 -2.08 -19.68
CA LEU B 30 32.24 -2.84 -19.06
C LEU B 30 32.77 -4.01 -18.25
N ILE B 31 32.90 -3.82 -16.94
CA ILE B 31 33.39 -4.86 -16.05
C ILE B 31 32.61 -4.87 -14.74
N THR B 32 32.02 -3.73 -14.39
CA THR B 32 31.24 -3.60 -13.16
C THR B 32 29.86 -4.23 -13.34
N VAL B 33 29.58 -5.26 -12.55
CA VAL B 33 28.29 -5.95 -12.60
C VAL B 33 27.33 -5.40 -11.57
N GLU B 34 26.03 -5.50 -11.85
CA GLU B 34 25.00 -5.00 -10.95
C GLU B 34 24.46 -6.13 -10.06
N GLY B 35 24.01 -5.77 -8.87
CA GLY B 35 23.47 -6.76 -7.94
C GLY B 35 21.96 -6.84 -8.01
N ASP B 36 21.30 -6.24 -7.03
CA ASP B 36 19.84 -6.25 -6.98
C ASP B 36 19.30 -4.96 -6.37
N LYS B 37 18.56 -4.20 -7.18
CA LYS B 37 17.98 -2.94 -6.72
C LYS B 37 16.86 -2.49 -7.66
N ALA B 38 15.66 -2.99 -7.41
CA ALA B 38 14.50 -2.64 -8.23
C ALA B 38 13.21 -3.18 -7.61
N SER B 39 12.96 -4.47 -7.82
CA SER B 39 11.77 -5.12 -7.28
C SER B 39 11.76 -5.09 -5.76
N MET B 40 10.70 -4.53 -5.18
CA MET B 40 10.57 -4.45 -3.73
C MET B 40 9.13 -4.71 -3.29
N GLU B 41 8.95 -5.72 -2.44
CA GLU B 41 7.62 -6.07 -1.94
C GLU B 41 7.16 -5.08 -0.89
N VAL B 42 5.84 -4.98 -0.71
CA VAL B 42 5.28 -4.05 0.27
C VAL B 42 4.22 -4.74 1.15
N PRO B 43 4.06 -4.28 2.40
CA PRO B 43 3.10 -4.84 3.33
C PRO B 43 1.84 -3.98 3.45
N ALA B 44 0.80 -4.54 4.09
CA ALA B 44 -0.45 -3.81 4.26
C ALA B 44 -0.38 -2.87 5.47
N PRO B 45 -1.03 -1.70 5.39
CA PRO B 45 -1.02 -0.71 6.47
C PRO B 45 -1.78 -1.19 7.71
N PHE B 46 -3.01 -1.66 7.50
CA PHE B 46 -3.84 -2.14 8.59
C PHE B 46 -4.74 -3.28 8.13
N ALA B 47 -5.11 -4.15 9.07
CA ALA B 47 -5.97 -5.28 8.77
C ALA B 47 -7.33 -4.81 8.26
N GLY B 48 -7.88 -5.54 7.28
CA GLY B 48 -9.17 -5.17 6.73
C GLY B 48 -9.73 -6.24 5.81
N VAL B 49 -10.74 -5.87 5.02
CA VAL B 49 -11.37 -6.79 4.10
C VAL B 49 -11.53 -6.16 2.72
N VAL B 50 -11.17 -6.91 1.68
CA VAL B 50 -11.29 -6.44 0.31
C VAL B 50 -12.74 -6.45 -0.16
N LYS B 51 -13.37 -5.28 -0.16
CA LYS B 51 -14.76 -5.17 -0.59
C LYS B 51 -14.90 -4.17 -1.74
N GLU B 52 -14.08 -3.13 -1.71
CA GLU B 52 -14.11 -2.10 -2.75
C GLU B 52 -12.81 -2.07 -3.54
N LEU B 53 -12.79 -2.76 -4.68
CA LEU B 53 -11.60 -2.80 -5.53
C LEU B 53 -11.40 -1.46 -6.23
N LYS B 54 -10.13 -1.06 -6.37
CA LYS B 54 -9.80 0.20 -7.02
C LYS B 54 -9.03 -0.05 -8.32
N VAL B 55 -8.04 -0.93 -8.25
CA VAL B 55 -7.22 -1.25 -9.42
C VAL B 55 -7.35 -2.73 -9.78
N ASN B 56 -6.96 -3.06 -11.00
CA ASN B 56 -7.03 -4.43 -11.48
C ASN B 56 -5.64 -5.05 -11.58
N VAL B 57 -5.57 -6.37 -11.41
CA VAL B 57 -4.30 -7.08 -11.49
C VAL B 57 -3.68 -6.96 -12.88
N GLY B 58 -2.43 -6.52 -12.93
CA GLY B 58 -1.74 -6.36 -14.20
C GLY B 58 -1.65 -4.92 -14.64
N ASP B 59 -2.18 -4.03 -13.83
CA ASP B 59 -2.16 -2.59 -14.14
C ASP B 59 -1.07 -1.88 -13.35
N LYS B 60 -0.23 -1.13 -14.06
CA LYS B 60 0.85 -0.39 -13.43
C LYS B 60 0.33 0.55 -12.35
N VAL B 61 1.15 0.80 -11.34
CA VAL B 61 0.77 1.68 -10.23
C VAL B 61 1.60 2.96 -10.26
N LYS B 62 1.10 3.99 -9.58
CA LYS B 62 1.80 5.27 -9.51
C LYS B 62 1.62 5.92 -8.14
N THR B 63 2.71 6.44 -7.60
CA THR B 63 2.68 7.08 -6.29
C THR B 63 1.62 8.18 -6.22
N GLY B 64 0.84 8.17 -5.15
CA GLY B 64 -0.21 9.16 -4.98
C GLY B 64 -1.59 8.61 -5.28
N SER B 65 -1.63 7.49 -6.00
CA SER B 65 -2.89 6.85 -6.36
C SER B 65 -3.26 5.76 -5.35
N LEU B 66 -4.55 5.48 -5.24
CA LEU B 66 -5.03 4.45 -4.31
C LEU B 66 -4.89 3.07 -4.93
N ILE B 67 -4.87 2.04 -4.08
CA ILE B 67 -4.74 0.67 -4.55
C ILE B 67 -5.96 -0.15 -4.17
N MET B 68 -6.33 -0.12 -2.89
CA MET B 68 -7.48 -0.86 -2.40
C MET B 68 -8.11 -0.17 -1.19
N ILE B 69 -9.32 -0.59 -0.84
CA ILE B 69 -10.03 -0.02 0.31
C ILE B 69 -10.48 -1.12 1.26
N PHE B 70 -10.28 -0.88 2.56
CA PHE B 70 -10.66 -1.87 3.56
C PHE B 70 -11.69 -1.29 4.53
N GLU B 71 -12.61 -2.13 4.99
CA GLU B 71 -13.63 -1.69 5.92
C GLU B 71 -13.45 -2.39 7.27
N VAL B 72 -12.73 -1.74 8.17
CA VAL B 72 -12.48 -2.28 9.50
C VAL B 72 -13.63 -1.99 10.45
N GLU B 73 -14.27 -3.06 10.93
CA GLU B 73 -15.38 -2.91 11.86
C GLU B 73 -14.90 -2.89 13.30
N GLY B 74 -15.56 -2.08 14.13
CA GLY B 74 -15.17 -1.98 15.53
C GLY B 74 -15.22 -3.32 16.25
N ALA B 75 -16.11 -4.20 15.80
CA ALA B 75 -16.25 -5.51 16.40
C ALA B 75 -15.00 -6.37 16.17
N ALA B 76 -14.78 -7.33 17.05
CA ALA B 76 -13.62 -8.21 16.95
C ALA B 76 -13.79 -9.21 15.81
N PRO B 77 -12.68 -9.72 15.26
CA PRO B 77 -12.72 -10.70 14.16
C PRO B 77 -13.55 -11.93 14.50
N ALA B 78 -13.77 -12.77 13.51
CA ALA B 78 -14.55 -13.99 13.69
C ALA B 78 -15.97 -13.67 14.15
N ALA B 79 -16.90 -13.63 13.21
CA ALA B 79 -18.29 -13.34 13.51
C ALA B 79 -19.22 -13.83 12.41
N ALA B 80 -18.67 -13.95 11.20
CA ALA B 80 -19.45 -14.40 10.05
C ALA B 80 -18.92 -15.72 9.51
N PRO B 81 -19.45 -16.86 9.99
CA PRO B 81 -19.02 -18.19 9.55
C PRO B 81 -19.42 -18.47 8.10
N ALA B 82 -20.29 -17.62 7.56
CA ALA B 82 -20.76 -17.77 6.18
C ALA B 82 -21.42 -19.12 5.97
N LYS B 83 -21.85 -19.75 7.06
CA LYS B 83 -22.52 -21.05 7.00
C LYS B 83 -21.58 -22.12 6.45
N GLN B 84 -21.28 -23.11 7.29
CA GLN B 84 -20.40 -24.22 6.91
C GLN B 84 -18.97 -23.72 6.67
N GLU B 85 -18.00 -24.56 7.02
CA GLU B 85 -16.58 -24.21 6.84
C GLU B 85 -16.25 -22.93 7.59
N MET A 1 -85.15 -32.14 11.58
CA MET A 1 -85.77 -30.78 11.67
C MET A 1 -85.06 -29.81 10.74
N VAL A 2 -85.79 -28.81 10.27
CA VAL A 2 -85.25 -27.80 9.37
C VAL A 2 -85.62 -26.39 9.83
N LYS A 3 -84.65 -25.48 9.78
CA LYS A 3 -84.88 -24.10 10.19
C LYS A 3 -85.44 -23.29 9.02
N GLU A 4 -85.64 -22.00 9.26
CA GLU A 4 -86.16 -21.10 8.23
C GLU A 4 -85.07 -20.67 7.26
N VAL A 5 -83.84 -20.57 7.77
CA VAL A 5 -82.71 -20.16 6.96
C VAL A 5 -81.53 -21.11 7.13
N ASN A 6 -81.23 -21.87 6.08
CA ASN A 6 -80.12 -22.82 6.11
C ASN A 6 -79.50 -23.00 4.73
N VAL A 7 -78.29 -23.54 4.69
CA VAL A 7 -77.59 -23.77 3.43
C VAL A 7 -78.26 -24.88 2.62
N PRO A 8 -78.51 -24.66 1.32
CA PRO A 8 -79.15 -25.67 0.46
C PRO A 8 -78.27 -26.90 0.25
N ASP A 9 -78.90 -28.02 -0.05
CA ASP A 9 -78.18 -29.28 -0.26
C ASP A 9 -77.32 -29.18 -1.52
N ILE A 10 -76.32 -30.07 -1.60
CA ILE A 10 -75.41 -30.10 -2.74
C ILE A 10 -74.56 -28.84 -2.82
N VAL A 11 -73.25 -29.02 -2.89
CA VAL A 11 -72.32 -27.90 -2.97
C VAL A 11 -71.99 -27.56 -4.42
N GLU A 12 -71.87 -26.27 -4.71
CA GLU A 12 -71.55 -25.82 -6.06
C GLU A 12 -70.22 -25.07 -6.09
N VAL A 13 -69.84 -24.50 -4.94
CA VAL A 13 -68.59 -23.76 -4.84
C VAL A 13 -67.86 -24.09 -3.54
N THR A 14 -66.55 -23.92 -3.56
CA THR A 14 -65.72 -24.20 -2.39
C THR A 14 -64.77 -23.05 -2.10
N GLU A 15 -64.34 -22.36 -3.16
CA GLU A 15 -63.42 -21.23 -3.04
C GLU A 15 -62.08 -21.67 -2.47
N VAL A 16 -61.01 -21.44 -3.23
CA VAL A 16 -59.67 -21.82 -2.80
C VAL A 16 -58.89 -20.60 -2.33
N MET A 17 -58.31 -20.70 -1.13
CA MET A 17 -57.53 -19.61 -0.56
C MET A 17 -56.29 -20.14 0.14
N VAL A 18 -55.13 -19.72 -0.33
CA VAL A 18 -53.86 -20.16 0.26
C VAL A 18 -53.35 -19.15 1.29
N LYS A 19 -52.90 -19.67 2.43
CA LYS A 19 -52.39 -18.82 3.50
C LYS A 19 -50.87 -18.97 3.62
N VAL A 20 -50.21 -17.89 4.05
CA VAL A 20 -48.75 -17.87 4.23
C VAL A 20 -48.04 -18.57 3.07
N GLY A 21 -46.80 -18.98 3.31
CA GLY A 21 -46.03 -19.67 2.29
C GLY A 21 -44.62 -19.12 2.17
N ASP A 22 -44.51 -17.80 2.02
CA ASP A 22 -43.22 -17.15 1.90
C ASP A 22 -42.64 -16.84 3.28
N LYS A 23 -41.83 -17.77 3.79
CA LYS A 23 -41.20 -17.61 5.10
C LYS A 23 -39.71 -17.34 4.95
N VAL A 24 -39.26 -17.25 3.70
CA VAL A 24 -37.85 -16.99 3.42
C VAL A 24 -37.43 -15.64 3.98
N ALA A 25 -38.27 -14.63 3.79
CA ALA A 25 -37.98 -13.28 4.29
C ALA A 25 -38.50 -13.10 5.71
N ALA A 26 -37.58 -13.04 6.66
CA ALA A 26 -37.94 -12.86 8.06
C ALA A 26 -36.98 -11.91 8.76
N GLU A 27 -36.10 -11.28 7.96
CA GLU A 27 -35.10 -10.33 8.46
C GLU A 27 -34.45 -10.83 9.75
N GLN A 28 -33.84 -9.91 10.49
CA GLN A 28 -33.17 -10.26 11.75
C GLN A 28 -33.30 -9.12 12.75
N SER A 29 -33.03 -9.43 14.02
CA SER A 29 -33.12 -8.43 15.09
C SER A 29 -31.86 -8.46 15.96
N LEU A 30 -30.91 -7.59 15.66
CA LEU A 30 -29.67 -7.52 16.42
C LEU A 30 -29.20 -6.07 16.55
N ILE A 31 -29.30 -5.52 17.76
CA ILE A 31 -28.88 -4.15 18.01
C ILE A 31 -27.65 -4.10 18.91
N THR A 32 -26.50 -3.86 18.30
CA THR A 32 -25.24 -3.79 19.04
C THR A 32 -24.21 -2.96 18.29
N VAL A 33 -24.56 -2.53 17.08
CA VAL A 33 -23.66 -1.73 16.25
C VAL A 33 -23.30 -0.42 16.95
N GLU A 34 -22.09 0.07 16.70
CA GLU A 34 -21.63 1.31 17.30
C GLU A 34 -20.71 2.07 16.36
N GLY A 35 -19.68 1.39 15.87
CA GLY A 35 -18.74 2.01 14.97
C GLY A 35 -19.27 2.12 13.55
N ASP A 36 -19.47 3.35 13.07
CA ASP A 36 -19.97 3.59 11.73
C ASP A 36 -18.91 4.26 10.87
N LYS A 37 -18.77 3.79 9.64
CA LYS A 37 -17.79 4.35 8.70
C LYS A 37 -16.38 4.28 9.28
N ALA A 38 -15.69 3.17 9.02
CA ALA A 38 -14.33 2.97 9.50
C ALA A 38 -13.39 2.60 8.36
N SER A 39 -13.95 2.38 7.18
CA SER A 39 -13.15 2.03 6.01
C SER A 39 -12.13 3.11 5.71
N MET A 40 -10.97 2.72 5.21
CA MET A 40 -9.90 3.67 4.89
C MET A 40 -9.15 3.27 3.63
N GLU A 41 -9.13 4.18 2.66
CA GLU A 41 -8.45 3.94 1.39
C GLU A 41 -6.94 4.13 1.56
N VAL A 42 -6.17 3.22 0.97
CA VAL A 42 -4.72 3.28 1.05
C VAL A 42 -4.10 3.51 -0.34
N PRO A 43 -3.04 4.34 -0.43
CA PRO A 43 -2.38 4.64 -1.68
C PRO A 43 -1.07 3.85 -1.85
N ALA A 44 -0.49 3.95 -3.04
CA ALA A 44 0.76 3.25 -3.33
C ALA A 44 1.97 4.07 -2.86
N PRO A 45 3.00 3.40 -2.30
CA PRO A 45 4.21 4.07 -1.81
C PRO A 45 5.06 4.65 -2.94
N PHE A 46 5.26 3.87 -3.99
CA PHE A 46 6.07 4.31 -5.13
C PHE A 46 5.47 3.82 -6.44
N ALA A 47 5.85 4.47 -7.54
CA ALA A 47 5.35 4.09 -8.87
C ALA A 47 5.95 2.76 -9.30
N GLY A 48 5.22 2.03 -10.14
CA GLY A 48 5.71 0.75 -10.61
C GLY A 48 4.63 -0.07 -11.29
N VAL A 49 5.05 -1.04 -12.09
CA VAL A 49 4.11 -1.90 -12.81
C VAL A 49 3.89 -3.20 -12.06
N VAL A 50 2.65 -3.66 -12.03
CA VAL A 50 2.30 -4.90 -11.35
C VAL A 50 2.78 -6.11 -12.15
N LYS A 51 3.43 -7.05 -11.46
CA LYS A 51 3.92 -8.25 -12.11
C LYS A 51 3.46 -9.51 -11.37
N GLU A 52 3.63 -9.51 -10.05
CA GLU A 52 3.23 -10.66 -9.24
C GLU A 52 2.50 -10.21 -7.98
N LEU A 53 1.20 -10.44 -7.95
CA LEU A 53 0.38 -10.06 -6.80
C LEU A 53 0.61 -11.03 -5.64
N LYS A 54 -0.05 -10.75 -4.51
CA LYS A 54 0.08 -11.60 -3.33
C LYS A 54 -1.30 -11.98 -2.79
N VAL A 55 -2.23 -11.03 -2.85
CA VAL A 55 -3.58 -11.27 -2.36
C VAL A 55 -4.61 -11.08 -3.48
N ASN A 56 -5.65 -11.91 -3.47
CA ASN A 56 -6.70 -11.83 -4.48
C ASN A 56 -7.88 -11.02 -3.97
N VAL A 57 -8.59 -10.37 -4.89
CA VAL A 57 -9.75 -9.56 -4.54
C VAL A 57 -10.78 -10.39 -3.79
N GLY A 58 -11.23 -9.86 -2.64
CA GLY A 58 -12.22 -10.56 -1.84
C GLY A 58 -11.59 -11.33 -0.70
N ASP A 59 -10.26 -11.32 -0.65
CA ASP A 59 -9.53 -12.03 0.40
C ASP A 59 -8.99 -11.06 1.44
N LYS A 60 -9.49 -11.18 2.68
CA LYS A 60 -9.06 -10.34 3.79
C LYS A 60 -7.54 -10.24 3.89
N VAL A 61 -7.08 -9.32 4.74
CA VAL A 61 -5.65 -9.09 4.94
C VAL A 61 -5.33 -8.96 6.42
N LYS A 62 -4.05 -9.08 6.75
CA LYS A 62 -3.62 -8.97 8.15
C LYS A 62 -2.31 -8.20 8.26
N THR A 63 -2.11 -7.55 9.40
CA THR A 63 -0.89 -6.78 9.64
C THR A 63 0.35 -7.65 9.55
N GLY A 64 1.31 -7.22 8.73
CA GLY A 64 2.54 -7.96 8.57
C GLY A 64 2.52 -8.86 7.34
N SER A 65 1.38 -8.89 6.65
CA SER A 65 1.24 -9.71 5.45
C SER A 65 1.36 -8.86 4.20
N LEU A 66 2.09 -9.38 3.21
CA LEU A 66 2.29 -8.67 1.95
C LEU A 66 0.97 -8.54 1.18
N ILE A 67 0.93 -7.60 0.23
CA ILE A 67 -0.27 -7.38 -0.58
C ILE A 67 0.06 -7.40 -2.06
N MET A 68 1.21 -6.83 -2.43
CA MET A 68 1.63 -6.79 -3.83
C MET A 68 3.11 -6.43 -3.95
N ILE A 69 3.70 -6.79 -5.07
CA ILE A 69 5.11 -6.51 -5.32
C ILE A 69 5.28 -5.82 -6.68
N PHE A 70 6.00 -4.70 -6.68
CA PHE A 70 6.23 -3.96 -7.92
C PHE A 70 7.62 -4.22 -8.49
N GLU A 71 7.65 -4.62 -9.76
CA GLU A 71 8.92 -4.90 -10.44
C GLU A 71 9.40 -3.65 -11.17
N VAL A 72 10.22 -2.86 -10.49
CA VAL A 72 10.75 -1.63 -11.06
C VAL A 72 12.19 -1.83 -11.55
N GLU A 73 12.60 -1.02 -12.52
CA GLU A 73 13.94 -1.12 -13.07
C GLU A 73 14.64 0.23 -13.03
N GLY A 74 15.61 0.38 -12.12
CA GLY A 74 16.34 1.62 -12.00
C GLY A 74 17.73 1.42 -11.40
N ALA A 75 17.82 0.51 -10.44
CA ALA A 75 19.09 0.21 -9.79
C ALA A 75 19.82 -0.93 -10.49
N ALA A 76 21.07 -0.70 -10.85
CA ALA A 76 21.89 -1.71 -11.53
C ALA A 76 22.19 -2.88 -10.60
N PRO A 77 22.48 -4.07 -11.16
CA PRO A 77 22.79 -5.27 -10.37
C PRO A 77 24.07 -5.10 -9.54
N ALA A 78 24.80 -4.02 -9.82
CA ALA A 78 26.03 -3.73 -9.11
C ALA A 78 25.77 -2.98 -7.81
N ALA A 79 24.55 -3.14 -7.28
CA ALA A 79 24.14 -2.48 -6.05
C ALA A 79 24.14 -0.96 -6.21
N ALA A 80 25.30 -0.35 -5.93
CA ALA A 80 25.43 1.10 -6.04
C ALA A 80 26.21 1.49 -7.30
N PRO A 81 25.84 2.62 -7.93
CA PRO A 81 26.51 3.09 -9.15
C PRO A 81 27.83 3.79 -8.83
N ALA A 82 28.74 3.77 -9.80
CA ALA A 82 30.05 4.40 -9.63
C ALA A 82 30.20 5.61 -10.53
N LYS A 83 30.74 6.69 -9.98
CA LYS A 83 30.95 7.93 -10.75
C LYS A 83 32.37 8.44 -10.58
N GLN A 84 32.89 9.07 -11.62
CA GLN A 84 34.25 9.62 -11.58
C GLN A 84 34.23 11.13 -11.78
N GLU A 85 35.41 11.74 -11.76
CA GLU A 85 35.53 13.18 -11.92
C GLU A 85 36.20 13.53 -13.25
N MET B 1 32.03 -52.85 -44.04
CA MET B 1 33.27 -52.05 -44.13
C MET B 1 33.17 -51.01 -45.25
N VAL B 2 33.54 -49.78 -44.94
CA VAL B 2 33.50 -48.69 -45.90
C VAL B 2 34.82 -48.59 -46.66
N LYS B 3 35.91 -48.92 -45.99
CA LYS B 3 37.24 -48.86 -46.60
C LYS B 3 37.76 -50.28 -46.88
N GLU B 4 38.64 -50.40 -47.87
CA GLU B 4 39.21 -51.69 -48.23
C GLU B 4 40.69 -51.75 -47.85
N VAL B 5 41.28 -52.94 -47.96
CA VAL B 5 42.69 -53.13 -47.64
C VAL B 5 43.58 -52.69 -48.79
N ASN B 6 44.37 -51.66 -48.55
CA ASN B 6 45.29 -51.12 -49.56
C ASN B 6 44.51 -50.63 -50.78
N VAL B 7 44.31 -49.32 -50.86
CA VAL B 7 43.58 -48.72 -51.98
C VAL B 7 44.55 -48.05 -52.96
N PRO B 8 44.39 -48.30 -54.28
CA PRO B 8 45.25 -47.71 -55.30
C PRO B 8 44.99 -46.23 -55.49
N ASP B 9 46.04 -45.42 -55.38
CA ASP B 9 45.93 -43.97 -55.53
C ASP B 9 44.95 -43.40 -54.52
N ILE B 10 44.71 -42.09 -54.60
CA ILE B 10 43.80 -41.42 -53.68
C ILE B 10 43.13 -40.23 -54.35
N VAL B 11 41.87 -39.99 -54.01
CA VAL B 11 41.12 -38.87 -54.57
C VAL B 11 41.51 -37.56 -53.90
N GLU B 12 41.65 -36.51 -54.70
CA GLU B 12 42.01 -35.19 -54.19
C GLU B 12 41.07 -34.12 -54.73
N VAL B 13 40.45 -33.37 -53.83
CA VAL B 13 39.52 -32.31 -54.20
C VAL B 13 39.92 -30.98 -53.58
N THR B 14 39.26 -29.90 -54.02
CA THR B 14 39.53 -28.57 -53.51
C THR B 14 38.99 -28.40 -52.09
N GLU B 15 39.63 -27.52 -51.33
CA GLU B 15 39.23 -27.27 -49.95
C GLU B 15 38.62 -25.88 -49.81
N VAL B 16 37.31 -25.82 -49.57
CA VAL B 16 36.62 -24.56 -49.40
C VAL B 16 36.48 -24.19 -47.93
N MET B 17 36.97 -25.07 -47.06
CA MET B 17 36.91 -24.84 -45.62
C MET B 17 38.02 -23.89 -45.18
N VAL B 18 37.65 -22.66 -44.86
CA VAL B 18 38.62 -21.65 -44.43
C VAL B 18 38.04 -20.75 -43.34
N LYS B 19 38.69 -20.74 -42.18
CA LYS B 19 38.25 -19.93 -41.04
C LYS B 19 36.82 -20.26 -40.65
N VAL B 20 35.85 -19.60 -41.27
CA VAL B 20 34.45 -19.82 -40.97
C VAL B 20 33.56 -19.38 -42.13
N GLY B 21 32.49 -20.14 -42.37
CA GLY B 21 31.59 -19.81 -43.45
C GLY B 21 30.16 -19.58 -42.97
N ASP B 22 29.85 -20.07 -41.78
CA ASP B 22 28.53 -19.92 -41.21
C ASP B 22 28.59 -19.57 -39.72
N LYS B 23 28.18 -18.36 -39.38
CA LYS B 23 28.19 -17.90 -37.99
C LYS B 23 29.61 -17.84 -37.45
N VAL B 24 30.15 -16.63 -37.30
CA VAL B 24 31.49 -16.44 -36.78
C VAL B 24 31.50 -16.52 -35.26
N ALA B 25 30.60 -15.79 -34.63
CA ALA B 25 30.50 -15.78 -33.17
C ALA B 25 29.11 -16.24 -32.72
N ALA B 26 28.10 -15.91 -33.52
CA ALA B 26 26.73 -16.30 -33.22
C ALA B 26 26.27 -15.73 -31.87
N GLU B 27 26.99 -14.72 -31.39
CA GLU B 27 26.67 -14.10 -30.11
C GLU B 27 25.75 -12.89 -30.32
N GLN B 28 25.28 -12.31 -29.21
CA GLN B 28 24.40 -11.15 -29.27
C GLN B 28 24.68 -10.21 -28.11
N SER B 29 23.83 -9.19 -27.96
CA SER B 29 23.98 -8.21 -26.89
C SER B 29 23.80 -8.86 -25.52
N LEU B 30 24.28 -8.19 -24.49
CA LEU B 30 24.18 -8.69 -23.13
C LEU B 30 23.14 -7.92 -22.33
N ILE B 31 22.20 -7.29 -23.04
CA ILE B 31 21.15 -6.51 -22.40
C ILE B 31 20.29 -7.38 -21.49
N THR B 32 20.35 -7.13 -20.19
CA THR B 32 19.58 -7.89 -19.22
C THR B 32 18.23 -7.21 -18.94
N VAL B 33 17.17 -7.99 -19.00
CA VAL B 33 15.82 -7.47 -18.77
C VAL B 33 15.15 -8.19 -17.59
N GLU B 34 15.49 -9.46 -17.42
CA GLU B 34 14.92 -10.27 -16.34
C GLU B 34 15.97 -10.54 -15.26
N GLY B 35 15.67 -10.12 -14.04
CA GLY B 35 16.60 -10.33 -12.94
C GLY B 35 16.83 -9.08 -12.12
N ASP B 36 15.92 -8.10 -12.28
CA ASP B 36 16.02 -6.85 -11.55
C ASP B 36 15.89 -7.08 -10.05
N LYS B 37 16.61 -6.27 -9.27
CA LYS B 37 16.58 -6.38 -7.82
C LYS B 37 15.95 -5.14 -7.20
N ALA B 38 15.60 -4.17 -8.05
CA ALA B 38 15.00 -2.93 -7.59
C ALA B 38 13.58 -3.16 -7.09
N SER B 39 13.01 -4.32 -7.43
CA SER B 39 11.66 -4.66 -6.99
C SER B 39 11.56 -4.65 -5.47
N MET B 40 10.44 -4.17 -4.95
CA MET B 40 10.25 -4.10 -3.51
C MET B 40 8.84 -4.51 -3.12
N GLU B 41 8.74 -5.46 -2.19
CA GLU B 41 7.44 -5.95 -1.73
C GLU B 41 6.85 -5.02 -0.67
N VAL B 42 5.56 -4.74 -0.79
CA VAL B 42 4.88 -3.86 0.16
C VAL B 42 3.85 -4.63 0.98
N PRO B 43 3.73 -4.32 2.29
CA PRO B 43 2.79 -4.98 3.18
C PRO B 43 1.55 -4.13 3.43
N ALA B 44 0.57 -4.71 4.15
CA ALA B 44 -0.66 -4.00 4.47
C ALA B 44 -0.51 -3.17 5.74
N PRO B 45 -1.07 -1.95 5.77
CA PRO B 45 -1.00 -1.07 6.93
C PRO B 45 -1.80 -1.59 8.12
N PHE B 46 -3.04 -2.03 7.85
CA PHE B 46 -3.90 -2.55 8.90
C PHE B 46 -4.72 -3.74 8.41
N ALA B 47 -5.26 -4.51 9.35
CA ALA B 47 -6.06 -5.68 9.00
C ALA B 47 -7.44 -5.26 8.50
N GLY B 48 -8.01 -6.07 7.62
CA GLY B 48 -9.32 -5.78 7.06
C GLY B 48 -9.66 -6.65 5.88
N VAL B 49 -10.94 -6.75 5.55
CA VAL B 49 -11.37 -7.56 4.42
C VAL B 49 -11.56 -6.73 3.16
N VAL B 50 -11.20 -7.31 2.02
CA VAL B 50 -11.32 -6.62 0.74
C VAL B 50 -12.78 -6.55 0.29
N LYS B 51 -13.19 -5.39 -0.19
CA LYS B 51 -14.56 -5.20 -0.65
C LYS B 51 -14.60 -4.52 -2.01
N GLU B 52 -13.86 -3.43 -2.15
CA GLU B 52 -13.80 -2.69 -3.41
C GLU B 52 -12.36 -2.31 -3.76
N LEU B 53 -11.81 -2.95 -4.78
CA LEU B 53 -10.45 -2.68 -5.21
C LEU B 53 -10.38 -1.38 -5.99
N LYS B 54 -9.18 -1.01 -6.42
CA LYS B 54 -8.98 0.22 -7.20
C LYS B 54 -8.16 -0.07 -8.45
N VAL B 55 -7.16 -0.94 -8.31
CA VAL B 55 -6.30 -1.30 -9.43
C VAL B 55 -6.38 -2.79 -9.74
N ASN B 56 -6.33 -3.13 -11.01
CA ASN B 56 -6.39 -4.54 -11.43
C ASN B 56 -5.00 -5.09 -11.67
N VAL B 57 -4.85 -6.39 -11.47
CA VAL B 57 -3.56 -7.05 -11.65
C VAL B 57 -3.04 -6.83 -13.08
N GLY B 58 -1.78 -6.40 -13.18
CA GLY B 58 -1.18 -6.16 -14.48
C GLY B 58 -1.17 -4.69 -14.84
N ASP B 59 -1.89 -3.89 -14.07
CA ASP B 59 -1.97 -2.46 -14.30
C ASP B 59 -0.99 -1.70 -13.42
N LYS B 60 -0.13 -0.90 -14.05
CA LYS B 60 0.88 -0.13 -13.33
C LYS B 60 0.24 0.76 -12.26
N VAL B 61 1.10 1.42 -11.48
CA VAL B 61 0.65 2.31 -10.42
C VAL B 61 1.49 3.58 -10.40
N LYS B 62 1.00 4.59 -9.69
CA LYS B 62 1.72 5.86 -9.60
C LYS B 62 1.55 6.48 -8.22
N THR B 63 2.54 7.28 -7.81
CA THR B 63 2.51 7.93 -6.51
C THR B 63 1.30 8.84 -6.38
N GLY B 64 0.56 8.68 -5.28
CA GLY B 64 -0.62 9.49 -5.05
C GLY B 64 -1.90 8.82 -5.50
N SER B 65 -1.76 7.66 -6.15
CA SER B 65 -2.91 6.91 -6.64
C SER B 65 -3.27 5.78 -5.67
N LEU B 66 -4.57 5.61 -5.44
CA LEU B 66 -5.05 4.56 -4.54
C LEU B 66 -4.81 3.17 -5.14
N ILE B 67 -4.83 2.15 -4.30
CA ILE B 67 -4.62 0.78 -4.74
C ILE B 67 -5.73 -0.14 -4.27
N MET B 68 -6.23 0.09 -3.05
CA MET B 68 -7.29 -0.73 -2.49
C MET B 68 -7.89 -0.09 -1.24
N ILE B 69 -9.13 -0.44 -0.94
CA ILE B 69 -9.82 0.08 0.23
C ILE B 69 -10.34 -1.07 1.09
N PHE B 70 -10.17 -0.96 2.40
CA PHE B 70 -10.60 -2.00 3.32
C PHE B 70 -11.81 -1.56 4.13
N GLU B 71 -12.88 -2.35 4.05
CA GLU B 71 -14.10 -2.05 4.78
C GLU B 71 -14.08 -2.70 6.16
N VAL B 72 -13.60 -1.97 7.15
CA VAL B 72 -13.51 -2.48 8.51
C VAL B 72 -14.66 -1.96 9.38
N GLU B 73 -15.00 -2.71 10.41
CA GLU B 73 -16.09 -2.34 11.30
C GLU B 73 -15.65 -2.44 12.76
N GLY B 74 -15.78 -1.34 13.50
CA GLY B 74 -15.40 -1.33 14.90
C GLY B 74 -14.81 -0.01 15.33
N ALA B 75 -13.48 0.02 15.48
CA ALA B 75 -12.79 1.24 15.89
C ALA B 75 -12.51 2.14 14.70
N ALA B 76 -12.50 3.45 14.94
CA ALA B 76 -12.26 4.42 13.88
C ALA B 76 -10.79 4.86 13.88
N PRO B 77 -10.25 5.22 12.70
CA PRO B 77 -8.85 5.66 12.57
C PRO B 77 -8.57 6.94 13.36
N ALA B 78 -9.27 8.01 13.01
CA ALA B 78 -9.09 9.29 13.69
C ALA B 78 -10.29 10.21 13.44
N ALA B 79 -10.20 11.43 13.97
CA ALA B 79 -11.26 12.42 13.81
C ALA B 79 -12.59 11.90 14.36
N ALA B 80 -12.52 10.86 15.18
CA ALA B 80 -13.71 10.27 15.78
C ALA B 80 -14.43 11.26 16.70
N PRO B 81 -13.72 11.93 17.62
CA PRO B 81 -14.33 12.90 18.54
C PRO B 81 -15.05 14.02 17.81
N ALA B 82 -14.29 14.81 17.05
CA ALA B 82 -14.85 15.92 16.30
C ALA B 82 -14.03 16.19 15.03
N LYS B 83 -14.57 17.03 14.15
CA LYS B 83 -13.88 17.37 12.91
C LYS B 83 -12.63 18.19 13.19
N GLN B 84 -12.83 19.43 13.63
CA GLN B 84 -11.72 20.32 13.94
C GLN B 84 -12.14 21.40 14.93
N GLU B 85 -13.39 21.85 14.81
CA GLU B 85 -13.93 22.87 15.69
C GLU B 85 -13.10 24.15 15.60
N MET A 1 -29.23 24.92 -31.56
CA MET A 1 -29.61 23.84 -32.50
C MET A 1 -28.38 23.25 -33.17
N VAL A 2 -27.70 24.05 -33.97
CA VAL A 2 -26.50 23.61 -34.67
C VAL A 2 -25.74 24.79 -35.27
N LYS A 3 -26.47 25.86 -35.59
CA LYS A 3 -25.88 27.05 -36.18
C LYS A 3 -25.36 27.98 -35.09
N GLU A 4 -24.04 28.13 -35.02
CA GLU A 4 -23.42 28.99 -34.02
C GLU A 4 -22.65 30.12 -34.69
N VAL A 5 -23.27 31.29 -34.78
CA VAL A 5 -22.64 32.45 -35.40
C VAL A 5 -22.68 33.66 -34.47
N ASN A 6 -23.81 33.85 -33.80
CA ASN A 6 -23.98 34.96 -32.87
C ASN A 6 -23.20 34.71 -31.59
N VAL A 7 -22.14 35.49 -31.37
CA VAL A 7 -21.32 35.37 -30.19
C VAL A 7 -21.94 36.08 -28.99
N PRO A 8 -21.71 35.57 -27.77
CA PRO A 8 -22.26 36.17 -26.55
C PRO A 8 -21.43 37.36 -26.06
N ASP A 9 -22.03 38.17 -25.20
CA ASP A 9 -21.37 39.35 -24.65
C ASP A 9 -21.66 39.49 -23.16
N ILE A 10 -22.88 39.12 -22.77
CA ILE A 10 -23.29 39.20 -21.39
C ILE A 10 -23.71 37.82 -20.86
N VAL A 11 -23.23 37.49 -19.66
CA VAL A 11 -23.55 36.21 -19.04
C VAL A 11 -24.59 36.38 -17.94
N GLU A 12 -25.61 35.52 -17.97
CA GLU A 12 -26.68 35.57 -16.99
C GLU A 12 -27.30 34.19 -16.78
N VAL A 13 -27.82 33.62 -17.87
CA VAL A 13 -28.44 32.29 -17.80
C VAL A 13 -27.57 31.26 -18.53
N THR A 14 -27.36 30.11 -17.89
CA THR A 14 -26.56 29.05 -18.47
C THR A 14 -27.19 27.68 -18.20
N GLU A 15 -27.49 27.41 -16.93
CA GLU A 15 -28.09 26.15 -16.54
C GLU A 15 -27.21 24.97 -16.93
N VAL A 16 -25.93 25.27 -17.19
CA VAL A 16 -24.97 24.24 -17.57
C VAL A 16 -25.40 23.54 -18.86
N MET A 17 -24.79 23.94 -19.97
CA MET A 17 -25.11 23.35 -21.27
C MET A 17 -23.83 22.93 -22.00
N VAL A 18 -22.79 23.75 -21.89
CA VAL A 18 -21.52 23.46 -22.53
C VAL A 18 -20.58 22.71 -21.60
N LYS A 19 -19.97 21.64 -22.10
CA LYS A 19 -19.05 20.84 -21.31
C LYS A 19 -17.63 21.39 -21.41
N VAL A 20 -16.97 21.51 -20.27
CA VAL A 20 -15.60 22.03 -20.22
C VAL A 20 -14.79 21.33 -19.14
N GLY A 21 -15.46 20.95 -18.06
CA GLY A 21 -14.79 20.27 -16.96
C GLY A 21 -15.77 19.69 -15.95
N ASP A 22 -15.25 19.22 -14.83
CA ASP A 22 -16.08 18.62 -13.80
C ASP A 22 -16.81 19.71 -13.01
N LYS A 23 -17.97 19.36 -12.47
CA LYS A 23 -18.78 20.32 -11.70
C LYS A 23 -18.48 20.19 -10.21
N VAL A 24 -18.78 21.26 -9.47
CA VAL A 24 -18.55 21.29 -8.03
C VAL A 24 -17.06 21.23 -7.70
N ALA A 25 -16.63 22.04 -6.73
CA ALA A 25 -15.24 22.08 -6.32
C ALA A 25 -15.10 21.96 -4.81
N ALA A 26 -15.79 22.85 -4.10
CA ALA A 26 -15.75 22.86 -2.63
C ALA A 26 -14.33 23.03 -2.12
N GLU A 27 -13.97 24.26 -1.77
CA GLU A 27 -12.63 24.55 -1.27
C GLU A 27 -12.59 24.41 0.25
N GLN A 28 -13.51 25.08 0.94
CA GLN A 28 -13.56 25.03 2.40
C GLN A 28 -15.00 24.77 2.88
N SER A 29 -15.13 24.50 4.17
CA SER A 29 -16.44 24.25 4.77
C SER A 29 -17.08 23.00 4.15
N LEU A 30 -17.07 21.90 4.90
CA LEU A 30 -17.63 20.64 4.43
C LEU A 30 -19.12 20.56 4.78
N ILE A 31 -19.87 19.80 3.98
CA ILE A 31 -21.30 19.65 4.20
C ILE A 31 -21.65 18.20 4.51
N THR A 32 -21.21 17.29 3.64
CA THR A 32 -21.48 15.87 3.82
C THR A 32 -20.79 15.33 5.07
N VAL A 33 -21.49 14.48 5.81
CA VAL A 33 -20.96 13.91 7.03
C VAL A 33 -20.61 12.42 6.85
N GLU A 34 -21.23 11.80 5.84
CA GLU A 34 -20.99 10.38 5.56
C GLU A 34 -21.35 9.51 6.75
N GLY A 35 -21.10 8.21 6.61
CA GLY A 35 -21.41 7.28 7.68
C GLY A 35 -20.16 6.69 8.32
N ASP A 36 -19.46 5.84 7.56
CA ASP A 36 -18.25 5.21 8.05
C ASP A 36 -17.15 6.24 8.25
N LYS A 37 -16.32 6.02 9.28
CA LYS A 37 -15.23 6.92 9.58
C LYS A 37 -13.97 6.15 9.97
N ALA A 38 -14.04 4.82 9.90
CA ALA A 38 -12.92 3.98 10.24
C ALA A 38 -12.19 3.49 9.00
N SER A 39 -12.96 3.26 7.94
CA SER A 39 -12.39 2.80 6.66
C SER A 39 -11.41 3.82 6.11
N MET A 40 -10.36 3.33 5.44
CA MET A 40 -9.36 4.22 4.86
C MET A 40 -8.83 3.68 3.55
N GLU A 41 -8.90 4.51 2.51
CA GLU A 41 -8.42 4.13 1.19
C GLU A 41 -6.89 4.20 1.14
N VAL A 42 -6.24 3.06 1.28
CA VAL A 42 -4.79 2.99 1.26
C VAL A 42 -4.25 3.23 -0.15
N PRO A 43 -3.25 4.12 -0.29
CA PRO A 43 -2.64 4.43 -1.59
C PRO A 43 -1.29 3.75 -1.76
N ALA A 44 -0.79 3.77 -2.99
CA ALA A 44 0.50 3.16 -3.30
C ALA A 44 1.65 4.00 -2.76
N PRO A 45 2.70 3.36 -2.20
CA PRO A 45 3.85 4.07 -1.64
C PRO A 45 4.73 4.71 -2.72
N PHE A 46 5.02 3.94 -3.77
CA PHE A 46 5.85 4.44 -4.86
C PHE A 46 5.37 3.89 -6.21
N ALA A 47 5.69 4.61 -7.28
CA ALA A 47 5.30 4.20 -8.62
C ALA A 47 6.03 2.91 -9.03
N GLY A 48 5.44 2.17 -9.96
CA GLY A 48 6.04 0.94 -10.40
C GLY A 48 5.22 0.20 -11.45
N VAL A 49 5.50 -1.09 -11.60
CA VAL A 49 4.78 -1.92 -12.55
C VAL A 49 4.28 -3.20 -11.89
N VAL A 50 2.98 -3.44 -11.98
CA VAL A 50 2.38 -4.62 -11.39
C VAL A 50 2.77 -5.88 -12.15
N LYS A 51 3.74 -6.62 -11.61
CA LYS A 51 4.22 -7.85 -12.24
C LYS A 51 3.26 -8.99 -11.93
N GLU A 52 2.99 -9.20 -10.65
CA GLU A 52 2.09 -10.26 -10.21
C GLU A 52 1.64 -10.05 -8.76
N LEU A 53 0.39 -10.41 -8.48
CA LEU A 53 -0.16 -10.26 -7.15
C LEU A 53 -0.28 -11.61 -6.45
N LYS A 54 -0.62 -11.60 -5.16
CA LYS A 54 -0.76 -12.83 -4.40
C LYS A 54 -2.03 -12.81 -3.56
N VAL A 55 -2.84 -11.77 -3.74
CA VAL A 55 -4.09 -11.64 -2.99
C VAL A 55 -5.30 -11.64 -3.92
N ASN A 56 -6.36 -12.31 -3.49
CA ASN A 56 -7.59 -12.38 -4.29
C ASN A 56 -8.68 -11.51 -3.68
N VAL A 57 -9.54 -10.97 -4.54
CA VAL A 57 -10.63 -10.12 -4.10
C VAL A 57 -11.62 -10.90 -3.24
N GLY A 58 -11.81 -10.45 -2.00
CA GLY A 58 -12.73 -11.11 -1.11
C GLY A 58 -12.04 -11.71 0.10
N ASP A 59 -10.71 -11.82 0.03
CA ASP A 59 -9.92 -12.38 1.11
C ASP A 59 -9.44 -11.30 2.06
N LYS A 60 -9.88 -11.38 3.32
CA LYS A 60 -9.49 -10.41 4.34
C LYS A 60 -7.97 -10.28 4.43
N VAL A 61 -7.52 -9.16 4.97
CA VAL A 61 -6.09 -8.89 5.12
C VAL A 61 -5.69 -8.83 6.59
N LYS A 62 -4.39 -8.97 6.85
CA LYS A 62 -3.88 -8.91 8.22
C LYS A 62 -2.56 -8.15 8.26
N THR A 63 -2.18 -7.69 9.44
CA THR A 63 -0.94 -6.94 9.62
C THR A 63 0.27 -7.87 9.51
N GLY A 64 1.13 -7.60 8.52
CA GLY A 64 2.32 -8.41 8.33
C GLY A 64 2.25 -9.24 7.07
N SER A 65 1.13 -9.16 6.36
CA SER A 65 0.95 -9.90 5.12
C SER A 65 1.16 -9.02 3.90
N LEU A 66 1.97 -9.49 2.95
CA LEU A 66 2.24 -8.73 1.74
C LEU A 66 0.99 -8.63 0.87
N ILE A 67 1.06 -7.81 -0.18
CA ILE A 67 -0.06 -7.63 -1.08
C ILE A 67 0.40 -7.62 -2.53
N MET A 68 1.40 -6.79 -2.84
CA MET A 68 1.94 -6.71 -4.20
C MET A 68 3.41 -6.35 -4.18
N ILE A 69 4.08 -6.54 -5.31
CA ILE A 69 5.50 -6.24 -5.43
C ILE A 69 5.78 -5.49 -6.72
N PHE A 70 6.50 -4.38 -6.61
CA PHE A 70 6.84 -3.58 -7.78
C PHE A 70 8.32 -3.69 -8.13
N GLU A 71 8.60 -4.06 -9.37
CA GLU A 71 9.98 -4.19 -9.83
C GLU A 71 10.44 -2.87 -10.45
N VAL A 72 11.06 -2.02 -9.62
CA VAL A 72 11.54 -0.73 -10.08
C VAL A 72 13.01 -0.82 -10.49
N GLU A 73 13.38 -0.02 -11.49
CA GLU A 73 14.76 -0.02 -11.98
C GLU A 73 15.46 1.29 -11.63
N GLY A 74 16.22 1.28 -10.54
CA GLY A 74 16.94 2.46 -10.11
C GLY A 74 18.33 2.54 -10.71
N ALA A 75 19.20 1.64 -10.28
CA ALA A 75 20.58 1.60 -10.77
C ALA A 75 20.66 0.86 -12.11
N ALA A 76 21.33 1.47 -13.07
CA ALA A 76 21.48 0.87 -14.39
C ALA A 76 22.21 -0.47 -14.31
N PRO A 77 21.70 -1.51 -15.00
CA PRO A 77 22.33 -2.84 -14.99
C PRO A 77 23.78 -2.80 -15.46
N ALA A 78 24.57 -3.78 -15.03
CA ALA A 78 25.98 -3.85 -15.41
C ALA A 78 26.47 -5.29 -15.39
N ALA A 79 27.50 -5.57 -16.20
CA ALA A 79 28.07 -6.91 -16.29
C ALA A 79 27.04 -7.92 -16.76
N ALA A 80 27.09 -8.27 -18.04
CA ALA A 80 26.16 -9.22 -18.62
C ALA A 80 26.34 -10.62 -18.01
N PRO A 81 27.59 -11.13 -17.92
CA PRO A 81 27.84 -12.46 -17.34
C PRO A 81 27.22 -12.63 -15.96
N ALA A 82 27.09 -11.52 -15.23
CA ALA A 82 26.52 -11.55 -13.90
C ALA A 82 25.04 -11.96 -13.94
N LYS A 83 24.67 -12.88 -13.07
CA LYS A 83 23.29 -13.36 -13.00
C LYS A 83 22.76 -13.31 -11.58
N GLN A 84 23.60 -13.71 -10.62
CA GLN A 84 23.21 -13.72 -9.22
C GLN A 84 23.55 -12.39 -8.56
N GLU A 85 24.58 -11.73 -9.06
CA GLU A 85 25.01 -10.45 -8.52
C GLU A 85 24.12 -9.32 -9.03
N MET B 1 79.01 30.56 -20.10
CA MET B 1 78.87 31.37 -21.34
C MET B 1 77.52 32.07 -21.39
N VAL B 2 76.53 31.49 -20.71
CA VAL B 2 75.20 32.06 -20.67
C VAL B 2 75.22 33.49 -20.14
N LYS B 3 74.20 34.27 -20.50
CA LYS B 3 74.11 35.66 -20.06
C LYS B 3 73.16 35.80 -18.86
N GLU B 4 73.73 36.11 -17.70
CA GLU B 4 72.95 36.29 -16.47
C GLU B 4 72.24 34.99 -16.07
N VAL B 5 72.65 34.42 -14.95
CA VAL B 5 72.06 33.18 -14.45
C VAL B 5 72.25 33.05 -12.95
N ASN B 6 71.16 32.75 -12.25
CA ASN B 6 71.20 32.60 -10.80
C ASN B 6 71.68 31.20 -10.42
N VAL B 7 71.92 30.98 -9.13
CA VAL B 7 72.37 29.70 -8.64
C VAL B 7 71.49 29.18 -7.51
N PRO B 8 70.98 27.94 -7.62
CA PRO B 8 70.12 27.35 -6.59
C PRO B 8 70.80 27.27 -5.23
N ASP B 9 70.06 27.59 -4.18
CA ASP B 9 70.59 27.56 -2.82
C ASP B 9 69.51 27.20 -1.81
N ILE B 10 68.27 27.54 -2.15
CA ILE B 10 67.13 27.25 -1.27
C ILE B 10 66.81 25.76 -1.26
N VAL B 11 65.99 25.33 -0.31
CA VAL B 11 65.61 23.93 -0.19
C VAL B 11 64.52 23.57 -1.19
N GLU B 12 64.48 22.30 -1.59
CA GLU B 12 63.50 21.82 -2.55
C GLU B 12 62.13 21.70 -1.89
N VAL B 13 62.01 20.80 -0.92
CA VAL B 13 60.76 20.59 -0.22
C VAL B 13 60.99 20.44 1.28
N THR B 14 60.19 21.16 2.07
CA THR B 14 60.30 21.11 3.53
C THR B 14 59.80 19.77 4.08
N GLU B 15 59.93 19.58 5.39
CA GLU B 15 59.49 18.35 6.03
C GLU B 15 57.98 18.36 6.23
N VAL B 16 57.32 17.34 5.69
CA VAL B 16 55.87 17.21 5.82
C VAL B 16 55.44 15.75 5.75
N MET B 17 54.43 15.40 6.54
CA MET B 17 53.91 14.03 6.57
C MET B 17 52.51 13.97 5.98
N VAL B 18 52.31 13.06 5.02
CA VAL B 18 51.01 12.91 4.38
C VAL B 18 50.93 11.59 3.61
N LYS B 19 52.08 11.12 3.13
CA LYS B 19 52.14 9.88 2.37
C LYS B 19 51.64 8.70 3.23
N VAL B 20 51.75 8.85 4.55
CA VAL B 20 51.31 7.81 5.47
C VAL B 20 49.80 7.82 5.62
N GLY B 21 49.20 9.00 5.46
CA GLY B 21 47.76 9.13 5.58
C GLY B 21 47.19 10.18 4.65
N ASP B 22 47.11 9.85 3.36
CA ASP B 22 46.58 10.78 2.37
C ASP B 22 45.09 11.03 2.60
N LYS B 23 44.74 12.27 2.91
CA LYS B 23 43.35 12.65 3.16
C LYS B 23 42.70 13.21 1.90
N VAL B 24 41.59 12.62 1.49
CA VAL B 24 40.87 13.06 0.30
C VAL B 24 39.48 12.42 0.22
N ALA B 25 39.37 11.21 0.76
CA ALA B 25 38.11 10.48 0.75
C ALA B 25 37.64 10.21 -0.67
N ALA B 26 36.55 9.44 -0.79
CA ALA B 26 35.99 9.11 -2.10
C ALA B 26 34.58 8.55 -1.95
N GLU B 27 34.07 8.54 -0.73
CA GLU B 27 32.73 8.02 -0.45
C GLU B 27 31.67 9.01 -0.90
N GLN B 28 30.55 8.48 -1.39
CA GLN B 28 29.44 9.32 -1.86
C GLN B 28 28.35 9.43 -0.80
N SER B 29 27.62 10.54 -0.82
CA SER B 29 26.55 10.77 0.15
C SER B 29 25.23 10.25 -0.40
N LEU B 30 25.27 9.67 -1.59
CA LEU B 30 24.07 9.12 -2.22
C LEU B 30 24.31 7.68 -2.68
N ILE B 31 23.22 6.99 -3.01
CA ILE B 31 23.30 5.60 -3.47
C ILE B 31 23.93 4.71 -2.41
N THR B 32 23.10 4.03 -1.64
CA THR B 32 23.58 3.14 -0.59
C THR B 32 23.17 1.70 -0.86
N VAL B 33 22.55 1.46 -2.01
CA VAL B 33 22.11 0.12 -2.37
C VAL B 33 23.28 -0.75 -2.82
N GLU B 34 23.01 -2.01 -3.09
CA GLU B 34 24.04 -2.96 -3.52
C GLU B 34 24.06 -3.07 -5.04
N GLY B 35 24.69 -4.13 -5.53
CA GLY B 35 24.78 -4.36 -6.97
C GLY B 35 23.41 -4.34 -7.64
N ASP B 36 22.45 -5.04 -7.05
CA ASP B 36 21.10 -5.10 -7.61
C ASP B 36 20.07 -5.31 -6.50
N LYS B 37 19.25 -4.29 -6.27
CA LYS B 37 18.21 -4.37 -5.23
C LYS B 37 17.37 -3.10 -5.22
N ALA B 38 16.28 -3.10 -5.99
CA ALA B 38 15.39 -1.95 -6.07
C ALA B 38 13.94 -2.34 -5.77
N SER B 39 13.52 -3.50 -6.28
CA SER B 39 12.16 -3.97 -6.06
C SER B 39 11.90 -4.16 -4.56
N MET B 40 10.68 -3.85 -4.13
CA MET B 40 10.30 -3.97 -2.73
C MET B 40 8.88 -4.50 -2.59
N GLU B 41 8.73 -5.53 -1.76
CA GLU B 41 7.43 -6.13 -1.51
C GLU B 41 6.64 -5.30 -0.50
N VAL B 42 5.69 -4.52 -0.99
CA VAL B 42 4.88 -3.67 -0.13
C VAL B 42 3.85 -4.49 0.66
N PRO B 43 3.77 -4.29 1.99
CA PRO B 43 2.84 -4.99 2.85
C PRO B 43 1.63 -4.13 3.21
N ALA B 44 0.62 -4.77 3.79
CA ALA B 44 -0.59 -4.06 4.19
C ALA B 44 -0.34 -3.23 5.45
N PRO B 45 -0.90 -2.01 5.52
CA PRO B 45 -0.72 -1.13 6.68
C PRO B 45 -1.48 -1.61 7.91
N PHE B 46 -2.73 -2.03 7.72
CA PHE B 46 -3.55 -2.51 8.82
C PHE B 46 -4.48 -3.63 8.36
N ALA B 47 -4.92 -4.45 9.31
CA ALA B 47 -5.81 -5.56 9.01
C ALA B 47 -7.20 -5.06 8.65
N GLY B 48 -7.93 -5.85 7.86
CA GLY B 48 -9.27 -5.47 7.45
C GLY B 48 -9.92 -6.49 6.54
N VAL B 49 -10.88 -6.04 5.75
CA VAL B 49 -11.59 -6.92 4.82
C VAL B 49 -11.64 -6.32 3.42
N VAL B 50 -11.22 -7.10 2.43
CA VAL B 50 -11.21 -6.64 1.05
C VAL B 50 -12.63 -6.59 0.48
N LYS B 51 -13.20 -5.40 0.42
CA LYS B 51 -14.54 -5.21 -0.10
C LYS B 51 -14.53 -5.18 -1.63
N GLU B 52 -13.69 -4.31 -2.19
CA GLU B 52 -13.58 -4.19 -3.63
C GLU B 52 -12.30 -3.44 -4.02
N LEU B 53 -11.71 -3.83 -5.14
CA LEU B 53 -10.49 -3.20 -5.63
C LEU B 53 -10.77 -2.34 -6.85
N LYS B 54 -9.78 -1.57 -7.28
CA LYS B 54 -9.93 -0.69 -8.44
C LYS B 54 -8.74 -0.82 -9.37
N VAL B 55 -7.84 -1.75 -9.08
CA VAL B 55 -6.65 -1.96 -9.91
C VAL B 55 -6.63 -3.36 -10.49
N ASN B 56 -6.21 -3.46 -11.76
CA ASN B 56 -6.13 -4.75 -12.45
C ASN B 56 -4.68 -5.18 -12.59
N VAL B 57 -4.46 -6.49 -12.58
CA VAL B 57 -3.12 -7.05 -12.70
C VAL B 57 -2.53 -6.76 -14.08
N GLY B 58 -1.39 -6.07 -14.08
CA GLY B 58 -0.74 -5.73 -15.34
C GLY B 58 -0.68 -4.23 -15.57
N ASP B 59 -1.46 -3.48 -14.80
CA ASP B 59 -1.50 -2.03 -14.93
C ASP B 59 -0.50 -1.38 -13.97
N LYS B 60 0.44 -0.63 -14.53
CA LYS B 60 1.45 0.06 -13.74
C LYS B 60 0.82 0.96 -12.69
N VAL B 61 1.58 1.28 -11.64
CA VAL B 61 1.09 2.13 -10.56
C VAL B 61 1.86 3.46 -10.53
N LYS B 62 1.30 4.43 -9.83
CA LYS B 62 1.94 5.74 -9.71
C LYS B 62 1.73 6.33 -8.32
N THR B 63 2.55 7.32 -7.97
CA THR B 63 2.45 7.95 -6.66
C THR B 63 1.22 8.86 -6.58
N GLY B 64 0.31 8.54 -5.67
CA GLY B 64 -0.90 9.32 -5.50
C GLY B 64 -2.14 8.60 -5.95
N SER B 65 -1.97 7.37 -6.43
CA SER B 65 -3.09 6.57 -6.90
C SER B 65 -3.46 5.49 -5.88
N LEU B 66 -4.74 5.39 -5.55
CA LEU B 66 -5.22 4.40 -4.60
C LEU B 66 -5.07 2.99 -5.16
N ILE B 67 -5.29 1.99 -4.30
CA ILE B 67 -5.19 0.61 -4.71
C ILE B 67 -6.34 -0.23 -4.15
N MET B 68 -6.56 -0.13 -2.84
CA MET B 68 -7.64 -0.86 -2.18
C MET B 68 -8.16 -0.10 -0.97
N ILE B 69 -9.31 -0.51 -0.47
CA ILE B 69 -9.92 0.14 0.68
C ILE B 69 -10.44 -0.93 1.66
N PHE B 70 -10.18 -0.72 2.95
CA PHE B 70 -10.60 -1.67 3.97
C PHE B 70 -11.63 -1.04 4.91
N GLU B 71 -12.80 -1.67 5.00
CA GLU B 71 -13.86 -1.18 5.87
C GLU B 71 -13.70 -1.80 7.25
N VAL B 72 -13.00 -1.09 8.13
CA VAL B 72 -12.77 -1.56 9.48
C VAL B 72 -13.83 -1.04 10.44
N GLU B 73 -14.12 -1.81 11.48
CA GLU B 73 -15.11 -1.42 12.48
C GLU B 73 -14.50 -1.43 13.87
N GLY B 74 -13.72 -2.47 14.17
CA GLY B 74 -13.08 -2.58 15.47
C GLY B 74 -14.09 -2.60 16.61
N ALA B 75 -14.96 -3.60 16.61
CA ALA B 75 -15.99 -3.72 17.65
C ALA B 75 -16.19 -5.18 18.04
N ALA B 76 -16.34 -5.42 19.35
CA ALA B 76 -16.54 -6.78 19.85
C ALA B 76 -18.03 -7.06 20.06
N PRO B 77 -18.48 -8.31 19.83
CA PRO B 77 -19.88 -8.69 19.99
C PRO B 77 -20.39 -8.41 21.40
N ALA B 78 -21.66 -8.02 21.49
CA ALA B 78 -22.28 -7.71 22.77
C ALA B 78 -23.22 -8.82 23.22
N ALA B 79 -24.20 -9.14 22.37
CA ALA B 79 -25.16 -10.19 22.67
C ALA B 79 -25.84 -10.69 21.40
N ALA B 80 -25.89 -12.01 21.24
CA ALA B 80 -26.50 -12.62 20.08
C ALA B 80 -27.46 -13.74 20.49
N PRO B 81 -28.66 -13.79 19.90
CA PRO B 81 -29.65 -14.83 20.22
C PRO B 81 -29.37 -16.15 19.51
N ALA B 82 -30.03 -17.21 19.97
CA ALA B 82 -29.86 -18.54 19.38
C ALA B 82 -28.43 -19.04 19.53
N LYS B 83 -28.24 -20.03 20.40
CA LYS B 83 -26.93 -20.61 20.64
C LYS B 83 -27.02 -22.12 20.79
N GLN B 84 -26.12 -22.84 20.13
CA GLN B 84 -26.10 -24.30 20.19
C GLN B 84 -25.58 -24.78 21.54
N GLU B 85 -25.78 -26.07 21.81
CA GLU B 85 -25.35 -26.67 23.07
C GLU B 85 -25.94 -25.92 24.27
N MET A 1 -34.58 22.90 80.56
CA MET A 1 -33.78 21.65 80.59
C MET A 1 -33.89 20.92 79.25
N VAL A 2 -35.09 20.47 78.92
CA VAL A 2 -35.33 19.75 77.67
C VAL A 2 -35.73 20.72 76.56
N LYS A 3 -36.64 21.63 76.88
CA LYS A 3 -37.12 22.61 75.91
C LYS A 3 -36.05 23.69 75.67
N GLU A 4 -35.85 24.02 74.40
CA GLU A 4 -34.87 25.04 74.03
C GLU A 4 -35.55 26.29 73.48
N VAL A 5 -35.28 27.43 74.11
CA VAL A 5 -35.86 28.70 73.67
C VAL A 5 -35.36 29.09 72.28
N ASN A 6 -34.27 28.44 71.85
CA ASN A 6 -33.69 28.72 70.54
C ASN A 6 -33.87 27.51 69.61
N VAL A 7 -33.74 27.75 68.32
CA VAL A 7 -33.90 26.68 67.33
C VAL A 7 -32.58 25.93 67.14
N PRO A 8 -32.65 24.63 66.79
CA PRO A 8 -31.45 23.80 66.58
C PRO A 8 -30.70 24.19 65.31
N ASP A 9 -29.42 23.83 65.25
CA ASP A 9 -28.59 24.15 64.10
C ASP A 9 -28.20 22.88 63.35
N ILE A 10 -27.24 22.14 63.90
CA ILE A 10 -26.76 20.90 63.30
C ILE A 10 -26.09 21.17 61.95
N VAL A 11 -24.92 20.57 61.75
CA VAL A 11 -24.18 20.74 60.51
C VAL A 11 -24.99 20.25 59.31
N GLU A 12 -24.88 20.97 58.19
CA GLU A 12 -25.60 20.60 56.98
C GLU A 12 -24.99 19.37 56.32
N VAL A 13 -25.76 18.28 56.31
CA VAL A 13 -25.31 17.04 55.71
C VAL A 13 -26.49 16.18 55.27
N THR A 14 -26.60 15.95 53.97
CA THR A 14 -27.68 15.15 53.40
C THR A 14 -27.20 14.33 52.21
N GLU A 15 -27.51 13.03 52.23
CA GLU A 15 -27.11 12.14 51.14
C GLU A 15 -27.82 12.52 49.84
N VAL A 16 -27.16 12.27 48.71
CA VAL A 16 -27.73 12.59 47.40
C VAL A 16 -29.09 11.92 47.21
N MET A 17 -29.97 12.59 46.48
CA MET A 17 -31.31 12.06 46.21
C MET A 17 -32.09 11.88 47.50
N VAL A 18 -33.31 11.35 47.37
CA VAL A 18 -34.16 11.13 48.53
C VAL A 18 -34.10 9.67 48.98
N LYS A 19 -34.59 9.41 50.19
CA LYS A 19 -34.58 8.05 50.74
C LYS A 19 -35.49 7.14 49.93
N VAL A 20 -35.02 5.92 49.67
CA VAL A 20 -35.78 4.94 48.90
C VAL A 20 -36.13 5.46 47.53
N GLY A 21 -35.34 5.06 46.52
CA GLY A 21 -35.59 5.49 45.17
C GLY A 21 -34.45 5.13 44.23
N ASP A 22 -34.37 3.85 43.86
CA ASP A 22 -33.33 3.37 42.98
C ASP A 22 -33.58 3.83 41.54
N LYS A 23 -32.51 4.05 40.79
CA LYS A 23 -32.62 4.48 39.40
C LYS A 23 -32.05 3.45 38.46
N VAL A 24 -31.37 2.45 39.02
CA VAL A 24 -30.77 1.39 38.22
C VAL A 24 -31.84 0.59 37.48
N ALA A 25 -31.61 0.39 36.17
CA ALA A 25 -32.55 -0.36 35.35
C ALA A 25 -32.40 -1.86 35.55
N ALA A 26 -31.14 -2.32 35.56
CA ALA A 26 -30.85 -3.74 35.73
C ALA A 26 -31.48 -4.58 34.64
N GLU A 27 -31.86 -3.93 33.55
CA GLU A 27 -32.49 -4.63 32.42
C GLU A 27 -31.53 -4.71 31.24
N GLN A 28 -30.23 -4.78 31.53
CA GLN A 28 -29.20 -4.87 30.51
C GLN A 28 -29.21 -3.64 29.61
N SER A 29 -28.22 -2.77 29.78
CA SER A 29 -28.11 -1.56 28.98
C SER A 29 -26.74 -1.45 28.32
N LEU A 30 -26.71 -0.87 27.13
CA LEU A 30 -25.46 -0.71 26.39
C LEU A 30 -24.96 0.74 26.46
N ILE A 31 -23.82 0.92 27.12
CA ILE A 31 -23.23 2.25 27.27
C ILE A 31 -21.93 2.36 26.49
N THR A 32 -21.52 1.25 25.88
CA THR A 32 -20.29 1.23 25.10
C THR A 32 -20.45 2.00 23.80
N VAL A 33 -19.33 2.40 23.22
CA VAL A 33 -19.34 3.16 21.97
C VAL A 33 -19.37 2.22 20.76
N GLU A 34 -19.39 2.81 19.57
CA GLU A 34 -19.42 2.03 18.34
C GLU A 34 -18.46 2.61 17.30
N GLY A 35 -17.80 1.73 16.56
CA GLY A 35 -16.85 2.17 15.54
C GLY A 35 -17.54 2.49 14.23
N ASP A 36 -18.28 3.59 14.22
CA ASP A 36 -18.99 4.02 13.01
C ASP A 36 -18.00 4.59 11.99
N LYS A 37 -18.05 4.06 10.77
CA LYS A 37 -17.17 4.51 9.69
C LYS A 37 -15.71 4.34 10.09
N ALA A 38 -15.12 3.21 9.72
CA ALA A 38 -13.72 2.93 10.05
C ALA A 38 -12.90 2.68 8.79
N SER A 39 -13.57 2.32 7.70
CA SER A 39 -12.90 2.06 6.43
C SER A 39 -12.12 3.28 5.99
N MET A 40 -10.96 3.05 5.35
CA MET A 40 -10.12 4.15 4.88
C MET A 40 -9.29 3.72 3.68
N GLU A 41 -9.34 4.54 2.63
CA GLU A 41 -8.57 4.27 1.42
C GLU A 41 -7.08 4.44 1.67
N VAL A 42 -6.27 3.66 0.96
CA VAL A 42 -4.82 3.72 1.11
C VAL A 42 -4.14 3.99 -0.23
N PRO A 43 -3.04 4.76 -0.22
CA PRO A 43 -2.29 5.09 -1.43
C PRO A 43 -1.02 4.25 -1.57
N ALA A 44 -0.66 3.94 -2.82
CA ALA A 44 0.54 3.15 -3.08
C ALA A 44 1.79 3.83 -2.51
N PRO A 45 2.76 3.05 -2.02
CA PRO A 45 4.00 3.59 -1.44
C PRO A 45 4.89 4.26 -2.49
N PHE A 46 5.14 3.54 -3.58
CA PHE A 46 5.98 4.07 -4.66
C PHE A 46 5.51 3.56 -6.01
N ALA A 47 5.72 4.37 -7.04
CA ALA A 47 5.33 4.01 -8.40
C ALA A 47 5.93 2.65 -8.78
N GLY A 48 5.18 1.89 -9.56
CA GLY A 48 5.65 0.58 -9.97
C GLY A 48 4.75 -0.10 -10.98
N VAL A 49 5.00 -1.37 -11.24
CA VAL A 49 4.21 -2.13 -12.19
C VAL A 49 3.75 -3.45 -11.56
N VAL A 50 2.46 -3.74 -11.69
CA VAL A 50 1.90 -4.96 -11.13
C VAL A 50 2.35 -6.18 -11.92
N LYS A 51 3.22 -6.99 -11.31
CA LYS A 51 3.73 -8.19 -11.95
C LYS A 51 3.22 -9.44 -11.25
N GLU A 52 3.33 -9.45 -9.93
CA GLU A 52 2.87 -10.59 -9.13
C GLU A 52 1.87 -10.15 -8.07
N LEU A 53 0.61 -10.49 -8.28
CA LEU A 53 -0.46 -10.13 -7.35
C LEU A 53 -0.64 -11.23 -6.30
N LYS A 54 -0.54 -10.87 -5.03
CA LYS A 54 -0.68 -11.82 -3.93
C LYS A 54 -2.04 -11.68 -3.25
N VAL A 55 -2.82 -10.71 -3.70
CA VAL A 55 -4.15 -10.48 -3.12
C VAL A 55 -5.24 -10.64 -4.17
N ASN A 56 -6.37 -11.22 -3.75
CA ASN A 56 -7.49 -11.45 -4.65
C ASN A 56 -8.76 -10.82 -4.08
N VAL A 57 -9.67 -10.44 -4.97
CA VAL A 57 -10.93 -9.83 -4.55
C VAL A 57 -11.66 -10.72 -3.56
N GLY A 58 -11.91 -10.20 -2.36
CA GLY A 58 -12.59 -10.96 -1.34
C GLY A 58 -11.63 -11.72 -0.43
N ASP A 59 -10.35 -11.37 -0.51
CA ASP A 59 -9.34 -12.02 0.30
C ASP A 59 -8.90 -11.12 1.46
N LYS A 60 -9.30 -11.49 2.67
CA LYS A 60 -8.96 -10.74 3.87
C LYS A 60 -7.47 -10.40 3.91
N VAL A 61 -7.14 -9.29 4.56
CA VAL A 61 -5.75 -8.86 4.68
C VAL A 61 -5.38 -8.62 6.14
N LYS A 62 -4.09 -8.70 6.45
CA LYS A 62 -3.61 -8.49 7.81
C LYS A 62 -2.34 -7.67 7.82
N THR A 63 -2.15 -6.90 8.88
CA THR A 63 -0.96 -6.06 9.02
C THR A 63 0.31 -6.89 9.07
N GLY A 64 1.28 -6.53 8.24
CA GLY A 64 2.54 -7.26 8.20
C GLY A 64 2.60 -8.24 7.05
N SER A 65 1.44 -8.55 6.48
CA SER A 65 1.38 -9.50 5.36
C SER A 65 1.65 -8.79 4.04
N LEU A 66 2.07 -9.56 3.04
CA LEU A 66 2.38 -9.01 1.73
C LEU A 66 1.09 -8.79 0.92
N ILE A 67 1.16 -7.87 -0.04
CA ILE A 67 -0.01 -7.57 -0.87
C ILE A 67 0.34 -7.62 -2.36
N MET A 68 1.43 -6.96 -2.74
CA MET A 68 1.86 -6.93 -4.13
C MET A 68 3.26 -6.36 -4.26
N ILE A 69 4.04 -6.92 -5.19
CA ILE A 69 5.41 -6.47 -5.43
C ILE A 69 5.52 -5.75 -6.76
N PHE A 70 6.28 -4.66 -6.80
CA PHE A 70 6.47 -3.88 -8.01
C PHE A 70 7.88 -3.99 -8.55
N GLU A 71 8.01 -4.28 -9.83
CA GLU A 71 9.31 -4.39 -10.47
C GLU A 71 9.65 -3.05 -11.11
N VAL A 72 10.35 -2.20 -10.37
CA VAL A 72 10.72 -0.88 -10.85
C VAL A 72 12.15 -0.86 -11.36
N GLU A 73 12.45 0.13 -12.21
CA GLU A 73 13.79 0.27 -12.79
C GLU A 73 14.46 1.55 -12.29
N GLY A 74 15.45 1.40 -11.43
CA GLY A 74 16.16 2.55 -10.90
C GLY A 74 17.35 2.95 -11.75
N ALA A 75 18.39 2.15 -11.72
CA ALA A 75 19.60 2.42 -12.50
C ALA A 75 19.51 1.80 -13.88
N ALA A 76 20.00 2.53 -14.88
CA ALA A 76 19.97 2.05 -16.27
C ALA A 76 20.79 0.76 -16.42
N PRO A 77 20.35 -0.15 -17.31
CA PRO A 77 21.04 -1.42 -17.55
C PRO A 77 22.31 -1.24 -18.38
N ALA A 78 22.16 -0.59 -19.54
CA ALA A 78 23.29 -0.35 -20.42
C ALA A 78 22.93 0.66 -21.51
N ALA A 79 23.43 1.89 -21.36
CA ALA A 79 23.15 2.94 -22.32
C ALA A 79 24.40 3.29 -23.12
N ALA A 80 24.47 2.83 -24.36
CA ALA A 80 25.61 3.11 -25.22
C ALA A 80 25.63 4.57 -25.67
N PRO A 81 24.51 5.08 -26.24
CA PRO A 81 24.44 6.47 -26.71
C PRO A 81 24.25 7.46 -25.55
N ALA A 82 23.95 6.93 -24.38
CA ALA A 82 23.75 7.75 -23.19
C ALA A 82 22.60 8.74 -23.39
N LYS A 83 22.39 9.61 -22.41
CA LYS A 83 21.33 10.60 -22.48
C LYS A 83 21.91 12.00 -22.68
N GLN A 84 21.09 12.89 -23.25
CA GLN A 84 21.50 14.27 -23.50
C GLN A 84 22.66 14.31 -24.51
N GLU A 85 22.37 14.83 -25.70
CA GLU A 85 23.39 14.92 -26.75
C GLU A 85 23.55 16.38 -27.21
N MET B 1 63.88 31.07 -2.26
CA MET B 1 62.49 31.53 -2.46
C MET B 1 61.87 31.99 -1.14
N VAL B 2 62.30 31.35 -0.05
CA VAL B 2 61.79 31.70 1.28
C VAL B 2 62.92 32.20 2.17
N LYS B 3 62.57 33.11 3.09
CA LYS B 3 63.56 33.67 4.01
C LYS B 3 63.53 32.93 5.34
N GLU B 4 62.37 32.37 5.68
CA GLU B 4 62.22 31.63 6.93
C GLU B 4 62.82 30.24 6.80
N VAL B 5 64.03 30.05 7.35
CA VAL B 5 64.71 28.77 7.30
C VAL B 5 64.18 27.83 8.38
N ASN B 6 63.79 26.63 7.97
CA ASN B 6 63.27 25.64 8.90
C ASN B 6 64.02 24.31 8.79
N VAL B 7 63.64 23.35 9.63
CA VAL B 7 64.28 22.04 9.62
C VAL B 7 63.55 21.07 8.68
N PRO B 8 64.26 20.04 8.18
CA PRO B 8 63.65 19.05 7.27
C PRO B 8 62.57 18.22 7.96
N ASP B 9 61.40 18.15 7.33
CA ASP B 9 60.28 17.40 7.89
C ASP B 9 60.56 15.90 7.85
N ILE B 10 60.66 15.30 9.03
CA ILE B 10 60.92 13.87 9.15
C ILE B 10 60.12 13.26 10.30
N VAL B 11 59.78 14.10 11.28
CA VAL B 11 59.01 13.66 12.44
C VAL B 11 57.82 14.58 12.69
N GLU B 12 56.70 14.00 13.06
CA GLU B 12 55.49 14.76 13.34
C GLU B 12 55.62 15.57 14.62
N VAL B 13 55.66 16.88 14.49
CA VAL B 13 55.80 17.77 15.63
C VAL B 13 54.56 18.67 15.78
N THR B 14 53.94 18.99 14.65
CA THR B 14 52.75 19.83 14.66
C THR B 14 51.49 19.00 14.43
N GLU B 15 51.67 17.77 13.96
CA GLU B 15 50.55 16.89 13.70
C GLU B 15 50.22 16.05 14.93
N VAL B 16 48.97 15.60 15.03
CA VAL B 16 48.52 14.80 16.15
C VAL B 16 49.31 13.50 16.26
N MET B 17 49.91 13.08 15.14
CA MET B 17 50.70 11.86 15.10
C MET B 17 49.86 10.63 15.44
N VAL B 18 49.47 9.88 14.42
CA VAL B 18 48.65 8.69 14.61
C VAL B 18 49.44 7.60 15.32
N LYS B 19 48.74 6.77 16.09
CA LYS B 19 49.38 5.68 16.82
C LYS B 19 50.11 4.73 15.88
N VAL B 20 49.35 3.86 15.21
CA VAL B 20 49.93 2.90 14.29
C VAL B 20 49.22 2.93 12.94
N GLY B 21 48.02 2.36 12.89
CA GLY B 21 47.25 2.33 11.65
C GLY B 21 46.75 0.94 11.32
N ASP B 22 45.45 0.82 11.11
CA ASP B 22 44.84 -0.47 10.77
C ASP B 22 44.70 -0.63 9.26
N LYS B 23 44.61 -1.88 8.81
CA LYS B 23 44.47 -2.17 7.39
C LYS B 23 43.01 -2.32 7.00
N VAL B 24 42.58 -1.56 6.00
CA VAL B 24 41.21 -1.61 5.53
C VAL B 24 41.04 -2.60 4.39
N ALA B 25 42.07 -3.43 4.18
CA ALA B 25 42.05 -4.43 3.12
C ALA B 25 41.25 -5.65 3.53
N ALA B 26 40.74 -6.38 2.55
CA ALA B 26 39.95 -7.58 2.81
C ALA B 26 40.85 -8.81 2.91
N GLU B 27 40.28 -9.93 3.37
CA GLU B 27 41.02 -11.17 3.51
C GLU B 27 40.80 -12.08 2.31
N GLN B 28 39.56 -12.15 1.84
CA GLN B 28 39.21 -12.98 0.70
C GLN B 28 38.45 -12.18 -0.36
N SER B 29 38.13 -12.83 -1.47
CA SER B 29 37.40 -12.18 -2.56
C SER B 29 35.90 -12.39 -2.42
N LEU B 30 35.13 -11.80 -3.32
CA LEU B 30 33.67 -11.93 -3.28
C LEU B 30 33.16 -12.71 -4.49
N ILE B 31 33.73 -12.42 -5.66
CA ILE B 31 33.32 -13.08 -6.90
C ILE B 31 31.88 -12.75 -7.26
N THR B 32 30.93 -13.42 -6.60
CA THR B 32 29.52 -13.19 -6.86
C THR B 32 29.12 -11.76 -6.51
N VAL B 33 28.52 -11.06 -7.48
CA VAL B 33 28.09 -9.68 -7.27
C VAL B 33 26.59 -9.54 -7.46
N GLU B 34 26.07 -10.14 -8.53
CA GLU B 34 24.64 -10.08 -8.83
C GLU B 34 24.19 -8.65 -9.08
N GLY B 35 22.94 -8.50 -9.53
CA GLY B 35 22.40 -7.18 -9.80
C GLY B 35 21.12 -6.90 -9.04
N ASP B 36 20.79 -5.63 -8.88
CA ASP B 36 19.58 -5.23 -8.16
C ASP B 36 18.45 -4.93 -9.14
N LYS B 37 17.25 -5.43 -8.85
CA LYS B 37 16.10 -5.20 -9.70
C LYS B 37 15.29 -4.01 -9.22
N ALA B 38 15.70 -3.45 -8.07
CA ALA B 38 15.03 -2.30 -7.47
C ALA B 38 13.65 -2.66 -6.92
N SER B 39 13.11 -3.80 -7.36
CA SER B 39 11.81 -4.26 -6.90
C SER B 39 11.83 -4.51 -5.39
N MET B 40 10.74 -4.17 -4.72
CA MET B 40 10.65 -4.37 -3.28
C MET B 40 9.21 -4.66 -2.85
N GLU B 41 9.04 -5.72 -2.07
CA GLU B 41 7.72 -6.11 -1.59
C GLU B 41 7.20 -5.10 -0.57
N VAL B 42 5.88 -4.95 -0.50
CA VAL B 42 5.26 -4.01 0.43
C VAL B 42 4.22 -4.71 1.31
N PRO B 43 4.10 -4.30 2.58
CA PRO B 43 3.14 -4.86 3.51
C PRO B 43 1.91 -3.99 3.70
N ALA B 44 0.77 -4.62 3.99
CA ALA B 44 -0.48 -3.88 4.20
C ALA B 44 -0.36 -2.92 5.37
N PRO B 45 -1.00 -1.74 5.29
CA PRO B 45 -0.95 -0.75 6.37
C PRO B 45 -1.67 -1.21 7.64
N PHE B 46 -2.91 -1.69 7.46
CA PHE B 46 -3.70 -2.16 8.59
C PHE B 46 -4.61 -3.30 8.17
N ALA B 47 -4.93 -4.19 9.13
CA ALA B 47 -5.79 -5.33 8.86
C ALA B 47 -7.16 -4.87 8.35
N GLY B 48 -7.74 -5.64 7.44
CA GLY B 48 -9.04 -5.30 6.90
C GLY B 48 -9.58 -6.37 5.97
N VAL B 49 -10.59 -6.00 5.17
CA VAL B 49 -11.19 -6.93 4.23
C VAL B 49 -11.30 -6.33 2.85
N VAL B 50 -10.93 -7.11 1.83
CA VAL B 50 -10.99 -6.64 0.45
C VAL B 50 -12.43 -6.59 -0.06
N LYS B 51 -12.94 -5.37 -0.25
CA LYS B 51 -14.30 -5.19 -0.73
C LYS B 51 -14.31 -4.58 -2.12
N GLU B 52 -13.56 -3.49 -2.31
CA GLU B 52 -13.48 -2.82 -3.60
C GLU B 52 -12.04 -2.75 -4.09
N LEU B 53 -11.73 -3.53 -5.11
CA LEU B 53 -10.40 -3.56 -5.69
C LEU B 53 -10.28 -2.55 -6.82
N LYS B 54 -9.30 -1.65 -6.71
CA LYS B 54 -9.08 -0.61 -7.72
C LYS B 54 -7.89 -0.94 -8.60
N VAL B 55 -7.20 -2.04 -8.28
CA VAL B 55 -6.03 -2.45 -9.05
C VAL B 55 -6.23 -3.82 -9.68
N ASN B 56 -5.73 -3.98 -10.91
CA ASN B 56 -5.85 -5.25 -11.63
C ASN B 56 -4.49 -5.76 -12.06
N VAL B 57 -4.34 -7.07 -12.18
CA VAL B 57 -3.09 -7.66 -12.60
C VAL B 57 -2.60 -7.07 -13.93
N GLY B 58 -1.42 -6.46 -13.90
CA GLY B 58 -0.88 -5.86 -15.10
C GLY B 58 -1.21 -4.39 -15.22
N ASP B 59 -1.75 -3.82 -14.15
CA ASP B 59 -2.11 -2.40 -14.13
C ASP B 59 -1.06 -1.57 -13.41
N LYS B 60 -0.35 -0.72 -14.14
CA LYS B 60 0.69 0.12 -13.57
C LYS B 60 0.16 0.92 -12.38
N VAL B 61 1.05 1.21 -11.44
CA VAL B 61 0.68 1.97 -10.25
C VAL B 61 1.54 3.22 -10.11
N LYS B 62 1.05 4.21 -9.37
CA LYS B 62 1.78 5.45 -9.17
C LYS B 62 1.61 5.97 -7.74
N THR B 63 2.62 6.67 -7.25
CA THR B 63 2.58 7.22 -5.89
C THR B 63 1.47 8.25 -5.74
N GLY B 64 0.66 8.09 -4.71
CA GLY B 64 -0.44 9.01 -4.47
C GLY B 64 -1.76 8.47 -4.96
N SER B 65 -1.71 7.47 -5.83
CA SER B 65 -2.92 6.86 -6.38
C SER B 65 -3.49 5.82 -5.43
N LEU B 66 -4.78 5.54 -5.57
CA LEU B 66 -5.46 4.57 -4.72
C LEU B 66 -5.20 3.14 -5.22
N ILE B 67 -5.27 2.17 -4.31
CA ILE B 67 -5.04 0.78 -4.66
C ILE B 67 -6.19 -0.11 -4.21
N MET B 68 -6.59 0.02 -2.95
CA MET B 68 -7.67 -0.79 -2.40
C MET B 68 -8.14 -0.25 -1.04
N ILE B 69 -9.45 -0.30 -0.81
CA ILE B 69 -10.02 0.16 0.45
C ILE B 69 -10.46 -1.02 1.31
N PHE B 70 -10.34 -0.88 2.63
CA PHE B 70 -10.72 -1.95 3.54
C PHE B 70 -11.84 -1.52 4.49
N GLU B 71 -12.91 -2.32 4.52
CA GLU B 71 -14.04 -2.03 5.40
C GLU B 71 -13.83 -2.72 6.74
N VAL B 72 -13.23 -2.00 7.68
CA VAL B 72 -12.96 -2.55 9.01
C VAL B 72 -14.00 -2.12 10.02
N GLU B 73 -14.12 -2.87 11.10
CA GLU B 73 -15.08 -2.56 12.16
C GLU B 73 -14.38 -2.20 13.46
N GLY B 74 -14.74 -1.05 14.01
CA GLY B 74 -14.14 -0.61 15.27
C GLY B 74 -14.48 -1.51 16.43
N ALA B 75 -15.77 -1.80 16.59
CA ALA B 75 -16.24 -2.65 17.67
C ALA B 75 -16.97 -3.88 17.12
N ALA B 76 -16.42 -5.06 17.39
CA ALA B 76 -17.01 -6.31 16.92
C ALA B 76 -18.15 -6.75 17.85
N PRO B 77 -19.35 -7.02 17.30
CA PRO B 77 -20.51 -7.45 18.09
C PRO B 77 -20.27 -8.79 18.77
N ALA B 78 -19.21 -9.48 18.35
CA ALA B 78 -18.87 -10.77 18.92
C ALA B 78 -18.07 -10.61 20.22
N ALA B 79 -16.83 -10.13 20.08
CA ALA B 79 -15.97 -9.92 21.23
C ALA B 79 -16.43 -8.74 22.06
N ALA B 80 -16.17 -8.80 23.37
CA ALA B 80 -16.57 -7.73 24.28
C ALA B 80 -15.48 -6.65 24.37
N PRO B 81 -14.21 -7.02 24.58
CA PRO B 81 -13.11 -6.05 24.68
C PRO B 81 -13.00 -5.17 23.43
N ALA B 82 -13.16 -3.87 23.62
CA ALA B 82 -13.07 -2.92 22.50
C ALA B 82 -12.23 -1.70 22.89
N LYS B 83 -11.21 -1.41 22.09
CA LYS B 83 -10.33 -0.28 22.34
C LYS B 83 -10.07 0.51 21.06
N GLN B 84 -9.27 -0.08 20.16
CA GLN B 84 -8.94 0.57 18.90
C GLN B 84 -8.93 -0.44 17.75
N GLU B 85 -8.15 -1.50 17.91
CA GLU B 85 -8.04 -2.55 16.89
C GLU B 85 -7.57 -1.96 15.56
N MET A 1 -33.08 89.16 5.97
CA MET A 1 -32.81 87.70 5.90
C MET A 1 -33.99 86.96 5.28
N VAL A 2 -33.87 85.64 5.20
CA VAL A 2 -34.93 84.82 4.61
C VAL A 2 -35.35 83.70 5.58
N LYS A 3 -36.63 83.37 5.56
CA LYS A 3 -37.17 82.33 6.43
C LYS A 3 -36.86 80.95 5.87
N GLU A 4 -36.45 80.04 6.75
CA GLU A 4 -36.12 78.67 6.35
C GLU A 4 -37.38 77.83 6.21
N VAL A 5 -37.47 77.08 5.11
CA VAL A 5 -38.62 76.23 4.86
C VAL A 5 -38.44 74.86 5.53
N ASN A 6 -39.10 74.68 6.67
CA ASN A 6 -39.02 73.43 7.42
C ASN A 6 -37.57 73.09 7.77
N VAL A 7 -37.16 73.50 8.97
CA VAL A 7 -35.80 73.24 9.43
C VAL A 7 -35.75 72.00 10.33
N PRO A 8 -34.82 71.06 10.07
CA PRO A 8 -34.69 69.83 10.86
C PRO A 8 -34.40 70.14 12.33
N ASP A 9 -35.02 69.37 13.22
CA ASP A 9 -34.85 69.54 14.65
C ASP A 9 -33.77 68.59 15.18
N ILE A 10 -34.06 67.29 15.12
CA ILE A 10 -33.12 66.28 15.58
C ILE A 10 -32.54 65.51 14.40
N VAL A 11 -31.25 65.15 14.51
CA VAL A 11 -30.57 64.42 13.45
C VAL A 11 -30.55 65.20 12.15
N GLU A 12 -29.41 65.83 11.86
CA GLU A 12 -29.27 66.63 10.64
C GLU A 12 -29.45 65.76 9.40
N VAL A 13 -28.58 64.77 9.25
CA VAL A 13 -28.64 63.86 8.10
C VAL A 13 -29.01 62.45 8.53
N THR A 14 -29.81 61.78 7.72
CA THR A 14 -30.23 60.41 8.02
C THR A 14 -29.33 59.39 7.34
N GLU A 15 -29.16 58.24 7.98
CA GLU A 15 -28.31 57.17 7.44
C GLU A 15 -29.15 55.96 7.04
N VAL A 16 -28.49 54.97 6.44
CA VAL A 16 -29.17 53.75 6.00
C VAL A 16 -28.16 52.65 5.68
N MET A 17 -27.00 53.05 5.17
CA MET A 17 -25.96 52.09 4.82
C MET A 17 -25.23 51.60 6.07
N VAL A 18 -25.51 50.34 6.43
CA VAL A 18 -24.87 49.75 7.61
C VAL A 18 -23.71 48.85 7.22
N LYS A 19 -23.15 48.16 8.22
CA LYS A 19 -22.02 47.27 7.98
C LYS A 19 -22.41 46.13 7.05
N VAL A 20 -21.54 45.85 6.08
CA VAL A 20 -21.79 44.77 5.12
C VAL A 20 -20.63 43.80 5.08
N GLY A 21 -20.93 42.52 4.89
CA GLY A 21 -19.90 41.50 4.83
C GLY A 21 -20.40 40.20 4.26
N ASP A 22 -19.48 39.42 3.68
CA ASP A 22 -19.83 38.14 3.08
C ASP A 22 -19.84 37.04 4.15
N LYS A 23 -20.89 36.21 4.13
CA LYS A 23 -21.03 35.13 5.09
C LYS A 23 -19.82 34.21 5.07
N VAL A 24 -19.34 33.89 3.88
CA VAL A 24 -18.19 33.00 3.73
C VAL A 24 -16.91 33.70 4.21
N ALA A 25 -15.99 32.91 4.77
CA ALA A 25 -14.73 33.44 5.27
C ALA A 25 -14.95 34.43 6.41
N ALA A 26 -16.17 34.48 6.93
CA ALA A 26 -16.51 35.39 8.01
C ALA A 26 -16.47 34.68 9.36
N GLU A 27 -17.10 33.52 9.43
CA GLU A 27 -17.14 32.74 10.65
C GLU A 27 -17.38 31.26 10.37
N GLN A 28 -16.34 30.45 10.56
CA GLN A 28 -16.44 29.01 10.32
C GLN A 28 -15.55 28.24 11.27
N SER A 29 -16.15 27.36 12.07
CA SER A 29 -15.41 26.56 13.03
C SER A 29 -15.04 25.21 12.45
N LEU A 30 -13.90 24.67 12.89
CA LEU A 30 -13.42 23.37 12.42
C LEU A 30 -14.06 22.24 13.22
N ILE A 31 -15.09 21.62 12.65
CA ILE A 31 -15.79 20.52 13.32
C ILE A 31 -15.94 19.32 12.39
N THR A 32 -15.15 18.28 12.64
CA THR A 32 -15.19 17.08 11.83
C THR A 32 -15.85 15.93 12.59
N VAL A 33 -16.86 15.31 11.98
CA VAL A 33 -17.57 14.20 12.60
C VAL A 33 -16.68 12.97 12.74
N GLU A 34 -16.92 12.18 13.78
CA GLU A 34 -16.15 10.97 14.02
C GLU A 34 -17.02 9.88 14.64
N GLY A 35 -16.57 8.64 14.54
CA GLY A 35 -17.32 7.53 15.09
C GLY A 35 -18.08 6.76 14.02
N ASP A 36 -18.23 7.38 12.85
CA ASP A 36 -18.93 6.74 11.74
C ASP A 36 -18.00 6.53 10.55
N LYS A 37 -18.17 5.42 9.85
CA LYS A 37 -17.34 5.09 8.69
C LYS A 37 -15.87 5.02 9.09
N ALA A 38 -15.40 3.81 9.38
CA ALA A 38 -14.01 3.60 9.77
C ALA A 38 -13.15 3.20 8.58
N SER A 39 -13.81 2.85 7.48
CA SER A 39 -13.10 2.45 6.26
C SER A 39 -12.17 3.57 5.79
N MET A 40 -11.04 3.19 5.20
CA MET A 40 -10.08 4.18 4.72
C MET A 40 -9.27 3.65 3.54
N GLU A 41 -9.36 4.34 2.41
CA GLU A 41 -8.63 3.95 1.22
C GLU A 41 -7.13 4.06 1.43
N VAL A 42 -6.37 3.18 0.78
CA VAL A 42 -4.92 3.19 0.90
C VAL A 42 -4.25 3.37 -0.46
N PRO A 43 -3.19 4.20 -0.53
CA PRO A 43 -2.46 4.47 -1.77
C PRO A 43 -1.16 3.70 -1.85
N ALA A 44 -0.53 3.72 -3.02
CA ALA A 44 0.74 3.03 -3.22
C ALA A 44 1.89 3.82 -2.60
N PRO A 45 2.89 3.11 -2.02
CA PRO A 45 4.04 3.76 -1.39
C PRO A 45 4.99 4.40 -2.41
N PHE A 46 5.23 3.69 -3.51
CA PHE A 46 6.11 4.19 -4.56
C PHE A 46 5.66 3.70 -5.93
N ALA A 47 5.97 4.49 -6.96
CA ALA A 47 5.60 4.14 -8.33
C ALA A 47 6.26 2.83 -8.73
N GLY A 48 5.56 2.05 -9.56
CA GLY A 48 6.10 0.77 -9.98
C GLY A 48 5.27 0.10 -11.05
N VAL A 49 5.57 -1.16 -11.31
CA VAL A 49 4.84 -1.93 -12.32
C VAL A 49 4.26 -3.20 -11.71
N VAL A 50 2.94 -3.37 -11.87
CA VAL A 50 2.27 -4.55 -11.33
C VAL A 50 2.63 -5.80 -12.12
N LYS A 51 3.42 -6.67 -11.49
CA LYS A 51 3.84 -7.92 -12.13
C LYS A 51 2.78 -9.00 -11.95
N GLU A 52 2.58 -9.43 -10.71
CA GLU A 52 1.61 -10.47 -10.41
C GLU A 52 1.03 -10.28 -9.01
N LEU A 53 -0.29 -10.24 -8.91
CA LEU A 53 -0.96 -10.07 -7.62
C LEU A 53 -0.57 -11.20 -6.66
N LYS A 54 -0.62 -10.89 -5.36
CA LYS A 54 -0.27 -11.88 -4.34
C LYS A 54 -1.50 -12.26 -3.52
N VAL A 55 -2.51 -11.39 -3.53
CA VAL A 55 -3.74 -11.64 -2.80
C VAL A 55 -4.95 -11.64 -3.73
N ASN A 56 -6.01 -12.31 -3.31
CA ASN A 56 -7.22 -12.39 -4.11
C ASN A 56 -8.32 -11.53 -3.51
N VAL A 57 -9.22 -11.04 -4.36
CA VAL A 57 -10.32 -10.20 -3.92
C VAL A 57 -11.30 -10.99 -3.05
N GLY A 58 -11.54 -10.51 -1.84
CA GLY A 58 -12.45 -11.19 -0.94
C GLY A 58 -11.72 -11.94 0.16
N ASP A 59 -10.44 -11.62 0.34
CA ASP A 59 -9.62 -12.27 1.36
C ASP A 59 -9.16 -11.27 2.41
N LYS A 60 -9.62 -11.46 3.64
CA LYS A 60 -9.26 -10.57 4.75
C LYS A 60 -7.75 -10.37 4.82
N VAL A 61 -7.35 -9.15 5.18
CA VAL A 61 -5.93 -8.81 5.28
C VAL A 61 -5.53 -8.58 6.74
N LYS A 62 -4.24 -8.72 7.02
CA LYS A 62 -3.72 -8.51 8.37
C LYS A 62 -2.36 -7.84 8.33
N THR A 63 -2.00 -7.18 9.43
CA THR A 63 -0.73 -6.48 9.53
C THR A 63 0.44 -7.46 9.39
N GLY A 64 1.29 -7.22 8.39
CA GLY A 64 2.43 -8.08 8.16
C GLY A 64 2.29 -8.93 6.92
N SER A 65 1.10 -8.90 6.31
CA SER A 65 0.84 -9.67 5.10
C SER A 65 1.15 -8.87 3.85
N LEU A 66 1.72 -9.54 2.84
CA LEU A 66 2.06 -8.88 1.60
C LEU A 66 0.85 -8.80 0.67
N ILE A 67 0.78 -7.74 -0.12
CA ILE A 67 -0.33 -7.55 -1.05
C ILE A 67 0.12 -7.64 -2.50
N MET A 68 1.16 -6.88 -2.85
CA MET A 68 1.68 -6.88 -4.22
C MET A 68 3.18 -6.60 -4.23
N ILE A 69 3.80 -6.79 -5.39
CA ILE A 69 5.23 -6.56 -5.54
C ILE A 69 5.50 -5.74 -6.81
N PHE A 70 6.28 -4.67 -6.66
CA PHE A 70 6.61 -3.81 -7.79
C PHE A 70 8.05 -3.99 -8.23
N GLU A 71 8.26 -4.13 -9.54
CA GLU A 71 9.59 -4.28 -10.10
C GLU A 71 10.06 -2.96 -10.70
N VAL A 72 10.75 -2.16 -9.90
CA VAL A 72 11.24 -0.86 -10.34
C VAL A 72 12.67 -0.97 -10.88
N GLU A 73 13.01 -0.08 -11.81
CA GLU A 73 14.33 -0.07 -12.41
C GLU A 73 15.23 0.98 -11.75
N GLY A 74 16.23 0.53 -11.02
CA GLY A 74 17.14 1.46 -10.36
C GLY A 74 17.04 1.39 -8.85
N ALA A 75 18.18 1.15 -8.20
CA ALA A 75 18.22 1.06 -6.74
C ALA A 75 18.69 2.38 -6.14
N ALA A 76 18.23 2.66 -4.92
CA ALA A 76 18.60 3.89 -4.23
C ALA A 76 20.01 3.81 -3.66
N PRO A 77 20.80 4.91 -3.74
CA PRO A 77 22.16 4.93 -3.23
C PRO A 77 22.21 5.08 -1.71
N ALA A 78 22.88 4.14 -1.06
CA ALA A 78 23.01 4.15 0.40
C ALA A 78 21.65 4.09 1.08
N ALA A 79 21.65 4.04 2.40
CA ALA A 79 20.42 3.99 3.19
C ALA A 79 19.57 2.77 2.81
N ALA A 80 20.20 1.81 2.15
CA ALA A 80 19.50 0.59 1.74
C ALA A 80 19.33 -0.40 2.90
N PRO A 81 20.42 -0.73 3.63
CA PRO A 81 20.34 -1.66 4.77
C PRO A 81 19.60 -1.07 5.96
N ALA A 82 18.68 -1.86 6.52
CA ALA A 82 17.91 -1.42 7.68
C ALA A 82 17.89 -2.47 8.78
N LYS A 83 17.19 -3.57 8.53
CA LYS A 83 17.09 -4.66 9.49
C LYS A 83 16.59 -5.94 8.83
N GLN A 84 15.75 -5.77 7.81
CA GLN A 84 15.19 -6.91 7.09
C GLN A 84 16.29 -7.74 6.44
N GLU A 85 17.00 -7.14 5.50
CA GLU A 85 18.08 -7.82 4.80
C GLU A 85 19.45 -7.44 5.39
N MET B 1 51.51 5.18 -58.30
CA MET B 1 52.44 6.24 -58.76
C MET B 1 53.58 6.42 -57.76
N VAL B 2 53.35 6.01 -56.52
CA VAL B 2 54.36 6.13 -55.47
C VAL B 2 55.32 4.94 -55.51
N LYS B 3 54.87 3.84 -56.10
CA LYS B 3 55.68 2.64 -56.22
C LYS B 3 55.54 2.02 -57.61
N GLU B 4 56.61 1.40 -58.08
CA GLU B 4 56.60 0.77 -59.40
C GLU B 4 57.53 -0.44 -59.43
N VAL B 5 57.66 -1.04 -60.61
CA VAL B 5 58.52 -2.21 -60.80
C VAL B 5 59.44 -2.02 -62.00
N ASN B 6 60.34 -2.98 -62.19
CA ASN B 6 61.28 -2.91 -63.30
C ASN B 6 60.86 -3.87 -64.42
N VAL B 7 60.84 -5.16 -64.12
CA VAL B 7 60.45 -6.17 -65.10
C VAL B 7 58.95 -6.39 -65.10
N PRO B 8 58.38 -6.81 -66.25
CA PRO B 8 56.94 -7.06 -66.38
C PRO B 8 56.51 -8.32 -65.64
N ASP B 9 55.23 -8.38 -65.27
CA ASP B 9 54.69 -9.54 -64.56
C ASP B 9 53.16 -9.53 -64.59
N ILE B 10 52.59 -8.36 -64.83
CA ILE B 10 51.14 -8.20 -64.89
C ILE B 10 50.50 -8.56 -63.54
N VAL B 11 50.05 -7.53 -62.82
CA VAL B 11 49.42 -7.72 -61.53
C VAL B 11 48.01 -7.13 -61.50
N GLU B 12 47.37 -7.21 -60.35
CA GLU B 12 46.02 -6.68 -60.18
C GLU B 12 46.02 -5.48 -59.24
N VAL B 13 44.99 -4.64 -59.34
CA VAL B 13 44.88 -3.46 -58.51
C VAL B 13 43.91 -3.69 -57.36
N THR B 14 44.36 -3.43 -56.13
CA THR B 14 43.53 -3.61 -54.94
C THR B 14 43.86 -2.56 -53.90
N GLU B 15 42.82 -2.05 -53.23
CA GLU B 15 43.00 -1.04 -52.20
C GLU B 15 43.65 -1.63 -50.96
N VAL B 16 44.12 -0.77 -50.06
CA VAL B 16 44.77 -1.22 -48.83
C VAL B 16 43.75 -1.71 -47.82
N MET B 17 42.66 -0.96 -47.68
CA MET B 17 41.59 -1.31 -46.75
C MET B 17 42.12 -1.36 -45.32
N VAL B 18 41.78 -0.35 -44.52
CA VAL B 18 42.20 -0.28 -43.13
C VAL B 18 41.04 -0.53 -42.18
N LYS B 19 40.99 -1.74 -41.62
CA LYS B 19 39.94 -2.12 -40.69
C LYS B 19 40.53 -2.50 -39.34
N VAL B 20 41.82 -2.26 -39.17
CA VAL B 20 42.51 -2.58 -37.93
C VAL B 20 42.36 -1.45 -36.92
N GLY B 21 41.83 -1.78 -35.75
CA GLY B 21 41.65 -0.78 -34.70
C GLY B 21 40.18 -0.44 -34.49
N ASP B 22 39.35 -1.46 -34.33
CA ASP B 22 37.92 -1.27 -34.12
C ASP B 22 37.63 -0.91 -32.67
N LYS B 23 36.35 -0.78 -32.34
CA LYS B 23 35.94 -0.43 -30.99
C LYS B 23 35.85 -1.68 -30.12
N VAL B 24 35.39 -1.52 -28.89
CA VAL B 24 35.24 -2.63 -27.96
C VAL B 24 34.12 -3.57 -28.39
N ALA B 25 33.10 -3.00 -29.05
CA ALA B 25 31.95 -3.76 -29.51
C ALA B 25 31.25 -4.48 -28.36
N ALA B 26 31.58 -4.08 -27.13
CA ALA B 26 30.98 -4.67 -25.94
C ALA B 26 30.69 -3.61 -24.89
N GLU B 27 30.32 -4.06 -23.69
CA GLU B 27 30.02 -3.16 -22.58
C GLU B 27 28.83 -2.26 -22.93
N GLN B 28 28.11 -2.62 -23.99
CA GLN B 28 26.95 -1.85 -24.43
C GLN B 28 25.77 -2.07 -23.49
N SER B 29 25.81 -3.19 -22.77
CA SER B 29 24.74 -3.51 -21.83
C SER B 29 24.93 -2.78 -20.51
N LEU B 30 23.97 -2.92 -19.60
CA LEU B 30 24.04 -2.27 -18.31
C LEU B 30 24.33 -3.26 -17.19
N ILE B 31 24.21 -4.55 -17.51
CA ILE B 31 24.46 -5.61 -16.54
C ILE B 31 23.52 -5.49 -15.34
N THR B 32 22.45 -6.26 -15.36
CA THR B 32 21.48 -6.26 -14.27
C THR B 32 21.01 -7.67 -13.94
N VAL B 33 20.63 -7.88 -12.69
CA VAL B 33 20.17 -9.18 -12.24
C VAL B 33 18.87 -9.58 -12.95
N GLU B 34 18.84 -10.81 -13.47
CA GLU B 34 17.67 -11.30 -14.18
C GLU B 34 16.48 -11.46 -13.23
N GLY B 35 16.76 -11.82 -11.99
CA GLY B 35 15.71 -11.99 -11.01
C GLY B 35 15.17 -10.68 -10.48
N ASP B 36 15.61 -10.30 -9.29
CA ASP B 36 15.17 -9.06 -8.67
C ASP B 36 16.37 -8.20 -8.26
N LYS B 37 16.19 -6.89 -8.28
CA LYS B 37 17.27 -5.97 -7.90
C LYS B 37 16.73 -4.81 -7.07
N ALA B 38 15.99 -3.92 -7.71
CA ALA B 38 15.42 -2.77 -7.02
C ALA B 38 13.99 -3.05 -6.56
N SER B 39 13.43 -4.15 -7.03
CA SER B 39 12.07 -4.54 -6.67
C SER B 39 11.94 -4.74 -5.16
N MET B 40 10.81 -4.32 -4.60
CA MET B 40 10.57 -4.46 -3.17
C MET B 40 9.10 -4.71 -2.88
N GLU B 41 8.84 -5.80 -2.15
CA GLU B 41 7.46 -6.17 -1.80
C GLU B 41 6.88 -5.16 -0.82
N VAL B 42 5.56 -4.97 -0.89
CA VAL B 42 4.89 -4.03 0.00
C VAL B 42 3.80 -4.74 0.81
N PRO B 43 3.69 -4.42 2.11
CA PRO B 43 2.69 -5.02 2.99
C PRO B 43 1.51 -4.10 3.26
N ALA B 44 0.49 -4.62 3.94
CA ALA B 44 -0.69 -3.84 4.25
C ALA B 44 -0.44 -2.93 5.45
N PRO B 45 -0.99 -1.70 5.44
CA PRO B 45 -0.83 -0.74 6.54
C PRO B 45 -1.58 -1.15 7.79
N PHE B 46 -2.81 -1.61 7.62
CA PHE B 46 -3.64 -2.03 8.75
C PHE B 46 -4.55 -3.19 8.35
N ALA B 47 -4.93 -3.99 9.34
CA ALA B 47 -5.81 -5.13 9.10
C ALA B 47 -7.20 -4.68 8.70
N GLY B 48 -7.80 -5.39 7.75
CA GLY B 48 -9.14 -5.04 7.29
C GLY B 48 -9.76 -6.12 6.43
N VAL B 49 -10.79 -5.75 5.69
CA VAL B 49 -11.48 -6.70 4.81
C VAL B 49 -11.51 -6.19 3.38
N VAL B 50 -11.10 -7.06 2.45
CA VAL B 50 -11.08 -6.72 1.03
C VAL B 50 -12.49 -6.69 0.45
N LYS B 51 -12.98 -5.49 0.14
CA LYS B 51 -14.31 -5.33 -0.42
C LYS B 51 -14.29 -5.50 -1.94
N GLU B 52 -13.65 -4.54 -2.62
CA GLU B 52 -13.56 -4.57 -4.08
C GLU B 52 -12.27 -3.90 -4.55
N LEU B 53 -11.50 -4.62 -5.35
CA LEU B 53 -10.24 -4.08 -5.88
C LEU B 53 -10.48 -2.79 -6.65
N LYS B 54 -9.47 -1.94 -6.69
CA LYS B 54 -9.58 -0.66 -7.40
C LYS B 54 -8.65 -0.65 -8.61
N VAL B 55 -7.64 -1.51 -8.59
CA VAL B 55 -6.69 -1.59 -9.69
C VAL B 55 -6.67 -2.99 -10.29
N ASN B 56 -6.25 -3.09 -11.55
CA ASN B 56 -6.18 -4.37 -12.24
C ASN B 56 -4.74 -4.82 -12.40
N VAL B 57 -4.54 -6.13 -12.43
CA VAL B 57 -3.21 -6.70 -12.59
C VAL B 57 -2.64 -6.38 -13.97
N GLY B 58 -1.46 -5.77 -13.98
CA GLY B 58 -0.82 -5.41 -15.25
C GLY B 58 -0.91 -3.93 -15.54
N ASP B 59 -1.28 -3.15 -14.53
CA ASP B 59 -1.41 -1.70 -14.69
C ASP B 59 -0.38 -0.97 -13.84
N LYS B 60 0.48 -0.19 -14.48
CA LYS B 60 1.51 0.56 -13.79
C LYS B 60 0.91 1.42 -12.68
N VAL B 61 1.62 1.53 -11.56
CA VAL B 61 1.17 2.32 -10.42
C VAL B 61 2.02 3.58 -10.26
N LYS B 62 1.47 4.57 -9.58
CA LYS B 62 2.18 5.82 -9.35
C LYS B 62 1.85 6.40 -7.98
N THR B 63 2.73 7.26 -7.47
CA THR B 63 2.53 7.88 -6.17
C THR B 63 1.27 8.74 -6.15
N GLY B 64 0.35 8.42 -5.23
CA GLY B 64 -0.88 9.18 -5.12
C GLY B 64 -2.08 8.40 -5.61
N SER B 65 -1.84 7.28 -6.27
CA SER B 65 -2.92 6.44 -6.78
C SER B 65 -3.40 5.44 -5.73
N LEU B 66 -4.70 5.19 -5.72
CA LEU B 66 -5.29 4.25 -4.77
C LEU B 66 -5.23 2.82 -5.31
N ILE B 67 -5.06 1.86 -4.41
CA ILE B 67 -4.98 0.45 -4.80
C ILE B 67 -6.19 -0.34 -4.32
N MET B 68 -6.47 -0.24 -3.02
CA MET B 68 -7.61 -0.96 -2.43
C MET B 68 -8.21 -0.19 -1.26
N ILE B 69 -9.38 -0.64 -0.81
CA ILE B 69 -10.06 0.00 0.32
C ILE B 69 -10.47 -1.07 1.34
N PHE B 70 -10.30 -0.76 2.62
CA PHE B 70 -10.65 -1.71 3.68
C PHE B 70 -11.75 -1.17 4.57
N GLU B 71 -12.78 -2.00 4.78
CA GLU B 71 -13.89 -1.60 5.63
C GLU B 71 -13.72 -2.20 7.03
N VAL B 72 -13.11 -1.42 7.91
CA VAL B 72 -12.87 -1.86 9.27
C VAL B 72 -14.00 -1.42 10.20
N GLU B 73 -14.23 -2.18 11.26
CA GLU B 73 -15.28 -1.86 12.22
C GLU B 73 -14.69 -1.18 13.46
N GLY B 74 -15.51 -0.36 14.11
CA GLY B 74 -15.06 0.35 15.30
C GLY B 74 -14.42 -0.57 16.33
N ALA B 75 -15.26 -1.27 17.10
CA ALA B 75 -14.76 -2.18 18.12
C ALA B 75 -14.97 -3.64 17.73
N ALA B 76 -13.94 -4.45 17.87
CA ALA B 76 -14.02 -5.87 17.53
C ALA B 76 -14.87 -6.63 18.53
N PRO B 77 -15.50 -7.74 18.12
CA PRO B 77 -16.35 -8.55 19.00
C PRO B 77 -15.56 -9.16 20.15
N ALA B 78 -14.65 -10.08 19.83
CA ALA B 78 -13.84 -10.75 20.84
C ALA B 78 -12.62 -11.40 20.22
N ALA B 79 -12.82 -12.56 19.61
CA ALA B 79 -11.74 -13.30 18.96
C ALA B 79 -10.61 -13.59 19.95
N ALA B 80 -10.69 -14.73 20.63
CA ALA B 80 -9.67 -15.12 21.60
C ALA B 80 -9.88 -16.56 22.07
N PRO B 81 -11.10 -16.94 22.53
CA PRO B 81 -11.37 -18.29 23.00
C PRO B 81 -11.60 -19.28 21.85
N ALA B 82 -12.51 -18.93 20.95
CA ALA B 82 -12.84 -19.78 19.81
C ALA B 82 -13.31 -21.16 20.26
N LYS B 83 -13.61 -22.03 19.28
CA LYS B 83 -14.07 -23.38 19.59
C LYS B 83 -13.43 -24.40 18.65
N GLN B 84 -13.34 -25.64 19.12
CA GLN B 84 -12.76 -26.71 18.32
C GLN B 84 -13.67 -27.93 18.30
N GLU B 85 -13.53 -28.75 17.27
CA GLU B 85 -14.33 -29.96 17.13
C GLU B 85 -13.74 -31.11 17.93
N MET A 1 -40.75 -22.87 -46.85
CA MET A 1 -40.47 -23.80 -45.73
C MET A 1 -39.00 -24.25 -45.76
N VAL A 2 -38.42 -24.41 -44.57
CA VAL A 2 -37.04 -24.84 -44.45
C VAL A 2 -36.89 -25.90 -43.37
N LYS A 3 -37.80 -25.88 -42.40
CA LYS A 3 -37.77 -26.85 -41.30
C LYS A 3 -36.49 -26.74 -40.48
N GLU A 4 -36.59 -26.12 -39.31
CA GLU A 4 -35.44 -25.95 -38.44
C GLU A 4 -35.87 -25.91 -36.98
N VAL A 5 -34.94 -26.22 -36.08
CA VAL A 5 -35.22 -26.22 -34.64
C VAL A 5 -34.40 -25.16 -33.92
N ASN A 6 -33.86 -24.21 -34.68
CA ASN A 6 -33.06 -23.14 -34.10
C ASN A 6 -31.82 -23.69 -33.39
N VAL A 7 -31.13 -22.83 -32.67
CA VAL A 7 -29.92 -23.23 -31.94
C VAL A 7 -29.99 -22.81 -30.47
N PRO A 8 -29.38 -23.58 -29.56
CA PRO A 8 -29.37 -23.28 -28.13
C PRO A 8 -28.71 -21.93 -27.84
N ASP A 9 -29.36 -21.13 -26.99
CA ASP A 9 -28.84 -19.82 -26.64
C ASP A 9 -28.03 -19.90 -25.34
N ILE A 10 -27.33 -18.82 -25.02
CA ILE A 10 -26.51 -18.77 -23.82
C ILE A 10 -27.37 -18.61 -22.57
N VAL A 11 -28.62 -18.18 -22.77
CA VAL A 11 -29.54 -17.99 -21.67
C VAL A 11 -30.31 -19.28 -21.37
N GLU A 12 -30.53 -19.55 -20.09
CA GLU A 12 -31.24 -20.76 -19.68
C GLU A 12 -31.85 -20.58 -18.30
N VAL A 13 -31.00 -20.49 -17.28
CA VAL A 13 -31.44 -20.32 -15.90
C VAL A 13 -30.75 -19.14 -15.24
N THR A 14 -29.54 -18.84 -15.70
CA THR A 14 -28.77 -17.73 -15.16
C THR A 14 -29.46 -16.40 -15.41
N GLU A 15 -30.03 -15.82 -14.36
CA GLU A 15 -30.73 -14.55 -14.47
C GLU A 15 -30.22 -13.57 -13.42
N VAL A 16 -30.28 -13.97 -12.15
CA VAL A 16 -29.83 -13.14 -11.04
C VAL A 16 -30.64 -11.84 -10.96
N MET A 17 -31.57 -11.80 -10.03
CA MET A 17 -32.41 -10.61 -9.85
C MET A 17 -33.03 -10.60 -8.45
N VAL A 18 -33.11 -9.41 -7.87
CA VAL A 18 -33.67 -9.26 -6.53
C VAL A 18 -34.67 -8.09 -6.48
N LYS A 19 -35.87 -8.37 -5.98
CA LYS A 19 -36.90 -7.34 -5.89
C LYS A 19 -36.71 -6.49 -4.64
N VAL A 20 -36.21 -5.27 -4.83
CA VAL A 20 -35.98 -4.36 -3.72
C VAL A 20 -37.25 -3.59 -3.38
N GLY A 21 -37.87 -3.95 -2.26
CA GLY A 21 -39.07 -3.28 -1.83
C GLY A 21 -39.41 -3.56 -0.38
N ASP A 22 -38.82 -2.77 0.52
CA ASP A 22 -39.05 -2.94 1.95
C ASP A 22 -40.02 -1.89 2.48
N LYS A 23 -41.10 -2.34 3.12
CA LYS A 23 -42.09 -1.43 3.67
C LYS A 23 -42.99 -2.17 4.67
N VAL A 24 -43.35 -3.40 4.33
CA VAL A 24 -44.20 -4.21 5.20
C VAL A 24 -43.50 -4.54 6.51
N ALA A 25 -43.98 -3.94 7.60
CA ALA A 25 -43.40 -4.16 8.92
C ALA A 25 -41.94 -3.72 8.98
N ALA A 26 -41.04 -4.57 8.51
CA ALA A 26 -39.61 -4.27 8.51
C ALA A 26 -39.09 -4.05 9.92
N GLU A 27 -37.79 -3.73 10.03
CA GLU A 27 -37.18 -3.49 11.33
C GLU A 27 -35.85 -2.73 11.17
N GLN A 28 -35.28 -2.31 12.29
CA GLN A 28 -34.02 -1.58 12.27
C GLN A 28 -32.99 -2.24 13.18
N SER A 29 -33.47 -2.98 14.18
CA SER A 29 -32.59 -3.67 15.12
C SER A 29 -32.80 -5.18 15.05
N LEU A 30 -31.81 -5.89 14.53
CA LEU A 30 -31.89 -7.34 14.41
C LEU A 30 -31.19 -8.02 15.58
N ILE A 31 -29.87 -8.00 15.57
CA ILE A 31 -29.08 -8.61 16.64
C ILE A 31 -27.85 -7.78 16.96
N THR A 32 -27.31 -7.97 18.17
CA THR A 32 -26.13 -7.23 18.62
C THR A 32 -26.28 -5.73 18.41
N VAL A 33 -25.18 -5.00 18.55
CA VAL A 33 -25.19 -3.55 18.37
C VAL A 33 -24.64 -3.16 17.01
N GLU A 34 -25.44 -2.43 16.24
CA GLU A 34 -25.03 -1.98 14.92
C GLU A 34 -24.57 -0.53 14.95
N GLY A 35 -23.94 -0.09 13.86
CA GLY A 35 -23.46 1.27 13.79
C GLY A 35 -22.95 1.63 12.40
N ASP A 36 -21.76 2.22 12.34
CA ASP A 36 -21.16 2.62 11.07
C ASP A 36 -19.73 2.10 10.96
N LYS A 37 -19.37 1.65 9.76
CA LYS A 37 -18.02 1.13 9.52
C LYS A 37 -17.00 2.26 9.46
N ALA A 38 -15.72 1.90 9.38
CA ALA A 38 -14.65 2.89 9.31
C ALA A 38 -13.64 2.54 8.22
N SER A 39 -14.11 2.50 6.99
CA SER A 39 -13.25 2.18 5.84
C SER A 39 -12.22 3.27 5.59
N MET A 40 -11.03 2.85 5.14
CA MET A 40 -9.95 3.80 4.85
C MET A 40 -9.19 3.39 3.59
N GLU A 41 -9.20 4.27 2.59
CA GLU A 41 -8.51 4.02 1.33
C GLU A 41 -7.00 4.20 1.49
N VAL A 42 -6.24 3.16 1.18
CA VAL A 42 -4.79 3.21 1.29
C VAL A 42 -4.15 3.53 -0.06
N PRO A 43 -3.08 4.35 -0.08
CA PRO A 43 -2.38 4.72 -1.30
C PRO A 43 -1.09 3.94 -1.49
N ALA A 44 -0.50 4.07 -2.68
CA ALA A 44 0.75 3.37 -2.99
C ALA A 44 1.96 4.17 -2.49
N PRO A 45 3.01 3.48 -2.01
CA PRO A 45 4.21 4.13 -1.50
C PRO A 45 5.08 4.74 -2.62
N PHE A 46 5.24 3.99 -3.70
CA PHE A 46 6.05 4.46 -4.82
C PHE A 46 5.51 3.94 -6.15
N ALA A 47 5.76 4.69 -7.23
CA ALA A 47 5.30 4.29 -8.55
C ALA A 47 6.00 3.02 -8.99
N GLY A 48 5.32 2.23 -9.82
CA GLY A 48 5.90 0.98 -10.28
C GLY A 48 4.99 0.22 -11.23
N VAL A 49 5.25 -1.08 -11.37
CA VAL A 49 4.46 -1.93 -12.24
C VAL A 49 4.05 -3.20 -11.51
N VAL A 50 2.84 -3.67 -11.79
CA VAL A 50 2.33 -4.89 -11.15
C VAL A 50 3.04 -6.13 -11.69
N LYS A 51 3.73 -6.83 -10.79
CA LYS A 51 4.47 -8.04 -11.17
C LYS A 51 3.54 -9.24 -11.24
N GLU A 52 2.90 -9.57 -10.12
CA GLU A 52 1.99 -10.70 -10.05
C GLU A 52 1.05 -10.59 -8.85
N LEU A 53 -0.24 -10.84 -9.08
CA LEU A 53 -1.23 -10.78 -8.02
C LEU A 53 -1.12 -11.97 -7.09
N LYS A 54 -1.31 -11.74 -5.80
CA LYS A 54 -1.23 -12.81 -4.81
C LYS A 54 -2.50 -12.88 -3.96
N VAL A 55 -3.33 -11.84 -4.04
CA VAL A 55 -4.57 -11.79 -3.26
C VAL A 55 -5.78 -11.67 -4.18
N ASN A 56 -6.85 -12.39 -3.84
CA ASN A 56 -8.07 -12.37 -4.62
C ASN A 56 -9.13 -11.48 -3.96
N VAL A 57 -10.01 -10.91 -4.77
CA VAL A 57 -11.06 -10.04 -4.27
C VAL A 57 -11.87 -10.72 -3.17
N GLY A 58 -11.87 -10.13 -1.99
CA GLY A 58 -12.60 -10.70 -0.86
C GLY A 58 -11.69 -11.43 0.10
N ASP A 59 -10.39 -11.19 -0.01
CA ASP A 59 -9.42 -11.84 0.86
C ASP A 59 -8.91 -10.87 1.92
N LYS A 60 -9.44 -10.98 3.13
CA LYS A 60 -9.05 -10.13 4.25
C LYS A 60 -7.52 -10.05 4.37
N VAL A 61 -7.04 -8.94 4.93
CA VAL A 61 -5.62 -8.73 5.10
C VAL A 61 -5.26 -8.65 6.59
N LYS A 62 -3.97 -8.80 6.90
CA LYS A 62 -3.50 -8.74 8.27
C LYS A 62 -2.17 -8.00 8.37
N THR A 63 -1.94 -7.36 9.50
CA THR A 63 -0.70 -6.62 9.71
C THR A 63 0.53 -7.53 9.58
N GLY A 64 1.43 -7.17 8.68
CA GLY A 64 2.62 -7.96 8.48
C GLY A 64 2.54 -8.84 7.24
N SER A 65 1.38 -8.80 6.57
CA SER A 65 1.18 -9.59 5.36
C SER A 65 1.30 -8.72 4.12
N LEU A 66 2.10 -9.18 3.16
CA LEU A 66 2.32 -8.44 1.92
C LEU A 66 1.04 -8.40 1.10
N ILE A 67 0.96 -7.44 0.17
CA ILE A 67 -0.21 -7.29 -0.68
C ILE A 67 0.16 -7.38 -2.16
N MET A 68 1.14 -6.58 -2.57
CA MET A 68 1.59 -6.57 -3.97
C MET A 68 3.09 -6.30 -4.05
N ILE A 69 3.66 -6.53 -5.23
CA ILE A 69 5.08 -6.32 -5.45
C ILE A 69 5.33 -5.56 -6.75
N PHE A 70 6.12 -4.50 -6.67
CA PHE A 70 6.44 -3.69 -7.84
C PHE A 70 7.87 -3.91 -8.31
N GLU A 71 8.10 -3.71 -9.60
CA GLU A 71 9.42 -3.87 -10.18
C GLU A 71 9.94 -2.53 -10.69
N VAL A 72 10.72 -1.85 -9.85
CA VAL A 72 11.27 -0.54 -10.20
C VAL A 72 12.73 -0.65 -10.65
N GLU A 73 12.98 -0.24 -11.90
CA GLU A 73 14.32 -0.28 -12.45
C GLU A 73 15.12 0.95 -12.03
N GLY A 74 16.01 0.75 -11.06
CA GLY A 74 16.82 1.85 -10.57
C GLY A 74 18.16 1.40 -10.03
N ALA A 75 18.12 0.69 -8.91
CA ALA A 75 19.36 0.18 -8.28
C ALA A 75 19.09 -1.12 -7.54
N ALA A 76 19.84 -2.16 -7.90
CA ALA A 76 19.68 -3.46 -7.27
C ALA A 76 20.66 -3.61 -6.09
N PRO A 77 20.19 -4.18 -4.96
CA PRO A 77 21.03 -4.38 -3.78
C PRO A 77 22.14 -5.39 -4.01
N ALA A 78 22.85 -5.75 -2.95
CA ALA A 78 23.95 -6.71 -3.04
C ALA A 78 23.57 -8.04 -2.39
N ALA A 79 24.26 -9.10 -2.80
CA ALA A 79 23.99 -10.44 -2.27
C ALA A 79 25.28 -11.23 -2.11
N ALA A 80 25.30 -12.12 -1.12
CA ALA A 80 26.47 -12.94 -0.86
C ALA A 80 26.45 -14.21 -1.70
N PRO A 81 27.64 -14.76 -2.04
CA PRO A 81 27.74 -15.99 -2.85
C PRO A 81 27.27 -17.22 -2.09
N ALA A 82 26.28 -17.92 -2.65
CA ALA A 82 25.74 -19.12 -2.03
C ALA A 82 25.94 -20.34 -2.92
N LYS A 83 26.01 -21.52 -2.30
CA LYS A 83 26.20 -22.76 -3.05
C LYS A 83 24.96 -23.64 -2.96
N GLN A 84 24.27 -23.79 -4.09
CA GLN A 84 23.06 -24.60 -4.17
C GLN A 84 21.97 -24.07 -3.24
N GLU A 85 21.01 -23.36 -3.81
CA GLU A 85 19.91 -22.79 -3.04
C GLU A 85 18.66 -23.65 -3.17
N MET B 1 47.89 17.28 -49.60
CA MET B 1 48.02 16.24 -48.55
C MET B 1 49.22 16.53 -47.65
N VAL B 2 50.41 16.54 -48.25
CA VAL B 2 51.64 16.80 -47.52
C VAL B 2 51.90 15.73 -46.46
N LYS B 3 52.79 14.80 -46.77
CA LYS B 3 53.12 13.73 -45.84
C LYS B 3 54.49 13.12 -46.18
N GLU B 4 55.45 13.33 -45.29
CA GLU B 4 56.81 12.82 -45.49
C GLU B 4 57.40 12.29 -44.19
N VAL B 5 57.73 11.00 -44.16
CA VAL B 5 58.30 10.38 -42.98
C VAL B 5 59.43 9.41 -43.36
N ASN B 6 59.63 9.24 -44.66
CA ASN B 6 60.67 8.36 -45.16
C ASN B 6 60.42 6.90 -44.75
N VAL B 7 59.18 6.62 -44.37
CA VAL B 7 58.80 5.27 -43.96
C VAL B 7 57.50 4.82 -44.63
N PRO B 8 57.47 3.59 -45.20
CA PRO B 8 56.29 3.07 -45.87
C PRO B 8 55.17 2.72 -44.88
N ASP B 9 53.95 3.09 -45.22
CA ASP B 9 52.79 2.83 -44.37
C ASP B 9 51.55 2.56 -45.20
N ILE B 10 50.60 1.84 -44.62
CA ILE B 10 49.35 1.51 -45.31
C ILE B 10 48.23 2.45 -44.88
N VAL B 11 47.12 2.43 -45.62
CA VAL B 11 45.98 3.27 -45.32
C VAL B 11 44.77 2.43 -44.91
N GLU B 12 44.14 2.80 -43.80
CA GLU B 12 42.98 2.09 -43.30
C GLU B 12 41.80 3.03 -43.12
N VAL B 13 42.04 4.16 -42.45
CA VAL B 13 41.00 5.15 -42.21
C VAL B 13 41.29 6.44 -42.97
N THR B 14 40.24 7.22 -43.21
CA THR B 14 40.37 8.49 -43.92
C THR B 14 40.41 9.67 -42.96
N GLU B 15 39.81 9.49 -41.78
CA GLU B 15 39.77 10.54 -40.78
C GLU B 15 39.73 9.95 -39.38
N VAL B 16 40.77 10.24 -38.59
CA VAL B 16 40.85 9.76 -37.21
C VAL B 16 40.97 8.23 -37.17
N MET B 17 41.74 7.73 -36.20
CA MET B 17 41.94 6.30 -36.04
C MET B 17 41.60 5.86 -34.62
N VAL B 18 41.93 6.72 -33.66
CA VAL B 18 41.67 6.43 -32.25
C VAL B 18 40.34 7.04 -31.82
N LYS B 19 40.01 6.89 -30.54
CA LYS B 19 38.77 7.43 -29.99
C LYS B 19 38.76 7.31 -28.47
N VAL B 20 38.71 6.08 -27.98
CA VAL B 20 38.68 5.83 -26.54
C VAL B 20 39.25 4.46 -26.22
N GLY B 21 39.18 3.56 -27.19
CA GLY B 21 39.68 2.21 -26.99
C GLY B 21 38.79 1.16 -27.63
N ASP B 22 38.53 0.09 -26.88
CA ASP B 22 37.68 -0.99 -27.37
C ASP B 22 36.52 -1.25 -26.41
N LYS B 23 35.30 -1.25 -26.95
CA LYS B 23 34.10 -1.48 -26.14
C LYS B 23 33.11 -2.34 -26.90
N VAL B 24 33.39 -2.59 -28.18
CA VAL B 24 32.51 -3.40 -29.00
C VAL B 24 33.11 -4.78 -29.25
N ALA B 25 32.25 -5.80 -29.29
CA ALA B 25 32.69 -7.17 -29.51
C ALA B 25 31.51 -8.08 -29.82
N ALA B 26 30.65 -8.29 -28.84
CA ALA B 26 29.48 -9.14 -29.01
C ALA B 26 28.28 -8.35 -29.54
N GLU B 27 27.19 -9.05 -29.83
CA GLU B 27 25.98 -8.42 -30.34
C GLU B 27 24.77 -9.33 -30.16
N GLN B 28 25.01 -10.63 -30.13
CA GLN B 28 23.93 -11.60 -29.96
C GLN B 28 23.46 -11.65 -28.51
N SER B 29 24.10 -10.85 -27.66
CA SER B 29 23.74 -10.81 -26.25
C SER B 29 22.44 -10.04 -26.04
N LEU B 30 22.46 -8.74 -26.33
CA LEU B 30 21.29 -7.88 -26.18
C LEU B 30 20.81 -7.87 -24.73
N ILE B 31 21.17 -6.81 -24.01
CA ILE B 31 20.77 -6.68 -22.61
C ILE B 31 19.52 -5.82 -22.49
N THR B 32 18.63 -6.22 -21.57
CA THR B 32 17.39 -5.48 -21.36
C THR B 32 17.03 -5.44 -19.88
N VAL B 33 17.02 -6.60 -19.24
CA VAL B 33 16.68 -6.70 -17.82
C VAL B 33 17.90 -7.13 -17.01
N GLU B 34 18.78 -7.92 -17.62
CA GLU B 34 19.98 -8.40 -16.96
C GLU B 34 20.95 -7.25 -16.69
N GLY B 35 21.13 -6.91 -15.42
CA GLY B 35 22.03 -5.83 -15.06
C GLY B 35 21.47 -4.95 -13.96
N ASP B 36 20.19 -4.60 -14.09
CA ASP B 36 19.51 -3.75 -13.11
C ASP B 36 18.02 -4.04 -13.09
N LYS B 37 17.50 -4.37 -11.92
CA LYS B 37 16.08 -4.66 -11.75
C LYS B 37 15.72 -4.77 -10.27
N ALA B 38 15.35 -3.64 -9.68
CA ALA B 38 14.98 -3.60 -8.26
C ALA B 38 13.48 -3.78 -8.08
N SER B 39 13.12 -4.63 -7.12
CA SER B 39 11.72 -4.88 -6.81
C SER B 39 11.53 -4.92 -5.31
N MET B 40 10.52 -4.18 -4.82
CA MET B 40 10.26 -4.13 -3.38
C MET B 40 8.85 -4.58 -3.04
N GLU B 41 8.75 -5.55 -2.13
CA GLU B 41 7.46 -6.06 -1.70
C GLU B 41 6.86 -5.16 -0.63
N VAL B 42 5.69 -4.58 -0.93
CA VAL B 42 5.02 -3.69 0.01
C VAL B 42 4.04 -4.46 0.91
N PRO B 43 3.96 -4.10 2.20
CA PRO B 43 3.06 -4.73 3.15
C PRO B 43 1.82 -3.89 3.43
N ALA B 44 0.85 -4.48 4.13
CA ALA B 44 -0.38 -3.78 4.46
C ALA B 44 -0.21 -2.93 5.71
N PRO B 45 -0.84 -1.74 5.76
CA PRO B 45 -0.74 -0.84 6.92
C PRO B 45 -1.53 -1.34 8.12
N PHE B 46 -2.74 -1.85 7.88
CA PHE B 46 -3.58 -2.36 8.95
C PHE B 46 -4.45 -3.52 8.46
N ALA B 47 -4.85 -4.38 9.39
CA ALA B 47 -5.69 -5.52 9.06
C ALA B 47 -7.10 -5.08 8.68
N GLY B 48 -7.73 -5.83 7.78
CA GLY B 48 -9.08 -5.48 7.35
C GLY B 48 -9.64 -6.47 6.35
N VAL B 49 -10.61 -6.03 5.57
CA VAL B 49 -11.24 -6.89 4.57
C VAL B 49 -11.31 -6.18 3.21
N VAL B 50 -11.15 -6.96 2.14
CA VAL B 50 -11.19 -6.42 0.79
C VAL B 50 -12.61 -6.01 0.40
N LYS B 51 -12.79 -4.73 0.11
CA LYS B 51 -14.09 -4.20 -0.29
C LYS B 51 -14.36 -4.45 -1.77
N GLU B 52 -13.53 -3.82 -2.61
CA GLU B 52 -13.68 -3.97 -4.06
C GLU B 52 -12.37 -3.65 -4.78
N LEU B 53 -12.03 -4.50 -5.76
CA LEU B 53 -10.81 -4.32 -6.52
C LEU B 53 -10.98 -3.19 -7.54
N LYS B 54 -9.92 -2.39 -7.71
CA LYS B 54 -9.95 -1.27 -8.64
C LYS B 54 -8.79 -1.36 -9.65
N VAL B 55 -7.83 -2.23 -9.39
CA VAL B 55 -6.69 -2.39 -10.28
C VAL B 55 -6.58 -3.83 -10.79
N ASN B 56 -6.24 -3.97 -12.07
CA ASN B 56 -6.09 -5.28 -12.69
C ASN B 56 -4.62 -5.67 -12.81
N VAL B 57 -4.35 -6.97 -12.78
CA VAL B 57 -2.99 -7.48 -12.91
C VAL B 57 -2.29 -6.91 -14.13
N GLY B 58 -1.18 -6.19 -13.90
CA GLY B 58 -0.44 -5.59 -14.99
C GLY B 58 -0.69 -4.11 -15.13
N ASP B 59 -1.32 -3.52 -14.12
CA ASP B 59 -1.63 -2.09 -14.14
C ASP B 59 -0.64 -1.30 -13.28
N LYS B 60 0.30 -0.64 -13.93
CA LYS B 60 1.32 0.14 -13.23
C LYS B 60 0.68 1.09 -12.22
N VAL B 61 1.43 1.44 -11.18
CA VAL B 61 0.95 2.35 -10.15
C VAL B 61 1.75 3.65 -10.16
N LYS B 62 1.22 4.66 -9.48
CA LYS B 62 1.88 5.96 -9.39
C LYS B 62 1.68 6.59 -8.01
N THR B 63 2.64 7.40 -7.60
CA THR B 63 2.58 8.06 -6.30
C THR B 63 1.35 8.96 -6.20
N GLY B 64 0.52 8.69 -5.19
CA GLY B 64 -0.69 9.48 -5.00
C GLY B 64 -1.93 8.76 -5.49
N SER B 65 -1.74 7.58 -6.06
CA SER B 65 -2.85 6.77 -6.57
C SER B 65 -3.20 5.65 -5.60
N LEU B 66 -4.48 5.53 -5.27
CA LEU B 66 -4.94 4.49 -4.35
C LEU B 66 -4.79 3.11 -4.98
N ILE B 67 -4.79 2.09 -4.13
CA ILE B 67 -4.64 0.72 -4.62
C ILE B 67 -5.82 -0.15 -4.18
N MET B 68 -6.11 -0.14 -2.88
CA MET B 68 -7.22 -0.92 -2.33
C MET B 68 -7.87 -0.20 -1.16
N ILE B 69 -9.04 -0.69 -0.76
CA ILE B 69 -9.77 -0.10 0.37
C ILE B 69 -10.25 -1.18 1.31
N PHE B 70 -10.08 -0.95 2.61
CA PHE B 70 -10.49 -1.93 3.61
C PHE B 70 -11.65 -1.39 4.46
N GLU B 71 -12.46 -2.30 4.98
CA GLU B 71 -13.60 -1.93 5.80
C GLU B 71 -13.42 -2.40 7.23
N VAL B 72 -12.86 -1.54 8.07
CA VAL B 72 -12.62 -1.88 9.48
C VAL B 72 -13.73 -1.29 10.36
N GLU B 73 -14.40 -2.17 11.09
CA GLU B 73 -15.48 -1.75 11.98
C GLU B 73 -14.93 -1.28 13.32
N GLY B 74 -15.11 0.00 13.63
CA GLY B 74 -14.62 0.55 14.88
C GLY B 74 -15.74 1.08 15.75
N ALA B 75 -15.62 2.33 16.17
CA ALA B 75 -16.62 2.97 17.01
C ALA B 75 -16.92 4.38 16.55
N ALA B 76 -18.16 4.82 16.77
CA ALA B 76 -18.57 6.17 16.38
C ALA B 76 -17.87 7.23 17.22
N PRO B 77 -17.69 8.45 16.67
CA PRO B 77 -17.03 9.53 17.39
C PRO B 77 -17.80 9.98 18.62
N ALA B 78 -17.15 10.74 19.49
CA ALA B 78 -17.78 11.23 20.71
C ALA B 78 -17.08 12.48 21.23
N ALA B 79 -15.86 12.70 20.77
CA ALA B 79 -15.08 13.86 21.19
C ALA B 79 -15.52 15.13 20.45
N ALA B 80 -15.71 16.20 21.19
CA ALA B 80 -16.14 17.47 20.62
C ALA B 80 -14.98 18.16 19.87
N PRO B 81 -13.79 18.29 20.50
CA PRO B 81 -12.63 18.93 19.86
C PRO B 81 -12.28 18.30 18.51
N ALA B 82 -12.02 19.15 17.54
CA ALA B 82 -11.66 18.69 16.20
C ALA B 82 -10.22 19.06 15.85
N LYS B 83 -9.60 19.85 16.72
CA LYS B 83 -8.22 20.28 16.52
C LYS B 83 -7.24 19.26 17.06
N GLN B 84 -7.69 18.49 18.06
CA GLN B 84 -6.86 17.46 18.67
C GLN B 84 -5.60 18.07 19.29
N GLU B 85 -4.74 17.22 19.84
CA GLU B 85 -3.50 17.67 20.45
C GLU B 85 -2.35 17.68 19.45
N MET A 1 -64.64 58.08 48.48
CA MET A 1 -64.28 59.05 47.41
C MET A 1 -62.77 59.13 47.24
N VAL A 2 -62.05 58.73 48.26
CA VAL A 2 -60.59 58.76 48.23
C VAL A 2 -60.02 57.35 48.06
N LYS A 3 -60.84 56.35 48.35
CA LYS A 3 -60.43 54.95 48.23
C LYS A 3 -59.24 54.66 49.13
N GLU A 4 -59.51 54.12 50.32
CA GLU A 4 -58.46 53.79 51.27
C GLU A 4 -58.38 52.29 51.48
N VAL A 5 -57.16 51.75 51.50
CA VAL A 5 -56.96 50.33 51.69
C VAL A 5 -56.04 50.05 52.87
N ASN A 6 -56.24 48.91 53.52
CA ASN A 6 -55.44 48.52 54.67
C ASN A 6 -55.40 47.00 54.81
N VAL A 7 -56.43 46.34 54.27
CA VAL A 7 -56.52 44.88 54.32
C VAL A 7 -56.57 44.30 52.91
N PRO A 8 -55.73 43.27 52.63
CA PRO A 8 -55.68 42.63 51.31
C PRO A 8 -56.97 41.89 50.99
N ASP A 9 -57.51 42.13 49.79
CA ASP A 9 -58.74 41.49 49.36
C ASP A 9 -58.64 41.04 47.91
N ILE A 10 -57.93 41.82 47.10
CA ILE A 10 -57.74 41.51 45.69
C ILE A 10 -56.57 40.55 45.48
N VAL A 11 -55.53 40.72 46.29
CA VAL A 11 -54.35 39.86 46.19
C VAL A 11 -54.49 38.62 47.07
N GLU A 12 -54.05 37.48 46.55
CA GLU A 12 -54.12 36.23 47.29
C GLU A 12 -52.87 35.39 47.06
N VAL A 13 -52.45 34.66 48.09
CA VAL A 13 -51.26 33.81 47.99
C VAL A 13 -51.63 32.38 47.65
N THR A 14 -51.22 31.93 46.47
CA THR A 14 -51.51 30.57 46.01
C THR A 14 -50.37 30.05 45.14
N GLU A 15 -50.08 30.74 44.05
CA GLU A 15 -49.01 30.35 43.14
C GLU A 15 -47.71 31.04 43.51
N VAL A 16 -46.62 30.28 43.55
CA VAL A 16 -45.31 30.83 43.89
C VAL A 16 -44.37 30.80 42.69
N MET A 17 -44.42 29.71 41.93
CA MET A 17 -43.58 29.54 40.74
C MET A 17 -42.09 29.64 41.12
N VAL A 18 -41.46 28.48 41.26
CA VAL A 18 -40.04 28.43 41.62
C VAL A 18 -39.18 29.15 40.59
N LYS A 19 -38.17 29.87 41.07
CA LYS A 19 -37.26 30.60 40.20
C LYS A 19 -35.96 29.81 39.98
N VAL A 20 -35.23 30.16 38.93
CA VAL A 20 -33.98 29.48 38.62
C VAL A 20 -32.85 29.95 39.54
N GLY A 21 -32.02 29.01 39.98
CA GLY A 21 -30.92 29.34 40.86
C GLY A 21 -29.77 28.36 40.73
N ASP A 22 -30.10 27.09 40.49
CA ASP A 22 -29.10 26.05 40.34
C ASP A 22 -29.09 25.50 38.92
N LYS A 23 -27.91 25.41 38.33
CA LYS A 23 -27.78 24.90 36.97
C LYS A 23 -26.65 23.87 36.87
N VAL A 24 -26.86 22.86 36.03
CA VAL A 24 -25.87 21.81 35.85
C VAL A 24 -25.35 21.79 34.41
N ALA A 25 -25.93 22.63 33.56
CA ALA A 25 -25.53 22.70 32.16
C ALA A 25 -25.73 24.11 31.60
N ALA A 26 -26.51 24.92 32.32
CA ALA A 26 -26.79 26.29 31.91
C ALA A 26 -27.48 26.33 30.56
N GLU A 27 -26.70 26.31 29.48
CA GLU A 27 -27.24 26.35 28.13
C GLU A 27 -26.46 25.43 27.21
N GLN A 28 -26.81 25.46 25.92
CA GLN A 28 -26.14 24.62 24.93
C GLN A 28 -24.65 24.96 24.85
N SER A 29 -23.82 24.11 25.46
CA SER A 29 -22.38 24.30 25.46
C SER A 29 -21.70 23.38 24.47
N LEU A 30 -20.77 23.93 23.69
CA LEU A 30 -20.04 23.15 22.70
C LEU A 30 -19.06 22.20 23.37
N ILE A 31 -19.29 20.90 23.19
CA ILE A 31 -18.42 19.88 23.77
C ILE A 31 -17.80 19.00 22.69
N THR A 32 -16.88 18.14 23.10
CA THR A 32 -16.20 17.24 22.17
C THR A 32 -16.73 15.81 22.29
N VAL A 33 -16.72 15.08 21.18
CA VAL A 33 -17.19 13.71 21.17
C VAL A 33 -16.18 12.79 20.48
N GLU A 34 -16.13 11.55 20.92
CA GLU A 34 -15.21 10.56 20.36
C GLU A 34 -15.83 9.88 19.14
N GLY A 35 -15.11 9.91 18.02
CA GLY A 35 -15.61 9.29 16.80
C GLY A 35 -14.65 8.28 16.23
N ASP A 36 -15.09 7.03 16.13
CA ASP A 36 -14.25 5.97 15.59
C ASP A 36 -14.72 5.55 14.20
N LYS A 37 -13.89 5.81 13.19
CA LYS A 37 -14.23 5.47 11.81
C LYS A 37 -13.98 4.00 11.53
N ALA A 38 -14.27 3.57 10.30
CA ALA A 38 -14.06 2.19 9.91
C ALA A 38 -13.28 2.11 8.60
N SER A 39 -13.98 2.16 7.48
CA SER A 39 -13.36 2.10 6.17
C SER A 39 -12.33 3.23 6.00
N MET A 40 -11.17 2.89 5.44
CA MET A 40 -10.12 3.88 5.24
C MET A 40 -9.32 3.58 3.97
N GLU A 41 -9.33 4.53 3.03
CA GLU A 41 -8.61 4.39 1.78
C GLU A 41 -7.09 4.41 2.02
N VAL A 42 -6.35 3.76 1.12
CA VAL A 42 -4.90 3.71 1.23
C VAL A 42 -4.24 3.94 -0.13
N PRO A 43 -3.13 4.71 -0.15
CA PRO A 43 -2.40 5.00 -1.38
C PRO A 43 -1.13 4.16 -1.53
N ALA A 44 -0.70 3.97 -2.77
CA ALA A 44 0.50 3.19 -3.05
C ALA A 44 1.74 3.88 -2.49
N PRO A 45 2.76 3.10 -2.07
CA PRO A 45 4.00 3.66 -1.52
C PRO A 45 4.87 4.32 -2.57
N PHE A 46 5.09 3.61 -3.68
CA PHE A 46 5.92 4.13 -4.76
C PHE A 46 5.47 3.57 -6.11
N ALA A 47 5.72 4.33 -7.17
CA ALA A 47 5.34 3.90 -8.52
C ALA A 47 6.02 2.58 -8.88
N GLY A 48 5.29 1.72 -9.57
CA GLY A 48 5.84 0.43 -9.95
C GLY A 48 5.04 -0.25 -11.04
N VAL A 49 5.32 -1.52 -11.26
CA VAL A 49 4.61 -2.31 -12.26
C VAL A 49 4.24 -3.68 -11.70
N VAL A 50 2.97 -4.05 -11.87
CA VAL A 50 2.48 -5.32 -11.37
C VAL A 50 3.03 -6.47 -12.22
N LYS A 51 4.04 -7.15 -11.68
CA LYS A 51 4.64 -8.28 -12.38
C LYS A 51 4.13 -9.60 -11.83
N GLU A 52 3.96 -9.67 -10.51
CA GLU A 52 3.46 -10.89 -9.88
C GLU A 52 2.66 -10.57 -8.62
N LEU A 53 1.35 -10.75 -8.71
CA LEU A 53 0.47 -10.49 -7.58
C LEU A 53 0.74 -11.44 -6.43
N LYS A 54 0.13 -11.17 -5.28
CA LYS A 54 0.31 -12.00 -4.09
C LYS A 54 -1.04 -12.41 -3.51
N VAL A 55 -2.00 -11.49 -3.52
CA VAL A 55 -3.32 -11.75 -3.00
C VAL A 55 -4.38 -11.62 -4.10
N ASN A 56 -5.55 -12.16 -3.85
CA ASN A 56 -6.65 -12.10 -4.81
C ASN A 56 -7.77 -11.21 -4.29
N VAL A 57 -8.45 -10.53 -5.22
CA VAL A 57 -9.56 -9.64 -4.86
C VAL A 57 -10.69 -10.42 -4.20
N GLY A 58 -11.01 -10.04 -2.96
CA GLY A 58 -12.08 -10.70 -2.23
C GLY A 58 -11.59 -11.36 -0.96
N ASP A 59 -10.28 -11.35 -0.76
CA ASP A 59 -9.69 -11.95 0.43
C ASP A 59 -9.26 -10.88 1.43
N LYS A 60 -9.74 -11.00 2.66
CA LYS A 60 -9.40 -10.04 3.71
C LYS A 60 -7.90 -9.91 3.88
N VAL A 61 -7.46 -8.78 4.43
CA VAL A 61 -6.03 -8.52 4.64
C VAL A 61 -5.71 -8.45 6.13
N LYS A 62 -4.43 -8.65 6.45
CA LYS A 62 -3.97 -8.59 7.83
C LYS A 62 -2.61 -7.92 7.93
N THR A 63 -2.29 -7.40 9.11
CA THR A 63 -1.01 -6.72 9.32
C THR A 63 0.15 -7.69 9.17
N GLY A 64 1.17 -7.27 8.42
CA GLY A 64 2.34 -8.11 8.21
C GLY A 64 2.25 -8.91 6.92
N SER A 65 1.05 -8.95 6.33
CA SER A 65 0.84 -9.69 5.08
C SER A 65 1.10 -8.80 3.87
N LEU A 66 1.69 -9.37 2.84
CA LEU A 66 2.02 -8.63 1.62
C LEU A 66 0.76 -8.47 0.76
N ILE A 67 0.84 -7.58 -0.23
CA ILE A 67 -0.28 -7.33 -1.13
C ILE A 67 0.12 -7.48 -2.59
N MET A 68 1.24 -6.85 -2.96
CA MET A 68 1.73 -6.91 -4.33
C MET A 68 3.17 -6.41 -4.41
N ILE A 69 3.95 -7.02 -5.30
CA ILE A 69 5.36 -6.64 -5.45
C ILE A 69 5.58 -5.86 -6.74
N PHE A 70 6.29 -4.75 -6.64
CA PHE A 70 6.59 -3.92 -7.80
C PHE A 70 8.05 -4.05 -8.21
N GLU A 71 8.34 -3.66 -9.44
CA GLU A 71 9.70 -3.71 -9.95
C GLU A 71 10.09 -2.38 -10.57
N VAL A 72 10.68 -1.50 -9.76
CA VAL A 72 11.09 -0.19 -10.24
C VAL A 72 12.55 -0.21 -10.68
N GLU A 73 12.77 0.07 -11.96
CA GLU A 73 14.12 0.07 -12.52
C GLU A 73 14.50 1.47 -12.98
N GLY A 74 14.19 2.46 -12.16
CA GLY A 74 14.49 3.84 -12.50
C GLY A 74 13.90 4.27 -13.82
N ALA A 75 14.76 4.75 -14.72
CA ALA A 75 14.32 5.19 -16.04
C ALA A 75 14.36 4.03 -17.04
N ALA A 76 13.26 3.85 -17.77
CA ALA A 76 13.17 2.78 -18.75
C ALA A 76 14.01 3.10 -19.99
N PRO A 77 14.49 2.06 -20.70
CA PRO A 77 15.31 2.25 -21.91
C PRO A 77 14.49 2.82 -23.08
N ALA A 78 13.20 2.51 -23.09
CA ALA A 78 12.32 3.00 -24.14
C ALA A 78 12.23 4.51 -24.13
N ALA A 79 11.71 5.07 -23.04
CA ALA A 79 11.57 6.51 -22.90
C ALA A 79 12.93 7.18 -22.80
N ALA A 80 13.02 8.41 -23.30
CA ALA A 80 14.26 9.17 -23.26
C ALA A 80 14.15 10.39 -22.34
N PRO A 81 14.61 10.25 -21.08
CA PRO A 81 14.55 11.35 -20.10
C PRO A 81 15.45 12.52 -20.51
N ALA A 82 14.83 13.65 -20.84
CA ALA A 82 15.57 14.83 -21.25
C ALA A 82 14.72 16.09 -21.09
N LYS A 83 13.59 15.96 -20.41
CA LYS A 83 12.70 17.09 -20.18
C LYS A 83 12.33 17.21 -18.71
N GLN A 84 12.55 16.14 -17.95
CA GLN A 84 12.24 16.12 -16.52
C GLN A 84 10.77 16.42 -16.28
N GLU A 85 10.42 16.64 -15.01
CA GLU A 85 9.05 16.95 -14.63
C GLU A 85 9.00 18.15 -13.70
N MET B 1 81.99 21.31 -26.25
CA MET B 1 81.52 20.24 -25.33
C MET B 1 82.65 19.82 -24.38
N VAL B 2 82.30 19.59 -23.12
CA VAL B 2 83.27 19.18 -22.12
C VAL B 2 83.45 17.66 -22.11
N LYS B 3 84.70 17.22 -22.24
CA LYS B 3 85.00 15.79 -22.26
C LYS B 3 85.40 15.31 -20.87
N GLU B 4 84.74 14.25 -20.39
CA GLU B 4 85.04 13.70 -19.08
C GLU B 4 85.45 12.22 -19.20
N VAL B 5 86.21 11.76 -18.22
CA VAL B 5 86.67 10.37 -18.20
C VAL B 5 86.16 9.63 -16.98
N ASN B 6 85.85 8.35 -17.14
CA ASN B 6 85.34 7.52 -16.04
C ASN B 6 84.05 8.12 -15.48
N VAL B 7 82.92 7.57 -15.91
CA VAL B 7 81.62 8.05 -15.43
C VAL B 7 81.49 7.90 -13.92
N PRO B 8 81.04 8.96 -13.22
CA PRO B 8 80.88 8.93 -11.76
C PRO B 8 79.85 7.89 -11.31
N ASP B 9 80.20 7.14 -10.26
CA ASP B 9 79.31 6.12 -9.72
C ASP B 9 78.41 6.70 -8.63
N ILE B 10 77.11 6.76 -8.91
CA ILE B 10 76.15 7.30 -7.95
C ILE B 10 75.46 6.19 -7.19
N VAL B 11 75.02 6.51 -5.97
CA VAL B 11 74.33 5.53 -5.13
C VAL B 11 72.82 5.74 -5.18
N GLU B 12 72.39 6.99 -5.00
CA GLU B 12 70.98 7.33 -5.02
C GLU B 12 70.65 8.24 -6.20
N VAL B 13 69.42 8.14 -6.69
CA VAL B 13 68.99 8.95 -7.82
C VAL B 13 68.70 10.39 -7.39
N THR B 14 69.23 11.35 -8.13
CA THR B 14 69.04 12.76 -7.83
C THR B 14 67.56 13.13 -7.88
N GLU B 15 66.88 12.64 -8.92
CA GLU B 15 65.46 12.92 -9.10
C GLU B 15 64.62 11.96 -8.26
N VAL B 16 63.96 12.50 -7.24
CA VAL B 16 63.12 11.70 -6.35
C VAL B 16 61.68 11.67 -6.85
N MET B 17 61.24 12.77 -7.47
CA MET B 17 59.89 12.86 -7.99
C MET B 17 59.83 12.42 -9.44
N VAL B 18 59.06 11.37 -9.71
CA VAL B 18 58.92 10.84 -11.06
C VAL B 18 57.52 11.09 -11.61
N LYS B 19 56.51 10.80 -10.79
CA LYS B 19 55.11 10.98 -11.17
C LYS B 19 54.78 10.13 -12.39
N VAL B 20 54.22 8.95 -12.15
CA VAL B 20 53.84 8.04 -13.23
C VAL B 20 52.33 8.02 -13.43
N GLY B 21 51.89 8.42 -14.62
CA GLY B 21 50.47 8.43 -14.92
C GLY B 21 49.88 9.83 -14.83
N ASP B 22 50.26 10.70 -15.77
CA ASP B 22 49.76 12.06 -15.79
C ASP B 22 48.44 12.15 -16.56
N LYS B 23 47.52 12.96 -16.06
CA LYS B 23 46.21 13.13 -16.68
C LYS B 23 45.45 11.81 -16.76
N VAL B 24 44.45 11.66 -15.91
CA VAL B 24 43.64 10.44 -15.88
C VAL B 24 42.49 10.53 -16.87
N ALA B 25 42.57 9.73 -17.93
CA ALA B 25 41.52 9.71 -18.95
C ALA B 25 40.51 8.61 -18.67
N ALA B 26 39.25 9.01 -18.49
CA ALA B 26 38.18 8.05 -18.20
C ALA B 26 37.82 7.25 -19.45
N GLU B 27 37.72 5.93 -19.28
CA GLU B 27 37.39 5.04 -20.38
C GLU B 27 36.55 3.86 -19.90
N GLN B 28 36.40 3.75 -18.57
CA GLN B 28 35.63 2.68 -17.98
C GLN B 28 34.33 3.20 -17.39
N SER B 29 33.97 4.43 -17.77
CA SER B 29 32.73 5.05 -17.29
C SER B 29 31.51 4.21 -17.65
N LEU B 30 30.38 4.54 -17.05
CA LEU B 30 29.12 3.82 -17.30
C LEU B 30 29.25 2.34 -16.93
N ILE B 31 28.68 1.99 -15.77
CA ILE B 31 28.73 0.61 -15.29
C ILE B 31 27.39 0.20 -14.68
N THR B 32 27.01 -1.05 -14.89
CA THR B 32 25.75 -1.57 -14.36
C THR B 32 25.97 -2.33 -13.05
N VAL B 33 24.88 -2.66 -12.37
CA VAL B 33 24.93 -3.38 -11.11
C VAL B 33 25.74 -2.61 -10.07
N GLU B 34 25.03 -1.88 -9.20
CA GLU B 34 25.68 -1.10 -8.15
C GLU B 34 25.19 -1.54 -6.77
N GLY B 35 24.10 -2.31 -6.76
CA GLY B 35 23.54 -2.78 -5.51
C GLY B 35 22.04 -2.60 -5.44
N ASP B 36 21.47 -1.97 -6.46
CA ASP B 36 20.04 -1.74 -6.53
C ASP B 36 19.29 -3.02 -6.88
N LYS B 37 18.28 -3.34 -6.08
CA LYS B 37 17.48 -4.54 -6.29
C LYS B 37 16.24 -4.23 -7.14
N ALA B 38 15.95 -2.93 -7.29
CA ALA B 38 14.80 -2.49 -8.07
C ALA B 38 13.49 -2.92 -7.43
N SER B 39 13.11 -4.18 -7.64
CA SER B 39 11.89 -4.72 -7.07
C SER B 39 11.90 -4.63 -5.55
N MET B 40 10.80 -4.15 -4.98
CA MET B 40 10.69 -4.02 -3.54
C MET B 40 9.31 -4.44 -3.04
N GLU B 41 9.27 -5.39 -2.12
CA GLU B 41 8.03 -5.89 -1.56
C GLU B 41 7.39 -4.85 -0.64
N VAL B 42 6.06 -4.90 -0.53
CA VAL B 42 5.34 -3.96 0.33
C VAL B 42 4.29 -4.67 1.18
N PRO B 43 4.16 -4.28 2.46
CA PRO B 43 3.20 -4.87 3.37
C PRO B 43 1.96 -3.99 3.56
N ALA B 44 0.85 -4.61 3.95
CA ALA B 44 -0.39 -3.88 4.17
C ALA B 44 -0.27 -2.96 5.38
N PRO B 45 -0.97 -1.81 5.36
CA PRO B 45 -0.93 -0.83 6.47
C PRO B 45 -1.67 -1.33 7.72
N PHE B 46 -2.89 -1.80 7.52
CA PHE B 46 -3.71 -2.30 8.62
C PHE B 46 -4.65 -3.41 8.17
N ALA B 47 -5.04 -4.27 9.10
CA ALA B 47 -5.94 -5.38 8.80
C ALA B 47 -7.32 -4.87 8.39
N GLY B 48 -7.91 -5.54 7.40
CA GLY B 48 -9.23 -5.15 6.94
C GLY B 48 -9.87 -6.20 6.06
N VAL B 49 -10.86 -5.79 5.25
CA VAL B 49 -11.55 -6.70 4.36
C VAL B 49 -11.78 -6.08 2.99
N VAL B 50 -11.48 -6.84 1.94
CA VAL B 50 -11.64 -6.36 0.57
C VAL B 50 -13.13 -6.31 0.19
N LYS B 51 -13.70 -5.11 0.21
CA LYS B 51 -15.10 -4.93 -0.13
C LYS B 51 -15.27 -4.43 -1.56
N GLU B 52 -14.39 -3.52 -1.97
CA GLU B 52 -14.44 -2.96 -3.32
C GLU B 52 -13.04 -2.58 -3.81
N LEU B 53 -12.53 -3.35 -4.77
CA LEU B 53 -11.20 -3.10 -5.32
C LEU B 53 -11.18 -1.77 -6.06
N LYS B 54 -9.97 -1.35 -6.46
CA LYS B 54 -9.80 -0.10 -7.19
C LYS B 54 -8.99 -0.32 -8.47
N VAL B 55 -7.98 -1.17 -8.37
CA VAL B 55 -7.11 -1.46 -9.51
C VAL B 55 -7.20 -2.95 -9.88
N ASN B 56 -6.74 -3.27 -11.08
CA ASN B 56 -6.76 -4.66 -11.55
C ASN B 56 -5.34 -5.20 -11.69
N VAL B 57 -5.19 -6.51 -11.46
CA VAL B 57 -3.89 -7.16 -11.55
C VAL B 57 -3.34 -7.08 -12.97
N GLY B 58 -2.17 -6.45 -13.10
CA GLY B 58 -1.54 -6.32 -14.41
C GLY B 58 -1.36 -4.87 -14.82
N ASP B 59 -1.92 -3.96 -14.03
CA ASP B 59 -1.81 -2.53 -14.32
C ASP B 59 -0.78 -1.86 -13.42
N LYS B 60 0.16 -1.16 -14.03
CA LYS B 60 1.22 -0.47 -13.29
C LYS B 60 0.63 0.49 -12.26
N VAL B 61 1.41 0.79 -11.23
CA VAL B 61 0.98 1.68 -10.17
C VAL B 61 1.78 2.99 -10.19
N LYS B 62 1.24 4.02 -9.55
CA LYS B 62 1.91 5.31 -9.48
C LYS B 62 1.67 5.98 -8.14
N THR B 63 2.54 6.94 -7.79
CA THR B 63 2.42 7.64 -6.52
C THR B 63 1.17 8.52 -6.50
N GLY B 64 0.39 8.40 -5.41
CA GLY B 64 -0.83 9.17 -5.29
C GLY B 64 -2.05 8.40 -5.70
N SER B 65 -1.84 7.26 -6.36
CA SER B 65 -2.94 6.41 -6.81
C SER B 65 -3.32 5.39 -5.75
N LEU B 66 -4.61 5.11 -5.64
CA LEU B 66 -5.11 4.15 -4.66
C LEU B 66 -4.93 2.72 -5.16
N ILE B 67 -5.08 1.75 -4.27
CA ILE B 67 -4.93 0.34 -4.64
C ILE B 67 -6.15 -0.48 -4.20
N MET B 68 -6.58 -0.27 -2.96
CA MET B 68 -7.73 -1.00 -2.43
C MET B 68 -8.20 -0.38 -1.12
N ILE B 69 -9.52 -0.39 -0.91
CA ILE B 69 -10.09 0.17 0.31
C ILE B 69 -10.55 -0.93 1.26
N PHE B 70 -10.30 -0.74 2.55
CA PHE B 70 -10.68 -1.73 3.54
C PHE B 70 -11.73 -1.17 4.48
N GLU B 71 -12.47 -2.05 5.14
CA GLU B 71 -13.50 -1.62 6.08
C GLU B 71 -13.30 -2.29 7.43
N VAL B 72 -12.57 -1.61 8.31
CA VAL B 72 -12.30 -2.13 9.64
C VAL B 72 -13.37 -1.68 10.63
N GLU B 73 -14.10 -2.65 11.19
CA GLU B 73 -15.15 -2.34 12.14
C GLU B 73 -14.98 -3.17 13.41
N GLY B 74 -14.28 -4.29 13.29
CA GLY B 74 -14.06 -5.15 14.43
C GLY B 74 -14.58 -6.56 14.21
N ALA B 75 -15.90 -6.69 14.09
CA ALA B 75 -16.52 -7.99 13.88
C ALA B 75 -17.86 -7.84 13.15
N ALA B 76 -18.08 -8.68 12.15
CA ALA B 76 -19.31 -8.65 11.37
C ALA B 76 -20.41 -9.46 12.04
N PRO B 77 -21.69 -9.09 11.83
CA PRO B 77 -22.83 -9.80 12.43
C PRO B 77 -23.08 -11.15 11.75
N ALA B 78 -22.32 -11.44 10.71
CA ALA B 78 -22.47 -12.69 9.98
C ALA B 78 -21.14 -13.10 9.34
N ALA B 79 -20.56 -14.18 9.85
CA ALA B 79 -19.29 -14.69 9.33
C ALA B 79 -19.49 -16.01 8.60
N ALA B 80 -18.38 -16.57 8.10
CA ALA B 80 -18.43 -17.84 7.39
C ALA B 80 -18.39 -19.02 8.36
N PRO B 81 -18.93 -20.19 7.94
CA PRO B 81 -18.95 -21.38 8.79
C PRO B 81 -17.55 -21.94 9.04
N ALA B 82 -16.89 -22.39 7.98
CA ALA B 82 -15.54 -22.94 8.09
C ALA B 82 -14.90 -23.14 6.73
N LYS B 83 -15.44 -24.09 5.96
CA LYS B 83 -14.92 -24.39 4.63
C LYS B 83 -15.51 -23.45 3.58
N GLN B 84 -14.70 -22.53 3.10
CA GLN B 84 -15.14 -21.57 2.09
C GLN B 84 -14.00 -21.22 1.13
N GLU B 85 -12.79 -21.63 1.50
CA GLU B 85 -11.61 -21.37 0.68
C GLU B 85 -11.54 -22.32 -0.51
N MET A 1 -97.09 -11.83 6.00
CA MET A 1 -97.00 -10.39 5.63
C MET A 1 -95.89 -10.16 4.62
N VAL A 2 -96.23 -9.52 3.50
CA VAL A 2 -95.25 -9.24 2.45
C VAL A 2 -94.68 -7.83 2.60
N LYS A 3 -93.48 -7.63 2.06
CA LYS A 3 -92.80 -6.34 2.14
C LYS A 3 -92.57 -5.92 3.59
N GLU A 4 -91.35 -6.15 4.07
CA GLU A 4 -90.99 -5.80 5.45
C GLU A 4 -89.71 -4.97 5.49
N VAL A 5 -89.87 -3.64 5.37
CA VAL A 5 -88.75 -2.73 5.39
C VAL A 5 -87.83 -2.95 4.20
N ASN A 6 -87.26 -1.86 3.68
CA ASN A 6 -86.36 -1.94 2.53
C ASN A 6 -84.91 -1.68 2.97
N VAL A 7 -84.12 -2.76 3.02
CA VAL A 7 -82.72 -2.65 3.41
C VAL A 7 -81.84 -3.47 2.48
N PRO A 8 -80.77 -2.87 1.92
CA PRO A 8 -79.85 -3.56 1.00
C PRO A 8 -79.04 -4.63 1.73
N ASP A 9 -78.53 -5.60 0.96
CA ASP A 9 -77.74 -6.68 1.53
C ASP A 9 -76.42 -6.84 0.79
N ILE A 10 -75.39 -6.13 1.24
CA ILE A 10 -74.08 -6.19 0.63
C ILE A 10 -72.97 -6.19 1.67
N VAL A 11 -71.75 -6.48 1.25
CA VAL A 11 -70.61 -6.52 2.16
C VAL A 11 -69.53 -5.54 1.72
N GLU A 12 -68.84 -5.87 0.64
CA GLU A 12 -67.78 -5.01 0.12
C GLU A 12 -67.77 -5.01 -1.41
N VAL A 13 -67.61 -3.84 -2.00
CA VAL A 13 -67.58 -3.71 -3.45
C VAL A 13 -66.33 -4.36 -4.03
N THR A 14 -65.18 -3.75 -3.79
CA THR A 14 -63.91 -4.27 -4.28
C THR A 14 -62.84 -4.23 -3.20
N GLU A 15 -61.87 -5.13 -3.30
CA GLU A 15 -60.78 -5.20 -2.33
C GLU A 15 -59.65 -4.25 -2.68
N VAL A 16 -59.38 -4.12 -3.98
CA VAL A 16 -58.32 -3.25 -4.49
C VAL A 16 -57.05 -3.33 -3.65
N MET A 17 -56.17 -2.34 -3.79
CA MET A 17 -54.92 -2.30 -3.04
C MET A 17 -54.40 -0.88 -2.92
N VAL A 18 -55.13 0.07 -3.51
CA VAL A 18 -54.72 1.47 -3.46
C VAL A 18 -55.01 2.09 -2.09
N LYS A 19 -56.26 1.97 -1.64
CA LYS A 19 -56.67 2.52 -0.36
C LYS A 19 -56.08 1.69 0.79
N VAL A 20 -56.62 0.49 0.99
CA VAL A 20 -56.15 -0.39 2.05
C VAL A 20 -54.81 -1.01 1.70
N GLY A 21 -54.07 -1.44 2.72
CA GLY A 21 -52.78 -2.06 2.49
C GLY A 21 -52.60 -3.33 3.29
N ASP A 22 -51.84 -4.28 2.73
CA ASP A 22 -51.59 -5.54 3.40
C ASP A 22 -50.10 -5.73 3.67
N LYS A 23 -49.76 -5.98 4.93
CA LYS A 23 -48.37 -6.18 5.32
C LYS A 23 -48.22 -7.43 6.18
N VAL A 24 -47.88 -8.55 5.52
CA VAL A 24 -47.71 -9.81 6.22
C VAL A 24 -46.36 -10.45 5.89
N ALA A 25 -46.17 -10.81 4.63
CA ALA A 25 -44.93 -11.43 4.19
C ALA A 25 -44.05 -10.42 3.45
N ALA A 26 -42.74 -10.57 3.58
CA ALA A 26 -41.80 -9.68 2.92
C ALA A 26 -40.43 -10.34 2.74
N GLU A 27 -39.81 -10.71 3.86
CA GLU A 27 -38.50 -11.36 3.83
C GLU A 27 -37.47 -10.47 3.15
N GLN A 28 -36.27 -11.02 2.94
CA GLN A 28 -35.19 -10.28 2.30
C GLN A 28 -34.85 -9.02 3.07
N SER A 29 -35.31 -8.96 4.32
CA SER A 29 -35.05 -7.81 5.18
C SER A 29 -35.12 -8.20 6.65
N LEU A 30 -34.64 -7.32 7.52
CA LEU A 30 -34.64 -7.58 8.95
C LEU A 30 -35.76 -6.80 9.64
N ILE A 31 -35.53 -5.51 9.87
CA ILE A 31 -36.52 -4.67 10.52
C ILE A 31 -36.13 -3.20 10.45
N THR A 32 -34.83 -2.93 10.42
CA THR A 32 -34.32 -1.57 10.37
C THR A 32 -33.10 -1.47 9.45
N VAL A 33 -33.03 -0.37 8.70
CA VAL A 33 -31.91 -0.16 7.79
C VAL A 33 -30.70 0.40 8.52
N GLU A 34 -29.64 -0.41 8.61
CA GLU A 34 -28.41 0.01 9.28
C GLU A 34 -27.78 1.21 8.60
N GLY A 35 -27.34 1.01 7.35
CA GLY A 35 -26.71 2.08 6.60
C GLY A 35 -25.52 1.61 5.80
N ASP A 36 -24.33 2.07 6.20
CA ASP A 36 -23.10 1.69 5.51
C ASP A 36 -21.99 1.39 6.50
N LYS A 37 -21.14 0.43 6.17
CA LYS A 37 -20.03 0.04 7.03
C LYS A 37 -18.92 1.10 6.99
N ALA A 38 -17.78 0.77 7.57
CA ALA A 38 -16.64 1.68 7.59
C ALA A 38 -15.51 1.14 6.73
N SER A 39 -14.92 2.02 5.94
CA SER A 39 -13.83 1.65 5.04
C SER A 39 -12.80 2.77 4.94
N MET A 40 -11.53 2.39 4.78
CA MET A 40 -10.45 3.37 4.69
C MET A 40 -9.58 3.14 3.46
N GLU A 41 -9.50 4.15 2.60
CA GLU A 41 -8.69 4.07 1.39
C GLU A 41 -7.21 4.27 1.70
N VAL A 42 -6.35 3.60 0.95
CA VAL A 42 -4.90 3.72 1.15
C VAL A 42 -4.20 4.01 -0.17
N PRO A 43 -3.05 4.72 -0.13
CA PRO A 43 -2.29 5.06 -1.32
C PRO A 43 -1.07 4.15 -1.50
N ALA A 44 -0.47 4.21 -2.69
CA ALA A 44 0.71 3.40 -2.98
C ALA A 44 1.97 4.03 -2.41
N PRO A 45 2.90 3.22 -1.87
CA PRO A 45 4.15 3.73 -1.28
C PRO A 45 5.07 4.35 -2.33
N PHE A 46 5.30 3.63 -3.42
CA PHE A 46 6.17 4.12 -4.49
C PHE A 46 5.67 3.65 -5.85
N ALA A 47 5.94 4.44 -6.88
CA ALA A 47 5.53 4.10 -8.24
C ALA A 47 6.17 2.80 -8.70
N GLY A 48 5.35 1.86 -9.15
CA GLY A 48 5.85 0.57 -9.60
C GLY A 48 5.00 -0.03 -10.70
N VAL A 49 5.38 -1.22 -11.15
CA VAL A 49 4.63 -1.92 -12.18
C VAL A 49 4.05 -3.22 -11.65
N VAL A 50 2.72 -3.34 -11.69
CA VAL A 50 2.04 -4.53 -11.20
C VAL A 50 2.28 -5.71 -12.14
N LYS A 51 2.75 -6.82 -11.58
CA LYS A 51 3.02 -8.01 -12.36
C LYS A 51 2.68 -9.28 -11.57
N GLU A 52 2.99 -9.27 -10.28
CA GLU A 52 2.72 -10.43 -9.42
C GLU A 52 1.94 -10.04 -8.18
N LEU A 53 0.63 -10.26 -8.22
CA LEU A 53 -0.24 -9.94 -7.09
C LEU A 53 0.00 -10.89 -5.92
N LYS A 54 -0.45 -10.50 -4.74
CA LYS A 54 -0.28 -11.32 -3.54
C LYS A 54 -1.58 -11.39 -2.74
N VAL A 55 -2.65 -10.82 -3.30
CA VAL A 55 -3.95 -10.83 -2.64
C VAL A 55 -5.09 -11.01 -3.65
N ASN A 56 -6.15 -11.67 -3.21
CA ASN A 56 -7.31 -11.92 -4.07
C ASN A 56 -8.50 -11.09 -3.62
N VAL A 57 -9.37 -10.75 -4.57
CA VAL A 57 -10.55 -9.96 -4.27
C VAL A 57 -11.49 -10.72 -3.33
N GLY A 58 -11.74 -10.12 -2.16
CA GLY A 58 -12.62 -10.75 -1.19
C GLY A 58 -11.84 -11.53 -0.15
N ASP A 59 -10.51 -11.46 -0.22
CA ASP A 59 -9.65 -12.18 0.71
C ASP A 59 -9.18 -11.25 1.83
N LYS A 60 -9.42 -11.67 3.07
CA LYS A 60 -9.02 -10.90 4.25
C LYS A 60 -7.54 -10.52 4.18
N VAL A 61 -7.18 -9.44 4.86
CA VAL A 61 -5.80 -8.96 4.87
C VAL A 61 -5.42 -8.43 6.26
N LYS A 62 -4.18 -8.64 6.64
CA LYS A 62 -3.68 -8.19 7.94
C LYS A 62 -2.29 -7.58 7.82
N THR A 63 -1.90 -6.81 8.83
CA THR A 63 -0.58 -6.17 8.84
C THR A 63 0.53 -7.21 8.73
N GLY A 64 1.58 -6.87 8.00
CA GLY A 64 2.70 -7.78 7.83
C GLY A 64 2.56 -8.66 6.60
N SER A 65 1.32 -8.87 6.15
CA SER A 65 1.06 -9.69 4.97
C SER A 65 1.32 -8.90 3.70
N LEU A 66 1.98 -9.54 2.73
CA LEU A 66 2.29 -8.91 1.46
C LEU A 66 1.01 -8.67 0.66
N ILE A 67 0.84 -7.43 0.19
CA ILE A 67 -0.34 -7.07 -0.58
C ILE A 67 -0.08 -7.19 -2.09
N MET A 68 1.06 -6.65 -2.53
CA MET A 68 1.42 -6.70 -3.95
C MET A 68 2.88 -6.30 -4.15
N ILE A 69 3.50 -6.86 -5.17
CA ILE A 69 4.90 -6.55 -5.47
C ILE A 69 5.04 -5.89 -6.82
N PHE A 70 5.78 -4.78 -6.87
CA PHE A 70 5.99 -4.05 -8.11
C PHE A 70 7.41 -4.27 -8.64
N GLU A 71 7.56 -4.08 -9.95
CA GLU A 71 8.86 -4.22 -10.59
C GLU A 71 9.49 -2.85 -10.78
N VAL A 72 10.30 -2.44 -9.80
CA VAL A 72 10.94 -1.13 -9.85
C VAL A 72 12.43 -1.27 -10.15
N GLU A 73 12.85 -0.71 -11.28
CA GLU A 73 14.26 -0.77 -11.68
C GLU A 73 15.09 0.25 -10.89
N GLY A 74 16.12 -0.24 -10.23
CA GLY A 74 16.98 0.62 -9.44
C GLY A 74 18.10 1.23 -10.27
N ALA A 75 19.31 1.20 -9.73
CA ALA A 75 20.48 1.75 -10.43
C ALA A 75 21.06 0.73 -11.40
N ALA A 76 21.71 1.23 -12.45
CA ALA A 76 22.31 0.37 -13.46
C ALA A 76 23.49 -0.41 -12.89
N PRO A 77 23.77 -1.61 -13.43
CA PRO A 77 24.88 -2.45 -12.96
C PRO A 77 26.22 -1.71 -12.96
N ALA A 78 26.83 -1.61 -11.78
CA ALA A 78 28.12 -0.93 -11.66
C ALA A 78 29.07 -1.73 -10.77
N ALA A 79 30.28 -1.21 -10.60
CA ALA A 79 31.29 -1.87 -9.77
C ALA A 79 31.08 -1.56 -8.30
N ALA A 80 32.01 -2.00 -7.46
CA ALA A 80 31.92 -1.76 -6.02
C ALA A 80 30.61 -2.31 -5.45
N PRO A 81 30.52 -3.64 -5.25
CA PRO A 81 29.33 -4.28 -4.71
C PRO A 81 29.22 -4.13 -3.19
N ALA A 82 30.33 -3.77 -2.56
CA ALA A 82 30.37 -3.61 -1.11
C ALA A 82 29.66 -2.32 -0.69
N LYS A 83 29.70 -2.05 0.62
CA LYS A 83 29.06 -0.84 1.17
C LYS A 83 27.55 -0.87 0.98
N GLN A 84 26.82 -0.92 2.08
CA GLN A 84 25.36 -0.96 2.04
C GLN A 84 24.79 0.45 2.18
N GLU A 85 25.47 1.28 2.97
CA GLU A 85 25.04 2.65 3.20
C GLU A 85 23.63 2.70 3.77
N MET B 1 33.62 -28.91 -74.45
CA MET B 1 32.15 -28.71 -74.49
C MET B 1 31.62 -28.80 -75.92
N VAL B 2 30.32 -29.00 -76.05
CA VAL B 2 29.69 -29.11 -77.37
C VAL B 2 28.40 -28.29 -77.43
N LYS B 3 28.32 -27.41 -78.42
CA LYS B 3 27.14 -26.57 -78.60
C LYS B 3 26.38 -26.97 -79.86
N GLU B 4 27.11 -27.09 -80.96
CA GLU B 4 26.53 -27.48 -82.25
C GLU B 4 25.43 -26.51 -82.67
N VAL B 5 25.81 -25.51 -83.46
CA VAL B 5 24.86 -24.50 -83.96
C VAL B 5 23.78 -24.16 -82.94
N ASN B 6 24.09 -23.21 -82.05
CA ASN B 6 23.14 -22.78 -81.03
C ASN B 6 23.50 -21.39 -80.50
N VAL B 7 22.53 -20.50 -80.49
CA VAL B 7 22.75 -19.14 -80.01
C VAL B 7 22.18 -18.95 -78.60
N PRO B 8 22.98 -18.38 -77.66
CA PRO B 8 22.54 -18.15 -76.29
C PRO B 8 21.75 -16.86 -76.15
N ASP B 9 20.77 -16.87 -75.26
CA ASP B 9 19.94 -15.69 -75.03
C ASP B 9 19.13 -15.82 -73.73
N ILE B 10 19.02 -17.05 -73.24
CA ILE B 10 18.28 -17.31 -72.01
C ILE B 10 19.15 -18.07 -71.00
N VAL B 11 19.61 -17.37 -69.96
CA VAL B 11 20.44 -17.98 -68.93
C VAL B 11 19.65 -18.18 -67.64
N GLU B 12 19.96 -19.27 -66.93
CA GLU B 12 19.30 -19.59 -65.68
C GLU B 12 20.30 -19.98 -64.60
N VAL B 13 21.58 -19.91 -64.94
CA VAL B 13 22.64 -20.27 -63.99
C VAL B 13 22.80 -19.21 -62.92
N THR B 14 23.36 -18.06 -63.31
CA THR B 14 23.58 -16.95 -62.39
C THR B 14 24.53 -17.35 -61.26
N GLU B 15 25.77 -16.90 -61.35
CA GLU B 15 26.78 -17.20 -60.34
C GLU B 15 26.35 -16.68 -58.97
N VAL B 16 26.61 -17.47 -57.93
CA VAL B 16 26.25 -17.09 -56.58
C VAL B 16 27.02 -15.85 -56.12
N MET B 17 26.39 -15.04 -55.29
CA MET B 17 27.01 -13.82 -54.78
C MET B 17 26.26 -13.30 -53.55
N VAL B 18 24.93 -13.34 -53.62
CA VAL B 18 24.10 -12.88 -52.53
C VAL B 18 23.02 -13.92 -52.18
N LYS B 19 22.32 -13.70 -51.07
CA LYS B 19 21.28 -14.61 -50.64
C LYS B 19 19.97 -14.28 -51.33
N VAL B 20 19.38 -15.29 -51.97
CA VAL B 20 18.11 -15.12 -52.67
C VAL B 20 17.07 -16.10 -52.16
N GLY B 21 16.28 -15.66 -51.18
CA GLY B 21 15.25 -16.50 -50.62
C GLY B 21 14.08 -15.71 -50.06
N ASP B 22 13.03 -16.42 -49.65
CA ASP B 22 11.85 -15.77 -49.09
C ASP B 22 11.75 -16.00 -47.59
N LYS B 23 10.96 -15.18 -46.91
CA LYS B 23 10.78 -15.30 -45.48
C LYS B 23 9.37 -15.76 -45.13
N VAL B 24 9.24 -16.50 -44.03
CA VAL B 24 7.95 -17.01 -43.60
C VAL B 24 7.11 -15.90 -42.97
N ALA B 25 7.78 -14.92 -42.38
CA ALA B 25 7.10 -13.80 -41.74
C ALA B 25 7.96 -12.55 -41.74
N ALA B 26 7.44 -11.47 -41.19
CA ALA B 26 8.17 -10.20 -41.13
C ALA B 26 8.71 -9.94 -39.73
N GLU B 27 10.02 -9.86 -39.60
CA GLU B 27 10.67 -9.62 -38.32
C GLU B 27 10.79 -8.12 -38.04
N GLN B 28 10.39 -7.72 -36.84
CA GLN B 28 10.45 -6.31 -36.44
C GLN B 28 11.13 -6.17 -35.08
N SER B 29 10.94 -7.16 -34.22
CA SER B 29 11.53 -7.15 -32.89
C SER B 29 11.90 -8.57 -32.45
N LEU B 30 12.69 -8.67 -31.39
CA LEU B 30 13.12 -9.95 -30.87
C LEU B 30 12.52 -10.21 -29.49
N ILE B 31 12.24 -11.46 -29.19
CA ILE B 31 11.66 -11.84 -27.90
C ILE B 31 12.73 -11.85 -26.82
N THR B 32 12.46 -11.16 -25.72
CA THR B 32 13.39 -11.08 -24.60
C THR B 32 14.73 -10.49 -25.03
N VAL B 33 14.94 -9.22 -24.73
CA VAL B 33 16.17 -8.53 -25.09
C VAL B 33 16.69 -7.69 -23.93
N GLU B 34 15.77 -7.09 -23.18
CA GLU B 34 16.14 -6.26 -22.04
C GLU B 34 14.91 -5.97 -21.17
N GLY B 35 14.80 -6.67 -20.06
CA GLY B 35 13.67 -6.48 -19.16
C GLY B 35 14.10 -5.99 -17.80
N ASP B 36 13.13 -5.59 -16.98
CA ASP B 36 13.41 -5.10 -15.64
C ASP B 36 13.97 -6.22 -14.76
N LYS B 37 14.85 -5.85 -13.83
CA LYS B 37 15.46 -6.82 -12.92
C LYS B 37 15.53 -6.26 -11.51
N ALA B 38 14.39 -5.88 -10.96
CA ALA B 38 14.32 -5.32 -9.61
C ALA B 38 12.88 -5.13 -9.18
N SER B 39 12.51 -5.79 -8.08
CA SER B 39 11.16 -5.68 -7.54
C SER B 39 11.20 -5.53 -6.02
N MET B 40 10.30 -4.72 -5.48
CA MET B 40 10.25 -4.49 -4.04
C MET B 40 8.87 -4.86 -3.49
N GLU B 41 8.88 -5.67 -2.44
CA GLU B 41 7.64 -6.11 -1.80
C GLU B 41 7.17 -5.08 -0.77
N VAL B 42 5.86 -4.97 -0.60
CA VAL B 42 5.30 -4.02 0.37
C VAL B 42 4.27 -4.70 1.27
N PRO B 43 4.13 -4.21 2.52
CA PRO B 43 3.20 -4.76 3.49
C PRO B 43 1.93 -3.91 3.61
N ALA B 44 0.91 -4.47 4.25
CA ALA B 44 -0.35 -3.77 4.45
C ALA B 44 -0.26 -2.79 5.62
N PRO B 45 -0.87 -1.59 5.50
CA PRO B 45 -0.84 -0.58 6.56
C PRO B 45 -1.60 -1.02 7.81
N PHE B 46 -2.82 -1.50 7.62
CA PHE B 46 -3.65 -1.95 8.73
C PHE B 46 -4.53 -3.11 8.31
N ALA B 47 -4.90 -3.95 9.29
CA ALA B 47 -5.74 -5.11 9.02
C ALA B 47 -7.14 -4.70 8.60
N GLY B 48 -7.60 -5.26 7.49
CA GLY B 48 -8.93 -4.94 6.99
C GLY B 48 -9.49 -6.05 6.11
N VAL B 49 -10.64 -5.79 5.50
CA VAL B 49 -11.29 -6.78 4.64
C VAL B 49 -11.37 -6.29 3.20
N VAL B 50 -10.84 -7.09 2.28
CA VAL B 50 -10.87 -6.74 0.85
C VAL B 50 -12.26 -6.93 0.27
N LYS B 51 -12.78 -5.89 -0.38
CA LYS B 51 -14.11 -5.96 -0.98
C LYS B 51 -14.17 -5.17 -2.29
N GLU B 52 -13.50 -4.03 -2.33
CA GLU B 52 -13.49 -3.19 -3.52
C GLU B 52 -12.07 -2.84 -3.94
N LEU B 53 -11.56 -3.56 -4.95
CA LEU B 53 -10.22 -3.32 -5.46
C LEU B 53 -10.16 -2.00 -6.23
N LYS B 54 -8.95 -1.49 -6.44
CA LYS B 54 -8.76 -0.24 -7.17
C LYS B 54 -7.65 -0.38 -8.21
N VAL B 55 -7.09 -1.58 -8.31
CA VAL B 55 -6.02 -1.85 -9.27
C VAL B 55 -6.20 -3.20 -9.95
N ASN B 56 -5.74 -3.30 -11.19
CA ASN B 56 -5.84 -4.53 -11.95
C ASN B 56 -4.46 -5.14 -12.18
N VAL B 57 -4.42 -6.47 -12.29
CA VAL B 57 -3.17 -7.18 -12.49
C VAL B 57 -2.54 -6.79 -13.84
N GLY B 58 -1.33 -6.24 -13.78
CA GLY B 58 -0.65 -5.83 -14.98
C GLY B 58 -0.82 -4.35 -15.28
N ASP B 59 -1.53 -3.67 -14.38
CA ASP B 59 -1.78 -2.23 -14.54
C ASP B 59 -0.75 -1.42 -13.75
N LYS B 60 -0.15 -0.45 -14.42
CA LYS B 60 0.84 0.42 -13.78
C LYS B 60 0.28 1.10 -12.55
N VAL B 61 1.16 1.48 -11.63
CA VAL B 61 0.76 2.13 -10.39
C VAL B 61 1.74 3.25 -10.02
N LYS B 62 1.22 4.32 -9.43
CA LYS B 62 2.05 5.44 -9.03
C LYS B 62 1.61 5.99 -7.67
N THR B 63 2.50 6.76 -7.03
CA THR B 63 2.21 7.35 -5.73
C THR B 63 0.97 8.23 -5.79
N GLY B 64 0.15 8.18 -4.74
CA GLY B 64 -1.06 8.98 -4.69
C GLY B 64 -2.27 8.24 -5.21
N SER B 65 -2.04 7.23 -6.05
CA SER B 65 -3.12 6.44 -6.63
C SER B 65 -3.61 5.39 -5.64
N LEU B 66 -4.93 5.25 -5.53
CA LEU B 66 -5.53 4.28 -4.63
C LEU B 66 -5.25 2.86 -5.10
N ILE B 67 -4.72 2.03 -4.21
CA ILE B 67 -4.41 0.64 -4.55
C ILE B 67 -5.56 -0.29 -4.20
N MET B 68 -6.10 -0.14 -2.99
CA MET B 68 -7.21 -0.97 -2.55
C MET B 68 -7.83 -0.41 -1.27
N ILE B 69 -9.13 -0.62 -1.10
CA ILE B 69 -9.84 -0.14 0.08
C ILE B 69 -10.33 -1.31 0.92
N PHE B 70 -10.18 -1.18 2.23
CA PHE B 70 -10.61 -2.25 3.15
C PHE B 70 -11.77 -1.80 4.01
N GLU B 71 -12.61 -2.74 4.41
CA GLU B 71 -13.75 -2.44 5.25
C GLU B 71 -13.39 -2.62 6.71
N VAL B 72 -12.94 -1.54 7.35
CA VAL B 72 -12.53 -1.58 8.74
C VAL B 72 -13.57 -0.92 9.64
N GLU B 73 -14.16 -1.70 10.54
CA GLU B 73 -15.17 -1.17 11.45
C GLU B 73 -14.51 -0.47 12.64
N GLY B 74 -15.08 0.67 13.03
CA GLY B 74 -14.54 1.42 14.15
C GLY B 74 -15.23 1.08 15.46
N ALA B 75 -15.86 2.08 16.07
CA ALA B 75 -16.57 1.88 17.33
C ALA B 75 -18.00 2.39 17.25
N ALA B 76 -18.96 1.49 17.42
CA ALA B 76 -20.38 1.86 17.37
C ALA B 76 -20.89 2.23 18.76
N PRO B 77 -21.84 3.20 18.82
CA PRO B 77 -22.42 3.64 20.08
C PRO B 77 -23.45 2.67 20.64
N ALA B 78 -24.12 1.95 19.74
CA ALA B 78 -25.14 0.99 20.14
C ALA B 78 -25.12 -0.24 19.23
N ALA B 79 -25.27 0.00 17.93
CA ALA B 79 -25.27 -1.09 16.95
C ALA B 79 -26.43 -2.05 17.20
N ALA B 80 -26.52 -3.08 16.38
CA ALA B 80 -27.58 -4.08 16.52
C ALA B 80 -27.02 -5.49 16.55
N PRO B 81 -26.52 -5.95 17.71
CA PRO B 81 -25.96 -7.30 17.86
C PRO B 81 -27.04 -8.38 17.85
N ALA B 82 -26.75 -9.50 17.20
CA ALA B 82 -27.71 -10.60 17.12
C ALA B 82 -28.01 -11.15 18.51
N LYS B 83 -29.26 -11.55 18.72
CA LYS B 83 -29.68 -12.10 20.00
C LYS B 83 -29.49 -13.62 20.04
N GLN B 84 -29.82 -14.26 18.92
CA GLN B 84 -29.69 -15.71 18.82
C GLN B 84 -28.52 -16.09 17.91
N GLU B 85 -28.73 -15.94 16.61
CA GLU B 85 -27.69 -16.26 15.63
C GLU B 85 -27.01 -14.99 15.12
N MET A 1 -89.38 35.68 -1.01
CA MET A 1 -88.01 36.14 -1.35
C MET A 1 -87.00 35.62 -0.34
N VAL A 2 -87.49 35.27 0.86
CA VAL A 2 -86.63 34.76 1.93
C VAL A 2 -85.59 35.80 2.33
N LYS A 3 -84.48 35.84 1.60
CA LYS A 3 -83.41 36.79 1.87
C LYS A 3 -82.85 36.60 3.27
N GLU A 4 -81.65 36.03 3.36
CA GLU A 4 -80.99 35.81 4.64
C GLU A 4 -80.74 37.13 5.37
N VAL A 5 -81.22 37.23 6.60
CA VAL A 5 -81.05 38.44 7.39
C VAL A 5 -79.64 38.52 7.98
N ASN A 6 -79.32 37.56 8.84
CA ASN A 6 -78.00 37.53 9.47
C ASN A 6 -77.16 36.38 8.92
N VAL A 7 -75.86 36.62 8.77
CA VAL A 7 -74.96 35.62 8.26
C VAL A 7 -74.49 34.67 9.37
N PRO A 8 -74.11 33.43 9.02
CA PRO A 8 -73.65 32.44 10.00
C PRO A 8 -72.51 32.97 10.88
N ASP A 9 -72.29 32.31 12.01
CA ASP A 9 -71.24 32.72 12.93
C ASP A 9 -69.91 32.07 12.57
N ILE A 10 -68.82 32.76 12.84
CA ILE A 10 -67.48 32.25 12.55
C ILE A 10 -67.07 31.19 13.56
N VAL A 11 -66.19 30.28 13.13
CA VAL A 11 -65.69 29.20 13.98
C VAL A 11 -66.82 28.53 14.77
N GLU A 12 -68.03 28.58 14.24
CA GLU A 12 -69.18 27.98 14.89
C GLU A 12 -69.53 26.64 14.26
N VAL A 13 -69.92 26.67 12.98
CA VAL A 13 -70.27 25.45 12.26
C VAL A 13 -69.18 25.06 11.27
N THR A 14 -68.43 24.01 11.60
CA THR A 14 -67.35 23.55 10.74
C THR A 14 -67.81 22.37 9.87
N GLU A 15 -67.56 22.48 8.57
CA GLU A 15 -67.94 21.42 7.63
C GLU A 15 -66.77 21.04 6.73
N VAL A 16 -65.61 21.64 7.01
CA VAL A 16 -64.41 21.36 6.24
C VAL A 16 -63.51 20.35 6.96
N MET A 17 -63.02 19.37 6.21
CA MET A 17 -62.15 18.34 6.78
C MET A 17 -60.69 18.75 6.70
N VAL A 18 -59.93 18.46 7.77
CA VAL A 18 -58.52 18.80 7.81
C VAL A 18 -57.65 17.58 7.53
N LYS A 19 -57.51 16.71 8.52
CA LYS A 19 -56.72 15.49 8.37
C LYS A 19 -55.27 15.84 8.00
N VAL A 20 -54.40 15.92 8.99
CA VAL A 20 -53.00 16.25 8.76
C VAL A 20 -52.23 15.03 8.29
N GLY A 21 -52.13 14.02 9.15
CA GLY A 21 -51.41 12.80 8.79
C GLY A 21 -52.31 11.73 8.20
N ASP A 22 -51.94 11.26 7.01
CA ASP A 22 -52.71 10.22 6.33
C ASP A 22 -51.97 8.90 6.36
N LYS A 23 -52.56 7.90 7.02
CA LYS A 23 -51.95 6.58 7.12
C LYS A 23 -52.96 5.49 6.77
N VAL A 24 -52.76 4.87 5.61
CA VAL A 24 -53.64 3.80 5.15
C VAL A 24 -52.83 2.63 4.59
N ALA A 25 -51.68 2.95 4.03
CA ALA A 25 -50.79 1.93 3.46
C ALA A 25 -49.33 2.23 3.78
N ALA A 26 -48.49 1.23 3.60
CA ALA A 26 -47.05 1.37 3.88
C ALA A 26 -46.80 1.71 5.34
N GLU A 27 -46.28 0.74 6.09
CA GLU A 27 -45.99 0.93 7.51
C GLU A 27 -44.54 1.34 7.71
N GLN A 28 -43.63 0.64 7.04
CA GLN A 28 -42.20 0.93 7.14
C GLN A 28 -41.87 2.25 6.45
N SER A 29 -41.26 3.16 7.20
CA SER A 29 -40.88 4.47 6.65
C SER A 29 -39.40 4.49 6.28
N LEU A 30 -38.80 3.31 6.18
CA LEU A 30 -37.39 3.18 5.81
C LEU A 30 -36.49 3.87 6.84
N ILE A 31 -35.90 3.09 7.72
CA ILE A 31 -35.02 3.63 8.76
C ILE A 31 -33.55 3.42 8.40
N THR A 32 -33.29 2.54 7.43
CA THR A 32 -31.93 2.25 6.99
C THR A 32 -31.03 1.89 8.16
N VAL A 33 -31.62 1.45 9.25
CA VAL A 33 -30.86 1.07 10.44
C VAL A 33 -30.45 -0.39 10.39
N GLU A 34 -29.14 -0.64 10.35
CA GLU A 34 -28.61 -1.99 10.30
C GLU A 34 -27.46 -2.17 11.28
N GLY A 35 -26.35 -1.49 11.00
CA GLY A 35 -25.19 -1.57 11.87
C GLY A 35 -24.23 -0.43 11.66
N ASP A 36 -22.94 -0.72 11.67
CA ASP A 36 -21.91 0.30 11.48
C ASP A 36 -20.89 -0.15 10.45
N LYS A 37 -20.81 0.57 9.33
CA LYS A 37 -19.87 0.25 8.27
C LYS A 37 -18.87 1.37 8.06
N ALA A 38 -17.61 1.01 7.95
CA ALA A 38 -16.54 1.98 7.74
C ALA A 38 -15.42 1.38 6.90
N SER A 39 -14.84 2.19 6.03
CA SER A 39 -13.77 1.74 5.15
C SER A 39 -12.70 2.82 5.00
N MET A 40 -11.44 2.39 4.86
CA MET A 40 -10.34 3.32 4.72
C MET A 40 -9.51 3.00 3.48
N GLU A 41 -9.43 3.96 2.56
CA GLU A 41 -8.68 3.78 1.33
C GLU A 41 -7.18 3.98 1.58
N VAL A 42 -6.37 3.15 0.95
CA VAL A 42 -4.92 3.24 1.10
C VAL A 42 -4.24 3.56 -0.24
N PRO A 43 -3.17 4.37 -0.23
CA PRO A 43 -2.45 4.75 -1.43
C PRO A 43 -1.15 3.97 -1.60
N ALA A 44 -0.62 3.97 -2.81
CA ALA A 44 0.63 3.26 -3.10
C ALA A 44 1.84 4.04 -2.58
N PRO A 45 2.85 3.34 -2.03
CA PRO A 45 4.06 3.98 -1.49
C PRO A 45 4.96 4.53 -2.58
N PHE A 46 5.13 3.77 -3.65
CA PHE A 46 5.97 4.17 -4.77
C PHE A 46 5.44 3.62 -6.09
N ALA A 47 5.69 4.35 -7.17
CA ALA A 47 5.25 3.92 -8.49
C ALA A 47 5.92 2.60 -8.88
N GLY A 48 5.25 1.83 -9.73
CA GLY A 48 5.81 0.56 -10.16
C GLY A 48 4.87 -0.24 -11.02
N VAL A 49 5.42 -1.24 -11.71
CA VAL A 49 4.62 -2.09 -12.59
C VAL A 49 4.26 -3.39 -11.88
N VAL A 50 2.99 -3.77 -11.97
CA VAL A 50 2.50 -5.00 -11.35
C VAL A 50 2.96 -6.22 -12.13
N LYS A 51 3.63 -7.14 -11.44
CA LYS A 51 4.12 -8.36 -12.07
C LYS A 51 3.47 -9.60 -11.47
N GLU A 52 3.53 -9.71 -10.14
CA GLU A 52 2.94 -10.85 -9.45
C GLU A 52 2.19 -10.40 -8.20
N LEU A 53 0.89 -10.67 -8.18
CA LEU A 53 0.04 -10.31 -7.04
C LEU A 53 0.32 -11.23 -5.85
N LYS A 54 -0.15 -10.83 -4.67
CA LYS A 54 0.04 -11.62 -3.46
C LYS A 54 -1.27 -12.23 -2.98
N VAL A 55 -2.32 -11.41 -2.99
CA VAL A 55 -3.64 -11.86 -2.56
C VAL A 55 -4.68 -11.67 -3.65
N ASN A 56 -5.74 -12.47 -3.61
CA ASN A 56 -6.80 -12.39 -4.61
C ASN A 56 -7.93 -11.49 -4.11
N VAL A 57 -8.62 -10.85 -5.05
CA VAL A 57 -9.74 -9.96 -4.71
C VAL A 57 -10.80 -10.70 -3.89
N GLY A 58 -11.08 -10.18 -2.71
CA GLY A 58 -12.08 -10.79 -1.85
C GLY A 58 -11.46 -11.47 -0.64
N ASP A 59 -10.14 -11.39 -0.54
CA ASP A 59 -9.42 -12.00 0.58
C ASP A 59 -8.96 -10.94 1.58
N LYS A 60 -9.36 -11.13 2.83
CA LYS A 60 -8.99 -10.20 3.90
C LYS A 60 -7.48 -10.00 3.97
N VAL A 61 -7.05 -9.07 4.83
CA VAL A 61 -5.64 -8.77 4.99
C VAL A 61 -5.29 -8.61 6.46
N LYS A 62 -4.00 -8.72 6.78
CA LYS A 62 -3.54 -8.59 8.15
C LYS A 62 -2.18 -7.90 8.20
N THR A 63 -1.89 -7.23 9.31
CA THR A 63 -0.63 -6.52 9.48
C THR A 63 0.55 -7.49 9.40
N GLY A 64 1.50 -7.18 8.54
CA GLY A 64 2.67 -8.03 8.38
C GLY A 64 2.61 -8.90 7.15
N SER A 65 1.46 -8.88 6.47
CA SER A 65 1.28 -9.68 5.27
C SER A 65 1.37 -8.81 4.01
N LEU A 66 2.08 -9.32 3.01
CA LEU A 66 2.25 -8.58 1.76
C LEU A 66 0.91 -8.40 1.05
N ILE A 67 0.90 -7.53 0.04
CA ILE A 67 -0.33 -7.26 -0.71
C ILE A 67 -0.06 -7.21 -2.21
N MET A 68 1.12 -6.72 -2.59
CA MET A 68 1.48 -6.61 -4.00
C MET A 68 2.98 -6.36 -4.15
N ILE A 69 3.51 -6.68 -5.33
CA ILE A 69 4.93 -6.48 -5.61
C ILE A 69 5.13 -5.71 -6.90
N PHE A 70 5.93 -4.65 -6.85
CA PHE A 70 6.19 -3.82 -8.02
C PHE A 70 7.61 -4.01 -8.54
N GLU A 71 7.80 -3.75 -9.83
CA GLU A 71 9.11 -3.85 -10.45
C GLU A 71 9.78 -2.48 -10.47
N VAL A 72 10.62 -2.23 -9.47
CA VAL A 72 11.31 -0.95 -9.37
C VAL A 72 12.83 -1.12 -9.53
N GLU A 73 13.37 -0.48 -10.55
CA GLU A 73 14.81 -0.54 -10.83
C GLU A 73 15.59 0.14 -9.71
N GLY A 74 16.53 -0.61 -9.12
CA GLY A 74 17.33 -0.05 -8.05
C GLY A 74 18.28 -1.09 -7.45
N ALA A 75 18.78 -0.81 -6.25
CA ALA A 75 19.69 -1.72 -5.58
C ALA A 75 18.98 -2.50 -4.47
N ALA A 76 18.94 -3.82 -4.63
CA ALA A 76 18.29 -4.68 -3.65
C ALA A 76 19.25 -5.02 -2.51
N PRO A 77 18.72 -5.18 -1.28
CA PRO A 77 19.54 -5.51 -0.10
C PRO A 77 20.41 -6.74 -0.32
N ALA A 78 19.94 -7.65 -1.16
CA ALA A 78 20.68 -8.88 -1.46
C ALA A 78 20.50 -9.27 -2.93
N ALA A 79 21.59 -9.21 -3.68
CA ALA A 79 21.56 -9.56 -5.10
C ALA A 79 22.88 -10.20 -5.52
N ALA A 80 22.80 -11.38 -6.13
CA ALA A 80 23.98 -12.09 -6.59
C ALA A 80 23.82 -12.56 -8.03
N PRO A 81 24.25 -11.75 -9.02
CA PRO A 81 24.15 -12.11 -10.44
C PRO A 81 25.03 -13.29 -10.79
N ALA A 82 24.40 -14.39 -11.21
CA ALA A 82 25.13 -15.59 -11.59
C ALA A 82 25.23 -15.73 -13.10
N LYS A 83 24.75 -14.71 -13.82
CA LYS A 83 24.79 -14.71 -15.27
C LYS A 83 26.21 -14.59 -15.78
N GLN A 84 26.50 -15.28 -16.88
CA GLN A 84 27.84 -15.25 -17.48
C GLN A 84 28.09 -13.92 -18.19
N GLU A 85 28.99 -13.12 -17.62
CA GLU A 85 29.33 -11.82 -18.19
C GLU A 85 28.09 -10.94 -18.31
N MET B 1 37.51 29.10 -69.59
CA MET B 1 37.33 27.63 -69.48
C MET B 1 37.56 27.17 -68.05
N VAL B 2 37.95 28.10 -67.19
CA VAL B 2 38.21 27.79 -65.78
C VAL B 2 37.21 28.49 -64.87
N LYS B 3 36.95 29.76 -65.16
CA LYS B 3 36.02 30.56 -64.36
C LYS B 3 34.59 30.04 -64.52
N GLU B 4 34.29 29.47 -65.68
CA GLU B 4 32.95 28.95 -65.95
C GLU B 4 32.95 27.42 -65.85
N VAL B 5 31.88 26.88 -65.27
CA VAL B 5 31.74 25.44 -65.11
C VAL B 5 30.75 24.88 -66.11
N ASN B 6 29.55 25.46 -66.13
CA ASN B 6 28.49 25.03 -67.05
C ASN B 6 28.10 23.57 -66.80
N VAL B 7 26.92 23.37 -66.22
CA VAL B 7 26.41 22.03 -65.94
C VAL B 7 25.06 21.80 -66.61
N PRO B 8 24.94 20.75 -67.45
CA PRO B 8 23.70 20.44 -68.14
C PRO B 8 22.68 19.72 -67.24
N ASP B 9 21.40 19.90 -67.55
CA ASP B 9 20.32 19.28 -66.78
C ASP B 9 20.39 19.70 -65.31
N ILE B 10 19.52 20.65 -64.94
CA ILE B 10 19.48 21.13 -63.57
C ILE B 10 18.03 21.39 -63.12
N VAL B 11 17.74 21.03 -61.87
CA VAL B 11 16.41 21.21 -61.31
C VAL B 11 16.18 22.67 -60.92
N GLU B 12 17.26 23.37 -60.60
CA GLU B 12 17.17 24.77 -60.19
C GLU B 12 17.25 25.68 -61.41
N VAL B 13 16.11 26.24 -61.81
CA VAL B 13 16.04 27.13 -62.95
C VAL B 13 15.60 28.52 -62.53
N THR B 14 14.37 28.62 -62.03
CA THR B 14 13.82 29.90 -61.58
C THR B 14 13.81 29.97 -60.06
N GLU B 15 13.23 28.95 -59.43
CA GLU B 15 13.15 28.90 -57.98
C GLU B 15 13.42 27.49 -57.47
N VAL B 16 13.65 27.36 -56.16
CA VAL B 16 13.92 26.06 -55.55
C VAL B 16 12.69 25.15 -55.63
N MET B 17 12.94 23.88 -55.94
CA MET B 17 11.85 22.90 -56.05
C MET B 17 11.82 21.98 -54.83
N VAL B 18 12.88 21.20 -54.67
CA VAL B 18 12.98 20.27 -53.54
C VAL B 18 13.97 20.76 -52.50
N LYS B 19 13.73 20.38 -51.24
CA LYS B 19 14.60 20.77 -50.14
C LYS B 19 15.18 19.55 -49.44
N VAL B 20 14.38 18.49 -49.38
CA VAL B 20 14.80 17.25 -48.74
C VAL B 20 15.04 16.15 -49.76
N GLY B 21 16.03 15.30 -49.48
CA GLY B 21 16.35 14.21 -50.38
C GLY B 21 16.72 12.94 -49.65
N ASP B 22 16.93 11.86 -50.39
CA ASP B 22 17.29 10.57 -49.80
C ASP B 22 18.72 10.60 -49.28
N LYS B 23 18.87 10.36 -47.97
CA LYS B 23 20.18 10.35 -47.34
C LYS B 23 20.42 9.03 -46.63
N VAL B 24 21.50 8.97 -45.85
CA VAL B 24 21.84 7.76 -45.11
C VAL B 24 20.98 7.63 -43.85
N ALA B 25 20.30 6.51 -43.70
CA ALA B 25 19.46 6.26 -42.54
C ALA B 25 20.18 5.44 -41.50
N ALA B 26 19.92 5.74 -40.23
CA ALA B 26 20.55 5.03 -39.12
C ALA B 26 19.88 3.68 -38.88
N GLU B 27 20.43 2.92 -37.93
CA GLU B 27 19.89 1.61 -37.61
C GLU B 27 18.60 1.73 -36.80
N GLN B 28 17.90 0.61 -36.63
CA GLN B 28 16.65 0.60 -35.89
C GLN B 28 16.92 0.34 -34.40
N SER B 29 16.36 1.19 -33.55
CA SER B 29 16.53 1.06 -32.11
C SER B 29 15.18 0.87 -31.41
N LEU B 30 15.23 0.66 -30.10
CA LEU B 30 14.02 0.47 -29.31
C LEU B 30 13.89 1.56 -28.25
N ILE B 31 12.85 1.46 -27.42
CA ILE B 31 12.61 2.44 -26.37
C ILE B 31 13.78 2.49 -25.39
N THR B 32 13.85 1.51 -24.50
CA THR B 32 14.92 1.44 -23.51
C THR B 32 15.06 0.02 -22.95
N VAL B 33 14.02 -0.44 -22.26
CA VAL B 33 14.02 -1.78 -21.68
C VAL B 33 12.60 -2.25 -21.42
N GLU B 34 12.35 -3.53 -21.68
CA GLU B 34 11.02 -4.12 -21.48
C GLU B 34 11.01 -5.04 -20.26
N GLY B 35 12.20 -5.48 -19.86
CA GLY B 35 12.30 -6.37 -18.70
C GLY B 35 12.67 -5.63 -17.44
N ASP B 36 12.64 -6.35 -16.32
CA ASP B 36 12.97 -5.77 -15.02
C ASP B 36 13.98 -6.63 -14.28
N LYS B 37 14.77 -6.00 -13.41
CA LYS B 37 15.77 -6.72 -12.64
C LYS B 37 15.79 -6.25 -11.17
N ALA B 38 14.64 -5.78 -10.70
CA ALA B 38 14.53 -5.30 -9.33
C ALA B 38 13.07 -5.05 -8.96
N SER B 39 12.61 -5.74 -7.92
CA SER B 39 11.24 -5.61 -7.44
C SER B 39 11.21 -5.46 -5.92
N MET B 40 10.31 -4.60 -5.44
CA MET B 40 10.17 -4.38 -4.01
C MET B 40 8.77 -4.75 -3.52
N GLU B 41 8.72 -5.64 -2.54
CA GLU B 41 7.44 -6.08 -1.98
C GLU B 41 6.93 -5.10 -0.94
N VAL B 42 5.62 -4.86 -0.94
CA VAL B 42 5.02 -3.93 0.01
C VAL B 42 4.02 -4.64 0.91
N PRO B 43 3.95 -4.27 2.21
CA PRO B 43 3.04 -4.87 3.17
C PRO B 43 1.80 -4.00 3.42
N ALA B 44 0.80 -4.59 4.06
CA ALA B 44 -0.43 -3.88 4.36
C ALA B 44 -0.27 -2.99 5.59
N PRO B 45 -0.86 -1.78 5.57
CA PRO B 45 -0.77 -0.86 6.71
C PRO B 45 -1.61 -1.32 7.90
N PHE B 46 -2.81 -1.81 7.63
CA PHE B 46 -3.70 -2.28 8.69
C PHE B 46 -4.59 -3.41 8.18
N ALA B 47 -5.02 -4.28 9.10
CA ALA B 47 -5.88 -5.39 8.76
C ALA B 47 -7.28 -4.91 8.36
N GLY B 48 -7.91 -5.64 7.45
CA GLY B 48 -9.24 -5.29 7.00
C GLY B 48 -9.76 -6.22 5.93
N VAL B 49 -11.04 -6.11 5.62
CA VAL B 49 -11.65 -6.97 4.60
C VAL B 49 -11.74 -6.26 3.25
N VAL B 50 -11.43 -6.99 2.19
CA VAL B 50 -11.47 -6.45 0.84
C VAL B 50 -12.90 -6.39 0.32
N LYS B 51 -13.33 -5.19 -0.09
CA LYS B 51 -14.69 -5.00 -0.60
C LYS B 51 -14.67 -4.55 -2.05
N GLU B 52 -13.95 -3.47 -2.33
CA GLU B 52 -13.86 -2.94 -3.68
C GLU B 52 -12.42 -2.59 -4.05
N LEU B 53 -11.91 -3.22 -5.11
CA LEU B 53 -10.54 -2.97 -5.56
C LEU B 53 -10.46 -1.65 -6.29
N LYS B 54 -9.24 -1.16 -6.50
CA LYS B 54 -9.03 0.10 -7.20
C LYS B 54 -8.40 -0.13 -8.57
N VAL B 55 -7.40 -1.00 -8.62
CA VAL B 55 -6.71 -1.30 -9.87
C VAL B 55 -6.76 -2.79 -10.18
N ASN B 56 -6.70 -3.13 -11.47
CA ASN B 56 -6.73 -4.52 -11.90
C ASN B 56 -5.31 -5.08 -12.02
N VAL B 57 -5.19 -6.39 -11.82
CA VAL B 57 -3.88 -7.05 -11.92
C VAL B 57 -3.26 -6.84 -13.30
N GLY B 58 -2.06 -6.26 -13.30
CA GLY B 58 -1.37 -6.00 -14.55
C GLY B 58 -1.30 -4.52 -14.88
N ASP B 59 -1.88 -3.69 -14.02
CA ASP B 59 -1.89 -2.25 -14.23
C ASP B 59 -0.86 -1.58 -13.33
N LYS B 60 0.00 -0.76 -13.92
CA LYS B 60 1.04 -0.05 -13.19
C LYS B 60 0.44 0.80 -12.08
N VAL B 61 1.31 1.42 -11.28
CA VAL B 61 0.88 2.27 -10.18
C VAL B 61 1.71 3.53 -10.09
N LYS B 62 1.18 4.55 -9.41
CA LYS B 62 1.90 5.82 -9.26
C LYS B 62 1.62 6.43 -7.89
N THR B 63 2.56 7.25 -7.41
CA THR B 63 2.42 7.90 -6.12
C THR B 63 1.21 8.83 -6.10
N GLY B 64 0.34 8.63 -5.10
CA GLY B 64 -0.85 9.45 -4.98
C GLY B 64 -2.09 8.75 -5.47
N SER B 65 -1.91 7.56 -6.04
CA SER B 65 -3.04 6.78 -6.55
C SER B 65 -3.37 5.63 -5.61
N LEU B 66 -4.66 5.44 -5.36
CA LEU B 66 -5.13 4.37 -4.47
C LEU B 66 -4.81 3.00 -5.06
N ILE B 67 -4.89 1.97 -4.22
CA ILE B 67 -4.61 0.61 -4.66
C ILE B 67 -5.67 -0.37 -4.17
N MET B 68 -6.20 -0.13 -2.98
CA MET B 68 -7.22 -1.01 -2.40
C MET B 68 -7.93 -0.33 -1.22
N ILE B 69 -9.13 -0.79 -0.92
CA ILE B 69 -9.91 -0.24 0.19
C ILE B 69 -10.36 -1.36 1.13
N PHE B 70 -10.16 -1.17 2.42
CA PHE B 70 -10.53 -2.17 3.41
C PHE B 70 -11.68 -1.68 4.28
N GLU B 71 -12.46 -2.62 4.80
CA GLU B 71 -13.59 -2.29 5.65
C GLU B 71 -13.17 -2.34 7.12
N VAL B 72 -12.76 -1.19 7.64
CA VAL B 72 -12.32 -1.09 9.03
C VAL B 72 -13.30 -0.28 9.87
N GLU B 73 -13.79 -0.90 10.94
CA GLU B 73 -14.74 -0.23 11.83
C GLU B 73 -14.03 0.84 12.65
N GLY B 74 -14.31 2.11 12.30
CA GLY B 74 -13.69 3.21 13.01
C GLY B 74 -14.44 3.59 14.27
N ALA B 75 -15.49 2.84 14.59
CA ALA B 75 -16.29 3.09 15.78
C ALA B 75 -15.49 2.82 17.04
N ALA B 76 -15.31 3.83 17.87
CA ALA B 76 -14.57 3.69 19.12
C ALA B 76 -15.33 2.83 20.12
N PRO B 77 -14.60 2.08 20.99
CA PRO B 77 -15.22 1.23 22.00
C PRO B 77 -15.86 2.03 23.13
N ALA B 78 -16.45 1.33 24.08
CA ALA B 78 -17.10 1.99 25.22
C ALA B 78 -16.57 1.44 26.54
N ALA B 79 -15.90 2.29 27.30
CA ALA B 79 -15.34 1.90 28.59
C ALA B 79 -15.80 2.84 29.70
N ALA B 80 -16.69 2.35 30.56
CA ALA B 80 -17.20 3.15 31.66
C ALA B 80 -16.12 3.41 32.72
N PRO B 81 -15.42 2.35 33.19
CA PRO B 81 -14.37 2.51 34.20
C PRO B 81 -13.08 3.08 33.61
N ALA B 82 -12.80 4.33 33.95
CA ALA B 82 -11.60 5.00 33.45
C ALA B 82 -10.38 4.61 34.27
N LYS B 83 -9.38 4.05 33.59
CA LYS B 83 -8.14 3.62 34.24
C LYS B 83 -8.40 2.50 35.24
N GLN B 84 -7.40 1.63 35.39
CA GLN B 84 -7.51 0.49 36.32
C GLN B 84 -8.64 -0.45 35.91
N GLU B 85 -8.27 -1.58 35.34
CA GLU B 85 -9.26 -2.57 34.90
C GLU B 85 -9.79 -3.37 36.09
N MET A 1 -80.71 37.19 0.31
CA MET A 1 -80.22 36.36 1.44
C MET A 1 -80.89 34.99 1.44
N VAL A 2 -80.07 33.94 1.34
CA VAL A 2 -80.59 32.58 1.32
C VAL A 2 -80.69 32.00 2.74
N LYS A 3 -79.71 32.34 3.58
CA LYS A 3 -79.69 31.86 4.95
C LYS A 3 -80.17 32.96 5.91
N GLU A 4 -80.16 32.66 7.21
CA GLU A 4 -80.58 33.60 8.22
C GLU A 4 -79.40 34.42 8.75
N VAL A 5 -79.70 35.41 9.59
CA VAL A 5 -78.65 36.26 10.16
C VAL A 5 -78.01 35.60 11.37
N ASN A 6 -76.71 35.32 11.27
CA ASN A 6 -75.97 34.68 12.35
C ASN A 6 -76.58 33.33 12.72
N VAL A 7 -75.99 32.67 13.72
CA VAL A 7 -76.48 31.38 14.17
C VAL A 7 -76.51 31.30 15.69
N PRO A 8 -77.46 30.53 16.26
CA PRO A 8 -77.58 30.38 17.71
C PRO A 8 -76.38 29.66 18.32
N ASP A 9 -76.18 29.84 19.62
CA ASP A 9 -75.07 29.21 20.31
C ASP A 9 -75.53 28.58 21.62
N ILE A 10 -74.90 27.46 21.98
CA ILE A 10 -75.24 26.75 23.22
C ILE A 10 -74.24 27.07 24.32
N VAL A 11 -74.73 27.66 25.41
CA VAL A 11 -73.87 28.02 26.53
C VAL A 11 -73.36 26.78 27.24
N GLU A 12 -72.08 26.80 27.62
CA GLU A 12 -71.46 25.68 28.31
C GLU A 12 -70.12 26.07 28.91
N VAL A 13 -69.63 25.26 29.84
CA VAL A 13 -68.36 25.52 30.50
C VAL A 13 -67.50 24.26 30.57
N THR A 14 -67.92 23.23 29.85
CA THR A 14 -67.19 21.96 29.83
C THR A 14 -65.91 22.07 29.00
N GLU A 15 -66.02 22.78 27.86
CA GLU A 15 -64.88 22.97 26.97
C GLU A 15 -64.36 21.64 26.44
N VAL A 16 -64.66 21.35 25.17
CA VAL A 16 -64.22 20.12 24.55
C VAL A 16 -63.42 20.40 23.28
N MET A 17 -62.36 19.63 23.07
CA MET A 17 -61.51 19.82 21.89
C MET A 17 -60.86 18.49 21.49
N VAL A 18 -60.24 17.82 22.47
CA VAL A 18 -59.57 16.54 22.23
C VAL A 18 -58.38 16.71 21.29
N LYS A 19 -57.20 16.30 21.76
CA LYS A 19 -55.98 16.39 20.97
C LYS A 19 -55.67 17.84 20.62
N VAL A 20 -54.73 18.43 21.35
CA VAL A 20 -54.33 19.82 21.12
C VAL A 20 -52.83 19.93 20.90
N GLY A 21 -52.06 19.09 21.59
CA GLY A 21 -50.62 19.11 21.46
C GLY A 21 -50.07 17.88 20.78
N ASP A 22 -49.57 16.94 21.58
CA ASP A 22 -49.00 15.70 21.05
C ASP A 22 -50.01 14.98 20.15
N LYS A 23 -49.51 14.32 19.11
CA LYS A 23 -50.36 13.61 18.17
C LYS A 23 -50.21 12.09 18.35
N VAL A 24 -49.15 11.54 17.79
CA VAL A 24 -48.89 10.10 17.88
C VAL A 24 -47.41 9.83 18.06
N ALA A 25 -46.59 10.86 17.87
CA ALA A 25 -45.14 10.73 18.00
C ALA A 25 -44.77 10.24 19.40
N ALA A 26 -43.86 9.26 19.45
CA ALA A 26 -43.41 8.70 20.72
C ALA A 26 -41.94 8.28 20.65
N GLU A 27 -41.30 8.62 19.54
CA GLU A 27 -39.89 8.29 19.35
C GLU A 27 -39.00 9.44 19.78
N GLN A 28 -37.74 9.14 20.09
CA GLN A 28 -36.78 10.15 20.53
C GLN A 28 -35.77 10.46 19.42
N SER A 29 -35.13 9.41 18.92
CA SER A 29 -34.13 9.56 17.87
C SER A 29 -34.20 8.39 16.89
N LEU A 30 -34.23 8.70 15.60
CA LEU A 30 -34.30 7.68 14.56
C LEU A 30 -32.91 7.43 13.96
N ILE A 31 -31.89 7.99 14.60
CA ILE A 31 -30.51 7.82 14.13
C ILE A 31 -29.62 7.31 15.25
N THR A 32 -28.37 7.01 14.91
CA THR A 32 -27.40 6.52 15.88
C THR A 32 -26.09 7.29 15.81
N VAL A 33 -25.36 7.30 16.92
CA VAL A 33 -24.08 8.00 16.98
C VAL A 33 -22.93 7.10 16.56
N GLU A 34 -21.93 7.70 15.93
CA GLU A 34 -20.76 6.95 15.47
C GLU A 34 -19.59 7.89 15.19
N GLY A 35 -18.53 7.76 15.98
CA GLY A 35 -17.37 8.60 15.81
C GLY A 35 -16.12 7.80 15.45
N ASP A 36 -16.24 6.93 14.46
CA ASP A 36 -15.13 6.10 14.03
C ASP A 36 -15.16 5.88 12.51
N LYS A 37 -14.04 6.15 11.86
CA LYS A 37 -13.94 5.98 10.41
C LYS A 37 -13.50 4.56 10.06
N ALA A 38 -14.46 3.75 9.58
CA ALA A 38 -14.17 2.37 9.22
C ALA A 38 -13.40 2.29 7.91
N SER A 39 -14.14 2.30 6.80
CA SER A 39 -13.53 2.23 5.48
C SER A 39 -12.54 3.36 5.27
N MET A 40 -11.26 3.01 5.16
CA MET A 40 -10.21 4.00 4.97
C MET A 40 -9.41 3.72 3.71
N GLU A 41 -9.42 4.69 2.80
CA GLU A 41 -8.69 4.59 1.54
C GLU A 41 -7.19 4.71 1.78
N VAL A 42 -6.40 3.93 1.05
CA VAL A 42 -4.95 3.96 1.19
C VAL A 42 -4.26 4.15 -0.16
N PRO A 43 -3.11 4.84 -0.20
CA PRO A 43 -2.36 5.08 -1.40
C PRO A 43 -1.15 4.16 -1.55
N ALA A 44 -0.74 3.91 -2.79
CA ALA A 44 0.41 3.04 -3.05
C ALA A 44 1.68 3.63 -2.44
N PRO A 45 2.61 2.78 -1.99
CA PRO A 45 3.87 3.22 -1.38
C PRO A 45 4.76 3.98 -2.37
N PHE A 46 5.01 3.37 -3.52
CA PHE A 46 5.84 3.98 -4.55
C PHE A 46 5.41 3.53 -5.94
N ALA A 47 5.69 4.34 -6.94
CA ALA A 47 5.34 4.02 -8.32
C ALA A 47 6.02 2.73 -8.75
N GLY A 48 5.28 1.88 -9.46
CA GLY A 48 5.84 0.61 -9.89
C GLY A 48 5.02 -0.06 -10.96
N VAL A 49 5.39 -1.29 -11.30
CA VAL A 49 4.69 -2.06 -12.31
C VAL A 49 4.15 -3.35 -11.71
N VAL A 50 2.84 -3.57 -11.88
CA VAL A 50 2.20 -4.76 -11.34
C VAL A 50 2.61 -6.01 -12.12
N LYS A 51 3.52 -6.78 -11.54
CA LYS A 51 4.00 -8.01 -12.18
C LYS A 51 3.04 -9.17 -11.90
N GLU A 52 2.61 -9.32 -10.65
CA GLU A 52 1.70 -10.39 -10.28
C GLU A 52 1.06 -10.12 -8.92
N LEU A 53 -0.27 -10.01 -8.92
CA LEU A 53 -1.02 -9.76 -7.69
C LEU A 53 -0.74 -10.84 -6.65
N LYS A 54 -0.81 -10.46 -5.38
CA LYS A 54 -0.58 -11.40 -4.28
C LYS A 54 -1.82 -11.55 -3.41
N VAL A 55 -2.83 -10.74 -3.71
CA VAL A 55 -4.08 -10.78 -2.96
C VAL A 55 -5.27 -11.03 -3.87
N ASN A 56 -6.27 -11.73 -3.36
CA ASN A 56 -7.47 -12.04 -4.14
C ASN A 56 -8.66 -11.24 -3.62
N VAL A 57 -9.58 -10.92 -4.51
CA VAL A 57 -10.78 -10.16 -4.14
C VAL A 57 -11.63 -10.94 -3.15
N GLY A 58 -11.85 -10.36 -1.98
CA GLY A 58 -12.66 -11.02 -0.97
C GLY A 58 -11.81 -11.61 0.15
N ASP A 59 -10.54 -11.85 -0.15
CA ASP A 59 -9.63 -12.42 0.83
C ASP A 59 -9.15 -11.35 1.82
N LYS A 60 -9.61 -11.47 3.07
CA LYS A 60 -9.25 -10.53 4.12
C LYS A 60 -7.74 -10.30 4.17
N VAL A 61 -7.36 -9.11 4.61
CA VAL A 61 -5.94 -8.74 4.72
C VAL A 61 -5.54 -8.54 6.17
N LYS A 62 -4.23 -8.61 6.45
CA LYS A 62 -3.72 -8.43 7.80
C LYS A 62 -2.41 -7.65 7.77
N THR A 63 -2.18 -6.86 8.81
CA THR A 63 -0.96 -6.06 8.90
C THR A 63 0.27 -6.95 8.99
N GLY A 64 1.21 -6.75 8.07
CA GLY A 64 2.42 -7.54 8.06
C GLY A 64 2.50 -8.49 6.88
N SER A 65 1.37 -8.73 6.23
CA SER A 65 1.32 -9.62 5.07
C SER A 65 1.61 -8.86 3.79
N LEU A 66 2.03 -9.59 2.76
CA LEU A 66 2.35 -8.99 1.46
C LEU A 66 1.07 -8.74 0.67
N ILE A 67 1.09 -7.68 -0.13
CA ILE A 67 -0.08 -7.33 -0.95
C ILE A 67 0.26 -7.36 -2.44
N MET A 68 1.41 -6.80 -2.80
CA MET A 68 1.85 -6.76 -4.19
C MET A 68 3.31 -6.33 -4.28
N ILE A 69 4.02 -6.81 -5.29
CA ILE A 69 5.42 -6.47 -5.49
C ILE A 69 5.62 -5.66 -6.76
N PHE A 70 6.40 -4.59 -6.65
CA PHE A 70 6.69 -3.73 -7.80
C PHE A 70 8.16 -3.78 -8.18
N GLU A 71 8.42 -3.93 -9.47
CA GLU A 71 9.78 -3.98 -9.97
C GLU A 71 10.20 -2.62 -10.51
N VAL A 72 10.80 -1.80 -9.66
CA VAL A 72 11.24 -0.47 -10.06
C VAL A 72 12.68 -0.48 -10.56
N GLU A 73 12.85 -0.13 -11.82
CA GLU A 73 14.18 -0.09 -12.44
C GLU A 73 14.94 1.17 -12.03
N GLY A 74 16.26 1.06 -11.95
CA GLY A 74 17.08 2.20 -11.57
C GLY A 74 17.15 2.39 -10.07
N ALA A 75 18.03 3.29 -9.64
CA ALA A 75 18.20 3.57 -8.21
C ALA A 75 17.14 4.54 -7.70
N ALA A 76 16.81 4.42 -6.42
CA ALA A 76 15.80 5.29 -5.81
C ALA A 76 16.44 6.55 -5.23
N PRO A 77 15.96 7.74 -5.62
CA PRO A 77 16.49 9.02 -5.13
C PRO A 77 16.35 9.16 -3.61
N ALA A 78 15.30 8.56 -3.07
CA ALA A 78 15.05 8.62 -1.63
C ALA A 78 16.06 7.76 -0.87
N ALA A 79 16.26 6.54 -1.35
CA ALA A 79 17.19 5.61 -0.72
C ALA A 79 18.64 6.05 -0.92
N ALA A 80 19.47 5.85 0.10
CA ALA A 80 20.87 6.23 0.04
C ALA A 80 21.66 5.62 1.21
N PRO A 81 21.21 5.82 2.47
CA PRO A 81 21.91 5.28 3.64
C PRO A 81 21.59 3.81 3.86
N ALA A 82 22.21 3.22 4.89
CA ALA A 82 22.00 1.82 5.21
C ALA A 82 22.53 1.48 6.60
N LYS A 83 23.39 2.34 7.12
CA LYS A 83 23.97 2.14 8.45
C LYS A 83 22.98 2.52 9.54
N GLN A 84 22.25 3.62 9.31
CA GLN A 84 21.26 4.12 10.26
C GLN A 84 21.76 4.03 11.70
N GLU A 85 23.07 4.16 11.87
CA GLU A 85 23.70 4.10 13.18
C GLU A 85 23.35 2.78 13.88
N MET B 1 50.73 11.83 -71.51
CA MET B 1 50.36 10.96 -70.36
C MET B 1 51.23 11.28 -69.14
N VAL B 2 50.57 11.57 -68.01
CA VAL B 2 51.28 11.90 -66.79
C VAL B 2 52.19 13.12 -66.97
N LYS B 3 51.65 14.29 -66.67
CA LYS B 3 52.40 15.54 -66.81
C LYS B 3 52.86 16.04 -65.45
N GLU B 4 54.15 16.32 -65.34
CA GLU B 4 54.73 16.82 -64.10
C GLU B 4 54.29 18.25 -63.84
N VAL B 5 54.27 18.65 -62.57
CA VAL B 5 53.88 19.99 -62.19
C VAL B 5 54.94 20.66 -61.33
N ASN B 6 54.68 21.90 -60.92
CA ASN B 6 55.63 22.64 -60.10
C ASN B 6 55.13 22.76 -58.66
N VAL B 7 53.90 22.31 -58.43
CA VAL B 7 53.31 22.38 -57.09
C VAL B 7 53.14 20.97 -56.50
N PRO B 8 53.20 20.84 -55.17
CA PRO B 8 53.04 19.54 -54.50
C PRO B 8 51.68 18.91 -54.78
N ASP B 9 51.61 17.59 -54.60
CA ASP B 9 50.36 16.87 -54.83
C ASP B 9 50.09 15.88 -53.71
N ILE B 10 51.11 15.63 -52.88
CA ILE B 10 50.99 14.71 -51.76
C ILE B 10 50.64 15.44 -50.48
N VAL B 11 49.52 15.04 -49.87
CA VAL B 11 49.06 15.66 -48.63
C VAL B 11 48.73 14.61 -47.58
N GLU B 12 48.97 13.35 -47.91
CA GLU B 12 48.71 12.24 -47.00
C GLU B 12 49.98 11.82 -46.28
N VAL B 13 49.85 11.48 -45.00
CA VAL B 13 50.98 11.06 -44.19
C VAL B 13 51.14 9.54 -44.22
N THR B 14 52.18 9.04 -43.55
CA THR B 14 52.44 7.60 -43.50
C THR B 14 51.66 6.95 -42.37
N GLU B 15 51.81 5.63 -42.24
CA GLU B 15 51.13 4.88 -41.20
C GLU B 15 51.86 4.99 -39.87
N VAL B 16 51.09 5.00 -38.78
CA VAL B 16 51.67 5.10 -37.45
C VAL B 16 52.55 3.91 -37.13
N MET B 17 53.70 4.18 -36.51
CA MET B 17 54.63 3.12 -36.14
C MET B 17 54.59 2.86 -34.64
N VAL B 18 55.22 3.75 -33.87
CA VAL B 18 55.26 3.66 -32.41
C VAL B 18 55.46 2.22 -31.94
N LYS B 19 55.11 1.95 -30.68
CA LYS B 19 55.24 0.62 -30.10
C LYS B 19 53.87 0.01 -29.83
N VAL B 20 53.86 -1.27 -29.50
CA VAL B 20 52.61 -1.99 -29.21
C VAL B 20 52.46 -2.22 -27.72
N GLY B 21 51.24 -2.02 -27.21
CA GLY B 21 50.98 -2.22 -25.80
C GLY B 21 49.51 -2.15 -25.47
N ASP B 22 48.69 -2.93 -26.18
CA ASP B 22 47.25 -2.95 -25.94
C ASP B 22 46.94 -3.55 -24.57
N LYS B 23 46.38 -2.74 -23.68
CA LYS B 23 46.04 -3.18 -22.33
C LYS B 23 44.69 -2.63 -21.90
N VAL B 24 44.64 -1.33 -21.65
CA VAL B 24 43.40 -0.68 -21.21
C VAL B 24 42.65 -0.07 -22.40
N ALA B 25 43.23 -0.19 -23.58
CA ALA B 25 42.61 0.36 -24.79
C ALA B 25 41.66 -0.65 -25.43
N ALA B 26 41.47 -1.77 -24.75
CA ALA B 26 40.58 -2.82 -25.25
C ALA B 26 39.16 -2.65 -24.70
N GLU B 27 38.20 -2.55 -25.61
CA GLU B 27 36.80 -2.38 -25.22
C GLU B 27 36.07 -3.72 -25.21
N GLN B 28 35.69 -4.17 -24.02
CA GLN B 28 34.99 -5.43 -23.86
C GLN B 28 33.50 -5.20 -23.58
N SER B 29 33.21 -4.05 -22.97
CA SER B 29 31.83 -3.70 -22.63
C SER B 29 31.12 -4.84 -21.92
N LEU B 30 31.30 -4.91 -20.60
CA LEU B 30 30.69 -5.96 -19.80
C LEU B 30 29.68 -5.37 -18.80
N ILE B 31 28.41 -5.70 -18.99
CA ILE B 31 27.36 -5.19 -18.12
C ILE B 31 26.53 -6.34 -17.54
N THR B 32 26.13 -6.20 -16.27
CA THR B 32 25.33 -7.22 -15.60
C THR B 32 24.10 -6.61 -14.94
N VAL B 33 24.30 -5.47 -14.27
CA VAL B 33 23.21 -4.79 -13.60
C VAL B 33 23.62 -3.39 -13.17
N GLU B 34 22.67 -2.46 -13.21
CA GLU B 34 22.93 -1.07 -12.82
C GLU B 34 22.08 -0.69 -11.62
N GLY B 35 20.76 -0.71 -11.81
CA GLY B 35 19.86 -0.36 -10.73
C GLY B 35 19.84 -1.39 -9.62
N ASP B 36 20.15 -0.95 -8.41
CA ASP B 36 20.18 -1.85 -7.25
C ASP B 36 18.85 -1.84 -6.52
N LYS B 37 18.46 -3.01 -6.01
CA LYS B 37 17.20 -3.15 -5.28
C LYS B 37 16.02 -2.63 -6.10
N ALA B 38 15.58 -3.42 -7.08
CA ALA B 38 14.46 -3.05 -7.93
C ALA B 38 13.15 -3.52 -7.32
N SER B 39 12.85 -4.80 -7.51
CA SER B 39 11.62 -5.37 -6.97
C SER B 39 11.60 -5.31 -5.45
N MET B 40 10.75 -4.44 -4.90
CA MET B 40 10.64 -4.27 -3.46
C MET B 40 9.28 -4.73 -2.95
N GLU B 41 9.29 -5.63 -1.99
CA GLU B 41 8.06 -6.15 -1.41
C GLU B 41 7.47 -5.15 -0.40
N VAL B 42 6.15 -5.00 -0.42
CA VAL B 42 5.48 -4.07 0.48
C VAL B 42 4.41 -4.77 1.31
N PRO B 43 4.20 -4.32 2.57
CA PRO B 43 3.20 -4.88 3.46
C PRO B 43 1.94 -4.01 3.54
N ALA B 44 0.82 -4.64 3.88
CA ALA B 44 -0.44 -3.90 4.00
C ALA B 44 -0.38 -2.88 5.13
N PRO B 45 -1.06 -1.73 4.98
CA PRO B 45 -1.06 -0.67 6.00
C PRO B 45 -1.68 -1.15 7.32
N PHE B 46 -2.90 -1.67 7.24
CA PHE B 46 -3.61 -2.16 8.42
C PHE B 46 -4.52 -3.33 8.07
N ALA B 47 -4.87 -4.12 9.07
CA ALA B 47 -5.75 -5.28 8.86
C ALA B 47 -7.16 -4.83 8.50
N GLY B 48 -7.73 -5.47 7.48
CA GLY B 48 -9.07 -5.12 7.04
C GLY B 48 -9.69 -6.19 6.17
N VAL B 49 -10.77 -5.83 5.48
CA VAL B 49 -11.46 -6.76 4.60
C VAL B 49 -11.53 -6.23 3.17
N VAL B 50 -11.15 -7.06 2.21
CA VAL B 50 -11.17 -6.68 0.81
C VAL B 50 -12.60 -6.64 0.28
N LYS B 51 -13.13 -5.41 0.12
CA LYS B 51 -14.48 -5.23 -0.39
C LYS B 51 -14.50 -5.25 -1.92
N GLU B 52 -13.59 -4.51 -2.53
CA GLU B 52 -13.50 -4.44 -3.98
C GLU B 52 -12.16 -3.89 -4.43
N LEU B 53 -11.42 -4.68 -5.19
CA LEU B 53 -10.11 -4.28 -5.69
C LEU B 53 -10.23 -3.00 -6.53
N LYS B 54 -9.16 -2.20 -6.52
CA LYS B 54 -9.14 -0.95 -7.28
C LYS B 54 -8.03 -0.98 -8.33
N VAL B 55 -7.23 -2.05 -8.31
CA VAL B 55 -6.14 -2.20 -9.27
C VAL B 55 -6.25 -3.50 -10.03
N ASN B 56 -5.83 -3.49 -11.30
CA ASN B 56 -5.90 -4.67 -12.14
C ASN B 56 -4.50 -5.21 -12.39
N VAL B 57 -4.40 -6.53 -12.57
CA VAL B 57 -3.12 -7.18 -12.83
C VAL B 57 -2.51 -6.70 -14.13
N GLY B 58 -1.32 -6.10 -14.05
CA GLY B 58 -0.65 -5.61 -15.24
C GLY B 58 -0.71 -4.09 -15.35
N ASP B 59 -1.69 -3.49 -14.69
CA ASP B 59 -1.85 -2.04 -14.72
C ASP B 59 -0.83 -1.37 -13.80
N LYS B 60 0.09 -0.61 -14.40
CA LYS B 60 1.12 0.09 -13.65
C LYS B 60 0.53 0.93 -12.52
N VAL B 61 1.29 1.08 -11.45
CA VAL B 61 0.85 1.86 -10.30
C VAL B 61 1.69 3.14 -10.17
N LYS B 62 1.17 4.10 -9.41
CA LYS B 62 1.87 5.36 -9.19
C LYS B 62 1.64 5.89 -7.77
N THR B 63 2.62 6.59 -7.24
CA THR B 63 2.52 7.15 -5.89
C THR B 63 1.42 8.20 -5.80
N GLY B 64 0.47 7.98 -4.90
CA GLY B 64 -0.62 8.93 -4.73
C GLY B 64 -1.95 8.37 -5.18
N SER B 65 -1.91 7.28 -5.96
CA SER B 65 -3.12 6.64 -6.45
C SER B 65 -3.65 5.62 -5.46
N LEU B 66 -4.94 5.32 -5.57
CA LEU B 66 -5.58 4.34 -4.67
C LEU B 66 -5.29 2.92 -5.14
N ILE B 67 -5.18 2.00 -4.18
CA ILE B 67 -4.91 0.60 -4.50
C ILE B 67 -6.05 -0.30 -4.04
N MET B 68 -6.52 -0.07 -2.82
CA MET B 68 -7.61 -0.87 -2.25
C MET B 68 -8.15 -0.24 -0.98
N ILE B 69 -9.45 -0.42 -0.72
CA ILE B 69 -10.06 0.13 0.48
C ILE B 69 -10.48 -0.98 1.44
N PHE B 70 -10.26 -0.75 2.73
CA PHE B 70 -10.60 -1.74 3.74
C PHE B 70 -11.60 -1.17 4.75
N GLU B 71 -12.68 -1.91 4.97
CA GLU B 71 -13.71 -1.48 5.91
C GLU B 71 -13.47 -2.08 7.29
N VAL B 72 -12.76 -1.33 8.13
CA VAL B 72 -12.45 -1.80 9.48
C VAL B 72 -13.53 -1.38 10.47
N GLU B 73 -14.19 -2.36 11.08
CA GLU B 73 -15.24 -2.08 12.04
C GLU B 73 -14.65 -1.78 13.41
N GLY B 74 -15.53 -1.42 14.36
CA GLY B 74 -15.08 -1.10 15.71
C GLY B 74 -15.20 -2.28 16.65
N ALA B 75 -14.39 -3.31 16.42
CA ALA B 75 -14.41 -4.51 17.25
C ALA B 75 -13.04 -4.75 17.89
N ALA B 76 -13.05 -5.04 19.19
CA ALA B 76 -11.82 -5.30 19.92
C ALA B 76 -11.35 -6.74 19.71
N PRO B 77 -10.03 -6.98 19.74
CA PRO B 77 -9.46 -8.32 19.54
C PRO B 77 -9.64 -9.21 20.77
N ALA B 78 -10.29 -10.35 20.58
CA ALA B 78 -10.51 -11.30 21.67
C ALA B 78 -10.92 -12.67 21.13
N ALA B 79 -12.00 -12.71 20.37
CA ALA B 79 -12.50 -13.96 19.78
C ALA B 79 -13.11 -13.71 18.41
N ALA B 80 -13.23 -14.78 17.62
CA ALA B 80 -13.80 -14.69 16.29
C ALA B 80 -15.28 -14.34 16.34
N PRO B 81 -15.81 -13.64 15.32
CA PRO B 81 -17.22 -13.24 15.27
C PRO B 81 -18.15 -14.44 15.12
N ALA B 82 -19.43 -14.25 15.47
CA ALA B 82 -20.42 -15.31 15.39
C ALA B 82 -21.80 -14.74 15.05
N LYS B 83 -22.25 -14.99 13.83
CA LYS B 83 -23.56 -14.51 13.38
C LYS B 83 -24.32 -15.61 12.64
N GLN B 84 -25.31 -16.18 13.32
CA GLN B 84 -26.12 -17.24 12.72
C GLN B 84 -27.53 -17.23 13.28
N GLU B 85 -27.69 -16.72 14.50
CA GLU B 85 -28.99 -16.65 15.14
C GLU B 85 -29.58 -15.25 15.01
N MET A 1 -49.23 19.33 71.71
CA MET A 1 -49.82 18.13 71.07
C MET A 1 -48.99 17.67 69.88
N VAL A 2 -48.01 18.48 69.52
CA VAL A 2 -47.13 18.17 68.39
C VAL A 2 -45.70 18.59 68.67
N LYS A 3 -44.74 17.71 68.36
CA LYS A 3 -43.34 17.99 68.58
C LYS A 3 -42.65 18.35 67.27
N GLU A 4 -41.52 19.06 67.38
CA GLU A 4 -40.76 19.48 66.21
C GLU A 4 -39.48 18.65 66.06
N VAL A 5 -39.16 17.86 67.09
CA VAL A 5 -37.97 17.02 67.07
C VAL A 5 -38.08 15.95 66.00
N ASN A 6 -39.13 15.15 66.07
CA ASN A 6 -39.37 14.08 65.09
C ASN A 6 -40.71 14.27 64.40
N VAL A 7 -40.67 14.78 63.18
CA VAL A 7 -41.88 15.01 62.40
C VAL A 7 -42.50 13.70 61.94
N PRO A 8 -43.83 13.51 62.15
CA PRO A 8 -44.52 12.28 61.74
C PRO A 8 -44.75 12.22 60.23
N ASP A 9 -44.55 11.04 59.66
CA ASP A 9 -44.73 10.85 58.22
C ASP A 9 -46.00 10.03 57.94
N ILE A 10 -46.72 10.43 56.89
CA ILE A 10 -47.95 9.74 56.50
C ILE A 10 -47.64 8.54 55.61
N VAL A 11 -47.16 8.80 54.41
CA VAL A 11 -46.82 7.75 53.47
C VAL A 11 -45.54 8.09 52.70
N GLU A 12 -45.05 9.31 52.89
CA GLU A 12 -43.84 9.76 52.22
C GLU A 12 -42.62 9.58 53.12
N VAL A 13 -41.44 9.56 52.51
CA VAL A 13 -40.19 9.40 53.25
C VAL A 13 -39.25 10.56 52.99
N THR A 14 -39.09 11.42 53.99
CA THR A 14 -38.20 12.59 53.88
C THR A 14 -38.72 13.57 52.84
N GLU A 15 -38.75 14.86 53.20
CA GLU A 15 -39.23 15.90 52.30
C GLU A 15 -38.29 16.05 51.10
N VAL A 16 -37.00 16.25 51.38
CA VAL A 16 -36.01 16.42 50.33
C VAL A 16 -35.68 15.07 49.69
N MET A 17 -35.64 15.06 48.36
CA MET A 17 -35.33 13.84 47.62
C MET A 17 -33.86 13.46 47.79
N VAL A 18 -33.61 12.19 48.10
CA VAL A 18 -32.25 11.70 48.29
C VAL A 18 -32.02 10.41 47.51
N LYS A 19 -33.10 9.74 47.15
CA LYS A 19 -33.02 8.49 46.40
C LYS A 19 -33.99 8.48 45.24
N VAL A 20 -34.82 9.51 45.16
CA VAL A 20 -35.80 9.63 44.09
C VAL A 20 -35.17 10.20 42.82
N GLY A 21 -35.04 9.34 41.80
CA GLY A 21 -34.46 9.77 40.54
C GLY A 21 -33.75 8.65 39.82
N ASP A 22 -32.72 8.99 39.06
CA ASP A 22 -31.95 8.00 38.31
C ASP A 22 -30.45 8.25 38.47
N LYS A 23 -29.67 7.17 38.37
CA LYS A 23 -28.22 7.26 38.50
C LYS A 23 -27.53 6.64 37.29
N VAL A 24 -26.64 7.40 36.66
CA VAL A 24 -25.91 6.94 35.49
C VAL A 24 -26.86 6.67 34.32
N ALA A 25 -26.72 7.45 33.25
CA ALA A 25 -27.55 7.28 32.06
C ALA A 25 -26.76 7.51 30.78
N ALA A 26 -25.65 8.24 30.90
CA ALA A 26 -24.79 8.53 29.76
C ALA A 26 -23.36 8.06 30.00
N GLU A 27 -23.06 7.77 31.25
CA GLU A 27 -21.72 7.31 31.62
C GLU A 27 -21.62 5.79 31.59
N GLN A 28 -20.56 5.28 30.99
CA GLN A 28 -20.36 3.83 30.89
C GLN A 28 -18.90 3.49 30.60
N SER A 29 -18.51 2.27 30.95
CA SER A 29 -17.14 1.79 30.74
C SER A 29 -16.11 2.81 31.20
N LEU A 30 -15.61 3.63 30.27
CA LEU A 30 -14.61 4.64 30.60
C LEU A 30 -14.38 5.59 29.43
N ILE A 31 -14.96 5.26 28.28
CA ILE A 31 -14.82 6.07 27.08
C ILE A 31 -15.23 7.52 27.35
N THR A 32 -14.48 8.46 26.77
CA THR A 32 -14.76 9.88 26.94
C THR A 32 -14.74 10.60 25.60
N VAL A 33 -14.00 10.05 24.65
CA VAL A 33 -13.91 10.65 23.32
C VAL A 33 -14.95 10.07 22.37
N GLU A 34 -15.51 10.93 21.52
CA GLU A 34 -16.52 10.50 20.56
C GLU A 34 -16.04 10.70 19.13
N GLY A 35 -15.88 9.60 18.41
CA GLY A 35 -15.42 9.67 17.03
C GLY A 35 -15.27 8.30 16.40
N ASP A 36 -16.00 8.07 15.31
CA ASP A 36 -15.95 6.79 14.60
C ASP A 36 -14.75 6.74 13.67
N LYS A 37 -14.18 5.55 13.53
CA LYS A 37 -13.01 5.36 12.65
C LYS A 37 -12.77 3.88 12.40
N ALA A 38 -12.89 3.47 11.14
CA ALA A 38 -12.69 2.08 10.76
C ALA A 38 -12.10 2.00 9.35
N SER A 39 -12.97 2.10 8.35
CA SER A 39 -12.54 2.05 6.96
C SER A 39 -11.54 3.15 6.67
N MET A 40 -10.58 2.87 5.78
CA MET A 40 -9.56 3.85 5.43
C MET A 40 -8.87 3.49 4.12
N GLU A 41 -8.97 4.37 3.14
CA GLU A 41 -8.36 4.16 1.83
C GLU A 41 -6.85 4.29 1.93
N VAL A 42 -6.13 3.43 1.22
CA VAL A 42 -4.67 3.44 1.23
C VAL A 42 -4.11 3.66 -0.18
N PRO A 43 -3.03 4.46 -0.29
CA PRO A 43 -2.38 4.75 -1.56
C PRO A 43 -1.12 3.93 -1.78
N ALA A 44 -0.57 4.01 -2.99
CA ALA A 44 0.65 3.28 -3.33
C ALA A 44 1.90 4.04 -2.88
N PRO A 45 2.86 3.36 -2.25
CA PRO A 45 4.09 4.00 -1.78
C PRO A 45 4.93 4.56 -2.91
N PHE A 46 5.22 3.73 -3.91
CA PHE A 46 6.02 4.14 -5.06
C PHE A 46 5.49 3.53 -6.34
N ALA A 47 5.70 4.22 -7.46
CA ALA A 47 5.24 3.74 -8.76
C ALA A 47 5.90 2.41 -9.11
N GLY A 48 5.34 1.73 -10.10
CA GLY A 48 5.89 0.45 -10.52
C GLY A 48 4.92 -0.38 -11.35
N VAL A 49 5.43 -1.42 -11.98
CA VAL A 49 4.61 -2.29 -12.81
C VAL A 49 4.27 -3.58 -12.07
N VAL A 50 2.99 -3.94 -12.07
CA VAL A 50 2.54 -5.16 -11.39
C VAL A 50 2.99 -6.40 -12.16
N LYS A 51 3.93 -7.12 -11.58
CA LYS A 51 4.45 -8.34 -12.20
C LYS A 51 3.85 -9.58 -11.54
N GLU A 52 3.59 -9.49 -10.24
CA GLU A 52 3.02 -10.61 -9.49
C GLU A 52 2.49 -10.16 -8.13
N LEU A 53 1.30 -10.64 -7.79
CA LEU A 53 0.67 -10.30 -6.52
C LEU A 53 0.27 -11.56 -5.76
N LYS A 54 0.00 -11.42 -4.47
CA LYS A 54 -0.39 -12.56 -3.64
C LYS A 54 -1.74 -12.32 -2.99
N VAL A 55 -2.52 -11.39 -3.54
CA VAL A 55 -3.84 -11.08 -3.01
C VAL A 55 -4.91 -11.18 -4.09
N ASN A 56 -6.11 -11.59 -3.69
CA ASN A 56 -7.22 -11.73 -4.62
C ASN A 56 -8.42 -10.92 -4.15
N VAL A 57 -9.23 -10.45 -5.10
CA VAL A 57 -10.41 -9.67 -4.79
C VAL A 57 -11.40 -10.46 -3.95
N GLY A 58 -11.71 -9.95 -2.76
CA GLY A 58 -12.65 -10.64 -1.89
C GLY A 58 -11.96 -11.34 -0.74
N ASP A 59 -10.63 -11.35 -0.76
CA ASP A 59 -9.85 -11.99 0.29
C ASP A 59 -9.38 -10.98 1.32
N LYS A 60 -9.70 -11.24 2.59
CA LYS A 60 -9.32 -10.37 3.69
C LYS A 60 -7.81 -10.15 3.73
N VAL A 61 -7.37 -9.27 4.64
CA VAL A 61 -5.96 -8.96 4.79
C VAL A 61 -5.60 -8.82 6.26
N LYS A 62 -4.31 -8.95 6.57
CA LYS A 62 -3.83 -8.83 7.94
C LYS A 62 -2.48 -8.12 7.98
N THR A 63 -2.17 -7.50 9.11
CA THR A 63 -0.90 -6.79 9.29
C THR A 63 0.27 -7.75 9.22
N GLY A 64 1.26 -7.41 8.40
CA GLY A 64 2.44 -8.25 8.26
C GLY A 64 2.37 -9.13 7.02
N SER A 65 1.22 -9.12 6.35
CA SER A 65 1.04 -9.92 5.14
C SER A 65 1.33 -9.11 3.89
N LEU A 66 2.11 -9.69 2.98
CA LEU A 66 2.46 -9.01 1.73
C LEU A 66 1.25 -8.89 0.81
N ILE A 67 1.10 -7.75 0.17
CA ILE A 67 -0.01 -7.50 -0.73
C ILE A 67 0.42 -7.55 -2.20
N MET A 68 1.43 -6.75 -2.54
CA MET A 68 1.94 -6.69 -3.91
C MET A 68 3.43 -6.39 -3.93
N ILE A 69 4.07 -6.69 -5.05
CA ILE A 69 5.49 -6.44 -5.21
C ILE A 69 5.78 -5.80 -6.55
N PHE A 70 6.45 -4.64 -6.53
CA PHE A 70 6.78 -3.92 -7.74
C PHE A 70 8.24 -4.10 -8.12
N GLU A 71 8.55 -3.87 -9.39
CA GLU A 71 9.91 -3.98 -9.89
C GLU A 71 10.18 -2.89 -10.92
N VAL A 72 10.73 -1.77 -10.44
CA VAL A 72 11.03 -0.64 -11.30
C VAL A 72 12.40 -0.77 -11.95
N GLU A 73 12.60 -0.06 -13.06
CA GLU A 73 13.87 -0.11 -13.77
C GLU A 73 14.59 1.24 -13.69
N GLY A 74 14.05 2.14 -12.88
CA GLY A 74 14.65 3.46 -12.72
C GLY A 74 14.15 4.42 -13.78
N ALA A 75 13.38 3.93 -14.73
CA ALA A 75 12.83 4.76 -15.79
C ALA A 75 11.31 4.79 -15.74
N ALA A 76 10.74 5.98 -15.81
CA ALA A 76 9.29 6.15 -15.78
C ALA A 76 8.63 5.55 -17.02
N PRO A 77 7.39 5.03 -16.88
CA PRO A 77 6.66 4.43 -17.99
C PRO A 77 6.42 5.42 -19.13
N ALA A 78 6.59 4.95 -20.36
CA ALA A 78 6.39 5.79 -21.53
C ALA A 78 6.00 4.96 -22.75
N ALA A 79 6.56 3.76 -22.84
CA ALA A 79 6.27 2.86 -23.95
C ALA A 79 6.10 1.42 -23.46
N ALA A 80 7.19 0.83 -23.00
CA ALA A 80 7.18 -0.55 -22.51
C ALA A 80 6.63 -1.52 -23.55
N PRO A 81 7.51 -2.12 -24.37
CA PRO A 81 7.10 -3.07 -25.41
C PRO A 81 6.53 -4.35 -24.83
N ALA A 82 5.26 -4.62 -25.14
CA ALA A 82 4.59 -5.82 -24.64
C ALA A 82 3.40 -6.18 -25.52
N LYS A 83 2.58 -5.17 -25.82
CA LYS A 83 1.40 -5.36 -26.65
C LYS A 83 0.43 -6.35 -26.01
N GLN A 84 0.62 -6.58 -24.71
CA GLN A 84 -0.24 -7.50 -23.94
C GLN A 84 -0.10 -8.93 -24.45
N GLU A 85 0.37 -9.82 -23.57
CA GLU A 85 0.54 -11.22 -23.93
C GLU A 85 -0.16 -12.13 -22.94
N MET B 1 96.15 37.58 -36.52
CA MET B 1 94.83 37.84 -35.89
C MET B 1 94.99 38.35 -34.46
N VAL B 2 93.98 39.07 -33.97
CA VAL B 2 94.01 39.62 -32.63
C VAL B 2 94.17 38.51 -31.58
N LYS B 3 93.67 37.32 -31.91
CA LYS B 3 93.75 36.17 -31.01
C LYS B 3 93.05 36.45 -29.69
N GLU B 4 91.82 35.96 -29.56
CA GLU B 4 91.04 36.16 -28.34
C GLU B 4 91.30 35.02 -27.36
N VAL B 5 90.60 35.07 -26.22
CA VAL B 5 90.75 34.04 -25.19
C VAL B 5 89.92 32.80 -25.54
N ASN B 6 90.61 31.68 -25.76
CA ASN B 6 89.93 30.43 -26.11
C ASN B 6 89.56 29.65 -24.85
N VAL B 7 88.25 29.50 -24.63
CA VAL B 7 87.76 28.79 -23.45
C VAL B 7 86.98 27.53 -23.88
N PRO B 8 87.28 26.37 -23.26
CA PRO B 8 86.60 25.11 -23.59
C PRO B 8 85.17 25.05 -23.05
N ASP B 9 84.27 24.47 -23.84
CA ASP B 9 82.87 24.35 -23.45
C ASP B 9 82.63 23.04 -22.70
N ILE B 10 81.69 23.07 -21.75
CA ILE B 10 81.36 21.89 -20.96
C ILE B 10 79.87 21.59 -21.02
N VAL B 11 79.52 20.31 -20.85
CA VAL B 11 78.13 19.88 -20.89
C VAL B 11 77.96 18.54 -20.18
N GLU B 12 76.86 18.40 -19.44
CA GLU B 12 76.56 17.17 -18.72
C GLU B 12 75.37 16.45 -19.34
N VAL B 13 75.55 15.17 -19.65
CA VAL B 13 74.49 14.37 -20.25
C VAL B 13 73.38 14.07 -19.24
N THR B 14 72.17 14.55 -19.53
CA THR B 14 71.03 14.34 -18.66
C THR B 14 71.35 14.68 -17.20
N GLU B 15 71.17 15.94 -16.85
CA GLU B 15 71.44 16.41 -15.49
C GLU B 15 70.23 16.17 -14.59
N VAL B 16 70.28 16.70 -13.38
CA VAL B 16 69.19 16.54 -12.43
C VAL B 16 67.92 17.22 -12.93
N MET B 17 66.77 16.64 -12.59
CA MET B 17 65.49 17.19 -13.01
C MET B 17 65.38 17.25 -14.53
N VAL B 18 64.72 16.25 -15.11
CA VAL B 18 64.54 16.19 -16.56
C VAL B 18 63.13 15.73 -16.92
N LYS B 19 62.43 15.18 -15.95
CA LYS B 19 61.07 14.69 -16.16
C LYS B 19 60.09 15.37 -15.21
N VAL B 20 58.92 15.71 -15.72
CA VAL B 20 57.89 16.36 -14.91
C VAL B 20 57.28 15.37 -13.92
N GLY B 21 56.86 14.21 -14.43
CA GLY B 21 56.26 13.20 -13.58
C GLY B 21 54.87 12.80 -14.06
N ASP B 22 54.72 11.53 -14.43
CA ASP B 22 53.44 11.02 -14.91
C ASP B 22 52.42 10.93 -13.78
N LYS B 23 51.42 11.80 -13.82
CA LYS B 23 50.38 11.82 -12.81
C LYS B 23 48.98 11.76 -13.45
N VAL B 24 48.95 11.96 -14.77
CA VAL B 24 47.71 11.93 -15.55
C VAL B 24 46.57 12.68 -14.84
N ALA B 25 45.35 12.44 -15.28
CA ALA B 25 44.18 13.09 -14.70
C ALA B 25 42.90 12.31 -15.01
N ALA B 26 42.26 11.80 -13.97
CA ALA B 26 41.02 11.04 -14.14
C ALA B 26 39.80 11.91 -13.90
N GLU B 27 38.65 11.47 -14.40
CA GLU B 27 37.41 12.21 -14.26
C GLU B 27 36.61 11.70 -13.05
N GLN B 28 37.06 10.59 -12.48
CA GLN B 28 36.41 9.98 -11.32
C GLN B 28 34.97 9.60 -11.64
N SER B 29 34.73 8.30 -11.83
CA SER B 29 33.40 7.80 -12.15
C SER B 29 32.66 7.40 -10.88
N LEU B 30 31.67 8.21 -10.48
CA LEU B 30 30.89 7.94 -9.29
C LEU B 30 29.74 6.99 -9.60
N ILE B 31 29.82 5.77 -9.07
CA ILE B 31 28.78 4.77 -9.29
C ILE B 31 27.77 4.77 -8.14
N THR B 32 28.11 5.47 -7.07
CA THR B 32 27.25 5.56 -5.91
C THR B 32 26.96 4.17 -5.32
N VAL B 33 27.76 3.78 -4.34
CA VAL B 33 27.60 2.48 -3.70
C VAL B 33 26.46 2.51 -2.68
N GLU B 34 25.76 1.38 -2.55
CA GLU B 34 24.64 1.27 -1.61
C GLU B 34 23.54 2.27 -1.96
N GLY B 35 22.47 1.77 -2.58
CA GLY B 35 21.35 2.62 -2.94
C GLY B 35 20.02 1.90 -2.87
N ASP B 36 19.27 1.93 -3.97
CA ASP B 36 17.96 1.28 -4.02
C ASP B 36 18.03 0.03 -4.88
N LYS B 37 17.31 -1.01 -4.46
CA LYS B 37 17.28 -2.27 -5.19
C LYS B 37 16.13 -2.28 -6.21
N ALA B 38 15.64 -1.10 -6.54
CA ALA B 38 14.54 -0.93 -7.48
C ALA B 38 13.27 -1.60 -6.96
N SER B 39 13.15 -2.90 -7.21
CA SER B 39 11.98 -3.65 -6.75
C SER B 39 11.91 -3.62 -5.23
N MET B 40 10.70 -3.59 -4.69
CA MET B 40 10.50 -3.58 -3.24
C MET B 40 9.11 -4.05 -2.86
N GLU B 41 9.05 -5.09 -2.04
CA GLU B 41 7.79 -5.66 -1.59
C GLU B 41 7.13 -4.75 -0.56
N VAL B 42 5.82 -4.61 -0.64
CA VAL B 42 5.08 -3.77 0.28
C VAL B 42 4.03 -4.56 1.07
N PRO B 43 3.85 -4.25 2.37
CA PRO B 43 2.90 -4.94 3.23
C PRO B 43 1.63 -4.12 3.44
N ALA B 44 0.65 -4.72 4.09
CA ALA B 44 -0.61 -4.04 4.37
C ALA B 44 -0.52 -3.22 5.65
N PRO B 45 -1.01 -1.96 5.64
CA PRO B 45 -0.97 -1.08 6.81
C PRO B 45 -1.79 -1.61 7.97
N PHE B 46 -3.05 -1.93 7.71
CA PHE B 46 -3.94 -2.47 8.74
C PHE B 46 -4.84 -3.56 8.18
N ALA B 47 -5.26 -4.48 9.04
CA ALA B 47 -6.13 -5.57 8.63
C ALA B 47 -7.49 -5.06 8.16
N GLY B 48 -8.23 -5.92 7.48
CA GLY B 48 -9.55 -5.55 6.99
C GLY B 48 -10.04 -6.46 5.89
N VAL B 49 -11.30 -6.31 5.52
CA VAL B 49 -11.90 -7.13 4.48
C VAL B 49 -11.99 -6.37 3.16
N VAL B 50 -11.58 -7.04 2.07
CA VAL B 50 -11.63 -6.43 0.75
C VAL B 50 -13.05 -6.35 0.21
N LYS B 51 -13.59 -5.14 0.14
CA LYS B 51 -14.94 -4.93 -0.36
C LYS B 51 -14.92 -4.42 -1.80
N GLU B 52 -13.93 -3.58 -2.11
CA GLU B 52 -13.81 -3.02 -3.45
C GLU B 52 -12.40 -2.48 -3.69
N LEU B 53 -11.91 -2.68 -4.91
CA LEU B 53 -10.58 -2.21 -5.27
C LEU B 53 -10.61 -1.50 -6.62
N LYS B 54 -9.57 -0.73 -6.91
CA LYS B 54 -9.50 0.01 -8.18
C LYS B 54 -8.25 -0.37 -8.96
N VAL B 55 -7.68 -1.53 -8.65
CA VAL B 55 -6.48 -2.00 -9.33
C VAL B 55 -6.68 -3.41 -9.88
N ASN B 56 -6.07 -3.68 -11.03
CA ASN B 56 -6.17 -4.99 -11.67
C ASN B 56 -4.78 -5.58 -11.90
N VAL B 57 -4.71 -6.91 -11.90
CA VAL B 57 -3.44 -7.61 -12.12
C VAL B 57 -2.88 -7.31 -13.51
N GLY B 58 -1.68 -6.75 -13.54
CA GLY B 58 -1.05 -6.43 -14.81
C GLY B 58 -1.05 -4.94 -15.11
N ASP B 59 -1.75 -4.18 -14.28
CA ASP B 59 -1.84 -2.73 -14.45
C ASP B 59 -0.80 -2.02 -13.58
N LYS B 60 -0.06 -1.10 -14.21
CA LYS B 60 0.97 -0.35 -13.50
C LYS B 60 0.37 0.48 -12.38
N VAL B 61 1.24 1.16 -11.63
CA VAL B 61 0.80 1.99 -10.51
C VAL B 61 1.62 3.27 -10.44
N LYS B 62 1.08 4.29 -9.76
CA LYS B 62 1.78 5.56 -9.61
C LYS B 62 1.51 6.17 -8.24
N THR B 63 2.43 7.02 -7.79
CA THR B 63 2.30 7.67 -6.49
C THR B 63 1.09 8.59 -6.46
N GLY B 64 0.27 8.45 -5.42
CA GLY B 64 -0.92 9.28 -5.29
C GLY B 64 -2.17 8.58 -5.77
N SER B 65 -2.01 7.40 -6.36
CA SER B 65 -3.13 6.62 -6.86
C SER B 65 -3.60 5.61 -5.84
N LEU B 66 -4.90 5.55 -5.61
CA LEU B 66 -5.48 4.61 -4.65
C LEU B 66 -5.37 3.18 -5.17
N ILE B 67 -5.04 2.25 -4.28
CA ILE B 67 -4.90 0.85 -4.66
C ILE B 67 -6.07 0.01 -4.13
N MET B 68 -6.36 0.13 -2.84
CA MET B 68 -7.44 -0.62 -2.23
C MET B 68 -8.03 0.14 -1.04
N ILE B 69 -9.24 -0.25 -0.65
CA ILE B 69 -9.92 0.37 0.48
C ILE B 69 -10.54 -0.68 1.39
N PHE B 70 -10.25 -0.61 2.67
CA PHE B 70 -10.77 -1.59 3.64
C PHE B 70 -11.85 -0.95 4.51
N GLU B 71 -12.66 -1.80 5.12
CA GLU B 71 -13.73 -1.34 6.01
C GLU B 71 -13.88 -2.30 7.18
N VAL B 72 -13.19 -2.00 8.27
CA VAL B 72 -13.22 -2.83 9.46
C VAL B 72 -14.42 -2.49 10.34
N GLU B 73 -14.81 -3.43 11.19
CA GLU B 73 -15.94 -3.22 12.08
C GLU B 73 -15.50 -3.22 13.54
N GLY B 74 -14.42 -3.95 13.82
CA GLY B 74 -13.90 -4.03 15.17
C GLY B 74 -14.65 -5.03 16.03
N ALA B 75 -15.97 -5.05 15.89
CA ALA B 75 -16.81 -5.97 16.65
C ALA B 75 -17.92 -6.54 15.79
N ALA B 76 -18.20 -7.83 15.96
CA ALA B 76 -19.25 -8.49 15.21
C ALA B 76 -20.63 -7.97 15.59
N PRO B 77 -21.57 -7.90 14.63
CA PRO B 77 -22.93 -7.41 14.89
C PRO B 77 -23.77 -8.39 15.68
N ALA B 78 -23.67 -9.67 15.32
CA ALA B 78 -24.42 -10.72 16.00
C ALA B 78 -23.55 -11.96 16.22
N ALA B 79 -23.75 -12.62 17.35
CA ALA B 79 -22.99 -13.82 17.68
C ALA B 79 -23.90 -14.96 18.08
N ALA B 80 -23.95 -16.00 17.25
CA ALA B 80 -24.80 -17.16 17.51
C ALA B 80 -24.16 -18.44 16.98
N PRO B 81 -23.26 -19.07 17.76
CA PRO B 81 -22.59 -20.31 17.35
C PRO B 81 -23.52 -21.52 17.41
N ALA B 82 -23.13 -22.59 16.74
CA ALA B 82 -23.93 -23.81 16.72
C ALA B 82 -23.08 -25.04 17.02
N LYS B 83 -23.17 -25.53 18.25
CA LYS B 83 -22.41 -26.70 18.67
C LYS B 83 -22.99 -27.31 19.95
N GLN B 84 -23.24 -28.62 19.92
CA GLN B 84 -23.79 -29.31 21.07
C GLN B 84 -23.09 -30.65 21.27
N GLU B 85 -22.45 -30.83 22.43
CA GLU B 85 -21.75 -32.06 22.75
C GLU B 85 -21.94 -32.43 24.22
N MET A 1 -63.90 35.65 68.92
CA MET A 1 -64.35 34.71 67.85
C MET A 1 -63.35 34.69 66.70
N VAL A 2 -63.10 33.50 66.16
CA VAL A 2 -62.16 33.34 65.06
C VAL A 2 -62.90 33.21 63.73
N LYS A 3 -62.14 33.24 62.64
CA LYS A 3 -62.73 33.12 61.30
C LYS A 3 -62.63 31.68 60.79
N GLU A 4 -62.91 30.73 61.67
CA GLU A 4 -62.85 29.31 61.31
C GLU A 4 -61.43 28.91 60.92
N VAL A 5 -60.45 29.70 61.35
CA VAL A 5 -59.06 29.43 61.06
C VAL A 5 -58.13 30.14 62.05
N ASN A 6 -57.07 29.45 62.46
CA ASN A 6 -56.11 30.03 63.40
C ASN A 6 -54.82 29.20 63.43
N VAL A 7 -54.84 28.06 62.77
CA VAL A 7 -53.68 27.18 62.72
C VAL A 7 -52.77 27.54 61.55
N PRO A 8 -51.46 27.28 61.68
CA PRO A 8 -50.49 27.60 60.61
C PRO A 8 -50.70 26.73 59.37
N ASP A 9 -50.78 27.39 58.22
CA ASP A 9 -50.98 26.69 56.95
C ASP A 9 -50.06 27.24 55.87
N ILE A 10 -50.06 28.55 55.73
CA ILE A 10 -49.22 29.21 54.73
C ILE A 10 -47.94 29.74 55.36
N VAL A 11 -46.80 29.25 54.88
CA VAL A 11 -45.51 29.67 55.40
C VAL A 11 -44.86 30.71 54.49
N GLU A 12 -44.30 31.75 55.10
CA GLU A 12 -43.64 32.82 54.37
C GLU A 12 -42.19 33.00 54.83
N VAL A 13 -41.30 33.28 53.88
CA VAL A 13 -39.89 33.46 54.18
C VAL A 13 -39.16 34.11 53.01
N THR A 14 -38.21 34.99 53.32
CA THR A 14 -37.44 35.68 52.29
C THR A 14 -36.49 34.71 51.59
N GLU A 15 -36.63 34.59 50.27
CA GLU A 15 -35.79 33.70 49.48
C GLU A 15 -35.18 34.43 48.29
N VAL A 16 -33.92 34.14 48.00
CA VAL A 16 -33.23 34.76 46.89
C VAL A 16 -33.28 33.89 45.64
N MET A 17 -33.09 32.59 45.83
CA MET A 17 -33.11 31.64 44.71
C MET A 17 -34.44 30.89 44.67
N VAL A 18 -35.14 31.00 43.54
CA VAL A 18 -36.43 30.33 43.37
C VAL A 18 -36.29 29.12 42.46
N LYS A 19 -35.95 29.38 41.20
CA LYS A 19 -35.78 28.31 40.21
C LYS A 19 -34.79 28.72 39.13
N VAL A 20 -33.69 27.98 39.04
CA VAL A 20 -32.65 28.27 38.05
C VAL A 20 -33.04 27.75 36.67
N GLY A 21 -33.06 26.43 36.52
CA GLY A 21 -33.40 25.84 35.24
C GLY A 21 -34.90 25.64 35.07
N ASP A 22 -35.46 26.27 34.05
CA ASP A 22 -36.89 26.16 33.77
C ASP A 22 -37.16 25.00 32.81
N LYS A 23 -38.41 24.60 32.70
CA LYS A 23 -38.79 23.50 31.81
C LYS A 23 -38.81 23.97 30.37
N VAL A 24 -37.80 23.54 29.59
CA VAL A 24 -37.70 23.92 28.19
C VAL A 24 -38.07 22.75 27.28
N ALA A 25 -37.81 21.54 27.76
CA ALA A 25 -38.11 20.32 26.99
C ALA A 25 -37.42 20.35 25.64
N ALA A 26 -36.19 19.87 25.60
CA ALA A 26 -35.41 19.84 24.36
C ALA A 26 -34.22 18.90 24.48
N GLU A 27 -33.40 18.86 23.43
CA GLU A 27 -32.22 18.00 23.41
C GLU A 27 -30.95 18.82 23.67
N GLN A 28 -30.05 18.27 24.48
CA GLN A 28 -28.80 18.95 24.80
C GLN A 28 -27.83 18.91 23.61
N SER A 29 -27.51 17.70 23.16
CA SER A 29 -26.60 17.49 22.03
C SER A 29 -25.20 18.00 22.34
N LEU A 30 -24.21 17.13 22.18
CA LEU A 30 -22.82 17.48 22.44
C LEU A 30 -22.08 17.76 21.13
N ILE A 31 -21.07 18.63 21.21
CA ILE A 31 -20.29 18.98 20.03
C ILE A 31 -19.11 18.04 19.85
N THR A 32 -18.87 17.62 18.60
CA THR A 32 -17.77 16.72 18.29
C THR A 32 -17.30 16.89 16.85
N VAL A 33 -16.04 16.59 16.60
CA VAL A 33 -15.47 16.71 15.26
C VAL A 33 -15.53 15.38 14.51
N GLU A 34 -15.38 15.45 13.19
CA GLU A 34 -15.43 14.26 12.35
C GLU A 34 -14.02 13.85 11.90
N GLY A 35 -13.90 12.61 11.43
CA GLY A 35 -12.62 12.10 10.97
C GLY A 35 -12.68 10.63 10.64
N ASP A 36 -11.95 9.83 11.41
CA ASP A 36 -11.94 8.38 11.21
C ASP A 36 -13.28 7.76 11.59
N LYS A 37 -13.69 6.73 10.86
CA LYS A 37 -14.96 6.06 11.13
C LYS A 37 -14.81 4.55 11.03
N ALA A 38 -14.38 4.07 9.86
CA ALA A 38 -14.19 2.65 9.64
C ALA A 38 -13.33 2.40 8.41
N SER A 39 -13.96 2.42 7.23
CA SER A 39 -13.26 2.20 5.98
C SER A 39 -12.20 3.28 5.73
N MET A 40 -11.07 2.87 5.17
CA MET A 40 -9.98 3.81 4.88
C MET A 40 -9.18 3.35 3.67
N GLU A 41 -9.17 4.19 2.64
CA GLU A 41 -8.43 3.91 1.42
C GLU A 41 -6.92 4.00 1.65
N VAL A 42 -6.16 3.28 0.84
CA VAL A 42 -4.70 3.30 0.96
C VAL A 42 -4.05 3.60 -0.40
N PRO A 43 -3.00 4.44 -0.41
CA PRO A 43 -2.30 4.82 -1.62
C PRO A 43 -0.97 4.06 -1.79
N ALA A 44 -0.48 4.01 -3.02
CA ALA A 44 0.78 3.32 -3.31
C ALA A 44 1.97 4.12 -2.77
N PRO A 45 2.88 3.46 -2.03
CA PRO A 45 4.06 4.12 -1.47
C PRO A 45 5.01 4.64 -2.54
N PHE A 46 5.16 3.86 -3.62
CA PHE A 46 6.03 4.25 -4.72
C PHE A 46 5.52 3.70 -6.04
N ALA A 47 5.73 4.45 -7.11
CA ALA A 47 5.30 4.04 -8.44
C ALA A 47 6.03 2.77 -8.88
N GLY A 48 5.43 2.04 -9.82
CA GLY A 48 6.04 0.81 -10.29
C GLY A 48 5.15 0.01 -11.21
N VAL A 49 5.51 -1.24 -11.44
CA VAL A 49 4.74 -2.11 -12.32
C VAL A 49 4.27 -3.35 -11.55
N VAL A 50 3.03 -3.76 -11.79
CA VAL A 50 2.47 -4.92 -11.13
C VAL A 50 3.09 -6.20 -11.66
N LYS A 51 3.93 -6.83 -10.84
CA LYS A 51 4.60 -8.06 -11.21
C LYS A 51 3.61 -9.20 -11.38
N GLU A 52 2.94 -9.56 -10.28
CA GLU A 52 1.96 -10.64 -10.30
C GLU A 52 1.04 -10.56 -9.07
N LEU A 53 -0.24 -10.85 -9.29
CA LEU A 53 -1.21 -10.83 -8.21
C LEU A 53 -0.83 -11.81 -7.10
N LYS A 54 -0.86 -11.35 -5.86
CA LYS A 54 -0.51 -12.19 -4.72
C LYS A 54 -1.67 -12.30 -3.74
N VAL A 55 -2.75 -11.56 -4.00
CA VAL A 55 -3.92 -11.58 -3.14
C VAL A 55 -5.20 -11.65 -3.97
N ASN A 56 -6.15 -12.45 -3.50
CA ASN A 56 -7.42 -12.61 -4.20
C ASN A 56 -8.45 -11.60 -3.70
N VAL A 57 -9.34 -11.18 -4.59
CA VAL A 57 -10.37 -10.21 -4.24
C VAL A 57 -11.34 -10.79 -3.23
N GLY A 58 -11.56 -10.06 -2.13
CA GLY A 58 -12.45 -10.52 -1.09
C GLY A 58 -11.73 -11.23 0.04
N ASP A 59 -10.41 -11.30 -0.08
CA ASP A 59 -9.60 -11.95 0.94
C ASP A 59 -9.06 -10.94 1.95
N LYS A 60 -9.63 -10.97 3.15
CA LYS A 60 -9.23 -10.06 4.23
C LYS A 60 -7.71 -10.05 4.39
N VAL A 61 -7.18 -8.90 4.80
CA VAL A 61 -5.74 -8.75 4.98
C VAL A 61 -5.37 -8.65 6.46
N LYS A 62 -4.09 -8.82 6.75
CA LYS A 62 -3.59 -8.74 8.13
C LYS A 62 -2.23 -8.06 8.16
N THR A 63 -1.91 -7.45 9.30
CA THR A 63 -0.63 -6.76 9.46
C THR A 63 0.53 -7.75 9.42
N GLY A 64 1.45 -7.53 8.48
CA GLY A 64 2.60 -8.40 8.35
C GLY A 64 2.55 -9.24 7.10
N SER A 65 1.46 -9.14 6.36
CA SER A 65 1.30 -9.91 5.12
C SER A 65 1.30 -8.99 3.91
N LEU A 66 2.23 -9.23 2.98
CA LEU A 66 2.34 -8.42 1.78
C LEU A 66 1.06 -8.51 0.95
N ILE A 67 0.83 -7.49 0.13
CA ILE A 67 -0.36 -7.45 -0.71
C ILE A 67 0.01 -7.45 -2.20
N MET A 68 1.02 -6.66 -2.55
CA MET A 68 1.48 -6.57 -3.94
C MET A 68 2.99 -6.39 -4.00
N ILE A 69 3.55 -6.58 -5.18
CA ILE A 69 5.00 -6.43 -5.38
C ILE A 69 5.30 -5.68 -6.67
N PHE A 70 6.14 -4.66 -6.56
CA PHE A 70 6.52 -3.86 -7.73
C PHE A 70 7.97 -4.10 -8.12
N GLU A 71 8.30 -3.72 -9.35
CA GLU A 71 9.65 -3.89 -9.87
C GLU A 71 10.13 -2.58 -10.50
N VAL A 72 10.80 -1.75 -9.69
CA VAL A 72 11.30 -0.47 -10.16
C VAL A 72 12.80 -0.53 -10.44
N GLU A 73 13.18 -0.32 -11.69
CA GLU A 73 14.58 -0.35 -12.08
C GLU A 73 15.00 0.96 -12.75
N GLY A 74 15.66 1.82 -11.98
CA GLY A 74 16.10 3.09 -12.52
C GLY A 74 14.95 3.97 -12.95
N ALA A 75 14.95 4.36 -14.23
CA ALA A 75 13.89 5.21 -14.77
C ALA A 75 13.11 4.47 -15.86
N ALA A 76 11.81 4.77 -15.94
CA ALA A 76 10.96 4.13 -16.94
C ALA A 76 11.39 4.50 -18.36
N PRO A 77 11.63 3.50 -19.23
CA PRO A 77 12.05 3.74 -20.61
C PRO A 77 11.08 4.65 -21.36
N ALA A 78 11.54 5.84 -21.70
CA ALA A 78 10.72 6.82 -22.42
C ALA A 78 11.57 7.91 -23.03
N ALA A 79 10.92 8.90 -23.65
CA ALA A 79 11.61 10.02 -24.28
C ALA A 79 12.51 9.55 -25.42
N ALA A 80 13.73 9.13 -25.07
CA ALA A 80 14.68 8.67 -26.08
C ALA A 80 14.34 7.25 -26.54
N PRO A 81 13.93 7.08 -27.82
CA PRO A 81 13.58 5.76 -28.36
C PRO A 81 14.79 4.87 -28.57
N ALA A 82 14.57 3.68 -29.09
CA ALA A 82 15.65 2.73 -29.35
C ALA A 82 15.27 1.76 -30.46
N LYS A 83 13.96 1.61 -30.70
CA LYS A 83 13.47 0.72 -31.73
C LYS A 83 12.54 1.45 -32.70
N GLN A 84 11.90 2.50 -32.20
CA GLN A 84 10.99 3.29 -33.03
C GLN A 84 11.75 4.35 -33.81
N GLU A 85 12.88 4.80 -33.25
CA GLU A 85 13.72 5.81 -33.89
C GLU A 85 12.91 7.08 -34.18
N MET B 1 12.58 52.15 -29.52
CA MET B 1 13.79 51.63 -30.21
C MET B 1 14.67 50.85 -29.24
N VAL B 2 15.32 51.56 -28.32
CA VAL B 2 16.20 50.93 -27.34
C VAL B 2 17.31 50.14 -28.03
N LYS B 3 18.46 50.79 -28.23
CA LYS B 3 19.59 50.14 -28.87
C LYS B 3 20.21 49.08 -27.96
N GLU B 4 21.12 48.29 -28.51
CA GLU B 4 21.79 47.23 -27.75
C GLU B 4 23.29 47.43 -27.75
N VAL B 5 23.94 46.99 -26.68
CA VAL B 5 25.40 47.12 -26.53
C VAL B 5 25.82 48.58 -26.51
N ASN B 6 26.26 49.05 -25.34
CA ASN B 6 26.70 50.42 -25.19
C ASN B 6 28.18 50.57 -25.53
N VAL B 7 29.03 49.89 -24.75
CA VAL B 7 30.47 49.94 -24.97
C VAL B 7 30.94 48.74 -25.78
N PRO B 8 31.99 48.91 -26.61
CA PRO B 8 32.53 47.84 -27.45
C PRO B 8 33.00 46.64 -26.62
N ASP B 9 32.71 45.44 -27.11
CA ASP B 9 33.11 44.22 -26.43
C ASP B 9 34.10 43.41 -27.26
N ILE B 10 35.27 43.13 -26.70
CA ILE B 10 36.30 42.38 -27.39
C ILE B 10 36.85 41.25 -26.51
N VAL B 11 36.21 41.03 -25.37
CA VAL B 11 36.65 40.00 -24.44
C VAL B 11 35.64 38.84 -24.40
N GLU B 12 34.51 39.09 -23.75
CA GLU B 12 33.46 38.07 -23.64
C GLU B 12 32.72 37.90 -24.96
N VAL B 13 32.56 36.66 -25.39
CA VAL B 13 31.87 36.35 -26.63
C VAL B 13 30.45 35.86 -26.36
N THR B 14 29.54 36.18 -27.28
CA THR B 14 28.15 35.78 -27.13
C THR B 14 27.97 34.29 -27.37
N GLU B 15 26.99 33.69 -26.69
CA GLU B 15 26.73 32.27 -26.84
C GLU B 15 25.92 32.00 -28.11
N VAL B 16 26.07 30.79 -28.65
CA VAL B 16 25.38 30.41 -29.87
C VAL B 16 23.87 30.47 -29.68
N MET B 17 23.18 31.10 -30.62
CA MET B 17 21.73 31.24 -30.57
C MET B 17 21.05 30.16 -31.41
N VAL B 18 19.99 29.57 -30.87
CA VAL B 18 19.26 28.53 -31.57
C VAL B 18 18.11 29.11 -32.39
N LYS B 19 17.95 28.61 -33.61
CA LYS B 19 16.88 29.07 -34.50
C LYS B 19 15.69 28.13 -34.46
N VAL B 20 15.94 26.88 -34.07
CA VAL B 20 14.89 25.88 -33.98
C VAL B 20 14.32 25.80 -32.58
N GLY B 21 14.76 26.72 -31.72
CA GLY B 21 14.29 26.74 -30.34
C GLY B 21 15.00 25.74 -29.46
N ASP B 22 15.13 26.06 -28.18
CA ASP B 22 15.79 25.17 -27.23
C ASP B 22 14.89 24.00 -26.87
N LYS B 23 15.44 22.79 -26.96
CA LYS B 23 14.68 21.58 -26.64
C LYS B 23 15.62 20.45 -26.20
N VAL B 24 15.07 19.50 -25.46
CA VAL B 24 15.85 18.37 -24.97
C VAL B 24 15.14 17.05 -25.28
N ALA B 25 15.93 16.03 -25.63
CA ALA B 25 15.37 14.73 -25.95
C ALA B 25 16.27 13.60 -25.46
N ALA B 26 17.42 13.98 -24.88
CA ALA B 26 18.36 12.99 -24.36
C ALA B 26 19.30 13.63 -23.35
N GLU B 27 19.53 12.93 -22.24
CA GLU B 27 20.40 13.42 -21.18
C GLU B 27 21.84 12.97 -21.42
N GLN B 28 22.79 13.84 -21.07
CA GLN B 28 24.20 13.53 -21.25
C GLN B 28 24.65 12.46 -20.26
N SER B 29 24.02 12.46 -19.09
CA SER B 29 24.35 11.47 -18.05
C SER B 29 23.08 10.92 -17.42
N LEU B 30 23.05 9.61 -17.21
CA LEU B 30 21.90 8.95 -16.61
C LEU B 30 22.06 8.83 -15.10
N ILE B 31 23.31 8.88 -14.64
CA ILE B 31 23.61 8.77 -13.21
C ILE B 31 23.22 10.04 -12.48
N THR B 32 22.18 9.95 -11.65
CA THR B 32 21.72 11.09 -10.87
C THR B 32 21.43 10.70 -9.43
N VAL B 33 20.65 9.64 -9.26
CA VAL B 33 20.30 9.16 -7.93
C VAL B 33 20.66 7.68 -7.77
N GLU B 34 20.47 7.16 -6.56
CA GLU B 34 20.77 5.76 -6.28
C GLU B 34 19.52 5.00 -5.82
N GLY B 35 19.49 3.71 -6.11
CA GLY B 35 18.34 2.90 -5.72
C GLY B 35 18.68 1.43 -5.62
N ASP B 36 18.92 0.96 -4.39
CA ASP B 36 19.26 -0.44 -4.16
C ASP B 36 18.00 -1.30 -4.13
N LYS B 37 18.13 -2.53 -4.64
CA LYS B 37 17.01 -3.46 -4.67
C LYS B 37 15.88 -2.91 -5.52
N ALA B 38 15.89 -3.26 -6.80
CA ALA B 38 14.86 -2.80 -7.75
C ALA B 38 13.46 -3.13 -7.23
N SER B 39 13.08 -4.39 -7.37
CA SER B 39 11.76 -4.84 -6.91
C SER B 39 11.67 -4.79 -5.39
N MET B 40 10.56 -4.28 -4.88
CA MET B 40 10.35 -4.17 -3.44
C MET B 40 8.91 -4.51 -3.07
N GLU B 41 8.75 -5.50 -2.20
CA GLU B 41 7.42 -5.92 -1.75
C GLU B 41 6.85 -4.91 -0.78
N VAL B 42 5.51 -4.84 -0.72
CA VAL B 42 4.84 -3.92 0.19
C VAL B 42 3.85 -4.66 1.08
N PRO B 43 3.78 -4.32 2.38
CA PRO B 43 2.88 -4.94 3.33
C PRO B 43 1.65 -4.09 3.62
N ALA B 44 0.63 -4.71 4.19
CA ALA B 44 -0.61 -4.01 4.53
C ALA B 44 -0.42 -3.14 5.77
N PRO B 45 -0.82 -1.86 5.70
CA PRO B 45 -0.69 -0.94 6.84
C PRO B 45 -1.56 -1.33 8.02
N PHE B 46 -2.77 -1.81 7.74
CA PHE B 46 -3.69 -2.22 8.77
C PHE B 46 -4.59 -3.35 8.29
N ALA B 47 -4.95 -4.26 9.19
CA ALA B 47 -5.80 -5.39 8.84
C ALA B 47 -7.20 -4.91 8.47
N GLY B 48 -7.92 -5.74 7.72
CA GLY B 48 -9.27 -5.37 7.31
C GLY B 48 -9.85 -6.33 6.30
N VAL B 49 -10.90 -5.90 5.60
CA VAL B 49 -11.54 -6.73 4.59
C VAL B 49 -11.53 -6.04 3.23
N VAL B 50 -11.29 -6.83 2.18
CA VAL B 50 -11.25 -6.30 0.81
C VAL B 50 -12.66 -5.94 0.34
N LYS B 51 -12.92 -4.64 0.22
CA LYS B 51 -14.21 -4.15 -0.23
C LYS B 51 -14.46 -4.52 -1.69
N GLU B 52 -13.66 -3.96 -2.58
CA GLU B 52 -13.79 -4.24 -4.00
C GLU B 52 -12.50 -3.87 -4.74
N LEU B 53 -12.16 -4.68 -5.75
CA LEU B 53 -10.95 -4.44 -6.54
C LEU B 53 -11.03 -3.09 -7.23
N LYS B 54 -9.95 -2.32 -7.14
CA LYS B 54 -9.89 -1.00 -7.76
C LYS B 54 -8.75 -0.91 -8.76
N VAL B 55 -7.92 -1.96 -8.80
CA VAL B 55 -6.78 -2.00 -9.72
C VAL B 55 -6.71 -3.34 -10.44
N ASN B 56 -6.39 -3.30 -11.73
CA ASN B 56 -6.28 -4.51 -12.53
C ASN B 56 -4.85 -5.04 -12.52
N VAL B 57 -4.72 -6.37 -12.59
CA VAL B 57 -3.40 -7.00 -12.59
C VAL B 57 -2.61 -6.63 -13.83
N GLY B 58 -1.40 -6.13 -13.63
CA GLY B 58 -0.56 -5.75 -14.73
C GLY B 58 -0.61 -4.26 -15.00
N ASP B 59 -1.40 -3.55 -14.21
CA ASP B 59 -1.53 -2.10 -14.36
C ASP B 59 -0.56 -1.36 -13.44
N LYS B 60 0.43 -0.71 -14.04
CA LYS B 60 1.44 0.03 -13.29
C LYS B 60 0.78 1.01 -12.33
N VAL B 61 1.44 1.28 -11.21
CA VAL B 61 0.92 2.19 -10.21
C VAL B 61 1.72 3.48 -10.16
N LYS B 62 1.16 4.50 -9.53
CA LYS B 62 1.82 5.80 -9.41
C LYS B 62 1.53 6.43 -8.04
N THR B 63 2.43 7.30 -7.61
CA THR B 63 2.29 7.98 -6.33
C THR B 63 1.10 8.93 -6.34
N GLY B 64 0.13 8.69 -5.45
CA GLY B 64 -1.04 9.54 -5.37
C GLY B 64 -2.31 8.81 -5.78
N SER B 65 -2.15 7.59 -6.30
CA SER B 65 -3.30 6.79 -6.72
C SER B 65 -3.50 5.60 -5.78
N LEU B 66 -4.71 5.49 -5.23
CA LEU B 66 -5.04 4.40 -4.31
C LEU B 66 -4.96 3.05 -5.04
N ILE B 67 -4.78 1.98 -4.26
CA ILE B 67 -4.69 0.64 -4.82
C ILE B 67 -5.82 -0.25 -4.31
N MET B 68 -6.10 -0.16 -3.01
CA MET B 68 -7.15 -0.95 -2.40
C MET B 68 -7.84 -0.18 -1.28
N ILE B 69 -8.99 -0.68 -0.84
CA ILE B 69 -9.75 -0.04 0.24
C ILE B 69 -10.27 -1.09 1.21
N PHE B 70 -10.11 -0.80 2.50
CA PHE B 70 -10.56 -1.73 3.54
C PHE B 70 -11.69 -1.11 4.37
N GLU B 71 -12.42 -1.96 5.08
CA GLU B 71 -13.53 -1.52 5.92
C GLU B 71 -13.40 -2.12 7.31
N VAL B 72 -12.77 -1.39 8.21
CA VAL B 72 -12.57 -1.85 9.58
C VAL B 72 -13.56 -1.19 10.54
N GLU B 73 -14.40 -2.00 11.15
CA GLU B 73 -15.41 -1.51 12.09
C GLU B 73 -15.33 -2.25 13.42
N GLY B 74 -14.71 -1.60 14.41
CA GLY B 74 -14.58 -2.22 15.72
C GLY B 74 -13.79 -3.51 15.69
N ALA B 75 -12.52 -3.43 15.30
CA ALA B 75 -11.66 -4.60 15.22
C ALA B 75 -11.39 -5.16 16.62
N ALA B 76 -11.82 -6.39 16.86
CA ALA B 76 -11.62 -7.03 18.16
C ALA B 76 -10.32 -7.85 18.18
N PRO B 77 -9.63 -7.89 19.34
CA PRO B 77 -8.39 -8.65 19.47
C PRO B 77 -8.62 -10.15 19.53
N ALA B 78 -9.40 -10.59 20.51
CA ALA B 78 -9.70 -12.00 20.69
C ALA B 78 -10.94 -12.39 19.89
N ALA B 79 -11.08 -13.69 19.63
CA ALA B 79 -12.23 -14.19 18.89
C ALA B 79 -13.30 -14.75 19.83
N ALA B 80 -12.96 -14.80 21.12
CA ALA B 80 -13.90 -15.30 22.12
C ALA B 80 -14.01 -14.33 23.30
N PRO B 81 -15.21 -14.20 23.89
CA PRO B 81 -15.44 -13.30 25.02
C PRO B 81 -15.05 -13.91 26.36
N ALA B 82 -14.24 -13.21 27.12
CA ALA B 82 -13.79 -13.69 28.42
C ALA B 82 -14.62 -13.07 29.54
N LYS B 83 -14.53 -13.65 30.74
CA LYS B 83 -15.27 -13.15 31.89
C LYS B 83 -14.64 -11.87 32.43
N GLN B 84 -15.23 -10.73 32.08
CA GLN B 84 -14.73 -9.44 32.52
C GLN B 84 -15.87 -8.47 32.78
N GLU B 85 -16.82 -8.41 31.85
CA GLU B 85 -17.96 -7.51 31.99
C GLU B 85 -19.02 -8.12 32.91
N MET A 1 -67.86 -29.52 41.29
CA MET A 1 -66.70 -30.13 42.00
C MET A 1 -65.44 -29.30 41.78
N VAL A 2 -64.94 -28.70 42.85
CA VAL A 2 -63.73 -27.88 42.78
C VAL A 2 -62.50 -28.68 43.17
N LYS A 3 -61.40 -28.43 42.46
CA LYS A 3 -60.14 -29.12 42.73
C LYS A 3 -59.00 -28.13 42.85
N GLU A 4 -59.33 -26.87 43.11
CA GLU A 4 -58.34 -25.82 43.26
C GLU A 4 -57.49 -25.68 41.99
N VAL A 5 -58.04 -25.02 40.98
CA VAL A 5 -57.33 -24.82 39.73
C VAL A 5 -57.25 -23.33 39.39
N ASN A 6 -57.87 -22.52 40.23
CA ASN A 6 -57.87 -21.07 40.04
C ASN A 6 -56.47 -20.51 40.17
N VAL A 7 -55.69 -21.07 41.09
CA VAL A 7 -54.32 -20.64 41.32
C VAL A 7 -53.38 -21.83 41.41
N PRO A 8 -52.25 -21.81 40.66
CA PRO A 8 -51.27 -22.91 40.67
C PRO A 8 -50.74 -23.20 42.08
N ASP A 9 -50.74 -24.48 42.44
CA ASP A 9 -50.26 -24.89 43.76
C ASP A 9 -48.83 -25.44 43.67
N ILE A 10 -48.02 -25.12 44.67
CA ILE A 10 -46.63 -25.58 44.72
C ILE A 10 -45.83 -25.05 43.54
N VAL A 11 -45.00 -24.05 43.78
CA VAL A 11 -44.18 -23.45 42.74
C VAL A 11 -42.96 -24.31 42.43
N GLU A 12 -43.03 -25.05 41.32
CA GLU A 12 -41.93 -25.92 40.91
C GLU A 12 -41.84 -25.99 39.39
N VAL A 13 -42.94 -25.66 38.72
CA VAL A 13 -42.98 -25.69 37.26
C VAL A 13 -41.96 -24.75 36.65
N THR A 14 -41.57 -23.72 37.41
CA THR A 14 -40.61 -22.74 36.94
C THR A 14 -39.24 -23.38 36.70
N GLU A 15 -38.61 -23.02 35.58
CA GLU A 15 -37.31 -23.57 35.24
C GLU A 15 -36.37 -22.47 34.73
N VAL A 16 -36.95 -21.30 34.44
CA VAL A 16 -36.18 -20.17 33.94
C VAL A 16 -35.04 -19.81 34.89
N MET A 17 -33.96 -19.27 34.33
CA MET A 17 -32.81 -18.88 35.13
C MET A 17 -32.94 -17.44 35.64
N VAL A 18 -32.07 -17.05 36.54
CA VAL A 18 -32.09 -15.71 37.11
C VAL A 18 -30.79 -15.40 37.86
N LYS A 19 -30.20 -16.44 38.45
CA LYS A 19 -28.95 -16.29 39.19
C LYS A 19 -29.11 -15.32 40.36
N VAL A 20 -29.19 -15.86 41.57
CA VAL A 20 -29.34 -15.05 42.76
C VAL A 20 -27.99 -14.74 43.39
N GLY A 21 -27.66 -13.45 43.47
CA GLY A 21 -26.39 -13.04 44.05
C GLY A 21 -25.21 -13.43 43.18
N ASP A 22 -24.11 -13.81 43.82
CA ASP A 22 -22.90 -14.20 43.09
C ASP A 22 -22.83 -15.72 42.94
N LYS A 23 -22.88 -16.18 41.70
CA LYS A 23 -22.83 -17.61 41.41
C LYS A 23 -22.00 -17.89 40.15
N VAL A 24 -21.36 -19.05 40.11
CA VAL A 24 -20.54 -19.43 38.97
C VAL A 24 -21.39 -19.97 37.83
N ALA A 25 -21.33 -19.30 36.68
CA ALA A 25 -22.09 -19.70 35.51
C ALA A 25 -21.62 -18.96 34.27
N ALA A 26 -21.79 -17.64 34.27
CA ALA A 26 -21.38 -16.81 33.13
C ALA A 26 -20.92 -15.44 33.61
N GLU A 27 -19.76 -15.02 33.13
CA GLU A 27 -19.20 -13.72 33.50
C GLU A 27 -18.13 -13.28 32.50
N GLN A 28 -18.35 -12.11 31.90
CA GLN A 28 -17.41 -11.54 30.94
C GLN A 28 -17.23 -12.48 29.74
N SER A 29 -17.88 -12.13 28.62
CA SER A 29 -17.79 -12.94 27.41
C SER A 29 -16.89 -12.26 26.38
N LEU A 30 -16.30 -13.05 25.49
CA LEU A 30 -15.43 -12.52 24.46
C LEU A 30 -16.22 -11.97 23.27
N ILE A 31 -16.36 -10.65 23.22
CA ILE A 31 -17.10 -10.00 22.15
C ILE A 31 -16.23 -8.95 21.45
N THR A 32 -15.87 -9.22 20.20
CA THR A 32 -15.04 -8.30 19.42
C THR A 32 -15.79 -7.81 18.19
N VAL A 33 -16.84 -8.52 17.81
CA VAL A 33 -17.63 -8.16 16.64
C VAL A 33 -18.82 -7.28 17.04
N GLU A 34 -18.80 -6.03 16.61
CA GLU A 34 -19.88 -5.09 16.92
C GLU A 34 -20.60 -4.65 15.66
N GLY A 35 -20.02 -4.98 14.51
CA GLY A 35 -20.63 -4.61 13.24
C GLY A 35 -19.66 -3.89 12.32
N ASP A 36 -20.03 -3.78 11.04
CA ASP A 36 -19.18 -3.10 10.06
C ASP A 36 -19.94 -2.02 9.33
N LYS A 37 -19.34 -0.83 9.24
CA LYS A 37 -19.95 0.30 8.56
C LYS A 37 -18.92 1.41 8.34
N ALA A 38 -17.66 1.01 8.20
CA ALA A 38 -16.58 1.95 7.99
C ALA A 38 -15.50 1.36 7.09
N SER A 39 -14.94 2.19 6.24
CA SER A 39 -13.89 1.76 5.31
C SER A 39 -12.85 2.85 5.11
N MET A 40 -11.61 2.46 4.92
CA MET A 40 -10.52 3.41 4.73
C MET A 40 -9.68 3.05 3.51
N GLU A 41 -9.63 3.96 2.54
CA GLU A 41 -8.85 3.75 1.33
C GLU A 41 -7.36 3.79 1.63
N VAL A 42 -6.59 2.99 0.89
CA VAL A 42 -5.15 2.92 1.09
C VAL A 42 -4.40 3.24 -0.20
N PRO A 43 -3.29 3.99 -0.11
CA PRO A 43 -2.48 4.36 -1.26
C PRO A 43 -1.21 3.51 -1.38
N ALA A 44 -0.56 3.60 -2.54
CA ALA A 44 0.67 2.85 -2.77
C ALA A 44 1.88 3.61 -2.23
N PRO A 45 2.93 2.89 -1.80
CA PRO A 45 4.15 3.50 -1.25
C PRO A 45 5.01 4.18 -2.32
N PHE A 46 5.18 3.50 -3.45
CA PHE A 46 6.00 4.04 -4.54
C PHE A 46 5.51 3.54 -5.89
N ALA A 47 5.85 4.28 -6.95
CA ALA A 47 5.44 3.91 -8.30
C ALA A 47 6.03 2.56 -8.69
N GLY A 48 5.40 1.89 -9.66
CA GLY A 48 5.88 0.60 -10.09
C GLY A 48 4.98 -0.06 -11.12
N VAL A 49 5.26 -1.32 -11.42
CA VAL A 49 4.47 -2.08 -12.39
C VAL A 49 4.02 -3.40 -11.79
N VAL A 50 2.71 -3.64 -11.83
CA VAL A 50 2.15 -4.87 -11.29
C VAL A 50 2.42 -6.04 -12.22
N LYS A 51 3.39 -6.87 -11.85
CA LYS A 51 3.75 -8.03 -12.66
C LYS A 51 3.66 -9.32 -11.85
N GLU A 52 3.41 -9.19 -10.54
CA GLU A 52 3.30 -10.35 -9.67
C GLU A 52 2.62 -9.98 -8.35
N LEU A 53 1.40 -10.48 -8.17
CA LEU A 53 0.64 -10.22 -6.96
C LEU A 53 0.80 -11.35 -5.95
N LYS A 54 0.29 -11.15 -4.75
CA LYS A 54 0.38 -12.16 -3.69
C LYS A 54 -0.99 -12.45 -3.09
N VAL A 55 -1.94 -11.54 -3.29
CA VAL A 55 -3.28 -11.71 -2.75
C VAL A 55 -4.35 -11.60 -3.83
N ASN A 56 -5.39 -12.43 -3.73
CA ASN A 56 -6.47 -12.42 -4.70
C ASN A 56 -7.68 -11.63 -4.17
N VAL A 57 -8.44 -11.06 -5.09
CA VAL A 57 -9.63 -10.27 -4.74
C VAL A 57 -10.56 -11.07 -3.84
N GLY A 58 -10.91 -10.50 -2.69
CA GLY A 58 -11.79 -11.16 -1.75
C GLY A 58 -11.05 -11.85 -0.64
N ASP A 59 -9.76 -11.53 -0.49
CA ASP A 59 -8.93 -12.12 0.54
C ASP A 59 -8.61 -11.11 1.63
N LYS A 60 -9.09 -11.38 2.83
CA LYS A 60 -8.87 -10.50 3.98
C LYS A 60 -7.38 -10.17 4.14
N VAL A 61 -7.11 -9.05 4.80
CA VAL A 61 -5.74 -8.61 5.03
C VAL A 61 -5.44 -8.49 6.52
N LYS A 62 -4.16 -8.57 6.87
CA LYS A 62 -3.76 -8.46 8.27
C LYS A 62 -2.48 -7.64 8.40
N THR A 63 -2.34 -6.96 9.53
CA THR A 63 -1.16 -6.13 9.80
C THR A 63 0.11 -6.96 9.74
N GLY A 64 1.01 -6.60 8.83
CA GLY A 64 2.26 -7.32 8.69
C GLY A 64 2.25 -8.28 7.51
N SER A 65 1.16 -8.28 6.76
CA SER A 65 1.02 -9.16 5.60
C SER A 65 1.22 -8.37 4.31
N LEU A 66 1.81 -9.02 3.31
CA LEU A 66 2.07 -8.38 2.02
C LEU A 66 0.81 -8.40 1.15
N ILE A 67 0.87 -7.70 0.02
CA ILE A 67 -0.25 -7.64 -0.90
C ILE A 67 0.19 -7.89 -2.34
N MET A 68 1.14 -7.10 -2.81
CA MET A 68 1.64 -7.23 -4.18
C MET A 68 3.13 -6.88 -4.26
N ILE A 69 3.71 -7.08 -5.44
CA ILE A 69 5.12 -6.78 -5.66
C ILE A 69 5.30 -5.95 -6.92
N PHE A 70 6.05 -4.85 -6.81
CA PHE A 70 6.30 -3.97 -7.95
C PHE A 70 7.72 -4.12 -8.47
N GLU A 71 7.87 -4.07 -9.78
CA GLU A 71 9.18 -4.17 -10.41
C GLU A 71 9.78 -2.77 -10.57
N VAL A 72 10.57 -2.36 -9.59
CA VAL A 72 11.18 -1.04 -9.60
C VAL A 72 12.70 -1.14 -9.76
N GLU A 73 13.20 -0.58 -10.86
CA GLU A 73 14.65 -0.60 -11.13
C GLU A 73 15.44 -0.04 -9.95
N GLY A 74 16.60 -0.62 -9.70
CA GLY A 74 17.44 -0.16 -8.61
C GLY A 74 18.71 0.50 -9.10
N ALA A 75 18.68 1.02 -10.32
CA ALA A 75 19.84 1.68 -10.91
C ALA A 75 19.92 3.13 -10.48
N ALA A 76 21.13 3.68 -10.47
CA ALA A 76 21.36 5.07 -10.07
C ALA A 76 20.67 6.03 -11.05
N PRO A 77 20.33 7.25 -10.58
CA PRO A 77 19.68 8.26 -11.43
C PRO A 77 20.54 8.67 -12.61
N ALA A 78 20.14 8.24 -13.80
CA ALA A 78 20.87 8.57 -15.02
C ALA A 78 19.95 8.55 -16.24
N ALA A 79 18.73 8.09 -16.04
CA ALA A 79 17.75 8.01 -17.13
C ALA A 79 16.35 8.34 -16.63
N ALA A 80 16.26 8.86 -15.41
CA ALA A 80 14.98 9.22 -14.81
C ALA A 80 14.26 10.28 -15.65
N PRO A 81 12.91 10.26 -15.67
CA PRO A 81 12.11 11.22 -16.43
C PRO A 81 12.44 12.67 -16.06
N ALA A 82 12.71 13.50 -17.07
CA ALA A 82 13.04 14.89 -16.85
C ALA A 82 12.88 15.71 -18.14
N LYS A 83 12.53 15.02 -19.22
CA LYS A 83 12.34 15.67 -20.50
C LYS A 83 10.91 16.19 -20.66
N GLN A 84 10.78 17.49 -20.89
CA GLN A 84 9.47 18.13 -21.05
C GLN A 84 8.60 17.93 -19.82
N GLU A 85 7.34 18.33 -19.92
CA GLU A 85 6.40 18.20 -18.82
C GLU A 85 5.12 17.49 -19.27
N MET B 1 74.84 -54.02 -22.64
CA MET B 1 75.02 -52.58 -22.92
C MET B 1 75.85 -51.92 -21.84
N VAL B 2 75.54 -52.23 -20.58
CA VAL B 2 76.26 -51.66 -19.45
C VAL B 2 77.25 -52.67 -18.87
N LYS B 3 78.53 -52.43 -19.11
CA LYS B 3 79.58 -53.31 -18.60
C LYS B 3 80.29 -52.67 -17.41
N GLU B 4 80.23 -53.34 -16.27
CA GLU B 4 80.86 -52.85 -15.05
C GLU B 4 80.28 -51.48 -14.66
N VAL B 5 80.94 -50.82 -13.71
CA VAL B 5 80.48 -49.51 -13.25
C VAL B 5 80.98 -48.39 -14.17
N ASN B 6 80.09 -47.45 -14.47
CA ASN B 6 80.42 -46.33 -15.34
C ASN B 6 79.28 -45.31 -15.37
N VAL B 7 79.43 -44.28 -16.19
CA VAL B 7 78.41 -43.24 -16.32
C VAL B 7 78.02 -43.02 -17.78
N PRO B 8 76.78 -42.57 -18.04
CA PRO B 8 76.30 -42.32 -19.41
C PRO B 8 77.19 -41.34 -20.16
N ASP B 9 77.41 -41.61 -21.44
CA ASP B 9 78.25 -40.76 -22.27
C ASP B 9 77.40 -39.80 -23.10
N ILE B 10 76.10 -39.77 -22.82
CA ILE B 10 75.18 -38.90 -23.54
C ILE B 10 75.28 -37.47 -23.03
N VAL B 11 75.10 -36.51 -23.95
CA VAL B 11 75.17 -35.09 -23.59
C VAL B 11 73.80 -34.55 -23.21
N GLU B 12 73.79 -33.44 -22.49
CA GLU B 12 72.54 -32.82 -22.05
C GLU B 12 72.66 -31.30 -22.02
N VAL B 13 71.99 -30.64 -22.96
CA VAL B 13 72.04 -29.18 -23.04
C VAL B 13 70.64 -28.58 -22.88
N THR B 14 70.56 -27.50 -22.11
CA THR B 14 69.28 -26.83 -21.88
C THR B 14 68.86 -25.99 -23.08
N GLU B 15 67.58 -25.60 -23.11
CA GLU B 15 67.05 -24.79 -24.19
C GLU B 15 65.70 -24.20 -23.82
N VAL B 16 65.22 -23.27 -24.64
CA VAL B 16 63.93 -22.62 -24.40
C VAL B 16 62.79 -23.47 -24.96
N MET B 17 63.12 -24.38 -25.85
CA MET B 17 62.11 -25.25 -26.46
C MET B 17 61.41 -26.09 -25.42
N VAL B 18 60.11 -25.86 -25.25
CA VAL B 18 59.30 -26.59 -24.27
C VAL B 18 59.84 -26.40 -22.85
N LYS B 19 59.19 -25.53 -22.09
CA LYS B 19 59.59 -25.25 -20.72
C LYS B 19 58.96 -26.27 -19.77
N VAL B 20 59.14 -26.03 -18.47
CA VAL B 20 58.60 -26.92 -17.44
C VAL B 20 57.12 -26.62 -17.19
N GLY B 21 56.76 -25.35 -17.28
CA GLY B 21 55.38 -24.94 -17.05
C GLY B 21 54.71 -24.47 -18.32
N ASP B 22 53.44 -24.08 -18.20
CA ASP B 22 52.67 -23.60 -19.34
C ASP B 22 52.38 -22.11 -19.22
N LYS B 23 53.21 -21.29 -19.87
CA LYS B 23 53.04 -19.84 -19.82
C LYS B 23 53.08 -19.25 -21.22
N VAL B 24 51.89 -19.05 -21.80
CA VAL B 24 51.78 -18.48 -23.15
C VAL B 24 50.40 -17.89 -23.38
N ALA B 25 49.40 -18.46 -22.71
CA ALA B 25 48.02 -17.98 -22.85
C ALA B 25 47.52 -17.38 -21.54
N ALA B 26 46.50 -16.54 -21.65
CA ALA B 26 45.91 -15.90 -20.47
C ALA B 26 44.68 -16.67 -19.98
N GLU B 27 43.87 -16.01 -19.16
CA GLU B 27 42.65 -16.62 -18.62
C GLU B 27 41.47 -16.38 -19.56
N GLN B 28 41.74 -15.75 -20.70
CA GLN B 28 40.69 -15.46 -21.68
C GLN B 28 39.58 -14.62 -21.05
N SER B 29 38.49 -14.44 -21.80
CA SER B 29 37.36 -13.66 -21.32
C SER B 29 36.11 -14.53 -21.17
N LEU B 30 35.06 -13.96 -20.60
CA LEU B 30 33.81 -14.68 -20.41
C LEU B 30 32.61 -13.81 -20.77
N ILE B 31 31.80 -14.28 -21.70
CA ILE B 31 30.60 -13.55 -22.12
C ILE B 31 29.42 -13.86 -21.22
N THR B 32 28.94 -12.84 -20.51
CA THR B 32 27.81 -13.00 -19.61
C THR B 32 26.63 -12.14 -20.05
N VAL B 33 25.46 -12.75 -20.19
CA VAL B 33 24.27 -12.04 -20.61
C VAL B 33 23.27 -11.91 -19.45
N GLU B 34 23.32 -10.77 -18.76
CA GLU B 34 22.44 -10.54 -17.62
C GLU B 34 21.74 -9.18 -17.77
N GLY B 35 20.56 -9.07 -17.16
CA GLY B 35 19.81 -7.84 -17.23
C GLY B 35 19.63 -7.19 -15.87
N ASP B 36 18.58 -6.38 -15.73
CA ASP B 36 18.30 -5.69 -14.48
C ASP B 36 16.83 -5.28 -14.39
N LYS B 37 16.11 -5.88 -13.44
CA LYS B 37 14.69 -5.58 -13.26
C LYS B 37 14.46 -4.90 -11.90
N ALA B 38 14.79 -5.62 -10.84
CA ALA B 38 14.64 -5.12 -9.47
C ALA B 38 13.17 -4.96 -9.11
N SER B 39 12.77 -5.61 -8.02
CA SER B 39 11.39 -5.55 -7.54
C SER B 39 11.36 -5.47 -6.01
N MET B 40 10.46 -4.65 -5.49
CA MET B 40 10.33 -4.48 -4.04
C MET B 40 8.91 -4.81 -3.58
N GLU B 41 8.82 -5.75 -2.65
CA GLU B 41 7.52 -6.17 -2.12
C GLU B 41 6.94 -5.09 -1.21
N VAL B 42 5.62 -4.96 -1.21
CA VAL B 42 4.96 -3.96 -0.38
C VAL B 42 3.94 -4.60 0.56
N PRO B 43 3.86 -4.12 1.82
CA PRO B 43 2.94 -4.64 2.82
C PRO B 43 1.71 -3.75 3.00
N ALA B 44 0.72 -4.26 3.74
CA ALA B 44 -0.50 -3.50 3.99
C ALA B 44 -0.34 -2.60 5.21
N PRO B 45 -1.03 -1.44 5.23
CA PRO B 45 -0.94 -0.49 6.34
C PRO B 45 -1.66 -0.99 7.59
N PHE B 46 -2.86 -1.54 7.41
CA PHE B 46 -3.64 -2.05 8.53
C PHE B 46 -4.53 -3.21 8.10
N ALA B 47 -4.99 -3.99 9.07
CA ALA B 47 -5.85 -5.14 8.80
C ALA B 47 -7.23 -4.69 8.33
N GLY B 48 -7.91 -5.57 7.61
CA GLY B 48 -9.23 -5.25 7.10
C GLY B 48 -9.77 -6.32 6.18
N VAL B 49 -10.80 -5.98 5.41
CA VAL B 49 -11.41 -6.93 4.48
C VAL B 49 -11.54 -6.33 3.09
N VAL B 50 -11.12 -7.10 2.08
CA VAL B 50 -11.18 -6.66 0.69
C VAL B 50 -12.60 -6.83 0.14
N LYS B 51 -13.33 -5.72 0.02
CA LYS B 51 -14.71 -5.76 -0.48
C LYS B 51 -14.88 -4.81 -1.65
N GLU B 52 -13.85 -4.02 -1.94
CA GLU B 52 -13.91 -3.07 -3.04
C GLU B 52 -12.51 -2.60 -3.44
N LEU B 53 -12.08 -2.99 -4.63
CA LEU B 53 -10.76 -2.61 -5.13
C LEU B 53 -10.86 -1.41 -6.06
N LYS B 54 -9.70 -0.86 -6.44
CA LYS B 54 -9.67 0.29 -7.34
C LYS B 54 -8.76 0.03 -8.53
N VAL B 55 -7.88 -0.95 -8.42
CA VAL B 55 -6.94 -1.27 -9.50
C VAL B 55 -7.04 -2.75 -9.89
N ASN B 56 -6.91 -3.02 -11.19
CA ASN B 56 -6.98 -4.38 -11.69
C ASN B 56 -5.58 -4.93 -11.95
N VAL B 57 -5.43 -6.25 -11.85
CA VAL B 57 -4.14 -6.89 -12.06
C VAL B 57 -3.57 -6.52 -13.42
N GLY B 58 -2.33 -6.04 -13.43
CA GLY B 58 -1.69 -5.66 -14.67
C GLY B 58 -1.73 -4.16 -14.90
N ASP B 59 -2.16 -3.42 -13.89
CA ASP B 59 -2.26 -1.96 -14.00
C ASP B 59 -1.11 -1.29 -13.24
N LYS B 60 -0.30 -0.52 -13.95
CA LYS B 60 0.83 0.18 -13.35
C LYS B 60 0.37 1.07 -12.19
N VAL B 61 1.30 1.35 -11.28
CA VAL B 61 1.00 2.18 -10.12
C VAL B 61 1.86 3.44 -10.13
N LYS B 62 1.43 4.46 -9.40
CA LYS B 62 2.17 5.72 -9.32
C LYS B 62 2.07 6.32 -7.93
N THR B 63 3.11 7.04 -7.53
CA THR B 63 3.13 7.68 -6.21
C THR B 63 1.97 8.65 -6.05
N GLY B 64 1.14 8.38 -5.03
CA GLY B 64 -0.01 9.23 -4.77
C GLY B 64 -1.31 8.62 -5.28
N SER B 65 -1.21 7.43 -5.84
CA SER B 65 -2.38 6.74 -6.37
C SER B 65 -2.84 5.63 -5.41
N LEU B 66 -4.16 5.43 -5.35
CA LEU B 66 -4.73 4.41 -4.48
C LEU B 66 -4.67 3.04 -5.13
N ILE B 67 -4.98 2.00 -4.35
CA ILE B 67 -4.95 0.64 -4.86
C ILE B 67 -6.24 -0.13 -4.51
N MET B 68 -6.56 -0.16 -3.22
CA MET B 68 -7.76 -0.86 -2.76
C MET B 68 -8.36 -0.17 -1.53
N ILE B 69 -9.51 -0.66 -1.10
CA ILE B 69 -10.19 -0.11 0.07
C ILE B 69 -10.57 -1.23 1.04
N PHE B 70 -10.34 -1.00 2.32
CA PHE B 70 -10.66 -2.00 3.34
C PHE B 70 -11.77 -1.53 4.25
N GLU B 71 -12.69 -2.44 4.57
CA GLU B 71 -13.80 -2.12 5.45
C GLU B 71 -13.39 -2.33 6.90
N VAL B 72 -12.91 -1.25 7.52
CA VAL B 72 -12.47 -1.31 8.92
C VAL B 72 -13.41 -0.53 9.83
N GLU B 73 -14.00 -1.23 10.79
CA GLU B 73 -14.92 -0.60 11.73
C GLU B 73 -14.25 0.57 12.45
N GLY B 74 -15.02 1.63 12.70
CA GLY B 74 -14.47 2.79 13.36
C GLY B 74 -14.78 2.81 14.85
N ALA B 75 -13.74 2.74 15.67
CA ALA B 75 -13.91 2.74 17.12
C ALA B 75 -13.78 4.16 17.67
N ALA B 76 -14.41 4.40 18.82
CA ALA B 76 -14.38 5.71 19.45
C ALA B 76 -12.96 6.09 19.87
N PRO B 77 -12.59 7.39 19.78
CA PRO B 77 -11.26 7.87 20.15
C PRO B 77 -11.03 7.83 21.65
N ALA B 78 -12.08 8.16 22.41
CA ALA B 78 -11.99 8.18 23.86
C ALA B 78 -13.26 7.62 24.49
N ALA B 79 -14.31 7.51 23.68
CA ALA B 79 -15.60 6.99 24.15
C ALA B 79 -16.14 7.82 25.31
N ALA B 80 -15.78 9.09 25.33
CA ALA B 80 -16.24 10.00 26.39
C ALA B 80 -17.47 10.79 25.96
N PRO B 81 -17.44 11.45 24.78
CA PRO B 81 -18.58 12.24 24.29
C PRO B 81 -19.74 11.35 23.84
N ALA B 82 -19.40 10.18 23.31
CA ALA B 82 -20.41 9.24 22.85
C ALA B 82 -20.62 8.11 23.86
N LYS B 83 -19.55 7.36 24.12
CA LYS B 83 -19.59 6.25 25.07
C LYS B 83 -20.56 5.17 24.60
N GLN B 84 -20.46 3.99 25.21
CA GLN B 84 -21.32 2.86 24.87
C GLN B 84 -22.78 3.17 25.18
N GLU B 85 -23.01 4.24 25.95
CA GLU B 85 -24.36 4.64 26.33
C GLU B 85 -25.00 5.50 25.23
N MET A 1 -35.45 -18.86 36.71
CA MET A 1 -36.78 -18.34 37.13
C MET A 1 -37.01 -16.93 36.58
N VAL A 2 -36.14 -16.01 36.98
CA VAL A 2 -36.25 -14.62 36.55
C VAL A 2 -35.35 -14.35 35.34
N LYS A 3 -34.79 -15.42 34.77
CA LYS A 3 -33.92 -15.30 33.61
C LYS A 3 -34.72 -15.25 32.32
N GLU A 4 -35.94 -15.80 32.37
CA GLU A 4 -36.82 -15.82 31.21
C GLU A 4 -38.18 -15.22 31.53
N VAL A 5 -38.47 -14.06 30.93
CA VAL A 5 -39.73 -13.38 31.17
C VAL A 5 -40.65 -13.51 29.97
N ASN A 6 -41.80 -12.84 30.04
CA ASN A 6 -42.78 -12.89 28.95
C ASN A 6 -42.22 -12.27 27.68
N VAL A 7 -41.90 -10.98 27.75
CA VAL A 7 -41.36 -10.25 26.60
C VAL A 7 -39.89 -10.63 26.37
N PRO A 8 -39.52 -10.95 25.12
CA PRO A 8 -38.14 -11.33 24.78
C PRO A 8 -37.22 -10.11 24.70
N ASP A 9 -36.04 -10.22 25.31
CA ASP A 9 -35.08 -9.13 25.30
C ASP A 9 -33.66 -9.67 25.49
N ILE A 10 -33.56 -10.93 25.92
CA ILE A 10 -32.27 -11.57 26.15
C ILE A 10 -31.46 -10.82 27.20
N VAL A 11 -31.44 -11.38 28.42
CA VAL A 11 -30.71 -10.77 29.53
C VAL A 11 -29.23 -10.62 29.20
N GLU A 12 -28.69 -9.42 29.42
CA GLU A 12 -27.28 -9.15 29.15
C GLU A 12 -26.43 -9.51 30.37
N VAL A 13 -25.26 -10.08 30.12
CA VAL A 13 -24.35 -10.46 31.19
C VAL A 13 -23.01 -9.74 31.08
N THR A 14 -22.21 -9.82 32.13
CA THR A 14 -20.90 -9.19 32.16
C THR A 14 -19.93 -9.97 33.03
N GLU A 15 -19.90 -9.66 34.32
CA GLU A 15 -19.01 -10.36 35.26
C GLU A 15 -17.57 -10.38 34.76
N VAL A 16 -17.21 -9.43 33.90
CA VAL A 16 -15.86 -9.37 33.37
C VAL A 16 -15.06 -8.23 34.02
N MET A 17 -15.78 -7.22 34.50
CA MET A 17 -15.14 -6.08 35.15
C MET A 17 -15.65 -5.90 36.57
N VAL A 18 -16.78 -6.52 36.89
CA VAL A 18 -17.36 -6.42 38.22
C VAL A 18 -18.41 -7.51 38.44
N LYS A 19 -18.50 -8.01 39.67
CA LYS A 19 -19.47 -9.04 40.00
C LYS A 19 -20.10 -8.78 41.38
N VAL A 20 -19.28 -8.87 42.42
CA VAL A 20 -19.76 -8.64 43.78
C VAL A 20 -18.71 -7.92 44.62
N GLY A 21 -17.43 -8.18 44.31
CA GLY A 21 -16.36 -7.54 45.04
C GLY A 21 -15.46 -6.71 44.15
N ASP A 22 -14.64 -5.87 44.77
CA ASP A 22 -13.73 -5.01 44.01
C ASP A 22 -12.44 -5.75 43.67
N LYS A 23 -11.73 -5.26 42.66
CA LYS A 23 -10.48 -5.89 42.22
C LYS A 23 -9.59 -4.85 41.52
N VAL A 24 -8.29 -4.90 41.83
CA VAL A 24 -7.34 -3.98 41.23
C VAL A 24 -6.59 -4.63 40.07
N ALA A 25 -6.28 -3.83 39.05
CA ALA A 25 -5.56 -4.32 37.88
C ALA A 25 -4.71 -3.23 37.26
N ALA A 26 -3.63 -3.63 36.59
CA ALA A 26 -2.74 -2.69 35.94
C ALA A 26 -3.28 -2.24 34.59
N GLU A 27 -2.55 -1.34 33.93
CA GLU A 27 -2.97 -0.83 32.63
C GLU A 27 -2.10 -1.40 31.52
N GLN A 28 -2.73 -1.75 30.39
CA GLN A 28 -2.01 -2.31 29.26
C GLN A 28 -2.54 -1.72 27.95
N SER A 29 -1.88 -2.06 26.85
CA SER A 29 -2.28 -1.58 25.53
C SER A 29 -3.04 -2.65 24.75
N LEU A 30 -3.77 -2.23 23.73
CA LEU A 30 -4.55 -3.14 22.90
C LEU A 30 -4.37 -2.83 21.43
N ILE A 31 -3.80 -1.66 21.14
CA ILE A 31 -3.58 -1.20 19.77
C ILE A 31 -4.89 -1.08 19.01
N THR A 32 -5.34 0.16 18.84
CA THR A 32 -6.59 0.44 18.13
C THR A 32 -6.43 1.64 17.21
N VAL A 33 -7.47 1.90 16.41
CA VAL A 33 -7.45 3.03 15.48
C VAL A 33 -7.63 4.36 16.20
N GLU A 34 -7.68 4.30 17.53
CA GLU A 34 -7.86 5.49 18.35
C GLU A 34 -9.17 6.20 18.03
N GLY A 35 -9.15 7.10 17.06
CA GLY A 35 -10.35 7.83 16.69
C GLY A 35 -10.50 7.99 15.19
N ASP A 36 -9.90 7.08 14.44
CA ASP A 36 -9.98 7.13 12.97
C ASP A 36 -11.21 6.39 12.47
N LYS A 37 -11.71 6.81 11.30
CA LYS A 37 -12.88 6.19 10.70
C LYS A 37 -12.61 4.73 10.35
N ALA A 38 -13.68 3.99 10.07
CA ALA A 38 -13.56 2.59 9.70
C ALA A 38 -12.92 2.43 8.33
N SER A 39 -13.76 2.39 7.30
CA SER A 39 -13.28 2.24 5.93
C SER A 39 -12.33 3.37 5.57
N MET A 40 -11.07 3.00 5.27
CA MET A 40 -10.06 3.99 4.91
C MET A 40 -9.29 3.54 3.67
N GLU A 41 -9.36 4.35 2.63
CA GLU A 41 -8.67 4.05 1.38
C GLU A 41 -7.19 4.38 1.50
N VAL A 42 -6.34 3.44 1.08
CA VAL A 42 -4.90 3.63 1.15
C VAL A 42 -4.29 3.78 -0.25
N PRO A 43 -3.22 4.58 -0.40
CA PRO A 43 -2.56 4.80 -1.67
C PRO A 43 -1.27 4.00 -1.79
N ALA A 44 -0.74 3.90 -3.01
CA ALA A 44 0.49 3.16 -3.25
C ALA A 44 1.69 3.89 -2.64
N PRO A 45 2.66 3.15 -2.08
CA PRO A 45 3.86 3.74 -1.47
C PRO A 45 4.77 4.39 -2.49
N PHE A 46 4.98 3.72 -3.62
CA PHE A 46 5.84 4.25 -4.68
C PHE A 46 5.39 3.75 -6.05
N ALA A 47 5.65 4.54 -7.08
CA ALA A 47 5.29 4.17 -8.43
C ALA A 47 5.95 2.84 -8.82
N GLY A 48 5.18 1.96 -9.47
CA GLY A 48 5.72 0.68 -9.85
C GLY A 48 4.86 -0.06 -10.85
N VAL A 49 5.24 -1.30 -11.16
CA VAL A 49 4.50 -2.12 -12.09
C VAL A 49 4.19 -3.48 -11.48
N VAL A 50 3.02 -4.02 -11.78
CA VAL A 50 2.61 -5.32 -11.25
C VAL A 50 3.41 -6.45 -11.91
N LYS A 51 4.28 -7.07 -11.13
CA LYS A 51 5.11 -8.16 -11.63
C LYS A 51 4.53 -9.52 -11.24
N GLU A 52 4.06 -9.62 -10.00
CA GLU A 52 3.49 -10.87 -9.50
C GLU A 52 2.37 -10.59 -8.48
N LEU A 53 1.24 -11.27 -8.64
CA LEU A 53 0.11 -11.12 -7.74
C LEU A 53 0.26 -12.01 -6.52
N LYS A 54 -0.16 -11.50 -5.35
CA LYS A 54 -0.07 -12.26 -4.11
C LYS A 54 -1.36 -12.16 -3.31
N VAL A 55 -2.35 -11.47 -3.87
CA VAL A 55 -3.64 -11.30 -3.20
C VAL A 55 -4.80 -11.42 -4.18
N ASN A 56 -5.89 -12.03 -3.73
CA ASN A 56 -7.06 -12.21 -4.58
C ASN A 56 -8.15 -11.22 -4.20
N VAL A 57 -8.98 -10.85 -5.17
CA VAL A 57 -10.07 -9.90 -4.94
C VAL A 57 -11.11 -10.50 -3.99
N GLY A 58 -11.39 -9.78 -2.91
CA GLY A 58 -12.36 -10.24 -1.93
C GLY A 58 -11.73 -11.08 -0.85
N ASP A 59 -10.40 -11.11 -0.84
CA ASP A 59 -9.65 -11.87 0.15
C ASP A 59 -9.17 -10.99 1.29
N LYS A 60 -9.72 -11.22 2.48
CA LYS A 60 -9.35 -10.45 3.68
C LYS A 60 -7.83 -10.29 3.78
N VAL A 61 -7.41 -9.11 4.22
CA VAL A 61 -5.99 -8.80 4.38
C VAL A 61 -5.61 -8.71 5.85
N LYS A 62 -4.32 -8.80 6.14
CA LYS A 62 -3.83 -8.72 7.51
C LYS A 62 -2.50 -7.96 7.57
N THR A 63 -2.26 -7.27 8.67
CA THR A 63 -1.04 -6.51 8.85
C THR A 63 0.18 -7.43 8.85
N GLY A 64 1.09 -7.20 7.91
CA GLY A 64 2.28 -8.02 7.82
C GLY A 64 2.29 -8.90 6.59
N SER A 65 1.12 -9.04 5.96
CA SER A 65 0.99 -9.87 4.76
C SER A 65 1.33 -9.08 3.52
N LEU A 66 1.89 -9.76 2.52
CA LEU A 66 2.25 -9.11 1.26
C LEU A 66 1.03 -8.82 0.41
N ILE A 67 0.95 -7.61 -0.12
CA ILE A 67 -0.17 -7.20 -0.95
C ILE A 67 0.23 -7.10 -2.43
N MET A 68 1.28 -6.34 -2.70
CA MET A 68 1.75 -6.16 -4.06
C MET A 68 3.27 -5.96 -4.11
N ILE A 69 3.87 -6.27 -5.26
CA ILE A 69 5.30 -6.11 -5.44
C ILE A 69 5.60 -5.37 -6.74
N PHE A 70 6.43 -4.33 -6.66
CA PHE A 70 6.77 -3.55 -7.84
C PHE A 70 8.27 -3.55 -8.10
N GLU A 71 8.65 -3.65 -9.37
CA GLU A 71 10.06 -3.65 -9.75
C GLU A 71 10.43 -2.29 -10.32
N VAL A 72 10.91 -1.40 -9.46
CA VAL A 72 11.30 -0.06 -9.88
C VAL A 72 12.70 -0.05 -10.48
N GLU A 73 12.80 0.32 -11.75
CA GLU A 73 14.07 0.38 -12.44
C GLU A 73 14.69 1.78 -12.29
N GLY A 74 15.94 1.83 -11.87
CA GLY A 74 16.61 3.11 -11.70
C GLY A 74 16.69 3.92 -12.98
N ALA A 75 16.88 3.23 -14.10
CA ALA A 75 16.97 3.90 -15.40
C ALA A 75 15.62 4.47 -15.81
N ALA A 76 15.67 5.60 -16.52
CA ALA A 76 14.45 6.26 -16.99
C ALA A 76 13.90 5.57 -18.24
N PRO A 77 12.57 5.64 -18.44
CA PRO A 77 11.93 5.01 -19.61
C PRO A 77 12.23 5.77 -20.90
N ALA A 78 12.69 7.00 -20.76
CA ALA A 78 13.02 7.83 -21.91
C ALA A 78 11.82 8.02 -22.83
N ALA A 79 12.07 8.51 -24.03
CA ALA A 79 11.00 8.74 -25.00
C ALA A 79 10.39 7.42 -25.46
N ALA A 80 11.23 6.39 -25.57
CA ALA A 80 10.77 5.07 -26.00
C ALA A 80 10.07 5.13 -27.36
N PRO A 81 10.84 5.06 -28.46
CA PRO A 81 10.28 5.11 -29.83
C PRO A 81 9.25 4.02 -30.07
N ALA A 82 8.11 4.41 -30.62
CA ALA A 82 7.03 3.46 -30.90
C ALA A 82 5.99 4.08 -31.83
N LYS A 83 6.10 5.38 -32.06
CA LYS A 83 5.15 6.07 -32.93
C LYS A 83 5.74 7.40 -33.42
N GLN A 84 6.28 7.39 -34.64
CA GLN A 84 6.87 8.58 -35.24
C GLN A 84 8.03 9.11 -34.39
N GLU A 85 9.25 8.94 -34.90
CA GLU A 85 10.43 9.41 -34.19
C GLU A 85 10.48 10.93 -34.15
N MET B 1 76.16 14.90 2.16
CA MET B 1 76.23 14.50 0.73
C MET B 1 76.98 15.54 -0.10
N VAL B 2 77.21 16.70 0.50
CA VAL B 2 77.93 17.78 -0.18
C VAL B 2 77.20 18.22 -1.45
N LYS B 3 76.45 19.32 -1.34
CA LYS B 3 75.70 19.84 -2.48
C LYS B 3 75.46 21.34 -2.32
N GLU B 4 75.22 22.02 -3.44
CA GLU B 4 74.98 23.46 -3.44
C GLU B 4 73.75 23.81 -2.61
N VAL B 5 73.51 25.10 -2.42
CA VAL B 5 72.37 25.56 -1.65
C VAL B 5 71.06 25.23 -2.34
N ASN B 6 70.34 24.25 -1.80
CA ASN B 6 69.07 23.83 -2.38
C ASN B 6 68.08 23.44 -1.28
N VAL B 7 66.81 23.80 -1.48
CA VAL B 7 65.77 23.50 -0.52
C VAL B 7 65.59 21.98 -0.35
N PRO B 8 65.19 21.52 0.85
CA PRO B 8 64.98 20.10 1.13
C PRO B 8 63.71 19.57 0.47
N ASP B 9 63.71 18.28 0.14
CA ASP B 9 62.56 17.65 -0.50
C ASP B 9 62.67 16.13 -0.45
N ILE B 10 61.62 15.48 0.05
CA ILE B 10 61.59 14.03 0.16
C ILE B 10 62.75 13.50 1.00
N VAL B 11 62.45 13.18 2.26
CA VAL B 11 63.48 12.67 3.17
C VAL B 11 62.84 12.06 4.42
N GLU B 12 61.64 12.51 4.75
CA GLU B 12 60.92 12.01 5.92
C GLU B 12 60.16 10.73 5.59
N VAL B 13 59.94 10.49 4.30
CA VAL B 13 59.21 9.31 3.85
C VAL B 13 60.11 8.40 3.02
N THR B 14 59.82 7.10 3.04
CA THR B 14 60.60 6.13 2.29
C THR B 14 59.85 4.82 2.11
N GLU B 15 59.12 4.43 3.14
CA GLU B 15 58.34 3.18 3.11
C GLU B 15 59.23 1.98 2.86
N VAL B 16 59.64 1.31 3.93
CA VAL B 16 60.49 0.14 3.82
C VAL B 16 59.69 -1.15 4.01
N MET B 17 60.01 -2.18 3.22
CA MET B 17 59.32 -3.46 3.28
C MET B 17 57.84 -3.31 2.95
N VAL B 18 57.05 -2.93 3.96
CA VAL B 18 55.62 -2.74 3.77
C VAL B 18 55.34 -1.56 2.84
N LYS B 19 54.34 -1.70 1.99
CA LYS B 19 53.98 -0.65 1.04
C LYS B 19 52.48 -0.68 0.75
N VAL B 20 52.03 -1.79 0.18
CA VAL B 20 50.62 -1.96 -0.16
C VAL B 20 50.15 -0.88 -1.15
N GLY B 21 50.22 -1.20 -2.44
CA GLY B 21 49.81 -0.25 -3.45
C GLY B 21 48.61 -0.74 -4.23
N ASP B 22 47.72 -1.47 -3.56
CA ASP B 22 46.52 -2.01 -4.20
C ASP B 22 45.42 -0.97 -4.23
N LYS B 23 44.77 -0.83 -5.38
CA LYS B 23 43.69 0.13 -5.54
C LYS B 23 42.44 -0.55 -6.09
N VAL B 24 42.63 -1.71 -6.71
CA VAL B 24 41.52 -2.47 -7.27
C VAL B 24 40.99 -3.49 -6.28
N ALA B 25 39.67 -3.63 -6.21
CA ALA B 25 39.04 -4.58 -5.31
C ALA B 25 38.86 -5.94 -5.97
N ALA B 26 38.29 -6.89 -5.22
CA ALA B 26 38.07 -8.23 -5.73
C ALA B 26 36.92 -8.91 -4.99
N GLU B 27 36.80 -8.61 -3.70
CA GLU B 27 35.74 -9.17 -2.87
C GLU B 27 34.82 -8.07 -2.34
N GLN B 28 33.71 -8.49 -1.73
CA GLN B 28 32.75 -7.54 -1.17
C GLN B 28 33.23 -7.00 0.17
N SER B 29 33.24 -5.67 0.30
CA SER B 29 33.68 -5.03 1.54
C SER B 29 32.66 -5.23 2.65
N LEU B 30 33.11 -5.00 3.89
CA LEU B 30 32.23 -5.16 5.05
C LEU B 30 31.53 -3.85 5.37
N ILE B 31 31.65 -2.88 4.48
CA ILE B 31 31.03 -1.58 4.66
C ILE B 31 29.65 -1.53 4.01
N THR B 32 29.62 -1.63 2.68
CA THR B 32 28.38 -1.61 1.94
C THR B 32 27.54 -2.85 2.23
N VAL B 33 26.24 -2.67 2.37
CA VAL B 33 25.35 -3.78 2.67
C VAL B 33 24.55 -4.18 1.43
N GLU B 34 23.81 -3.23 0.86
CA GLU B 34 23.00 -3.49 -0.32
C GLU B 34 23.38 -2.56 -1.46
N GLY B 35 23.43 -3.10 -2.67
CA GLY B 35 23.78 -2.31 -3.84
C GLY B 35 22.58 -2.03 -4.72
N ASP B 36 22.02 -3.07 -5.31
CA ASP B 36 20.85 -2.95 -6.18
C ASP B 36 19.73 -3.87 -5.73
N LYS B 37 18.50 -3.38 -5.82
CA LYS B 37 17.33 -4.16 -5.41
C LYS B 37 16.17 -3.97 -6.38
N ALA B 38 15.80 -2.72 -6.62
CA ALA B 38 14.70 -2.39 -7.52
C ALA B 38 13.38 -2.94 -6.99
N SER B 39 13.09 -4.20 -7.31
CA SER B 39 11.86 -4.84 -6.87
C SER B 39 11.77 -4.89 -5.35
N MET B 40 10.76 -4.23 -4.78
CA MET B 40 10.57 -4.21 -3.34
C MET B 40 9.12 -4.56 -2.97
N GLU B 41 8.96 -5.64 -2.21
CA GLU B 41 7.64 -6.08 -1.79
C GLU B 41 7.13 -5.23 -0.64
N VAL B 42 5.87 -4.79 -0.74
CA VAL B 42 5.26 -3.96 0.30
C VAL B 42 4.16 -4.72 1.04
N PRO B 43 4.01 -4.45 2.35
CA PRO B 43 2.99 -5.09 3.17
C PRO B 43 1.78 -4.19 3.41
N ALA B 44 0.70 -4.77 3.91
CA ALA B 44 -0.51 -4.01 4.17
C ALA B 44 -0.32 -3.08 5.37
N PRO B 45 -0.91 -1.86 5.32
CA PRO B 45 -0.79 -0.89 6.41
C PRO B 45 -1.50 -1.34 7.67
N PHE B 46 -2.73 -1.84 7.52
CA PHE B 46 -3.51 -2.31 8.66
C PHE B 46 -4.43 -3.45 8.25
N ALA B 47 -4.82 -4.27 9.22
CA ALA B 47 -5.70 -5.40 8.96
C ALA B 47 -7.08 -4.92 8.53
N GLY B 48 -7.65 -5.56 7.51
CA GLY B 48 -8.96 -5.19 7.03
C GLY B 48 -9.53 -6.19 6.05
N VAL B 49 -10.63 -5.81 5.39
CA VAL B 49 -11.28 -6.70 4.42
C VAL B 49 -11.52 -5.98 3.08
N VAL B 50 -11.43 -6.74 2.00
CA VAL B 50 -11.65 -6.19 0.66
C VAL B 50 -13.12 -5.87 0.44
N LYS B 51 -13.44 -4.58 0.32
CA LYS B 51 -14.81 -4.13 0.11
C LYS B 51 -15.04 -3.74 -1.35
N GLU B 52 -14.06 -3.09 -1.95
CA GLU B 52 -14.16 -2.66 -3.34
C GLU B 52 -12.79 -2.64 -4.01
N LEU B 53 -12.72 -3.18 -5.21
CA LEU B 53 -11.48 -3.23 -5.98
C LEU B 53 -11.29 -1.95 -6.79
N LYS B 54 -10.05 -1.48 -6.86
CA LYS B 54 -9.75 -0.26 -7.60
C LYS B 54 -8.53 -0.44 -8.49
N VAL B 55 -7.97 -1.65 -8.49
CA VAL B 55 -6.80 -1.94 -9.31
C VAL B 55 -6.90 -3.32 -9.95
N ASN B 56 -6.43 -3.42 -11.19
CA ASN B 56 -6.46 -4.68 -11.93
C ASN B 56 -5.08 -5.33 -11.94
N VAL B 57 -5.06 -6.65 -11.99
CA VAL B 57 -3.80 -7.40 -12.01
C VAL B 57 -3.03 -7.11 -13.29
N GLY B 58 -1.77 -6.70 -13.15
CA GLY B 58 -0.95 -6.40 -14.30
C GLY B 58 -1.03 -4.94 -14.70
N ASP B 59 -1.78 -4.16 -13.92
CA ASP B 59 -1.94 -2.75 -14.19
C ASP B 59 -0.92 -1.91 -13.42
N LYS B 60 -0.11 -1.16 -14.16
CA LYS B 60 0.92 -0.33 -13.56
C LYS B 60 0.34 0.58 -12.48
N VAL B 61 1.10 0.77 -11.41
CA VAL B 61 0.66 1.61 -10.30
C VAL B 61 1.46 2.92 -10.26
N LYS B 62 0.93 3.91 -9.55
CA LYS B 62 1.60 5.20 -9.41
C LYS B 62 1.38 5.79 -8.03
N THR B 63 2.34 6.58 -7.57
CA THR B 63 2.25 7.21 -6.26
C THR B 63 1.09 8.19 -6.18
N GLY B 64 0.17 7.95 -5.26
CA GLY B 64 -0.98 8.82 -5.10
C GLY B 64 -2.27 8.16 -5.54
N SER B 65 -2.15 7.05 -6.27
CA SER B 65 -3.33 6.33 -6.75
C SER B 65 -3.83 5.34 -5.70
N LEU B 66 -5.14 5.11 -5.70
CA LEU B 66 -5.76 4.19 -4.75
C LEU B 66 -5.49 2.75 -5.16
N ILE B 67 -5.10 1.93 -4.19
CA ILE B 67 -4.81 0.53 -4.46
C ILE B 67 -5.88 -0.39 -3.85
N MET B 68 -6.16 -0.22 -2.56
CA MET B 68 -7.15 -1.04 -1.88
C MET B 68 -7.83 -0.25 -0.76
N ILE B 69 -9.03 -0.67 -0.40
CA ILE B 69 -9.79 -0.02 0.67
C ILE B 69 -10.29 -1.07 1.66
N PHE B 70 -10.11 -0.81 2.95
CA PHE B 70 -10.54 -1.76 3.98
C PHE B 70 -11.46 -1.10 4.99
N GLU B 71 -12.54 -1.79 5.34
CA GLU B 71 -13.49 -1.28 6.31
C GLU B 71 -13.25 -1.91 7.68
N VAL B 72 -12.44 -1.24 8.50
CA VAL B 72 -12.13 -1.74 9.83
C VAL B 72 -13.22 -1.39 10.82
N GLU B 73 -13.84 -2.42 11.39
CA GLU B 73 -14.90 -2.23 12.37
C GLU B 73 -14.35 -2.24 13.78
N GLY B 74 -14.87 -1.35 14.63
CA GLY B 74 -14.40 -1.29 16.00
C GLY B 74 -14.08 0.13 16.44
N ALA B 75 -14.45 1.10 15.61
CA ALA B 75 -14.19 2.50 15.92
C ALA B 75 -15.03 2.96 17.11
N ALA B 76 -14.37 3.65 18.05
CA ALA B 76 -15.04 4.15 19.24
C ALA B 76 -15.76 5.46 18.95
N PRO B 77 -16.82 5.78 19.71
CA PRO B 77 -17.60 7.01 19.52
C PRO B 77 -16.73 8.26 19.69
N ALA B 78 -17.25 9.41 19.27
CA ALA B 78 -16.53 10.67 19.37
C ALA B 78 -17.38 11.73 20.06
N ALA B 79 -16.71 12.62 20.79
CA ALA B 79 -17.41 13.69 21.50
C ALA B 79 -17.54 14.93 20.63
N ALA B 80 -18.66 15.64 20.76
CA ALA B 80 -18.91 16.85 19.99
C ALA B 80 -17.96 17.98 20.40
N PRO B 81 -17.85 18.29 21.71
CA PRO B 81 -16.97 19.35 22.20
C PRO B 81 -15.51 18.92 22.24
N ALA B 82 -14.61 19.89 22.22
CA ALA B 82 -13.18 19.61 22.26
C ALA B 82 -12.41 20.78 22.85
N LYS B 83 -11.10 20.59 23.05
CA LYS B 83 -10.26 21.64 23.61
C LYS B 83 -9.47 22.35 22.51
N GLN B 84 -9.12 23.61 22.76
CA GLN B 84 -8.36 24.40 21.80
C GLN B 84 -9.10 24.51 20.47
N GLU B 85 -9.85 25.59 20.29
CA GLU B 85 -10.61 25.81 19.06
C GLU B 85 -9.68 26.09 17.90
N MET A 1 -55.99 22.73 48.03
CA MET A 1 -55.97 23.97 48.85
C MET A 1 -55.55 23.67 50.28
N VAL A 2 -55.42 22.38 50.60
CA VAL A 2 -55.02 21.97 51.93
C VAL A 2 -53.79 21.07 51.88
N LYS A 3 -52.82 21.34 52.75
CA LYS A 3 -51.60 20.56 52.80
C LYS A 3 -51.67 19.51 53.91
N GLU A 4 -51.38 18.26 53.57
CA GLU A 4 -51.41 17.18 54.54
C GLU A 4 -50.09 17.07 55.29
N VAL A 5 -50.15 17.21 56.61
CA VAL A 5 -48.97 17.13 57.46
C VAL A 5 -47.99 18.28 57.18
N ASN A 6 -47.43 18.83 58.25
CA ASN A 6 -46.48 19.93 58.12
C ASN A 6 -45.16 19.46 57.50
N VAL A 7 -44.76 20.09 56.40
CA VAL A 7 -43.53 19.72 55.72
C VAL A 7 -42.30 20.18 56.53
N PRO A 8 -41.31 19.29 56.73
CA PRO A 8 -40.10 19.61 57.48
C PRO A 8 -39.19 20.58 56.71
N ASP A 9 -38.56 21.49 57.43
CA ASP A 9 -37.67 22.48 56.82
C ASP A 9 -36.35 21.84 56.40
N ILE A 10 -35.85 20.92 57.23
CA ILE A 10 -34.59 20.24 56.95
C ILE A 10 -33.44 21.24 56.85
N VAL A 11 -32.67 21.35 57.93
CA VAL A 11 -31.54 22.27 57.98
C VAL A 11 -30.22 21.50 58.05
N GLU A 12 -30.31 20.21 58.32
CA GLU A 12 -29.12 19.36 58.42
C GLU A 12 -28.29 19.41 57.14
N VAL A 13 -28.98 19.48 56.00
CA VAL A 13 -28.31 19.53 54.71
C VAL A 13 -29.02 20.49 53.75
N THR A 14 -28.30 20.96 52.74
CA THR A 14 -28.85 21.87 51.76
C THR A 14 -28.45 21.45 50.35
N GLU A 15 -29.41 20.94 49.58
CA GLU A 15 -29.16 20.50 48.22
C GLU A 15 -29.77 21.47 47.21
N VAL A 16 -29.06 21.68 46.10
CA VAL A 16 -29.53 22.58 45.05
C VAL A 16 -30.26 21.80 43.96
N MET A 17 -31.38 22.35 43.50
CA MET A 17 -32.18 21.69 42.47
C MET A 17 -32.26 22.56 41.22
N VAL A 18 -31.84 23.82 41.34
CA VAL A 18 -31.87 24.74 40.21
C VAL A 18 -30.52 24.81 39.51
N LYS A 19 -30.45 24.26 38.30
CA LYS A 19 -29.22 24.27 37.54
C LYS A 19 -29.19 25.41 36.53
N VAL A 20 -28.00 25.81 36.11
CA VAL A 20 -27.85 26.89 35.14
C VAL A 20 -28.16 26.42 33.73
N GLY A 21 -28.28 25.11 33.58
CA GLY A 21 -28.58 24.53 32.27
C GLY A 21 -28.43 23.03 32.26
N ASP A 22 -29.40 22.34 32.85
CA ASP A 22 -29.38 20.88 32.91
C ASP A 22 -30.59 20.29 32.20
N LYS A 23 -30.33 19.44 31.21
CA LYS A 23 -31.40 18.80 30.45
C LYS A 23 -31.64 17.37 30.94
N VAL A 24 -32.55 16.67 30.29
CA VAL A 24 -32.86 15.29 30.66
C VAL A 24 -31.87 14.32 30.04
N ALA A 25 -30.89 13.89 30.83
CA ALA A 25 -29.86 12.96 30.36
C ALA A 25 -30.40 11.53 30.37
N ALA A 26 -30.46 10.93 29.19
CA ALA A 26 -30.94 9.55 29.06
C ALA A 26 -29.80 8.60 28.72
N GLU A 27 -28.80 9.11 28.00
CA GLU A 27 -27.65 8.31 27.61
C GLU A 27 -26.67 8.15 28.78
N GLN A 28 -25.59 7.42 28.55
CA GLN A 28 -24.59 7.19 29.59
C GLN A 28 -23.39 8.11 29.39
N SER A 29 -22.66 7.92 28.30
CA SER A 29 -21.49 8.73 28.00
C SER A 29 -21.89 10.07 27.42
N LEU A 30 -21.22 11.13 27.86
CA LEU A 30 -21.50 12.48 27.39
C LEU A 30 -20.46 12.94 26.37
N ILE A 31 -19.21 12.96 26.78
CA ILE A 31 -18.12 13.38 25.90
C ILE A 31 -17.54 12.19 25.13
N THR A 32 -17.46 12.34 23.82
CA THR A 32 -16.92 11.29 22.96
C THR A 32 -16.08 11.89 21.83
N VAL A 33 -15.58 11.02 20.95
CA VAL A 33 -14.76 11.48 19.83
C VAL A 33 -15.30 10.94 18.50
N GLU A 34 -15.58 11.85 17.58
CA GLU A 34 -16.10 11.48 16.27
C GLU A 34 -15.36 12.21 15.16
N GLY A 35 -14.59 11.47 14.37
CA GLY A 35 -13.83 12.07 13.28
C GLY A 35 -13.14 11.03 12.43
N ASP A 36 -12.65 9.97 13.06
CA ASP A 36 -11.96 8.90 12.35
C ASP A 36 -12.84 7.66 12.24
N LYS A 37 -13.22 7.32 11.01
CA LYS A 37 -14.07 6.16 10.77
C LYS A 37 -13.26 4.87 10.83
N ALA A 38 -13.85 3.78 10.34
CA ALA A 38 -13.19 2.49 10.33
C ALA A 38 -12.50 2.26 8.99
N SER A 39 -13.31 2.17 7.94
CA SER A 39 -12.79 1.98 6.59
C SER A 39 -11.82 3.10 6.22
N MET A 40 -10.72 2.73 5.58
CA MET A 40 -9.71 3.72 5.19
C MET A 40 -9.00 3.30 3.90
N GLU A 41 -9.04 4.18 2.91
CA GLU A 41 -8.39 3.91 1.63
C GLU A 41 -6.88 4.03 1.76
N VAL A 42 -6.15 3.28 0.94
CA VAL A 42 -4.69 3.32 0.97
C VAL A 42 -4.11 3.57 -0.42
N PRO A 43 -3.07 4.41 -0.51
CA PRO A 43 -2.42 4.74 -1.78
C PRO A 43 -1.10 3.98 -1.97
N ALA A 44 -0.56 4.05 -3.18
CA ALA A 44 0.69 3.36 -3.49
C ALA A 44 1.89 4.13 -2.93
N PRO A 45 2.83 3.43 -2.27
CA PRO A 45 4.02 4.07 -1.69
C PRO A 45 4.98 4.62 -2.75
N PHE A 46 5.22 3.82 -3.79
CA PHE A 46 6.11 4.22 -4.87
C PHE A 46 5.62 3.67 -6.21
N ALA A 47 5.78 4.46 -7.26
CA ALA A 47 5.37 4.05 -8.60
C ALA A 47 6.04 2.75 -8.98
N GLY A 48 5.30 1.87 -9.67
CA GLY A 48 5.85 0.60 -10.07
C GLY A 48 5.03 -0.10 -11.12
N VAL A 49 5.24 -1.40 -11.27
CA VAL A 49 4.51 -2.20 -12.25
C VAL A 49 4.05 -3.51 -11.62
N VAL A 50 2.81 -3.90 -11.91
CA VAL A 50 2.26 -5.13 -11.37
C VAL A 50 2.89 -6.35 -12.02
N LYS A 51 3.76 -7.03 -11.28
CA LYS A 51 4.43 -8.22 -11.79
C LYS A 51 3.62 -9.48 -11.49
N GLU A 52 3.33 -9.69 -10.21
CA GLU A 52 2.56 -10.86 -9.78
C GLU A 52 1.86 -10.60 -8.45
N LEU A 53 0.54 -10.53 -8.49
CA LEU A 53 -0.24 -10.29 -7.28
C LEU A 53 0.04 -11.34 -6.22
N LYS A 54 -0.12 -10.97 -4.95
CA LYS A 54 0.11 -11.88 -3.85
C LYS A 54 -1.19 -12.22 -3.13
N VAL A 55 -2.18 -11.35 -3.29
CA VAL A 55 -3.49 -11.55 -2.67
C VAL A 55 -4.60 -11.50 -3.71
N ASN A 56 -5.62 -12.33 -3.52
CA ASN A 56 -6.76 -12.37 -4.44
C ASN A 56 -7.91 -11.53 -3.93
N VAL A 57 -8.65 -10.91 -4.85
CA VAL A 57 -9.79 -10.09 -4.49
C VAL A 57 -10.86 -10.90 -3.78
N GLY A 58 -11.29 -10.42 -2.62
CA GLY A 58 -12.31 -11.13 -1.85
C GLY A 58 -11.76 -11.77 -0.60
N ASP A 59 -10.44 -11.69 -0.42
CA ASP A 59 -9.79 -12.27 0.75
C ASP A 59 -9.32 -11.19 1.72
N LYS A 60 -9.87 -11.20 2.93
CA LYS A 60 -9.52 -10.23 3.95
C LYS A 60 -8.01 -10.15 4.12
N VAL A 61 -7.53 -8.99 4.58
CA VAL A 61 -6.11 -8.78 4.79
C VAL A 61 -5.78 -8.67 6.28
N LYS A 62 -4.50 -8.85 6.61
CA LYS A 62 -4.04 -8.76 7.99
C LYS A 62 -2.68 -8.09 8.07
N THR A 63 -2.50 -7.23 9.06
CA THR A 63 -1.24 -6.52 9.25
C THR A 63 -0.08 -7.49 9.41
N GLY A 64 0.94 -7.32 8.59
CA GLY A 64 2.11 -8.18 8.66
C GLY A 64 2.25 -9.06 7.42
N SER A 65 1.17 -9.16 6.65
CA SER A 65 1.18 -9.97 5.43
C SER A 65 1.47 -9.12 4.20
N LEU A 66 1.82 -9.77 3.10
CA LEU A 66 2.13 -9.08 1.86
C LEU A 66 0.86 -8.90 1.01
N ILE A 67 0.87 -7.87 0.16
CA ILE A 67 -0.27 -7.60 -0.70
C ILE A 67 0.13 -7.60 -2.17
N MET A 68 1.18 -6.84 -2.50
CA MET A 68 1.66 -6.75 -3.87
C MET A 68 3.16 -6.46 -3.89
N ILE A 69 3.78 -6.70 -5.05
CA ILE A 69 5.21 -6.46 -5.23
C ILE A 69 5.47 -5.77 -6.56
N PHE A 70 6.23 -4.68 -6.52
CA PHE A 70 6.55 -3.93 -7.74
C PHE A 70 8.00 -4.11 -8.14
N GLU A 71 8.28 -3.81 -9.40
CA GLU A 71 9.63 -3.90 -9.94
C GLU A 71 9.96 -2.67 -10.77
N VAL A 72 10.54 -1.67 -10.13
CA VAL A 72 10.89 -0.43 -10.80
C VAL A 72 12.21 -0.56 -11.56
N GLU A 73 12.41 0.31 -12.53
CA GLU A 73 13.63 0.29 -13.34
C GLU A 73 14.31 1.65 -13.35
N GLY A 74 14.06 2.45 -12.31
CA GLY A 74 14.65 3.76 -12.23
C GLY A 74 14.51 4.38 -10.85
N ALA A 75 15.32 3.91 -9.91
CA ALA A 75 15.29 4.41 -8.54
C ALA A 75 16.59 5.12 -8.19
N ALA A 76 16.48 6.34 -7.69
CA ALA A 76 17.65 7.13 -7.32
C ALA A 76 18.26 6.61 -6.02
N PRO A 77 19.59 6.76 -5.85
CA PRO A 77 20.28 6.30 -4.64
C PRO A 77 19.90 7.13 -3.41
N ALA A 78 19.93 8.45 -3.56
CA ALA A 78 19.59 9.35 -2.47
C ALA A 78 20.49 9.12 -1.26
N ALA A 79 20.16 9.80 -0.16
CA ALA A 79 20.94 9.66 1.07
C ALA A 79 20.02 9.69 2.30
N ALA A 80 18.73 9.88 2.06
CA ALA A 80 17.74 9.93 3.13
C ALA A 80 16.50 9.10 2.79
N PRO A 81 16.47 7.82 3.20
CA PRO A 81 15.33 6.93 2.93
C PRO A 81 13.99 7.54 3.35
N ALA A 82 13.96 8.11 4.56
CA ALA A 82 12.76 8.73 5.09
C ALA A 82 11.64 7.71 5.26
N LYS A 83 10.94 7.41 4.17
CA LYS A 83 9.85 6.45 4.17
C LYS A 83 8.72 6.92 5.09
N GLN A 84 7.69 6.09 5.23
CA GLN A 84 6.55 6.41 6.08
C GLN A 84 6.75 5.86 7.48
N GLU A 85 5.89 6.28 8.41
CA GLU A 85 5.97 5.82 9.79
C GLU A 85 5.77 4.31 9.89
N MET B 1 19.09 54.24 28.10
CA MET B 1 19.30 53.02 28.94
C MET B 1 20.06 51.96 28.18
N VAL B 2 21.11 51.43 28.80
CA VAL B 2 21.94 50.40 28.17
C VAL B 2 21.51 49.01 28.61
N LYS B 3 21.67 48.04 27.72
CA LYS B 3 21.30 46.65 27.99
C LYS B 3 19.80 46.51 28.26
N GLU B 4 19.10 45.90 27.32
CA GLU B 4 17.66 45.70 27.44
C GLU B 4 17.34 44.31 28.00
N VAL B 5 16.13 44.15 28.51
CA VAL B 5 15.70 42.88 29.07
C VAL B 5 14.89 42.08 28.06
N ASN B 6 15.45 40.95 27.62
CA ASN B 6 14.79 40.09 26.65
C ASN B 6 15.51 38.75 26.53
N VAL B 7 15.09 37.78 27.33
CA VAL B 7 15.70 36.46 27.32
C VAL B 7 15.34 35.70 26.04
N PRO B 8 16.35 35.20 25.30
CA PRO B 8 16.12 34.46 24.05
C PRO B 8 15.58 33.06 24.32
N ASP B 9 15.03 32.44 23.27
CA ASP B 9 14.47 31.09 23.38
C ASP B 9 15.58 30.04 23.33
N ILE B 10 15.65 29.22 24.37
CA ILE B 10 16.66 28.18 24.46
C ILE B 10 16.46 27.12 23.37
N VAL B 11 17.44 26.23 23.23
CA VAL B 11 17.37 25.18 22.21
C VAL B 11 17.70 23.82 22.82
N GLU B 12 18.13 23.82 24.08
CA GLU B 12 18.49 22.58 24.76
C GLU B 12 17.24 21.85 25.27
N VAL B 13 17.14 20.57 24.95
CA VAL B 13 15.99 19.77 25.37
C VAL B 13 16.24 18.28 25.11
N THR B 14 15.81 17.44 26.04
CA THR B 14 15.99 16.00 25.91
C THR B 14 14.73 15.25 26.32
N GLU B 15 14.42 14.18 25.59
CA GLU B 15 13.23 13.37 25.89
C GLU B 15 13.60 11.90 26.06
N VAL B 16 14.40 11.39 25.13
CA VAL B 16 14.83 9.99 25.19
C VAL B 16 16.34 9.87 24.96
N MET B 17 16.99 9.09 25.82
CA MET B 17 18.43 8.89 25.71
C MET B 17 18.75 7.46 25.28
N VAL B 18 19.21 7.31 24.04
CA VAL B 18 19.56 6.00 23.50
C VAL B 18 21.07 5.85 23.38
N LYS B 19 21.73 6.88 22.83
CA LYS B 19 23.17 6.85 22.66
C LYS B 19 23.86 7.68 23.73
N VAL B 20 24.81 7.07 24.43
CA VAL B 20 25.54 7.75 25.48
C VAL B 20 27.04 7.61 25.28
N GLY B 21 27.55 6.38 25.43
CA GLY B 21 28.97 6.13 25.26
C GLY B 21 29.26 5.36 23.99
N ASP B 22 29.24 6.05 22.86
CA ASP B 22 29.50 5.43 21.57
C ASP B 22 30.72 6.04 20.89
N LYS B 23 31.51 5.20 20.23
CA LYS B 23 32.71 5.66 19.53
C LYS B 23 32.36 6.11 18.11
N VAL B 24 33.18 7.00 17.56
CA VAL B 24 32.96 7.50 16.21
C VAL B 24 33.00 6.37 15.19
N ALA B 25 32.08 6.42 14.23
CA ALA B 25 32.00 5.39 13.18
C ALA B 25 31.69 4.02 13.78
N ALA B 26 30.44 3.59 13.64
CA ALA B 26 30.02 2.29 14.15
C ALA B 26 29.82 1.30 13.02
N GLU B 27 29.63 0.03 13.38
CA GLU B 27 29.42 -1.02 12.39
C GLU B 27 28.51 -2.12 12.95
N GLN B 28 27.37 -2.32 12.30
CA GLN B 28 26.40 -3.33 12.73
C GLN B 28 25.92 -4.14 11.53
N SER B 29 25.16 -3.49 10.65
CA SER B 29 24.63 -4.15 9.45
C SER B 29 23.67 -5.26 9.83
N LEU B 30 22.41 -5.11 9.42
CA LEU B 30 21.38 -6.11 9.71
C LEU B 30 21.77 -7.47 9.12
N ILE B 31 21.17 -8.53 9.64
CA ILE B 31 21.44 -9.88 9.17
C ILE B 31 20.71 -10.17 7.86
N THR B 32 21.47 -10.48 6.82
CA THR B 32 20.91 -10.78 5.50
C THR B 32 20.20 -9.57 4.91
N VAL B 33 20.72 -9.06 3.80
CA VAL B 33 20.14 -7.90 3.14
C VAL B 33 19.59 -8.28 1.77
N GLU B 34 18.55 -7.56 1.33
CA GLU B 34 17.93 -7.81 0.04
C GLU B 34 18.93 -7.59 -1.09
N GLY B 35 18.87 -8.44 -2.11
CA GLY B 35 19.77 -8.30 -3.24
C GLY B 35 19.31 -7.24 -4.22
N ASP B 36 18.00 -7.14 -4.41
CA ASP B 36 17.44 -6.16 -5.34
C ASP B 36 17.40 -4.79 -4.70
N LYS B 37 17.55 -3.75 -5.52
CA LYS B 37 17.52 -2.37 -5.04
C LYS B 37 16.33 -1.61 -5.64
N ALA B 38 15.82 -2.12 -6.75
CA ALA B 38 14.69 -1.49 -7.43
C ALA B 38 13.36 -2.08 -6.94
N SER B 39 13.10 -3.33 -7.29
CA SER B 39 11.86 -4.00 -6.89
C SER B 39 11.76 -4.07 -5.37
N MET B 40 10.60 -3.72 -4.83
CA MET B 40 10.39 -3.75 -3.39
C MET B 40 8.97 -4.20 -3.05
N GLU B 41 8.86 -5.19 -2.17
CA GLU B 41 7.57 -5.71 -1.75
C GLU B 41 6.92 -4.78 -0.73
N VAL B 42 5.59 -4.75 -0.71
CA VAL B 42 4.86 -3.90 0.23
C VAL B 42 3.85 -4.70 1.04
N PRO B 43 3.73 -4.42 2.35
CA PRO B 43 2.80 -5.09 3.23
C PRO B 43 1.55 -4.25 3.51
N ALA B 44 0.57 -4.85 4.16
CA ALA B 44 -0.67 -4.15 4.49
C ALA B 44 -0.47 -3.26 5.73
N PRO B 45 -0.95 -2.00 5.68
CA PRO B 45 -0.82 -1.06 6.79
C PRO B 45 -1.66 -1.46 8.00
N PHE B 46 -2.90 -1.89 7.75
CA PHE B 46 -3.81 -2.30 8.81
C PHE B 46 -4.74 -3.41 8.35
N ALA B 47 -5.03 -4.34 9.25
CA ALA B 47 -5.91 -5.47 8.93
C ALA B 47 -7.28 -4.97 8.50
N GLY B 48 -7.85 -5.63 7.50
CA GLY B 48 -9.17 -5.23 7.01
C GLY B 48 -9.80 -6.28 6.12
N VAL B 49 -10.74 -5.86 5.28
CA VAL B 49 -11.42 -6.77 4.37
C VAL B 49 -11.55 -6.16 2.98
N VAL B 50 -11.33 -6.98 1.97
CA VAL B 50 -11.41 -6.54 0.57
C VAL B 50 -12.86 -6.29 0.17
N LYS B 51 -13.22 -5.01 0.06
CA LYS B 51 -14.58 -4.64 -0.32
C LYS B 51 -14.70 -4.51 -1.84
N GLU B 52 -13.89 -3.64 -2.42
CA GLU B 52 -13.90 -3.42 -3.87
C GLU B 52 -12.55 -2.90 -4.35
N LEU B 53 -11.85 -3.72 -5.13
CA LEU B 53 -10.55 -3.35 -5.66
C LEU B 53 -10.64 -2.06 -6.48
N LYS B 54 -9.54 -1.32 -6.51
CA LYS B 54 -9.48 -0.06 -7.26
C LYS B 54 -8.57 -0.19 -8.47
N VAL B 55 -7.64 -1.15 -8.41
CA VAL B 55 -6.71 -1.38 -9.50
C VAL B 55 -6.76 -2.83 -9.98
N ASN B 56 -6.61 -3.02 -11.29
CA ASN B 56 -6.64 -4.36 -11.87
C ASN B 56 -5.23 -4.90 -12.06
N VAL B 57 -5.08 -6.22 -11.92
CA VAL B 57 -3.79 -6.86 -12.08
C VAL B 57 -3.25 -6.70 -13.49
N GLY B 58 -2.03 -6.21 -13.61
CA GLY B 58 -1.43 -6.02 -14.93
C GLY B 58 -1.28 -4.56 -15.29
N ASP B 59 -1.82 -3.68 -14.44
CA ASP B 59 -1.75 -2.26 -14.68
C ASP B 59 -0.73 -1.59 -13.74
N LYS B 60 0.29 -0.98 -14.32
CA LYS B 60 1.32 -0.31 -13.54
C LYS B 60 0.71 0.67 -12.55
N VAL B 61 1.44 0.92 -11.46
CA VAL B 61 0.98 1.84 -10.43
C VAL B 61 1.80 3.12 -10.43
N LYS B 62 1.26 4.16 -9.78
CA LYS B 62 1.94 5.44 -9.69
C LYS B 62 1.68 6.10 -8.34
N THR B 63 2.73 6.69 -7.76
CA THR B 63 2.61 7.35 -6.47
C THR B 63 1.55 8.44 -6.50
N GLY B 64 0.62 8.39 -5.56
CA GLY B 64 -0.45 9.38 -5.49
C GLY B 64 -1.80 8.80 -5.86
N SER B 65 -1.80 7.62 -6.45
CA SER B 65 -3.04 6.96 -6.84
C SER B 65 -3.48 5.95 -5.80
N LEU B 66 -4.73 5.51 -5.88
CA LEU B 66 -5.28 4.55 -4.94
C LEU B 66 -5.08 3.12 -5.45
N ILE B 67 -5.01 2.17 -4.52
CA ILE B 67 -4.82 0.77 -4.87
C ILE B 67 -5.96 -0.10 -4.34
N MET B 68 -6.25 0.04 -3.05
CA MET B 68 -7.31 -0.74 -2.42
C MET B 68 -7.92 0.01 -1.25
N ILE B 69 -9.10 -0.43 -0.82
CA ILE B 69 -9.79 0.19 0.30
C ILE B 69 -10.36 -0.89 1.23
N PHE B 70 -10.15 -0.73 2.53
CA PHE B 70 -10.63 -1.70 3.50
C PHE B 70 -11.72 -1.12 4.38
N GLU B 71 -12.50 -2.00 5.00
CA GLU B 71 -13.57 -1.58 5.90
C GLU B 71 -13.54 -2.40 7.17
N VAL B 72 -12.84 -1.88 8.18
CA VAL B 72 -12.72 -2.58 9.46
C VAL B 72 -13.95 -2.35 10.32
N GLU B 73 -14.16 -3.22 11.29
CA GLU B 73 -15.31 -3.11 12.18
C GLU B 73 -14.87 -3.17 13.64
N GLY B 74 -13.56 -3.16 13.87
CA GLY B 74 -13.03 -3.22 15.22
C GLY B 74 -13.46 -4.48 15.96
N ALA B 75 -13.45 -5.60 15.25
CA ALA B 75 -13.84 -6.89 15.84
C ALA B 75 -12.90 -8.00 15.37
N ALA B 76 -12.20 -8.61 16.32
CA ALA B 76 -11.28 -9.69 16.01
C ALA B 76 -12.03 -11.02 15.85
N PRO B 77 -11.57 -11.89 14.93
CA PRO B 77 -12.21 -13.19 14.68
C PRO B 77 -12.19 -14.08 15.93
N ALA B 78 -10.99 -14.51 16.33
CA ALA B 78 -10.83 -15.36 17.49
C ALA B 78 -11.64 -16.65 17.36
N ALA B 79 -11.65 -17.46 18.41
CA ALA B 79 -12.38 -18.72 18.41
C ALA B 79 -13.84 -18.50 18.81
N ALA B 80 -14.76 -18.86 17.91
CA ALA B 80 -16.18 -18.71 18.18
C ALA B 80 -16.53 -17.26 18.51
N PRO B 81 -16.81 -16.44 17.47
CA PRO B 81 -17.16 -15.02 17.66
C PRO B 81 -18.53 -14.85 18.31
N ALA B 82 -18.86 -13.60 18.65
CA ALA B 82 -20.14 -13.30 19.28
C ALA B 82 -20.65 -11.92 18.85
N LYS B 83 -21.94 -11.86 18.51
CA LYS B 83 -22.56 -10.61 18.08
C LYS B 83 -23.22 -9.90 19.25
N GLN B 84 -23.04 -10.44 20.45
CA GLN B 84 -23.62 -9.87 21.65
C GLN B 84 -22.63 -8.92 22.33
N GLU B 85 -21.36 -9.27 22.28
CA GLU B 85 -20.31 -8.46 22.89
C GLU B 85 -19.82 -7.39 21.92
N MET A 1 -39.17 36.65 84.71
CA MET A 1 -39.73 35.61 85.61
C MET A 1 -38.97 34.30 85.45
N VAL A 2 -38.55 33.99 84.22
CA VAL A 2 -37.81 32.77 83.95
C VAL A 2 -36.32 32.95 84.23
N LYS A 3 -35.72 31.94 84.83
CA LYS A 3 -34.30 31.98 85.17
C LYS A 3 -33.66 30.61 85.01
N GLU A 4 -34.40 29.67 84.43
CA GLU A 4 -33.90 28.32 84.21
C GLU A 4 -33.26 28.19 82.83
N VAL A 5 -32.98 29.32 82.21
CA VAL A 5 -32.35 29.34 80.88
C VAL A 5 -30.85 29.53 81.00
N ASN A 6 -30.10 28.56 80.51
CA ASN A 6 -28.64 28.62 80.55
C ASN A 6 -28.02 27.69 79.51
N VAL A 7 -28.88 27.02 78.74
CA VAL A 7 -28.41 26.10 77.72
C VAL A 7 -28.87 26.53 76.33
N PRO A 8 -28.12 26.16 75.27
CA PRO A 8 -28.47 26.52 73.89
C PRO A 8 -29.85 26.01 73.48
N ASP A 9 -30.64 26.88 72.86
CA ASP A 9 -31.98 26.51 72.42
C ASP A 9 -32.11 26.66 70.91
N ILE A 10 -31.93 25.55 70.20
CA ILE A 10 -32.03 25.56 68.74
C ILE A 10 -33.49 25.48 68.29
N VAL A 11 -33.77 26.03 67.11
CA VAL A 11 -35.12 26.02 66.56
C VAL A 11 -35.32 24.85 65.61
N GLU A 12 -34.46 23.83 65.75
CA GLU A 12 -34.55 22.64 64.90
C GLU A 12 -34.26 22.97 63.44
N VAL A 13 -33.24 22.34 62.88
CA VAL A 13 -32.87 22.57 61.48
C VAL A 13 -33.86 21.91 60.54
N THR A 14 -34.31 22.66 59.53
CA THR A 14 -35.26 22.14 58.56
C THR A 14 -34.84 22.51 57.14
N GLU A 15 -33.84 23.38 57.03
CA GLU A 15 -33.33 23.83 55.74
C GLU A 15 -34.45 24.47 54.91
N VAL A 16 -34.61 25.78 55.06
CA VAL A 16 -35.63 26.51 54.33
C VAL A 16 -35.13 26.93 52.96
N MET A 17 -33.82 26.80 52.75
CA MET A 17 -33.21 27.17 51.47
C MET A 17 -32.25 26.09 51.01
N VAL A 18 -32.66 25.35 49.98
CA VAL A 18 -31.83 24.27 49.43
C VAL A 18 -31.35 24.62 48.02
N LYS A 19 -30.17 24.11 47.68
CA LYS A 19 -29.59 24.35 46.36
C LYS A 19 -30.15 23.37 45.33
N VAL A 20 -29.73 22.11 45.45
CA VAL A 20 -30.17 21.06 44.54
C VAL A 20 -29.68 21.31 43.12
N GLY A 21 -29.40 20.23 42.39
CA GLY A 21 -28.93 20.37 41.02
C GLY A 21 -28.55 19.04 40.41
N ASP A 22 -27.25 18.81 40.27
CA ASP A 22 -26.75 17.57 39.68
C ASP A 22 -25.69 16.93 40.57
N LYS A 23 -25.75 15.61 40.72
CA LYS A 23 -24.79 14.88 41.54
C LYS A 23 -23.77 14.15 40.68
N VAL A 24 -22.60 14.76 40.50
CA VAL A 24 -21.54 14.17 39.70
C VAL A 24 -22.01 13.91 38.27
N ALA A 25 -23.04 14.63 37.86
CA ALA A 25 -23.60 14.48 36.52
C ALA A 25 -23.08 15.55 35.58
N ALA A 26 -23.27 15.35 34.28
CA ALA A 26 -22.82 16.29 33.26
C ALA A 26 -21.30 16.46 33.29
N GLU A 27 -20.63 15.61 34.05
CA GLU A 27 -19.17 15.66 34.16
C GLU A 27 -18.58 14.26 34.11
N GLN A 28 -18.07 13.87 32.94
CA GLN A 28 -17.46 12.56 32.75
C GLN A 28 -16.69 12.51 31.45
N SER A 29 -16.12 13.66 31.06
CA SER A 29 -15.35 13.77 29.82
C SER A 29 -16.12 13.20 28.63
N LEU A 30 -16.88 14.06 27.96
CA LEU A 30 -17.67 13.64 26.81
C LEU A 30 -16.93 13.93 25.51
N ILE A 31 -15.62 14.15 25.60
CA ILE A 31 -14.80 14.44 24.43
C ILE A 31 -14.84 13.28 23.44
N THR A 32 -14.90 13.61 22.16
CA THR A 32 -14.93 12.58 21.11
C THR A 32 -13.99 12.94 19.97
N VAL A 33 -13.42 11.90 19.34
CA VAL A 33 -12.50 12.09 18.23
C VAL A 33 -13.21 11.87 16.90
N GLU A 34 -13.48 10.61 16.58
CA GLU A 34 -14.17 10.26 15.34
C GLU A 34 -15.24 9.21 15.59
N GLY A 35 -14.82 8.03 16.04
CA GLY A 35 -15.76 6.96 16.32
C GLY A 35 -16.28 6.31 15.05
N ASP A 36 -17.31 6.93 14.47
CA ASP A 36 -17.92 6.41 13.24
C ASP A 36 -16.94 6.49 12.07
N LYS A 37 -17.12 5.58 11.11
CA LYS A 37 -16.26 5.53 9.92
C LYS A 37 -14.83 5.18 10.29
N ALA A 38 -14.39 4.00 9.87
CA ALA A 38 -13.04 3.52 10.15
C ALA A 38 -12.33 3.10 8.88
N SER A 39 -13.11 2.80 7.84
CA SER A 39 -12.57 2.41 6.54
C SER A 39 -11.65 3.49 5.98
N MET A 40 -10.62 3.07 5.25
CA MET A 40 -9.67 4.01 4.67
C MET A 40 -8.98 3.40 3.45
N GLU A 41 -9.01 4.14 2.34
CA GLU A 41 -8.36 3.69 1.12
C GLU A 41 -6.85 3.90 1.18
N VAL A 42 -6.10 2.82 1.05
CA VAL A 42 -4.65 2.88 1.10
C VAL A 42 -4.06 3.17 -0.29
N PRO A 43 -3.04 4.03 -0.37
CA PRO A 43 -2.39 4.39 -1.63
C PRO A 43 -1.06 3.66 -1.82
N ALA A 44 -0.47 3.83 -3.00
CA ALA A 44 0.81 3.20 -3.29
C ALA A 44 1.98 4.05 -2.81
N PRO A 45 2.92 3.46 -2.04
CA PRO A 45 4.07 4.19 -1.52
C PRO A 45 4.98 4.74 -2.62
N PHE A 46 5.17 3.94 -3.67
CA PHE A 46 6.02 4.35 -4.78
C PHE A 46 5.49 3.78 -6.10
N ALA A 47 5.70 4.52 -7.18
CA ALA A 47 5.25 4.09 -8.50
C ALA A 47 5.94 2.79 -8.91
N GLY A 48 5.39 2.11 -9.91
CA GLY A 48 5.96 0.86 -10.36
C GLY A 48 5.11 0.15 -11.39
N VAL A 49 5.34 -1.15 -11.54
CA VAL A 49 4.61 -1.96 -12.49
C VAL A 49 4.03 -3.20 -11.82
N VAL A 50 2.73 -3.41 -11.98
CA VAL A 50 2.06 -4.55 -11.39
C VAL A 50 2.40 -5.84 -12.14
N LYS A 51 3.16 -6.71 -11.50
CA LYS A 51 3.56 -7.97 -12.10
C LYS A 51 2.63 -9.10 -11.67
N GLU A 52 2.47 -9.26 -10.36
CA GLU A 52 1.61 -10.31 -9.82
C GLU A 52 1.22 -10.01 -8.38
N LEU A 53 -0.07 -10.11 -8.08
CA LEU A 53 -0.57 -9.85 -6.73
C LEU A 53 -0.22 -11.00 -5.80
N LYS A 54 -0.64 -10.87 -4.54
CA LYS A 54 -0.38 -11.89 -3.53
C LYS A 54 -1.68 -12.33 -2.86
N VAL A 55 -2.70 -11.49 -2.95
CA VAL A 55 -3.99 -11.79 -2.35
C VAL A 55 -5.12 -11.66 -3.37
N ASN A 56 -6.08 -12.58 -3.30
CA ASN A 56 -7.20 -12.57 -4.22
C ASN A 56 -8.36 -11.76 -3.64
N VAL A 57 -9.17 -11.17 -4.53
CA VAL A 57 -10.31 -10.37 -4.11
C VAL A 57 -11.29 -11.20 -3.27
N GLY A 58 -11.54 -10.74 -2.04
CA GLY A 58 -12.46 -11.46 -1.17
C GLY A 58 -11.76 -12.03 0.05
N ASP A 59 -10.43 -12.13 -0.02
CA ASP A 59 -9.64 -12.66 1.08
C ASP A 59 -9.20 -11.56 2.02
N LYS A 60 -9.64 -11.65 3.28
CA LYS A 60 -9.30 -10.65 4.29
C LYS A 60 -7.78 -10.45 4.37
N VAL A 61 -7.37 -9.31 4.92
CA VAL A 61 -5.95 -9.00 5.06
C VAL A 61 -5.56 -8.85 6.52
N LYS A 62 -4.27 -8.98 6.80
CA LYS A 62 -3.76 -8.85 8.16
C LYS A 62 -2.44 -8.10 8.18
N THR A 63 -2.31 -7.18 9.14
CA THR A 63 -1.10 -6.38 9.28
C THR A 63 0.14 -7.27 9.39
N GLY A 64 1.10 -7.03 8.51
CA GLY A 64 2.33 -7.82 8.52
C GLY A 64 2.48 -8.65 7.27
N SER A 65 1.38 -8.81 6.52
CA SER A 65 1.39 -9.59 5.29
C SER A 65 1.57 -8.69 4.09
N LEU A 66 1.82 -9.29 2.92
CA LEU A 66 2.01 -8.54 1.69
C LEU A 66 0.71 -8.46 0.90
N ILE A 67 0.61 -7.47 0.02
CA ILE A 67 -0.58 -7.28 -0.80
C ILE A 67 -0.22 -7.13 -2.28
N MET A 68 0.96 -6.59 -2.54
CA MET A 68 1.41 -6.40 -3.92
C MET A 68 2.94 -6.25 -3.97
N ILE A 69 3.52 -6.60 -5.11
CA ILE A 69 4.96 -6.50 -5.30
C ILE A 69 5.30 -5.79 -6.61
N PHE A 70 6.16 -4.78 -6.54
CA PHE A 70 6.54 -4.03 -7.74
C PHE A 70 7.99 -4.31 -8.13
N GLU A 71 8.24 -4.25 -9.43
CA GLU A 71 9.57 -4.47 -9.97
C GLU A 71 10.04 -3.24 -10.74
N VAL A 72 10.74 -2.34 -10.06
CA VAL A 72 11.21 -1.12 -10.69
C VAL A 72 12.70 -1.22 -11.04
N GLU A 73 13.13 -0.41 -12.00
CA GLU A 73 14.52 -0.40 -12.42
C GLU A 73 15.13 0.99 -12.32
N GLY A 74 15.73 1.30 -11.17
CA GLY A 74 16.34 2.59 -10.96
C GLY A 74 17.67 2.72 -11.65
N ALA A 75 18.33 1.58 -11.89
CA ALA A 75 19.64 1.57 -12.54
C ALA A 75 19.48 1.71 -14.06
N ALA A 76 20.50 2.27 -14.70
CA ALA A 76 20.49 2.47 -16.14
C ALA A 76 20.88 1.18 -16.88
N PRO A 77 20.04 0.71 -17.81
CA PRO A 77 20.32 -0.51 -18.58
C PRO A 77 21.61 -0.41 -19.38
N ALA A 78 22.09 -1.54 -19.87
CA ALA A 78 23.32 -1.57 -20.66
C ALA A 78 23.10 -2.23 -22.01
N ALA A 79 23.65 -1.64 -23.06
CA ALA A 79 23.50 -2.17 -24.41
C ALA A 79 24.79 -1.97 -25.22
N ALA A 80 25.08 -0.71 -25.55
CA ALA A 80 26.27 -0.39 -26.32
C ALA A 80 26.58 1.11 -26.26
N PRO A 81 27.53 1.53 -25.40
CA PRO A 81 27.90 2.94 -25.27
C PRO A 81 28.70 3.45 -26.46
N ALA A 82 28.23 4.54 -27.06
CA ALA A 82 28.91 5.12 -28.21
C ALA A 82 30.00 6.10 -27.77
N LYS A 83 29.98 6.46 -26.48
CA LYS A 83 30.97 7.38 -25.94
C LYS A 83 32.30 6.68 -25.73
N GLN A 84 33.39 7.45 -25.81
CA GLN A 84 34.72 6.90 -25.63
C GLN A 84 35.55 7.79 -24.71
N GLU A 85 35.32 9.09 -24.79
CA GLU A 85 36.04 10.05 -23.96
C GLU A 85 35.18 10.53 -22.79
N MET B 1 95.75 -23.57 -18.71
CA MET B 1 95.50 -24.40 -17.50
C MET B 1 94.07 -24.94 -17.50
N VAL B 2 93.28 -24.50 -18.48
CA VAL B 2 91.90 -24.94 -18.60
C VAL B 2 91.42 -24.84 -20.05
N LYS B 3 91.95 -23.86 -20.77
CA LYS B 3 91.57 -23.67 -22.17
C LYS B 3 92.46 -24.50 -23.09
N GLU B 4 91.88 -25.55 -23.67
CA GLU B 4 92.62 -26.42 -24.59
C GLU B 4 91.70 -26.97 -25.67
N VAL B 5 90.45 -27.25 -25.29
CA VAL B 5 89.47 -27.79 -26.25
C VAL B 5 88.76 -26.66 -26.98
N ASN B 6 87.89 -27.04 -27.92
CA ASN B 6 87.14 -26.07 -28.70
C ASN B 6 86.26 -25.22 -27.79
N VAL B 7 86.04 -23.96 -28.20
CA VAL B 7 85.23 -23.04 -27.42
C VAL B 7 83.77 -23.52 -27.34
N PRO B 8 83.19 -23.55 -26.12
CA PRO B 8 81.80 -24.00 -25.93
C PRO B 8 80.79 -23.02 -26.53
N ASP B 9 79.78 -23.57 -27.20
CA ASP B 9 78.75 -22.76 -27.83
C ASP B 9 77.45 -22.83 -27.01
N ILE B 10 77.52 -23.49 -25.87
CA ILE B 10 76.36 -23.63 -25.00
C ILE B 10 76.04 -22.32 -24.28
N VAL B 11 77.02 -21.42 -24.24
CA VAL B 11 76.85 -20.13 -23.59
C VAL B 11 76.11 -19.14 -24.50
N GLU B 12 75.16 -18.41 -23.93
CA GLU B 12 74.39 -17.43 -24.69
C GLU B 12 74.78 -16.02 -24.29
N VAL B 13 74.14 -15.03 -24.91
CA VAL B 13 74.43 -13.63 -24.62
C VAL B 13 73.91 -13.23 -23.25
N THR B 14 72.87 -13.91 -22.79
CA THR B 14 72.29 -13.65 -21.48
C THR B 14 71.81 -14.93 -20.82
N GLU B 15 70.66 -15.43 -21.27
CA GLU B 15 70.09 -16.66 -20.71
C GLU B 15 68.90 -17.12 -21.54
N VAL B 16 68.08 -16.17 -21.98
CA VAL B 16 66.90 -16.48 -22.78
C VAL B 16 66.77 -15.54 -23.97
N MET B 17 66.19 -16.05 -25.05
CA MET B 17 66.01 -15.24 -26.26
C MET B 17 64.54 -14.91 -26.46
N VAL B 18 63.67 -15.91 -26.30
CA VAL B 18 62.24 -15.72 -26.46
C VAL B 18 61.48 -16.39 -25.32
N LYS B 19 60.79 -15.56 -24.53
CA LYS B 19 60.02 -16.07 -23.40
C LYS B 19 58.85 -16.92 -23.88
N VAL B 20 58.32 -17.75 -22.98
CA VAL B 20 57.20 -18.62 -23.32
C VAL B 20 55.98 -18.31 -22.44
N GLY B 21 54.84 -18.09 -23.09
CA GLY B 21 53.62 -17.79 -22.36
C GLY B 21 53.24 -16.32 -22.46
N ASP B 22 52.34 -16.01 -23.39
CA ASP B 22 51.89 -14.63 -23.58
C ASP B 22 50.71 -14.33 -22.66
N LYS B 23 50.97 -13.56 -21.61
CA LYS B 23 49.93 -13.19 -20.66
C LYS B 23 49.07 -12.06 -21.20
N VAL B 24 47.76 -12.16 -20.99
CA VAL B 24 46.83 -11.14 -21.47
C VAL B 24 46.61 -10.06 -20.42
N ALA B 25 46.81 -10.42 -19.15
CA ALA B 25 46.63 -9.48 -18.05
C ALA B 25 45.22 -8.91 -18.02
N ALA B 26 44.99 -7.94 -17.14
CA ALA B 26 43.68 -7.30 -17.01
C ALA B 26 42.60 -8.34 -16.70
N GLU B 27 41.34 -7.91 -16.77
CA GLU B 27 40.21 -8.80 -16.50
C GLU B 27 38.91 -8.20 -17.01
N GLN B 28 38.35 -8.80 -18.05
CA GLN B 28 37.10 -8.33 -18.64
C GLN B 28 36.00 -9.37 -18.47
N SER B 29 35.27 -9.29 -17.35
CA SER B 29 34.19 -10.23 -17.08
C SER B 29 33.40 -9.80 -15.85
N LEU B 30 33.52 -8.52 -15.48
CA LEU B 30 32.81 -7.99 -14.33
C LEU B 30 31.31 -8.09 -14.51
N ILE B 31 30.66 -8.89 -13.68
CA ILE B 31 29.21 -9.07 -13.75
C ILE B 31 28.51 -8.41 -12.56
N THR B 32 27.87 -7.27 -12.81
CA THR B 32 27.18 -6.54 -11.76
C THR B 32 25.96 -5.82 -12.31
N VAL B 33 25.84 -5.79 -13.64
CA VAL B 33 24.72 -5.12 -14.29
C VAL B 33 23.40 -5.80 -13.95
N GLU B 34 23.39 -7.13 -13.99
CA GLU B 34 22.19 -7.91 -13.68
C GLU B 34 21.83 -7.80 -12.21
N GLY B 35 22.75 -7.25 -11.41
CA GLY B 35 22.51 -7.10 -9.99
C GLY B 35 21.49 -6.01 -9.69
N ASP B 36 20.26 -6.42 -9.43
CA ASP B 36 19.18 -5.49 -9.13
C ASP B 36 18.52 -5.82 -7.80
N LYS B 37 17.96 -4.81 -7.15
CA LYS B 37 17.29 -4.99 -5.87
C LYS B 37 16.38 -3.81 -5.56
N ALA B 38 16.01 -3.07 -6.60
CA ALA B 38 15.13 -1.92 -6.45
C ALA B 38 13.71 -2.36 -6.12
N SER B 39 13.31 -3.50 -6.67
CA SER B 39 11.97 -4.03 -6.42
C SER B 39 11.75 -4.27 -4.93
N MET B 40 10.52 -4.05 -4.48
CA MET B 40 10.19 -4.25 -3.06
C MET B 40 8.71 -4.58 -2.87
N GLU B 41 8.45 -5.62 -2.09
CA GLU B 41 7.08 -6.05 -1.82
C GLU B 41 6.46 -5.18 -0.73
N VAL B 42 5.35 -4.53 -1.06
CA VAL B 42 4.66 -3.68 -0.10
C VAL B 42 3.65 -4.48 0.74
N PRO B 43 3.58 -4.19 2.06
CA PRO B 43 2.68 -4.87 2.96
C PRO B 43 1.45 -4.03 3.30
N ALA B 44 0.52 -4.62 4.05
CA ALA B 44 -0.70 -3.92 4.44
C ALA B 44 -0.49 -3.11 5.72
N PRO B 45 -0.84 -1.80 5.71
CA PRO B 45 -0.68 -0.94 6.89
C PRO B 45 -1.53 -1.39 8.07
N PHE B 46 -2.74 -1.86 7.78
CA PHE B 46 -3.64 -2.33 8.83
C PHE B 46 -4.54 -3.45 8.31
N ALA B 47 -4.93 -4.33 9.22
CA ALA B 47 -5.79 -5.45 8.87
C ALA B 47 -7.19 -4.98 8.49
N GLY B 48 -7.93 -5.82 7.78
CA GLY B 48 -9.28 -5.46 7.37
C GLY B 48 -9.89 -6.50 6.45
N VAL B 49 -10.81 -6.06 5.59
CA VAL B 49 -11.48 -6.97 4.67
C VAL B 49 -11.46 -6.41 3.25
N VAL B 50 -11.09 -7.27 2.29
CA VAL B 50 -11.02 -6.87 0.89
C VAL B 50 -12.41 -6.84 0.26
N LYS B 51 -12.89 -5.64 -0.05
CA LYS B 51 -14.20 -5.47 -0.65
C LYS B 51 -14.10 -5.35 -2.16
N GLU B 52 -13.32 -4.38 -2.63
CA GLU B 52 -13.12 -4.16 -4.05
C GLU B 52 -11.83 -3.41 -4.32
N LEU B 53 -11.05 -3.89 -5.29
CA LEU B 53 -9.79 -3.27 -5.65
C LEU B 53 -10.03 -2.00 -6.48
N LYS B 54 -8.94 -1.33 -6.85
CA LYS B 54 -9.03 -0.12 -7.65
C LYS B 54 -8.21 -0.24 -8.93
N VAL B 55 -7.23 -1.15 -8.92
CA VAL B 55 -6.37 -1.37 -10.08
C VAL B 55 -6.37 -2.83 -10.51
N ASN B 56 -6.38 -3.06 -11.82
CA ASN B 56 -6.39 -4.40 -12.36
C ASN B 56 -4.96 -4.89 -12.59
N VAL B 57 -4.76 -6.20 -12.50
CA VAL B 57 -3.46 -6.80 -12.70
C VAL B 57 -2.91 -6.49 -14.08
N GLY B 58 -1.74 -5.86 -14.13
CA GLY B 58 -1.13 -5.51 -15.40
C GLY B 58 -1.03 -4.01 -15.60
N ASP B 59 -1.84 -3.26 -14.86
CA ASP B 59 -1.83 -1.81 -14.96
C ASP B 59 -0.81 -1.20 -14.02
N LYS B 60 0.12 -0.43 -14.57
CA LYS B 60 1.17 0.21 -13.78
C LYS B 60 0.57 1.08 -12.68
N VAL B 61 1.37 1.38 -11.67
CA VAL B 61 0.92 2.20 -10.55
C VAL B 61 1.73 3.49 -10.48
N LYS B 62 1.20 4.48 -9.77
CA LYS B 62 1.88 5.76 -9.61
C LYS B 62 1.65 6.32 -8.20
N THR B 63 2.70 6.88 -7.61
CA THR B 63 2.62 7.45 -6.27
C THR B 63 1.54 8.51 -6.20
N GLY B 64 0.63 8.34 -5.24
CA GLY B 64 -0.46 9.30 -5.08
C GLY B 64 -1.81 8.69 -5.38
N SER B 65 -1.80 7.55 -6.07
CA SER B 65 -3.04 6.85 -6.42
C SER B 65 -3.36 5.77 -5.40
N LEU B 66 -4.57 5.23 -5.48
CA LEU B 66 -5.01 4.17 -4.58
C LEU B 66 -4.80 2.80 -5.20
N ILE B 67 -4.74 1.77 -4.36
CA ILE B 67 -4.54 0.40 -4.83
C ILE B 67 -5.56 -0.55 -4.20
N MET B 68 -6.04 -0.20 -3.01
CA MET B 68 -7.02 -1.03 -2.32
C MET B 68 -7.71 -0.26 -1.21
N ILE B 69 -8.95 -0.64 -0.90
CA ILE B 69 -9.72 0.02 0.14
C ILE B 69 -10.27 -1.02 1.11
N PHE B 70 -10.18 -0.73 2.41
CA PHE B 70 -10.66 -1.66 3.43
C PHE B 70 -11.79 -1.05 4.25
N GLU B 71 -12.76 -1.90 4.60
CA GLU B 71 -13.90 -1.46 5.40
C GLU B 71 -13.89 -2.17 6.75
N VAL B 72 -13.30 -1.51 7.75
CA VAL B 72 -13.19 -2.09 9.08
C VAL B 72 -14.23 -1.51 10.04
N GLU B 73 -14.51 -2.25 11.10
CA GLU B 73 -15.48 -1.82 12.10
C GLU B 73 -14.94 -2.05 13.51
N GLY B 74 -13.68 -2.45 13.61
CA GLY B 74 -13.06 -2.70 14.89
C GLY B 74 -12.89 -4.18 15.18
N ALA B 75 -13.70 -4.70 16.08
CA ALA B 75 -13.64 -6.11 16.45
C ALA B 75 -15.03 -6.67 16.75
N ALA B 76 -15.40 -7.73 16.05
CA ALA B 76 -16.70 -8.36 16.24
C ALA B 76 -16.73 -9.18 17.53
N PRO B 77 -17.82 -9.07 18.31
CA PRO B 77 -17.97 -9.80 19.58
C PRO B 77 -18.03 -11.31 19.36
N ALA B 78 -18.06 -11.72 18.10
CA ALA B 78 -18.13 -13.14 17.75
C ALA B 78 -16.92 -13.89 18.30
N ALA B 79 -15.75 -13.59 17.78
CA ALA B 79 -14.52 -14.24 18.21
C ALA B 79 -14.05 -13.70 19.56
N ALA B 80 -13.23 -14.48 20.25
CA ALA B 80 -12.71 -14.08 21.56
C ALA B 80 -11.33 -14.68 21.81
N PRO B 81 -10.47 -14.00 22.58
CA PRO B 81 -9.12 -14.47 22.89
C PRO B 81 -9.13 -15.73 23.74
N ALA B 82 -7.96 -16.36 23.87
CA ALA B 82 -7.83 -17.58 24.66
C ALA B 82 -6.69 -17.46 25.67
N LYS B 83 -5.75 -16.57 25.38
CA LYS B 83 -4.61 -16.35 26.25
C LYS B 83 -4.14 -14.89 26.19
N GLN B 84 -3.76 -14.34 27.33
CA GLN B 84 -3.29 -12.96 27.40
C GLN B 84 -4.40 -11.99 26.98
N GLU B 85 -5.63 -12.51 26.89
CA GLU B 85 -6.79 -11.71 26.49
C GLU B 85 -6.43 -10.63 25.47
N MET A 1 -59.45 -9.87 61.40
CA MET A 1 -60.50 -9.15 62.17
C MET A 1 -60.54 -7.67 61.79
N VAL A 2 -59.63 -7.27 60.92
CA VAL A 2 -59.55 -5.88 60.47
C VAL A 2 -60.59 -5.61 59.38
N LYS A 3 -61.24 -4.46 59.46
CA LYS A 3 -62.26 -4.08 58.48
C LYS A 3 -61.63 -3.35 57.30
N GLU A 4 -61.64 -4.02 56.15
CA GLU A 4 -61.07 -3.44 54.92
C GLU A 4 -59.60 -3.07 55.10
N VAL A 5 -59.04 -2.43 54.08
CA VAL A 5 -57.64 -2.02 54.11
C VAL A 5 -57.53 -0.51 54.26
N ASN A 6 -56.51 -0.06 55.00
CA ASN A 6 -56.31 1.37 55.22
C ASN A 6 -54.84 1.67 55.51
N VAL A 7 -53.97 0.70 55.24
CA VAL A 7 -52.54 0.86 55.46
C VAL A 7 -51.96 1.95 54.56
N PRO A 8 -50.88 2.62 55.01
CA PRO A 8 -50.24 3.69 54.24
C PRO A 8 -49.70 3.18 52.90
N ASP A 9 -49.66 4.08 51.90
CA ASP A 9 -49.17 3.72 50.58
C ASP A 9 -49.97 2.57 50.00
N ILE A 10 -49.47 2.01 48.89
CA ILE A 10 -50.15 0.90 48.23
C ILE A 10 -49.21 -0.29 48.08
N VAL A 11 -49.73 -1.49 48.33
CA VAL A 11 -48.96 -2.71 48.22
C VAL A 11 -49.87 -3.93 48.04
N GLU A 12 -49.48 -4.82 47.13
CA GLU A 12 -50.26 -6.02 46.87
C GLU A 12 -49.38 -7.14 46.29
N VAL A 13 -48.10 -6.82 46.12
CA VAL A 13 -47.14 -7.79 45.59
C VAL A 13 -47.53 -8.24 44.18
N THR A 14 -46.83 -7.69 43.19
CA THR A 14 -47.09 -8.03 41.80
C THR A 14 -46.06 -9.03 41.27
N GLU A 15 -46.21 -9.42 40.02
CA GLU A 15 -45.29 -10.37 39.39
C GLU A 15 -44.13 -9.64 38.72
N VAL A 16 -42.92 -10.11 38.97
CA VAL A 16 -41.73 -9.51 38.39
C VAL A 16 -41.51 -9.99 36.96
N MET A 17 -42.25 -11.02 36.57
CA MET A 17 -42.13 -11.59 35.23
C MET A 17 -43.06 -10.86 34.26
N VAL A 18 -42.46 -10.20 33.26
CA VAL A 18 -43.22 -9.47 32.27
C VAL A 18 -43.17 -10.17 30.92
N LYS A 19 -44.01 -9.71 29.98
CA LYS A 19 -44.06 -10.31 28.65
C LYS A 19 -43.00 -9.70 27.75
N VAL A 20 -43.05 -8.38 27.59
CA VAL A 20 -42.10 -7.66 26.75
C VAL A 20 -41.43 -6.52 27.52
N GLY A 21 -40.20 -6.20 27.13
CA GLY A 21 -39.48 -5.12 27.80
C GLY A 21 -38.96 -4.09 26.82
N ASP A 22 -39.19 -2.81 27.13
CA ASP A 22 -38.74 -1.73 26.27
C ASP A 22 -37.28 -1.38 26.55
N LYS A 23 -36.60 -0.85 25.53
CA LYS A 23 -35.20 -0.47 25.66
C LYS A 23 -35.07 0.96 26.19
N VAL A 24 -34.60 1.08 27.43
CA VAL A 24 -34.43 2.38 28.05
C VAL A 24 -33.10 3.01 27.65
N ALA A 25 -33.11 4.33 27.49
CA ALA A 25 -31.90 5.07 27.10
C ALA A 25 -31.37 4.59 25.76
N ALA A 26 -31.70 5.32 24.69
CA ALA A 26 -31.25 4.98 23.35
C ALA A 26 -30.39 6.08 22.76
N GLU A 27 -30.95 7.28 22.70
CA GLU A 27 -30.23 8.43 22.15
C GLU A 27 -29.68 9.32 23.27
N GLN A 28 -28.38 9.22 23.50
CA GLN A 28 -27.72 10.00 24.54
C GLN A 28 -26.38 10.52 24.04
N SER A 29 -25.82 9.83 23.05
CA SER A 29 -24.53 10.20 22.47
C SER A 29 -24.53 10.00 20.96
N LEU A 30 -25.02 8.84 20.52
CA LEU A 30 -25.08 8.52 19.10
C LEU A 30 -26.46 8.83 18.53
N ILE A 31 -26.60 8.70 17.23
CA ILE A 31 -27.86 8.97 16.55
C ILE A 31 -28.29 7.79 15.68
N THR A 32 -29.31 7.07 16.14
CA THR A 32 -29.82 5.92 15.40
C THR A 32 -28.74 4.86 15.19
N VAL A 33 -28.78 3.83 16.03
CA VAL A 33 -27.80 2.75 15.94
C VAL A 33 -28.42 1.50 15.31
N GLU A 34 -27.68 0.86 14.42
CA GLU A 34 -28.15 -0.34 13.74
C GLU A 34 -26.99 -1.16 13.22
N GLY A 35 -26.15 -0.54 12.39
CA GLY A 35 -25.01 -1.23 11.83
C GLY A 35 -24.21 -0.36 10.88
N ASP A 36 -23.61 0.69 11.41
CA ASP A 36 -22.81 1.60 10.61
C ASP A 36 -21.48 0.96 10.23
N LYS A 37 -21.07 1.16 8.99
CA LYS A 37 -19.81 0.61 8.49
C LYS A 37 -18.77 1.70 8.29
N ALA A 38 -17.53 1.30 8.04
CA ALA A 38 -16.44 2.24 7.82
C ALA A 38 -15.34 1.60 6.98
N SER A 39 -14.76 2.38 6.07
CA SER A 39 -13.71 1.89 5.20
C SER A 39 -12.66 2.96 4.95
N MET A 40 -11.40 2.55 4.80
CA MET A 40 -10.32 3.49 4.56
C MET A 40 -9.43 3.03 3.40
N GLU A 41 -9.36 3.87 2.37
CA GLU A 41 -8.55 3.56 1.20
C GLU A 41 -7.07 3.78 1.50
N VAL A 42 -6.20 3.04 0.81
CA VAL A 42 -4.76 3.15 1.02
C VAL A 42 -4.06 3.54 -0.28
N PRO A 43 -3.02 4.39 -0.20
CA PRO A 43 -2.25 4.83 -1.35
C PRO A 43 -0.92 4.10 -1.48
N ALA A 44 -0.50 3.86 -2.71
CA ALA A 44 0.76 3.16 -2.96
C ALA A 44 1.94 3.95 -2.44
N PRO A 45 2.93 3.26 -1.81
CA PRO A 45 4.12 3.92 -1.26
C PRO A 45 5.03 4.48 -2.35
N PHE A 46 5.18 3.72 -3.43
CA PHE A 46 6.02 4.14 -4.55
C PHE A 46 5.47 3.63 -5.87
N ALA A 47 5.78 4.35 -6.96
CA ALA A 47 5.32 3.96 -8.29
C ALA A 47 5.99 2.66 -8.73
N GLY A 48 5.36 1.95 -9.65
CA GLY A 48 5.92 0.70 -10.13
C GLY A 48 4.96 -0.12 -10.97
N VAL A 49 5.48 -1.18 -11.58
CA VAL A 49 4.67 -2.06 -12.42
C VAL A 49 4.22 -3.29 -11.65
N VAL A 50 2.92 -3.60 -11.74
CA VAL A 50 2.37 -4.75 -11.06
C VAL A 50 2.78 -6.05 -11.73
N LYS A 51 3.32 -6.98 -10.95
CA LYS A 51 3.74 -8.26 -11.48
C LYS A 51 2.75 -9.36 -11.11
N GLU A 52 2.32 -9.36 -9.85
CA GLU A 52 1.37 -10.36 -9.37
C GLU A 52 0.40 -9.75 -8.35
N LEU A 53 -0.87 -10.14 -8.44
CA LEU A 53 -1.89 -9.65 -7.53
C LEU A 53 -1.58 -10.03 -6.09
N LYS A 54 -0.96 -11.21 -5.91
CA LYS A 54 -0.58 -11.73 -4.60
C LYS A 54 -1.79 -12.23 -3.82
N VAL A 55 -2.90 -11.48 -3.87
CA VAL A 55 -4.11 -11.86 -3.16
C VAL A 55 -5.34 -11.76 -4.05
N ASN A 56 -6.32 -12.61 -3.80
CA ASN A 56 -7.56 -12.62 -4.58
C ASN A 56 -8.57 -11.64 -3.99
N VAL A 57 -9.44 -11.11 -4.85
CA VAL A 57 -10.46 -10.17 -4.41
C VAL A 57 -11.34 -10.77 -3.31
N GLY A 58 -11.42 -10.06 -2.18
CA GLY A 58 -12.22 -10.55 -1.07
C GLY A 58 -11.39 -11.32 -0.06
N ASP A 59 -10.08 -11.13 -0.09
CA ASP A 59 -9.19 -11.83 0.83
C ASP A 59 -8.71 -10.89 1.93
N LYS A 60 -9.16 -11.15 3.15
CA LYS A 60 -8.79 -10.34 4.31
C LYS A 60 -7.28 -10.12 4.37
N VAL A 61 -6.87 -9.07 5.08
CA VAL A 61 -5.46 -8.74 5.21
C VAL A 61 -5.09 -8.52 6.68
N LYS A 62 -3.80 -8.61 6.98
CA LYS A 62 -3.31 -8.41 8.34
C LYS A 62 -1.97 -7.69 8.33
N THR A 63 -1.62 -7.08 9.47
CA THR A 63 -0.36 -6.35 9.60
C THR A 63 0.82 -7.28 9.39
N GLY A 64 1.60 -7.01 8.34
CA GLY A 64 2.77 -7.82 8.05
C GLY A 64 2.56 -8.71 6.84
N SER A 65 1.38 -8.65 6.25
CA SER A 65 1.06 -9.45 5.07
C SER A 65 1.22 -8.63 3.80
N LEU A 66 1.93 -9.19 2.83
CA LEU A 66 2.16 -8.52 1.56
C LEU A 66 0.86 -8.43 0.75
N ILE A 67 0.81 -7.50 -0.20
CA ILE A 67 -0.38 -7.32 -1.02
C ILE A 67 -0.03 -7.18 -2.50
N MET A 68 1.04 -6.44 -2.79
CA MET A 68 1.47 -6.23 -4.16
C MET A 68 2.99 -6.16 -4.26
N ILE A 69 3.50 -6.42 -5.46
CA ILE A 69 4.94 -6.36 -5.71
C ILE A 69 5.22 -5.57 -6.98
N PHE A 70 6.02 -4.52 -6.86
CA PHE A 70 6.35 -3.67 -8.00
C PHE A 70 7.80 -3.84 -8.43
N GLU A 71 8.03 -3.88 -9.74
CA GLU A 71 9.36 -4.01 -10.27
C GLU A 71 10.02 -2.64 -10.35
N VAL A 72 10.75 -2.28 -9.31
CA VAL A 72 11.41 -0.98 -9.24
C VAL A 72 12.93 -1.13 -9.36
N GLU A 73 13.50 -0.54 -10.40
CA GLU A 73 14.94 -0.61 -10.63
C GLU A 73 15.67 0.28 -9.62
N GLY A 74 16.22 -0.36 -8.58
CA GLY A 74 16.94 0.37 -7.56
C GLY A 74 16.02 1.06 -6.58
N ALA A 75 16.44 2.22 -6.09
CA ALA A 75 15.64 2.98 -5.13
C ALA A 75 15.81 4.48 -5.35
N ALA A 76 14.70 5.17 -5.62
CA ALA A 76 14.73 6.60 -5.84
C ALA A 76 14.68 7.37 -4.52
N PRO A 77 15.38 8.51 -4.43
CA PRO A 77 15.40 9.33 -3.21
C PRO A 77 14.00 9.78 -2.78
N ALA A 78 13.67 9.54 -1.52
CA ALA A 78 12.37 9.90 -0.99
C ALA A 78 12.39 11.31 -0.40
N ALA A 79 11.46 12.15 -0.86
CA ALA A 79 11.38 13.52 -0.37
C ALA A 79 9.93 13.99 -0.29
N ALA A 80 9.44 14.21 0.93
CA ALA A 80 8.07 14.66 1.13
C ALA A 80 7.92 15.41 2.45
N PRO A 81 8.28 16.70 2.47
CA PRO A 81 8.19 17.53 3.68
C PRO A 81 6.75 17.95 3.98
N ALA A 82 5.82 17.58 3.10
CA ALA A 82 4.42 17.92 3.28
C ALA A 82 3.59 16.67 3.59
N LYS A 83 2.27 16.85 3.63
CA LYS A 83 1.37 15.73 3.93
C LYS A 83 0.29 15.61 2.85
N GLN A 84 -0.07 16.74 2.24
CA GLN A 84 -1.08 16.76 1.20
C GLN A 84 -0.46 17.02 -0.17
N GLU A 85 0.85 17.22 -0.18
CA GLU A 85 1.57 17.49 -1.42
C GLU A 85 2.72 16.50 -1.61
N MET B 1 59.75 18.07 -26.14
CA MET B 1 60.07 16.98 -27.11
C MET B 1 58.89 16.04 -27.26
N VAL B 2 58.66 15.56 -28.48
CA VAL B 2 57.56 14.64 -28.77
C VAL B 2 58.04 13.45 -29.60
N LYS B 3 58.62 13.74 -30.76
CA LYS B 3 59.12 12.70 -31.64
C LYS B 3 60.54 12.31 -31.26
N GLU B 4 60.92 11.08 -31.59
CA GLU B 4 62.26 10.58 -31.27
C GLU B 4 62.66 9.45 -32.21
N VAL B 5 63.96 9.33 -32.47
CA VAL B 5 64.47 8.30 -33.37
C VAL B 5 64.52 6.95 -32.66
N ASN B 6 65.27 6.89 -31.57
CA ASN B 6 65.40 5.65 -30.79
C ASN B 6 64.04 5.18 -30.27
N VAL B 7 63.93 3.87 -30.04
CA VAL B 7 62.69 3.29 -29.53
C VAL B 7 62.93 2.48 -28.26
N PRO B 8 61.92 2.35 -27.40
CA PRO B 8 62.03 1.60 -26.14
C PRO B 8 62.19 0.10 -26.37
N ASP B 9 63.11 -0.51 -25.62
CA ASP B 9 63.39 -1.93 -25.74
C ASP B 9 63.93 -2.29 -27.11
N ILE B 10 64.51 -3.48 -27.23
CA ILE B 10 65.07 -3.94 -28.50
C ILE B 10 64.16 -4.99 -29.15
N VAL B 11 63.83 -6.03 -28.39
CA VAL B 11 62.97 -7.10 -28.88
C VAL B 11 61.50 -6.79 -28.61
N GLU B 12 60.80 -6.32 -29.62
CA GLU B 12 59.39 -5.99 -29.49
C GLU B 12 58.53 -6.90 -30.36
N VAL B 13 57.22 -6.82 -30.17
CA VAL B 13 56.29 -7.64 -30.93
C VAL B 13 55.71 -6.85 -32.12
N THR B 14 55.50 -7.54 -33.23
CA THR B 14 54.96 -6.91 -34.43
C THR B 14 53.55 -7.43 -34.72
N GLU B 15 52.57 -6.53 -34.65
CA GLU B 15 51.17 -6.88 -34.90
C GLU B 15 50.70 -7.95 -33.93
N VAL B 16 49.99 -7.52 -32.89
CA VAL B 16 49.48 -8.45 -31.87
C VAL B 16 48.47 -9.41 -32.48
N MET B 17 48.29 -10.55 -31.82
CA MET B 17 47.35 -11.56 -32.31
C MET B 17 46.05 -11.53 -31.49
N VAL B 18 46.18 -11.31 -30.18
CA VAL B 18 45.02 -11.26 -29.30
C VAL B 18 45.15 -10.14 -28.28
N LYS B 19 44.03 -9.48 -28.00
CA LYS B 19 44.00 -8.38 -27.03
C LYS B 19 42.57 -7.95 -26.74
N VAL B 20 41.77 -7.86 -27.79
CA VAL B 20 40.36 -7.45 -27.65
C VAL B 20 39.44 -8.45 -28.34
N GLY B 21 38.45 -8.94 -27.61
CA GLY B 21 37.51 -9.89 -28.17
C GLY B 21 36.07 -9.57 -27.80
N ASP B 22 35.22 -10.59 -27.79
CA ASP B 22 33.81 -10.42 -27.46
C ASP B 22 33.56 -10.76 -25.99
N LYS B 23 32.30 -10.68 -25.58
CA LYS B 23 31.90 -10.99 -24.21
C LYS B 23 32.54 -10.00 -23.22
N VAL B 24 33.79 -10.28 -22.85
CA VAL B 24 34.51 -9.44 -21.90
C VAL B 24 33.81 -9.39 -20.55
N ALA B 25 34.39 -10.07 -19.58
CA ALA B 25 33.82 -10.12 -18.23
C ALA B 25 34.19 -8.87 -17.44
N ALA B 26 35.49 -8.54 -17.44
CA ALA B 26 35.98 -7.37 -16.71
C ALA B 26 35.62 -7.45 -15.23
N GLU B 27 35.82 -6.35 -14.52
CA GLU B 27 35.52 -6.29 -13.09
C GLU B 27 34.70 -5.05 -12.75
N GLN B 28 33.45 -5.26 -12.36
CA GLN B 28 32.56 -4.17 -11.99
C GLN B 28 32.41 -3.16 -13.14
N SER B 29 33.27 -2.15 -13.14
CA SER B 29 33.25 -1.11 -14.17
C SER B 29 31.92 -0.37 -14.17
N LEU B 30 30.92 -0.93 -14.83
CA LEU B 30 29.59 -0.33 -14.89
C LEU B 30 28.53 -1.29 -14.38
N ILE B 31 27.27 -1.00 -14.67
CA ILE B 31 26.16 -1.85 -14.25
C ILE B 31 26.33 -3.28 -14.76
N THR B 32 27.06 -3.42 -15.87
CA THR B 32 27.33 -4.72 -16.47
C THR B 32 26.03 -5.42 -16.87
N VAL B 33 24.92 -4.70 -16.83
CA VAL B 33 23.62 -5.25 -17.19
C VAL B 33 22.89 -4.36 -18.18
N GLU B 34 21.73 -4.81 -18.64
CA GLU B 34 20.94 -4.05 -19.59
C GLU B 34 19.46 -4.08 -19.23
N GLY B 35 18.93 -5.29 -19.06
CA GLY B 35 17.53 -5.45 -18.70
C GLY B 35 17.25 -5.10 -17.26
N ASP B 36 15.99 -4.80 -16.95
CA ASP B 36 15.60 -4.45 -15.58
C ASP B 36 15.50 -5.69 -14.71
N LYS B 37 15.89 -5.55 -13.44
CA LYS B 37 15.84 -6.66 -12.50
C LYS B 37 15.87 -6.16 -11.06
N ALA B 38 14.71 -5.78 -10.55
CA ALA B 38 14.59 -5.28 -9.18
C ALA B 38 13.14 -5.04 -8.83
N SER B 39 12.68 -5.70 -7.78
CA SER B 39 11.29 -5.55 -7.32
C SER B 39 11.24 -5.48 -5.79
N MET B 40 10.31 -4.68 -5.27
CA MET B 40 10.16 -4.52 -3.83
C MET B 40 8.72 -4.75 -3.40
N GLU B 41 8.52 -5.74 -2.53
CA GLU B 41 7.18 -6.05 -2.03
C GLU B 41 6.73 -5.03 -1.01
N VAL B 42 5.42 -4.83 -0.90
CA VAL B 42 4.88 -3.87 0.05
C VAL B 42 3.89 -4.54 1.02
N PRO B 43 3.91 -4.14 2.30
CA PRO B 43 3.03 -4.69 3.32
C PRO B 43 1.84 -3.79 3.62
N ALA B 44 0.72 -4.41 3.96
CA ALA B 44 -0.50 -3.67 4.27
C ALA B 44 -0.31 -2.81 5.52
N PRO B 45 -0.82 -1.56 5.51
CA PRO B 45 -0.69 -0.65 6.66
C PRO B 45 -1.53 -1.10 7.85
N PHE B 46 -2.72 -1.62 7.58
CA PHE B 46 -3.61 -2.08 8.64
C PHE B 46 -4.48 -3.24 8.16
N ALA B 47 -4.93 -4.06 9.10
CA ALA B 47 -5.77 -5.21 8.79
C ALA B 47 -7.17 -4.77 8.40
N GLY B 48 -7.83 -5.56 7.56
CA GLY B 48 -9.19 -5.24 7.14
C GLY B 48 -9.69 -6.17 6.06
N VAL B 49 -10.95 -6.00 5.67
CA VAL B 49 -11.55 -6.84 4.63
C VAL B 49 -11.52 -6.16 3.27
N VAL B 50 -11.15 -6.91 2.25
CA VAL B 50 -11.08 -6.40 0.88
C VAL B 50 -12.47 -6.26 0.27
N LYS B 51 -12.77 -5.07 -0.25
CA LYS B 51 -14.07 -4.81 -0.87
C LYS B 51 -13.96 -4.78 -2.39
N GLU B 52 -12.93 -4.09 -2.89
CA GLU B 52 -12.72 -3.97 -4.33
C GLU B 52 -11.23 -3.96 -4.66
N LEU B 53 -10.87 -4.63 -5.75
CA LEU B 53 -9.48 -4.69 -6.18
C LEU B 53 -8.95 -3.29 -6.54
N LYS B 54 -9.84 -2.46 -7.06
CA LYS B 54 -9.51 -1.08 -7.45
C LYS B 54 -8.68 -1.05 -8.73
N VAL B 55 -7.72 -1.97 -8.85
CA VAL B 55 -6.88 -2.02 -10.04
C VAL B 55 -6.75 -3.44 -10.58
N ASN B 56 -6.59 -3.56 -11.89
CA ASN B 56 -6.45 -4.86 -12.55
C ASN B 56 -5.00 -5.31 -12.56
N VAL B 57 -4.78 -6.62 -12.56
CA VAL B 57 -3.43 -7.18 -12.57
C VAL B 57 -2.65 -6.69 -13.78
N GLY B 58 -1.49 -6.10 -13.53
CA GLY B 58 -0.66 -5.59 -14.60
C GLY B 58 -0.86 -4.11 -14.86
N ASP B 59 -1.47 -3.43 -13.88
CA ASP B 59 -1.73 -2.00 -14.01
C ASP B 59 -0.70 -1.20 -13.19
N LYS B 60 0.09 -0.39 -13.89
CA LYS B 60 1.12 0.43 -13.24
C LYS B 60 0.52 1.26 -12.10
N VAL B 61 1.39 1.72 -11.20
CA VAL B 61 0.96 2.52 -10.07
C VAL B 61 1.81 3.77 -9.92
N LYS B 62 1.29 4.77 -9.22
CA LYS B 62 2.01 6.02 -9.01
C LYS B 62 1.72 6.59 -7.62
N THR B 63 2.62 7.47 -7.15
CA THR B 63 2.46 8.08 -5.83
C THR B 63 1.18 8.90 -5.76
N GLY B 64 0.28 8.50 -4.86
CA GLY B 64 -0.97 9.21 -4.71
C GLY B 64 -2.15 8.44 -5.29
N SER B 65 -1.86 7.28 -5.88
CA SER B 65 -2.91 6.45 -6.47
C SER B 65 -3.32 5.34 -5.53
N LEU B 66 -4.63 5.18 -5.32
CA LEU B 66 -5.15 4.15 -4.43
C LEU B 66 -4.94 2.76 -5.04
N ILE B 67 -4.97 1.74 -4.20
CA ILE B 67 -4.79 0.36 -4.66
C ILE B 67 -5.82 -0.58 -4.06
N MET B 68 -6.12 -0.39 -2.77
CA MET B 68 -7.10 -1.23 -2.10
C MET B 68 -7.88 -0.45 -1.04
N ILE B 69 -9.06 -0.98 -0.69
CA ILE B 69 -9.91 -0.35 0.31
C ILE B 69 -10.38 -1.40 1.31
N PHE B 70 -10.13 -1.16 2.60
CA PHE B 70 -10.52 -2.11 3.63
C PHE B 70 -11.62 -1.54 4.52
N GLU B 71 -12.61 -2.38 4.82
CA GLU B 71 -13.71 -1.97 5.68
C GLU B 71 -13.30 -2.06 7.14
N VAL B 72 -12.80 -0.96 7.66
CA VAL B 72 -12.35 -0.90 9.05
C VAL B 72 -13.30 -0.07 9.91
N GLU B 73 -13.87 -0.72 10.93
CA GLU B 73 -14.80 -0.04 11.83
C GLU B 73 -14.06 0.91 12.77
N GLY B 74 -14.28 2.21 12.57
CA GLY B 74 -13.63 3.20 13.41
C GLY B 74 -14.05 4.61 13.07
N ALA B 75 -13.14 5.39 12.51
CA ALA B 75 -13.43 6.77 12.14
C ALA B 75 -14.20 6.83 10.82
N ALA B 76 -15.37 7.46 10.86
CA ALA B 76 -16.22 7.58 9.68
C ALA B 76 -15.56 8.47 8.62
N PRO B 77 -15.74 8.15 7.32
CA PRO B 77 -15.15 8.93 6.23
C PRO B 77 -15.67 10.36 6.19
N ALA B 78 -14.76 11.31 6.36
CA ALA B 78 -15.12 12.73 6.33
C ALA B 78 -15.07 13.29 4.91
N ALA B 79 -14.56 12.49 3.99
CA ALA B 79 -14.45 12.90 2.59
C ALA B 79 -15.24 11.98 1.67
N ALA B 80 -16.16 12.56 0.90
CA ALA B 80 -16.98 11.78 -0.02
C ALA B 80 -16.40 11.82 -1.43
N PRO B 81 -16.68 10.78 -2.24
CA PRO B 81 -16.18 10.70 -3.62
C PRO B 81 -16.85 11.71 -4.54
N ALA B 82 -17.95 12.28 -4.08
CA ALA B 82 -18.69 13.27 -4.87
C ALA B 82 -19.07 14.47 -4.02
N LYS B 83 -18.51 15.63 -4.37
CA LYS B 83 -18.79 16.86 -3.64
C LYS B 83 -19.40 17.91 -4.55
N GLN B 84 -18.70 18.23 -5.63
CA GLN B 84 -19.17 19.22 -6.60
C GLN B 84 -19.88 18.53 -7.77
N GLU B 85 -20.84 19.24 -8.36
CA GLU B 85 -21.60 18.71 -9.49
C GLU B 85 -21.74 19.76 -10.59
#